data_8SG5
#
_entry.id   8SG5
#
_cell.length_a   104.131
_cell.length_b   200.679
_cell.length_c   110.819
_cell.angle_alpha   90.000
_cell.angle_beta   92.010
_cell.angle_gamma   90.000
#
_symmetry.space_group_name_H-M   'P 1 21 1'
#
loop_
_entity.id
_entity.type
_entity.pdbx_description
1 polymer 'Cytochrome P450 3A5'
2 non-polymer 'PROTOPORPHYRIN IX CONTAINING FE'
3 non-polymer 1-[(2-CHLOROPHENYL)(DIPHENYL)METHYL]-1H-IMIDAZOLE
4 non-polymer 'DODECYL NONA ETHYLENE GLYCOL ETHER'
#
_entity_poly.entity_id   1
_entity_poly.type   'polypeptide(L)'
_entity_poly.pdbx_seq_one_letter_code
;MALYGTRTHGLFKRLGIPGPTPLPLLGNVLSYRQGLWKFDTECYKKYGKMWGTYEGQLPVLAITDPDVIRTVLVKECYSV
FTNRRSLGPVGFMKSAISLAEDEEWKRIRSLLSPTFTSGKLKEMFPIIAQYGDVLVRNLRREAEKGKPVTLKDIFGAYSM
DVITGTSFGVNIDSLNNPQDPFVESTKKFLKFGFLDPLFLSIILFPFLTPVFEALNVSLFPKDTINFLSKSVNRMKKSRL
NDKQKHRLDFLQLMIDSQNSKETESHKALSDLELAAQSIIFIFAGYETTSSVLSFTLYELATHPDVQQKLQKEIDAVLPN
KAPPTYDAVVQMEYLDMVVNETLRLFPVAIRLERTCKKDVEINGVFIPKGSMVVIPTYALHHDPKYWTEPEEFRPERFSK
KKDSIDPYIYTPFGTGPRNCIGMRFALMNMKLALIRVLQNFSFKPCKETQIPLKLDTQGLLQPEKPIVLKVDSRDGHHHH
;
_entity_poly.pdbx_strand_id   A,B,C,D,E,F,G,H
#
# COMPACT_ATOMS: atom_id res chain seq x y z
N ALA A 2 60.29 -24.28 -62.88
CA ALA A 2 58.98 -23.82 -62.38
C ALA A 2 58.72 -24.35 -60.98
N LEU A 3 59.51 -23.89 -60.01
CA LEU A 3 59.34 -24.29 -58.63
C LEU A 3 58.09 -23.64 -58.04
N TYR A 4 56.92 -24.07 -58.48
CA TYR A 4 55.66 -23.61 -57.89
C TYR A 4 54.55 -24.57 -58.31
N GLY A 5 54.05 -25.37 -57.37
CA GLY A 5 52.97 -26.27 -57.66
C GLY A 5 52.84 -27.44 -56.71
N THR A 6 53.97 -28.02 -56.32
CA THR A 6 54.01 -29.23 -55.50
C THR A 6 54.76 -28.99 -54.20
N ARG A 7 54.55 -27.83 -53.57
CA ARG A 7 55.34 -27.47 -52.40
C ARG A 7 54.68 -27.94 -51.09
N THR A 8 53.38 -27.71 -50.93
CA THR A 8 52.71 -27.95 -49.66
C THR A 8 51.62 -29.00 -49.73
N HIS A 9 51.44 -29.67 -50.86
CA HIS A 9 50.30 -30.59 -51.03
C HIS A 9 50.48 -31.92 -50.31
N GLY A 10 51.47 -32.05 -49.42
CA GLY A 10 51.59 -33.23 -48.59
C GLY A 10 51.34 -32.98 -47.12
N LEU A 11 50.78 -31.84 -46.74
CA LEU A 11 50.70 -31.47 -45.33
C LEU A 11 49.67 -32.31 -44.59
N PHE A 12 48.40 -32.22 -45.01
CA PHE A 12 47.35 -32.93 -44.29
C PHE A 12 47.51 -34.44 -44.41
N LYS A 13 47.97 -34.92 -45.57
CA LYS A 13 48.27 -36.33 -45.73
C LYS A 13 49.30 -36.78 -44.70
N ARG A 14 50.27 -35.92 -44.40
CA ARG A 14 51.28 -36.25 -43.41
C ARG A 14 50.72 -36.16 -41.99
N LEU A 15 49.96 -35.11 -41.71
CA LEU A 15 49.39 -34.91 -40.37
C LEU A 15 48.26 -35.87 -40.05
N GLY A 16 47.84 -36.69 -41.01
CA GLY A 16 46.71 -37.57 -40.78
C GLY A 16 45.36 -36.91 -40.83
N ILE A 17 45.26 -35.75 -41.48
CA ILE A 17 43.99 -35.06 -41.66
C ILE A 17 43.44 -35.43 -43.04
N PRO A 18 42.23 -35.97 -43.13
CA PRO A 18 41.69 -36.39 -44.43
C PRO A 18 41.23 -35.18 -45.24
N GLY A 19 40.81 -35.45 -46.47
CA GLY A 19 40.33 -34.41 -47.36
C GLY A 19 40.37 -34.83 -48.81
N PRO A 20 39.84 -33.99 -49.69
CA PRO A 20 39.88 -34.30 -51.13
C PRO A 20 41.29 -34.17 -51.69
N THR A 21 41.54 -34.92 -52.76
CA THR A 21 42.86 -34.95 -53.37
C THR A 21 43.09 -33.68 -54.17
N PRO A 22 44.09 -32.87 -53.82
CA PRO A 22 44.30 -31.61 -54.53
C PRO A 22 44.95 -31.83 -55.89
N LEU A 23 44.40 -31.13 -56.89
CA LEU A 23 45.05 -31.06 -58.18
C LEU A 23 46.27 -30.15 -58.10
N PRO A 24 47.28 -30.38 -58.94
CA PRO A 24 48.42 -29.46 -58.96
C PRO A 24 47.98 -28.07 -59.39
N LEU A 25 48.61 -27.05 -58.78
CA LEU A 25 48.38 -25.64 -59.09
C LEU A 25 47.02 -25.15 -58.61
N LEU A 26 45.95 -25.90 -58.92
CA LEU A 26 44.61 -25.48 -58.55
C LEU A 26 44.29 -25.79 -57.09
N GLY A 27 44.76 -26.93 -56.59
CA GLY A 27 44.35 -27.38 -55.27
C GLY A 27 43.00 -28.04 -55.33
N ASN A 28 42.13 -27.77 -54.35
CA ASN A 28 40.75 -28.21 -54.37
C ASN A 28 39.81 -27.10 -54.81
N VAL A 29 40.34 -26.08 -55.48
CA VAL A 29 39.55 -24.91 -55.87
C VAL A 29 38.43 -25.29 -56.83
N LEU A 30 38.64 -26.34 -57.63
CA LEU A 30 37.61 -26.76 -58.58
C LEU A 30 36.35 -27.25 -57.86
N SER A 31 36.50 -27.70 -56.63
CA SER A 31 35.34 -28.19 -55.89
C SER A 31 34.45 -27.07 -55.39
N TYR A 32 34.88 -25.82 -55.52
CA TYR A 32 34.07 -24.68 -55.10
C TYR A 32 32.97 -24.32 -56.08
N ARG A 33 33.05 -24.81 -57.33
CA ARG A 33 32.11 -24.40 -58.35
C ARG A 33 30.67 -24.81 -58.03
N GLN A 34 30.51 -25.78 -57.13
CA GLN A 34 29.19 -26.15 -56.65
C GLN A 34 28.69 -25.24 -55.53
N GLY A 35 29.49 -24.28 -55.09
CA GLY A 35 29.13 -23.43 -53.98
C GLY A 35 29.82 -23.87 -52.70
N LEU A 36 30.32 -22.91 -51.91
CA LEU A 36 31.00 -23.26 -50.67
C LEU A 36 30.07 -23.93 -49.66
N TRP A 37 28.79 -23.57 -49.68
CA TRP A 37 27.83 -24.21 -48.78
C TRP A 37 27.71 -25.70 -49.10
N LYS A 38 27.62 -26.05 -50.39
CA LYS A 38 27.48 -27.44 -50.76
C LYS A 38 28.77 -28.21 -50.53
N PHE A 39 29.92 -27.59 -50.83
CA PHE A 39 31.20 -28.25 -50.63
C PHE A 39 31.47 -28.49 -49.16
N ASP A 40 31.07 -27.56 -48.28
CA ASP A 40 31.35 -27.72 -46.86
C ASP A 40 30.49 -28.81 -46.24
N THR A 41 29.19 -28.86 -46.57
CA THR A 41 28.34 -29.91 -46.03
C THR A 41 28.80 -31.29 -46.50
N GLU A 42 29.21 -31.40 -47.76
CA GLU A 42 29.66 -32.68 -48.29
C GLU A 42 30.92 -33.15 -47.58
N CYS A 43 31.86 -32.25 -47.33
CA CYS A 43 33.06 -32.62 -46.60
C CYS A 43 32.74 -32.97 -45.15
N TYR A 44 31.82 -32.21 -44.53
CA TYR A 44 31.41 -32.52 -43.17
C TYR A 44 30.89 -33.96 -43.07
N LYS A 45 30.03 -34.36 -44.01
CA LYS A 45 29.44 -35.69 -43.96
C LYS A 45 30.46 -36.79 -44.21
N LYS A 46 31.50 -36.49 -45.00
CA LYS A 46 32.44 -37.53 -45.42
C LYS A 46 33.57 -37.74 -44.42
N TYR A 47 34.11 -36.66 -43.85
CA TYR A 47 35.30 -36.77 -43.03
C TYR A 47 35.06 -36.54 -41.55
N GLY A 48 34.09 -35.70 -41.19
CA GLY A 48 33.70 -35.58 -39.80
C GLY A 48 34.17 -34.33 -39.09
N LYS A 49 34.93 -34.53 -38.00
CA LYS A 49 35.26 -33.42 -37.11
C LYS A 49 36.27 -32.46 -37.69
N MET A 50 37.01 -32.86 -38.72
CA MET A 50 38.16 -32.09 -39.17
C MET A 50 38.67 -32.60 -40.51
N TRP A 51 38.75 -31.72 -41.52
CA TRP A 51 39.29 -32.10 -42.81
C TRP A 51 40.18 -30.99 -43.33
N GLY A 52 40.85 -31.26 -44.45
CA GLY A 52 41.82 -30.34 -44.99
C GLY A 52 41.79 -30.20 -46.50
N THR A 53 41.71 -28.96 -46.97
CA THR A 53 41.66 -28.65 -48.40
C THR A 53 42.77 -27.67 -48.74
N TYR A 54 42.95 -27.44 -50.03
CA TYR A 54 44.02 -26.56 -50.53
C TYR A 54 43.43 -25.55 -51.50
N GLU A 55 43.53 -24.27 -51.15
CA GLU A 55 43.23 -23.17 -52.07
C GLU A 55 44.53 -22.82 -52.77
N GLY A 56 44.74 -23.41 -53.95
CA GLY A 56 46.04 -23.37 -54.58
C GLY A 56 47.04 -24.18 -53.78
N GLN A 57 48.00 -23.50 -53.16
CA GLN A 57 48.96 -24.12 -52.26
C GLN A 57 48.69 -23.79 -50.79
N LEU A 58 47.66 -23.00 -50.51
CA LEU A 58 47.38 -22.57 -49.15
C LEU A 58 46.65 -23.67 -48.39
N PRO A 59 47.19 -24.18 -47.29
CA PRO A 59 46.49 -25.22 -46.53
C PRO A 59 45.32 -24.64 -45.75
N VAL A 60 44.19 -25.34 -45.79
CA VAL A 60 42.97 -24.91 -45.13
C VAL A 60 42.47 -26.06 -44.27
N LEU A 61 42.30 -25.79 -42.97
CA LEU A 61 41.85 -26.80 -42.00
C LEU A 61 40.47 -26.41 -41.49
N ALA A 62 39.47 -27.22 -41.82
CA ALA A 62 38.12 -27.01 -41.31
C ALA A 62 37.95 -27.73 -39.98
N ILE A 63 37.25 -27.09 -39.05
CA ILE A 63 37.04 -27.63 -37.72
C ILE A 63 35.56 -27.51 -37.37
N THR A 64 35.01 -28.55 -36.73
CA THR A 64 33.61 -28.55 -36.35
C THR A 64 33.36 -28.81 -34.87
N ASP A 65 34.41 -28.99 -34.07
CA ASP A 65 34.20 -29.20 -32.65
C ASP A 65 34.04 -27.87 -31.94
N PRO A 66 32.95 -27.67 -31.18
CA PRO A 66 32.73 -26.36 -30.55
C PRO A 66 33.84 -25.92 -29.61
N ASP A 67 34.51 -26.86 -28.93
CA ASP A 67 35.65 -26.47 -28.09
C ASP A 67 36.80 -25.94 -28.93
N VAL A 68 37.01 -26.52 -30.12
CA VAL A 68 38.07 -26.04 -30.99
C VAL A 68 37.69 -24.71 -31.62
N ILE A 69 36.41 -24.56 -31.99
CA ILE A 69 35.94 -23.30 -32.56
C ILE A 69 36.09 -22.18 -31.54
N ARG A 70 35.79 -22.46 -30.28
CA ARG A 70 35.92 -21.45 -29.23
C ARG A 70 37.35 -20.97 -29.10
N THR A 71 38.32 -21.89 -29.25
CA THR A 71 39.73 -21.50 -29.14
C THR A 71 40.15 -20.58 -30.27
N VAL A 72 39.66 -20.85 -31.48
CA VAL A 72 40.09 -20.10 -32.65
C VAL A 72 39.38 -18.75 -32.73
N LEU A 73 38.11 -18.70 -32.32
CA LEU A 73 37.34 -17.46 -32.45
C LEU A 73 37.43 -16.56 -31.23
N VAL A 74 37.69 -17.10 -30.04
CA VAL A 74 37.64 -16.31 -28.83
C VAL A 74 38.98 -16.34 -28.09
N LYS A 75 39.36 -17.52 -27.58
CA LYS A 75 40.50 -17.62 -26.67
C LYS A 75 41.77 -17.12 -27.31
N GLU A 76 42.21 -17.77 -28.39
CA GLU A 76 43.44 -17.40 -29.08
C GLU A 76 43.19 -16.49 -30.28
N CYS A 77 42.28 -15.54 -30.15
CA CYS A 77 42.00 -14.61 -31.25
C CYS A 77 43.11 -13.59 -31.40
N TYR A 78 43.39 -12.83 -30.33
CA TYR A 78 44.43 -11.82 -30.39
C TYR A 78 45.82 -12.41 -30.51
N SER A 79 46.00 -13.68 -30.15
CA SER A 79 47.32 -14.29 -30.06
C SER A 79 47.71 -15.11 -31.28
N VAL A 80 46.75 -15.71 -31.98
CA VAL A 80 47.07 -16.54 -33.15
C VAL A 80 46.17 -16.18 -34.33
N PHE A 81 44.86 -16.21 -34.12
CA PHE A 81 43.89 -16.12 -35.20
C PHE A 81 43.23 -14.73 -35.17
N THR A 82 44.00 -13.72 -35.54
CA THR A 82 43.52 -12.34 -35.53
C THR A 82 43.05 -11.85 -36.90
N ASN A 83 43.56 -12.41 -37.99
CA ASN A 83 43.37 -11.86 -39.32
C ASN A 83 42.60 -12.82 -40.21
N ARG A 84 41.85 -12.25 -41.16
CA ARG A 84 40.98 -13.00 -42.06
C ARG A 84 41.57 -12.96 -43.47
N ARG A 85 42.18 -14.07 -43.89
CA ARG A 85 42.57 -14.28 -45.28
C ARG A 85 43.71 -13.37 -45.72
N SER A 86 44.51 -13.83 -46.69
CA SER A 86 45.73 -13.12 -47.04
C SER A 86 45.44 -11.82 -47.77
N LEU A 87 46.27 -10.81 -47.50
CA LEU A 87 46.09 -9.50 -48.12
C LEU A 87 46.18 -9.60 -49.64
N GLY A 88 45.23 -8.94 -50.31
CA GLY A 88 45.24 -8.88 -51.76
C GLY A 88 45.39 -7.45 -52.24
N PRO A 89 45.45 -7.26 -53.56
CA PRO A 89 45.57 -5.91 -54.12
C PRO A 89 44.31 -5.10 -53.88
N VAL A 90 44.38 -4.10 -52.99
CA VAL A 90 43.17 -3.40 -52.57
C VAL A 90 43.35 -1.89 -52.62
N GLY A 91 44.60 -1.44 -52.81
CA GLY A 91 44.84 -0.01 -52.84
C GLY A 91 44.75 0.58 -51.44
N PHE A 92 44.13 1.77 -51.35
CA PHE A 92 43.98 2.42 -50.06
C PHE A 92 42.95 1.73 -49.17
N MET A 93 42.18 0.77 -49.72
CA MET A 93 41.16 0.07 -48.95
C MET A 93 41.81 -0.87 -47.94
N LYS A 94 43.14 -0.90 -47.94
CA LYS A 94 43.88 -1.70 -46.97
C LYS A 94 43.57 -1.27 -45.55
N SER A 95 43.08 -0.05 -45.36
CA SER A 95 42.68 0.45 -44.05
C SER A 95 41.24 0.15 -43.70
N ALA A 96 40.51 -0.56 -44.58
CA ALA A 96 39.18 -1.01 -44.23
C ALA A 96 39.24 -1.96 -43.05
N ILE A 97 38.19 -1.93 -42.22
CA ILE A 97 38.19 -2.74 -41.01
C ILE A 97 38.18 -4.22 -41.35
N SER A 98 37.53 -4.60 -42.46
CA SER A 98 37.48 -6.01 -42.85
C SER A 98 38.83 -6.52 -43.34
N LEU A 99 39.73 -5.63 -43.72
CA LEU A 99 41.04 -6.01 -44.24
C LEU A 99 42.18 -5.76 -43.27
N ALA A 100 42.03 -4.81 -42.35
CA ALA A 100 43.11 -4.47 -41.43
C ALA A 100 43.55 -5.70 -40.64
N GLU A 101 44.84 -5.73 -40.31
CA GLU A 101 45.44 -6.89 -39.66
C GLU A 101 46.13 -6.47 -38.37
N ASP A 102 46.15 -7.41 -37.41
CA ASP A 102 46.91 -7.28 -36.17
C ASP A 102 46.61 -5.99 -35.42
N GLU A 103 47.64 -5.20 -35.16
CA GLU A 103 47.48 -3.99 -34.37
C GLU A 103 46.64 -2.95 -35.10
N GLU A 104 46.79 -2.85 -36.42
CA GLU A 104 46.01 -1.89 -37.18
C GLU A 104 44.51 -2.22 -37.10
N TRP A 105 44.17 -3.51 -37.11
CA TRP A 105 42.77 -3.89 -36.96
C TRP A 105 42.25 -3.58 -35.57
N LYS A 106 43.03 -3.91 -34.53
CA LYS A 106 42.62 -3.60 -33.17
C LYS A 106 42.34 -2.11 -33.01
N ARG A 107 43.15 -1.26 -33.66
CA ARG A 107 42.95 0.17 -33.57
C ARG A 107 41.68 0.61 -34.29
N ILE A 108 41.55 0.22 -35.57
CA ILE A 108 40.37 0.62 -36.35
C ILE A 108 39.10 0.09 -35.69
N ARG A 109 39.12 -1.16 -35.24
CA ARG A 109 37.97 -1.74 -34.57
C ARG A 109 37.61 -0.96 -33.30
N SER A 110 38.62 -0.49 -32.57
CA SER A 110 38.36 0.25 -31.35
C SER A 110 37.75 1.61 -31.65
N LEU A 111 38.15 2.24 -32.77
CA LEU A 111 37.60 3.54 -33.12
C LEU A 111 36.16 3.43 -33.59
N LEU A 112 35.83 2.37 -34.32
CA LEU A 112 34.48 2.19 -34.86
C LEU A 112 33.53 1.56 -33.86
N SER A 113 34.04 0.97 -32.78
CA SER A 113 33.17 0.29 -31.82
C SER A 113 32.14 1.21 -31.18
N PRO A 114 32.46 2.44 -30.76
CA PRO A 114 31.41 3.31 -30.22
C PRO A 114 30.32 3.66 -31.22
N THR A 115 30.58 3.49 -32.52
CA THR A 115 29.57 3.83 -33.52
C THR A 115 28.45 2.79 -33.56
N PHE A 116 28.76 1.53 -33.28
CA PHE A 116 27.80 0.43 -33.44
C PHE A 116 27.29 -0.11 -32.11
N THR A 117 27.47 0.64 -31.02
CA THR A 117 26.90 0.24 -29.75
C THR A 117 25.37 0.32 -29.80
N SER A 118 24.72 -0.37 -28.87
CA SER A 118 23.26 -0.33 -28.82
C SER A 118 22.75 1.08 -28.51
N GLY A 119 23.56 1.90 -27.83
CA GLY A 119 23.14 3.26 -27.54
C GLY A 119 23.05 4.12 -28.79
N LYS A 120 24.08 4.07 -29.64
CA LYS A 120 24.03 4.81 -30.89
C LYS A 120 22.95 4.27 -31.81
N LEU A 121 22.65 2.98 -31.72
CA LEU A 121 21.56 2.42 -32.52
C LEU A 121 20.22 2.98 -32.08
N LYS A 122 20.05 3.23 -30.79
CA LYS A 122 18.82 3.85 -30.29
C LYS A 122 18.69 5.29 -30.78
N GLU A 123 19.82 6.00 -30.91
CA GLU A 123 19.76 7.38 -31.40
C GLU A 123 19.42 7.41 -32.89
N MET A 124 19.90 6.44 -33.66
CA MET A 124 19.65 6.38 -35.08
C MET A 124 18.35 5.67 -35.42
N PHE A 125 17.63 5.17 -34.42
CA PHE A 125 16.38 4.45 -34.69
C PHE A 125 15.38 5.27 -35.50
N PRO A 126 15.11 6.55 -35.18
CA PRO A 126 14.21 7.32 -36.05
C PRO A 126 14.76 7.51 -37.45
N ILE A 127 16.08 7.54 -37.61
CA ILE A 127 16.67 7.68 -38.94
C ILE A 127 16.39 6.43 -39.77
N ILE A 128 16.63 5.25 -39.19
CA ILE A 128 16.35 4.01 -39.90
C ILE A 128 14.86 3.87 -40.18
N ALA A 129 14.03 4.20 -39.18
CA ALA A 129 12.59 3.95 -39.30
C ALA A 129 11.94 4.80 -40.37
N GLN A 130 12.51 5.97 -40.68
CA GLN A 130 11.89 6.84 -41.68
C GLN A 130 11.90 6.21 -43.06
N TYR A 131 12.76 5.23 -43.30
CA TYR A 131 12.80 4.55 -44.60
C TYR A 131 11.76 3.45 -44.71
N GLY A 132 10.98 3.19 -43.65
CA GLY A 132 9.89 2.24 -43.74
C GLY A 132 8.72 2.77 -44.55
N ASP A 133 8.48 4.08 -44.49
CA ASP A 133 7.40 4.68 -45.26
C ASP A 133 7.60 4.45 -46.75
N VAL A 134 8.80 4.76 -47.26
CA VAL A 134 9.08 4.57 -48.68
C VAL A 134 9.03 3.09 -49.05
N LEU A 135 9.41 2.21 -48.11
CA LEU A 135 9.30 0.78 -48.37
C LEU A 135 7.85 0.36 -48.54
N VAL A 136 6.99 0.79 -47.61
CA VAL A 136 5.57 0.45 -47.68
C VAL A 136 4.93 1.06 -48.92
N ARG A 137 5.34 2.27 -49.28
CA ARG A 137 4.78 2.93 -50.46
C ARG A 137 5.21 2.22 -51.73
N ASN A 138 6.51 1.92 -51.86
CA ASN A 138 7.00 1.23 -53.06
C ASN A 138 6.42 -0.18 -53.16
N LEU A 139 6.12 -0.81 -52.03
CA LEU A 139 5.50 -2.12 -52.03
C LEU A 139 3.98 -2.05 -52.20
N ARG A 140 3.38 -0.89 -51.92
CA ARG A 140 1.93 -0.74 -52.10
C ARG A 140 1.55 -0.76 -53.57
N ARG A 141 2.29 -0.02 -54.40
CA ARG A 141 1.96 0.06 -55.82
C ARG A 141 2.16 -1.27 -56.52
N GLU A 142 3.21 -2.00 -56.17
CA GLU A 142 3.43 -3.32 -56.74
C GLU A 142 2.37 -4.31 -56.30
N ALA A 143 1.73 -4.08 -55.15
CA ALA A 143 0.69 -4.98 -54.66
C ALA A 143 -0.64 -4.72 -55.36
N GLU A 144 -0.99 -3.45 -55.58
CA GLU A 144 -2.23 -3.10 -56.26
C GLU A 144 -2.17 -3.33 -57.76
N LYS A 145 -0.99 -3.65 -58.30
CA LYS A 145 -0.89 -4.01 -59.71
C LYS A 145 -1.47 -5.39 -60.00
N GLY A 146 -1.75 -6.19 -58.97
CA GLY A 146 -2.25 -7.53 -59.17
C GLY A 146 -1.23 -8.54 -59.65
N LYS A 147 0.05 -8.18 -59.60
CA LYS A 147 1.14 -9.02 -60.08
C LYS A 147 2.05 -9.42 -58.94
N PRO A 148 2.84 -10.48 -59.09
CA PRO A 148 3.81 -10.85 -58.06
C PRO A 148 4.84 -9.76 -57.85
N VAL A 149 5.56 -9.86 -56.73
CA VAL A 149 6.56 -8.89 -56.33
C VAL A 149 7.91 -9.59 -56.26
N THR A 150 8.87 -9.09 -57.03
CA THR A 150 10.24 -9.59 -56.97
C THR A 150 10.92 -8.97 -55.75
N LEU A 151 11.16 -9.77 -54.71
CA LEU A 151 11.61 -9.23 -53.43
C LEU A 151 12.98 -8.55 -53.54
N LYS A 152 13.86 -9.06 -54.40
CA LYS A 152 15.21 -8.50 -54.47
C LYS A 152 15.20 -7.05 -54.98
N ASP A 153 14.20 -6.67 -55.77
CA ASP A 153 14.09 -5.29 -56.22
C ASP A 153 13.51 -4.40 -55.14
N ILE A 154 12.56 -4.92 -54.36
CA ILE A 154 11.93 -4.12 -53.31
C ILE A 154 12.87 -3.95 -52.13
N PHE A 155 13.34 -5.06 -51.57
CA PHE A 155 14.20 -5.00 -50.39
C PHE A 155 15.64 -4.68 -50.73
N GLY A 156 16.07 -4.92 -51.98
CA GLY A 156 17.35 -4.39 -52.41
C GLY A 156 17.35 -2.87 -52.39
N ALA A 157 16.28 -2.26 -52.88
CA ALA A 157 16.16 -0.80 -52.84
C ALA A 157 16.06 -0.30 -51.40
N TYR A 158 15.32 -1.01 -50.55
CA TYR A 158 15.25 -0.61 -49.14
C TYR A 158 16.61 -0.69 -48.48
N SER A 159 17.36 -1.77 -48.75
CA SER A 159 18.67 -1.94 -48.12
C SER A 159 19.63 -0.85 -48.56
N MET A 160 19.63 -0.50 -49.85
CA MET A 160 20.49 0.58 -50.31
C MET A 160 20.04 1.92 -49.73
N ASP A 161 18.73 2.14 -49.63
CA ASP A 161 18.22 3.38 -49.05
C ASP A 161 18.69 3.56 -47.62
N VAL A 162 18.49 2.53 -46.79
CA VAL A 162 18.85 2.64 -45.38
C VAL A 162 20.36 2.81 -45.21
N ILE A 163 21.15 1.94 -45.87
CA ILE A 163 22.59 1.96 -45.65
C ILE A 163 23.20 3.27 -46.12
N THR A 164 22.64 3.88 -47.17
CA THR A 164 23.16 5.16 -47.62
C THR A 164 22.65 6.30 -46.74
N GLY A 165 21.37 6.27 -46.38
CA GLY A 165 20.84 7.32 -45.52
C GLY A 165 21.46 7.32 -44.14
N THR A 166 21.70 6.14 -43.57
CA THR A 166 22.37 6.07 -42.28
C THR A 166 23.86 6.37 -42.39
N SER A 167 24.43 6.33 -43.59
CA SER A 167 25.84 6.64 -43.77
C SER A 167 26.08 8.12 -44.08
N PHE A 168 25.25 8.71 -44.94
CA PHE A 168 25.50 10.06 -45.42
C PHE A 168 24.34 11.03 -45.16
N GLY A 169 23.20 10.54 -44.69
CA GLY A 169 22.04 11.40 -44.49
C GLY A 169 21.27 11.73 -45.74
N VAL A 170 21.71 11.25 -46.90
CA VAL A 170 21.00 11.51 -48.15
C VAL A 170 19.87 10.51 -48.28
N ASN A 171 18.65 11.01 -48.53
CA ASN A 171 17.48 10.16 -48.66
C ASN A 171 17.26 9.85 -50.13
N ILE A 172 17.97 8.83 -50.60
CA ILE A 172 17.80 8.34 -51.96
C ILE A 172 16.51 7.54 -52.05
N ASP A 173 15.86 7.62 -53.21
CA ASP A 173 14.73 6.76 -53.53
C ASP A 173 15.20 5.80 -54.61
N SER A 174 15.90 4.73 -54.17
CA SER A 174 16.59 3.84 -55.11
C SER A 174 15.65 3.30 -56.16
N LEU A 175 14.47 2.83 -55.74
CA LEU A 175 13.56 2.16 -56.67
C LEU A 175 13.03 3.13 -57.72
N ASN A 176 12.91 4.42 -57.38
CA ASN A 176 12.34 5.40 -58.27
C ASN A 176 13.39 6.29 -58.92
N ASN A 177 14.68 6.05 -58.66
CA ASN A 177 15.77 6.80 -59.28
C ASN A 177 16.88 5.83 -59.67
N PRO A 178 16.65 4.98 -60.68
CA PRO A 178 17.69 4.02 -61.07
C PRO A 178 18.90 4.66 -61.70
N GLN A 179 18.76 5.85 -62.28
CA GLN A 179 19.86 6.53 -62.95
C GLN A 179 20.63 7.47 -62.02
N ASP A 180 20.26 7.51 -60.74
CA ASP A 180 21.05 8.25 -59.76
C ASP A 180 22.47 7.71 -59.73
N PRO A 181 23.48 8.59 -59.63
CA PRO A 181 24.87 8.09 -59.58
C PRO A 181 25.15 7.20 -58.37
N PHE A 182 24.58 7.52 -57.21
CA PHE A 182 24.72 6.65 -56.04
C PHE A 182 24.17 5.26 -56.33
N VAL A 183 23.03 5.18 -57.01
CA VAL A 183 22.37 3.90 -57.23
C VAL A 183 23.16 3.06 -58.23
N GLU A 184 23.61 3.67 -59.32
CA GLU A 184 24.34 2.90 -60.34
C GLU A 184 25.71 2.46 -59.84
N SER A 185 26.38 3.31 -59.05
CA SER A 185 27.69 2.93 -58.51
C SER A 185 27.54 1.80 -57.50
N THR A 186 26.66 1.98 -56.51
CA THR A 186 26.47 0.96 -55.48
C THR A 186 25.90 -0.33 -56.05
N LYS A 187 25.19 -0.26 -57.19
CA LYS A 187 24.62 -1.45 -57.79
C LYS A 187 25.69 -2.44 -58.21
N LYS A 188 26.88 -1.95 -58.58
CA LYS A 188 27.95 -2.83 -59.03
C LYS A 188 28.50 -3.70 -57.91
N PHE A 189 28.23 -3.36 -56.66
CA PHE A 189 28.62 -4.21 -55.55
C PHE A 189 27.93 -5.57 -55.59
N LEU A 190 26.84 -5.69 -56.36
CA LEU A 190 26.11 -6.95 -56.39
C LEU A 190 26.92 -8.06 -57.06
N LYS A 191 27.86 -7.69 -57.92
CA LYS A 191 28.69 -8.68 -58.59
C LYS A 191 29.54 -9.46 -57.61
N PHE A 192 29.72 -8.95 -56.39
CA PHE A 192 30.39 -9.71 -55.34
C PHE A 192 29.63 -10.99 -55.05
N GLY A 193 30.35 -12.12 -55.08
CA GLY A 193 29.77 -13.43 -54.90
C GLY A 193 29.86 -14.32 -56.12
N PHE A 194 30.02 -13.75 -57.31
CA PHE A 194 30.17 -14.51 -58.54
C PHE A 194 31.65 -14.85 -58.75
N LEU A 195 31.95 -15.46 -59.89
CA LEU A 195 33.35 -15.75 -60.24
C LEU A 195 34.14 -14.45 -60.34
N ASP A 196 35.30 -14.43 -59.68
CA ASP A 196 36.22 -13.30 -59.77
C ASP A 196 37.59 -13.83 -60.18
N PRO A 197 37.92 -13.80 -61.48
CA PRO A 197 39.23 -14.31 -61.89
C PRO A 197 40.39 -13.56 -61.26
N LEU A 198 40.24 -12.25 -61.06
CA LEU A 198 41.29 -11.49 -60.39
C LEU A 198 41.50 -11.98 -58.97
N PHE A 199 40.40 -12.09 -58.20
CA PHE A 199 40.52 -12.62 -56.85
C PHE A 199 41.09 -14.04 -56.85
N LEU A 200 40.64 -14.86 -57.81
CA LEU A 200 41.13 -16.24 -57.86
C LEU A 200 42.59 -16.31 -58.30
N SER A 201 43.06 -15.31 -59.06
CA SER A 201 44.44 -15.35 -59.53
C SER A 201 45.42 -15.17 -58.37
N ILE A 202 45.10 -14.28 -57.43
CA ILE A 202 45.97 -14.12 -56.26
C ILE A 202 45.74 -15.23 -55.24
N ILE A 203 44.63 -15.96 -55.34
CA ILE A 203 44.44 -17.14 -54.50
C ILE A 203 45.43 -18.23 -54.90
N LEU A 204 45.50 -18.52 -56.21
CA LEU A 204 46.41 -19.55 -56.69
C LEU A 204 47.85 -19.08 -56.75
N PHE A 205 48.08 -17.77 -56.93
CA PHE A 205 49.42 -17.20 -57.04
C PHE A 205 49.51 -15.95 -56.17
N PRO A 206 49.61 -16.12 -54.85
CA PRO A 206 49.62 -14.94 -53.97
C PRO A 206 50.78 -14.00 -54.20
N PHE A 207 51.84 -14.45 -54.88
CA PHE A 207 52.94 -13.56 -55.21
C PHE A 207 52.55 -12.48 -56.20
N LEU A 208 51.37 -12.56 -56.81
CA LEU A 208 50.93 -11.54 -57.75
C LEU A 208 50.34 -10.32 -57.05
N THR A 209 49.91 -10.46 -55.80
CA THR A 209 49.36 -9.32 -55.06
C THR A 209 50.29 -8.11 -55.03
N PRO A 210 51.59 -8.24 -54.72
CA PRO A 210 52.45 -7.05 -54.84
C PRO A 210 52.52 -6.49 -56.25
N VAL A 211 52.54 -7.36 -57.26
CA VAL A 211 52.63 -6.90 -58.64
C VAL A 211 51.39 -6.08 -59.01
N PHE A 212 50.21 -6.58 -58.64
CA PHE A 212 48.98 -5.87 -58.96
C PHE A 212 48.91 -4.53 -58.22
N GLU A 213 49.26 -4.51 -56.94
CA GLU A 213 49.31 -3.24 -56.22
C GLU A 213 50.24 -2.25 -56.92
N ALA A 214 51.42 -2.72 -57.33
CA ALA A 214 52.36 -1.85 -58.02
C ALA A 214 51.76 -1.28 -59.30
N LEU A 215 50.91 -2.04 -59.97
CA LEU A 215 50.25 -1.59 -61.19
C LEU A 215 48.92 -0.89 -60.91
N ASN A 216 48.59 -0.64 -59.64
CA ASN A 216 47.35 0.03 -59.24
C ASN A 216 46.13 -0.73 -59.72
N VAL A 217 46.11 -2.03 -59.44
CA VAL A 217 44.98 -2.91 -59.71
C VAL A 217 44.35 -3.27 -58.37
N SER A 218 43.04 -3.13 -58.26
CA SER A 218 42.34 -3.36 -57.01
C SER A 218 41.28 -4.45 -57.19
N LEU A 219 41.05 -5.19 -56.11
CA LEU A 219 39.96 -6.16 -56.07
C LEU A 219 38.59 -5.51 -55.97
N PHE A 220 38.54 -4.21 -55.72
CA PHE A 220 37.31 -3.45 -55.58
C PHE A 220 36.95 -2.75 -56.89
N PRO A 221 35.66 -2.42 -57.10
CA PRO A 221 35.28 -1.66 -58.29
C PRO A 221 35.88 -0.27 -58.30
N LYS A 222 36.97 -0.09 -59.05
CA LYS A 222 37.74 1.15 -58.98
C LYS A 222 36.87 2.37 -59.30
N ASP A 223 35.94 2.22 -60.23
CA ASP A 223 35.04 3.32 -60.55
C ASP A 223 34.08 3.61 -59.39
N THR A 224 33.53 2.56 -58.79
CA THR A 224 32.62 2.74 -57.66
C THR A 224 33.38 3.26 -56.44
N ILE A 225 34.59 2.77 -56.20
CA ILE A 225 35.38 3.25 -55.07
C ILE A 225 35.73 4.72 -55.25
N ASN A 226 35.97 5.15 -56.49
CA ASN A 226 36.27 6.56 -56.72
C ASN A 226 35.05 7.44 -56.50
N PHE A 227 33.89 7.02 -57.00
CA PHE A 227 32.67 7.81 -56.79
C PHE A 227 32.39 7.99 -55.30
N LEU A 228 32.48 6.90 -54.53
CA LEU A 228 32.19 6.99 -53.10
C LEU A 228 33.24 7.81 -52.38
N SER A 229 34.52 7.62 -52.71
CA SER A 229 35.58 8.37 -52.03
C SER A 229 35.48 9.87 -52.34
N LYS A 230 35.21 10.21 -53.60
CA LYS A 230 35.01 11.61 -53.94
C LYS A 230 33.72 12.16 -53.32
N SER A 231 32.69 11.30 -53.20
CA SER A 231 31.46 11.72 -52.55
C SER A 231 31.68 11.93 -51.06
N VAL A 232 32.47 11.07 -50.42
CA VAL A 232 32.76 11.23 -49.00
C VAL A 232 33.52 12.52 -48.76
N ASN A 233 34.47 12.86 -49.64
CA ASN A 233 35.28 14.05 -49.43
C ASN A 233 34.46 15.33 -49.60
N ARG A 234 33.62 15.39 -50.64
CA ARG A 234 32.83 16.59 -50.86
C ARG A 234 31.84 16.84 -49.74
N MET A 235 31.42 15.77 -49.04
CA MET A 235 30.49 15.93 -47.93
C MET A 235 31.20 16.39 -46.66
N LYS A 236 32.47 16.03 -46.48
CA LYS A 236 33.21 16.47 -45.29
C LYS A 236 33.36 17.98 -45.24
N LYS A 237 33.32 18.66 -46.39
CA LYS A 237 33.33 20.13 -46.37
C LYS A 237 32.01 20.69 -45.87
N SER A 238 30.92 19.97 -46.05
CA SER A 238 29.61 20.40 -45.57
C SER A 238 29.41 19.99 -44.10
N ASP A 249 24.30 10.12 -38.71
CA ASP A 249 25.21 9.75 -39.79
C ASP A 249 26.39 8.91 -39.30
N PHE A 250 26.71 7.84 -40.03
CA PHE A 250 27.97 7.15 -39.78
C PHE A 250 29.15 8.03 -40.16
N LEU A 251 29.00 8.82 -41.23
CA LEU A 251 30.06 9.74 -41.63
C LEU A 251 30.31 10.80 -40.56
N GLN A 252 29.24 11.41 -40.05
CA GLN A 252 29.39 12.47 -39.06
C GLN A 252 30.01 11.94 -37.77
N LEU A 253 29.57 10.75 -37.33
CA LEU A 253 30.17 10.14 -36.15
C LEU A 253 31.66 9.91 -36.35
N MET A 254 32.07 9.59 -37.57
CA MET A 254 33.49 9.37 -37.85
C MET A 254 34.25 10.68 -38.03
N ILE A 255 33.57 11.76 -38.42
CA ILE A 255 34.22 13.06 -38.47
C ILE A 255 34.47 13.59 -37.06
N ASP A 256 33.46 13.48 -36.19
CA ASP A 256 33.61 13.94 -34.81
C ASP A 256 34.75 13.22 -34.11
N SER A 257 34.92 11.93 -34.39
CA SER A 257 36.01 11.17 -33.79
C SER A 257 37.38 11.62 -34.25
N GLN A 258 37.46 12.45 -35.30
CA GLN A 258 38.73 13.00 -35.75
C GLN A 258 39.11 14.23 -34.93
N LYS A 267 46.24 7.34 -32.86
CA LYS A 267 44.90 6.77 -32.77
C LYS A 267 43.92 7.54 -33.66
N ALA A 268 44.37 8.62 -34.26
CA ALA A 268 43.51 9.43 -35.11
C ALA A 268 43.11 8.66 -36.36
N LEU A 269 41.87 8.86 -36.79
CA LEU A 269 41.36 8.22 -38.00
C LEU A 269 41.68 9.12 -39.19
N SER A 270 42.58 8.67 -40.05
CA SER A 270 43.02 9.50 -41.17
C SER A 270 41.90 9.66 -42.19
N ASP A 271 42.11 10.57 -43.14
CA ASP A 271 41.12 10.80 -44.19
C ASP A 271 41.02 9.59 -45.10
N LEU A 272 42.14 8.92 -45.38
CA LEU A 272 42.10 7.72 -46.20
C LEU A 272 41.39 6.58 -45.47
N GLU A 273 41.63 6.45 -44.17
CA GLU A 273 41.01 5.37 -43.40
C GLU A 273 39.51 5.58 -43.26
N LEU A 274 39.08 6.82 -42.97
CA LEU A 274 37.66 7.10 -42.83
C LEU A 274 36.91 6.84 -44.14
N ALA A 275 37.50 7.23 -45.28
CA ALA A 275 36.87 6.95 -46.55
C ALA A 275 36.76 5.45 -46.80
N ALA A 276 37.70 4.67 -46.27
CA ALA A 276 37.62 3.22 -46.42
C ALA A 276 36.45 2.65 -45.64
N GLN A 277 36.21 3.18 -44.43
CA GLN A 277 35.16 2.61 -43.59
C GLN A 277 33.78 2.99 -44.13
N SER A 278 33.62 4.21 -44.64
CA SER A 278 32.35 4.60 -45.25
C SER A 278 32.02 3.69 -46.42
N ILE A 279 33.01 3.36 -47.26
CA ILE A 279 32.78 2.52 -48.42
C ILE A 279 32.44 1.10 -47.98
N ILE A 280 33.18 0.56 -47.00
CA ILE A 280 33.02 -0.84 -46.66
C ILE A 280 31.70 -1.08 -45.93
N PHE A 281 31.20 -0.08 -45.19
CA PHE A 281 29.91 -0.24 -44.53
C PHE A 281 28.79 -0.33 -45.56
N ILE A 282 28.87 0.45 -46.62
CA ILE A 282 27.89 0.34 -47.70
C ILE A 282 28.04 -0.99 -48.42
N PHE A 283 29.27 -1.38 -48.71
CA PHE A 283 29.52 -2.66 -49.37
C PHE A 283 28.97 -3.82 -48.54
N ALA A 284 29.17 -3.77 -47.23
CA ALA A 284 28.78 -4.89 -46.37
C ALA A 284 27.27 -4.94 -46.16
N GLY A 285 26.63 -3.79 -45.97
CA GLY A 285 25.23 -3.80 -45.55
C GLY A 285 24.23 -3.97 -46.67
N TYR A 286 24.61 -3.60 -47.90
CA TYR A 286 23.67 -3.58 -49.02
C TYR A 286 23.08 -4.96 -49.31
N GLU A 287 23.86 -5.87 -49.89
CA GLU A 287 23.27 -7.11 -50.40
C GLU A 287 22.88 -8.07 -49.28
N THR A 288 23.73 -8.21 -48.25
CA THR A 288 23.44 -9.17 -47.19
C THR A 288 22.09 -8.89 -46.54
N THR A 289 21.85 -7.63 -46.17
CA THR A 289 20.56 -7.27 -45.59
C THR A 289 19.44 -7.55 -46.57
N SER A 290 19.64 -7.20 -47.85
CA SER A 290 18.64 -7.49 -48.87
C SER A 290 18.41 -8.99 -48.99
N SER A 291 19.47 -9.79 -48.90
CA SER A 291 19.33 -11.23 -49.11
C SER A 291 18.58 -11.90 -47.97
N VAL A 292 18.94 -11.57 -46.72
CA VAL A 292 18.26 -12.16 -45.57
C VAL A 292 16.80 -11.72 -45.51
N LEU A 293 16.54 -10.45 -45.83
CA LEU A 293 15.16 -9.97 -45.85
C LEU A 293 14.30 -10.75 -46.84
N SER A 294 14.87 -11.14 -47.98
CA SER A 294 14.12 -11.92 -48.94
C SER A 294 13.93 -13.36 -48.46
N PHE A 295 14.93 -13.91 -47.78
CA PHE A 295 14.81 -15.26 -47.24
C PHE A 295 13.78 -15.30 -46.11
N THR A 296 13.72 -14.26 -45.29
CA THR A 296 12.75 -14.23 -44.20
C THR A 296 11.32 -14.20 -44.74
N LEU A 297 11.08 -13.43 -45.81
CA LEU A 297 9.73 -13.36 -46.36
C LEU A 297 9.37 -14.64 -47.10
N TYR A 298 10.33 -15.29 -47.76
CA TYR A 298 10.05 -16.57 -48.39
C TYR A 298 9.58 -17.59 -47.36
N GLU A 299 10.21 -17.59 -46.18
CA GLU A 299 9.81 -18.54 -45.15
C GLU A 299 8.46 -18.18 -44.53
N LEU A 300 8.15 -16.89 -44.41
CA LEU A 300 6.86 -16.50 -43.88
C LEU A 300 5.74 -16.78 -44.87
N ALA A 301 6.05 -16.82 -46.17
CA ALA A 301 5.03 -17.14 -47.16
C ALA A 301 4.79 -18.65 -47.24
N THR A 302 5.86 -19.43 -47.26
CA THR A 302 5.76 -20.89 -47.27
C THR A 302 5.34 -21.45 -45.91
N HIS A 303 5.16 -20.60 -44.91
CA HIS A 303 4.66 -21.02 -43.59
C HIS A 303 3.63 -19.99 -43.13
N PRO A 304 2.38 -20.15 -43.56
CA PRO A 304 1.37 -19.10 -43.26
C PRO A 304 1.08 -18.94 -41.79
N ASP A 305 1.02 -20.05 -41.05
CA ASP A 305 0.78 -19.97 -39.61
C ASP A 305 1.93 -19.25 -38.90
N VAL A 306 3.15 -19.41 -39.38
CA VAL A 306 4.28 -18.67 -38.81
C VAL A 306 4.13 -17.18 -39.08
N GLN A 307 3.64 -16.82 -40.27
CA GLN A 307 3.43 -15.42 -40.60
C GLN A 307 2.27 -14.83 -39.79
N GLN A 308 1.14 -15.54 -39.74
CA GLN A 308 -0.02 -15.04 -39.03
C GLN A 308 0.26 -14.90 -37.53
N LYS A 309 1.08 -15.79 -36.97
CA LYS A 309 1.44 -15.64 -35.56
C LYS A 309 2.34 -14.43 -35.34
N LEU A 310 3.25 -14.17 -36.29
CA LEU A 310 4.09 -12.98 -36.19
C LEU A 310 3.26 -11.71 -36.36
N GLN A 311 2.28 -11.74 -37.27
CA GLN A 311 1.38 -10.60 -37.41
C GLN A 311 0.54 -10.42 -36.15
N LYS A 312 0.16 -11.53 -35.50
CA LYS A 312 -0.57 -11.42 -34.24
C LYS A 312 0.28 -10.77 -33.15
N GLU A 313 1.60 -10.94 -33.22
CA GLU A 313 2.46 -10.33 -32.22
C GLU A 313 2.70 -8.84 -32.48
N ILE A 314 2.92 -8.49 -33.75
CA ILE A 314 3.15 -7.08 -34.08
C ILE A 314 1.92 -6.24 -33.80
N ASP A 315 0.74 -6.77 -34.14
CA ASP A 315 -0.49 -6.02 -33.88
C ASP A 315 -0.80 -5.93 -32.39
N ALA A 316 -0.45 -6.97 -31.62
CA ALA A 316 -0.71 -6.93 -30.19
C ALA A 316 0.17 -5.90 -29.48
N VAL A 317 1.37 -5.64 -30.01
CA VAL A 317 2.27 -4.68 -29.41
C VAL A 317 2.10 -3.29 -30.03
N LEU A 318 1.93 -3.24 -31.35
CA LEU A 318 1.73 -1.98 -32.07
C LEU A 318 0.30 -1.94 -32.60
N PRO A 319 -0.65 -1.41 -31.85
CA PRO A 319 -2.06 -1.49 -32.25
C PRO A 319 -2.40 -0.51 -33.36
N ASN A 320 -3.22 -0.99 -34.30
CA ASN A 320 -3.74 -0.17 -35.41
C ASN A 320 -2.60 0.43 -36.24
N LYS A 321 -1.65 -0.42 -36.62
CA LYS A 321 -0.51 -0.03 -37.45
C LYS A 321 0.25 1.14 -36.83
N ALA A 322 0.51 1.03 -35.53
CA ALA A 322 1.25 2.06 -34.83
C ALA A 322 2.70 2.10 -35.31
N PRO A 323 3.31 3.28 -35.37
CA PRO A 323 4.73 3.38 -35.76
C PRO A 323 5.62 2.69 -34.75
N PRO A 324 6.61 1.93 -35.21
CA PRO A 324 7.44 1.16 -34.27
C PRO A 324 8.37 2.07 -33.47
N THR A 325 8.56 1.71 -32.20
CA THR A 325 9.54 2.32 -31.33
C THR A 325 10.64 1.31 -31.02
N TYR A 326 11.73 1.79 -30.43
CA TYR A 326 12.86 0.92 -30.13
C TYR A 326 12.45 -0.19 -29.17
N ASP A 327 11.80 0.16 -28.06
CA ASP A 327 11.43 -0.84 -27.06
C ASP A 327 10.45 -1.86 -27.62
N ALA A 328 9.55 -1.44 -28.51
CA ALA A 328 8.61 -2.39 -29.10
C ALA A 328 9.35 -3.40 -29.99
N VAL A 329 10.33 -2.94 -30.76
CA VAL A 329 11.07 -3.83 -31.66
C VAL A 329 11.89 -4.84 -30.85
N VAL A 330 12.54 -4.37 -29.79
CA VAL A 330 13.43 -5.25 -29.01
C VAL A 330 12.63 -6.29 -28.24
N GLN A 331 11.40 -5.96 -27.84
CA GLN A 331 10.59 -6.83 -27.00
C GLN A 331 9.66 -7.73 -27.81
N MET A 332 9.89 -7.87 -29.11
CA MET A 332 9.14 -8.79 -29.95
C MET A 332 9.93 -10.09 -30.05
N GLU A 333 9.60 -11.06 -29.20
CA GLU A 333 10.36 -12.30 -29.13
C GLU A 333 10.17 -13.13 -30.39
N TYR A 334 8.92 -13.37 -30.79
CA TYR A 334 8.68 -14.22 -31.95
C TYR A 334 9.21 -13.59 -33.24
N LEU A 335 9.35 -12.27 -33.28
CA LEU A 335 10.04 -11.65 -34.40
C LEU A 335 11.52 -11.98 -34.38
N ASP A 336 12.12 -12.03 -33.19
CA ASP A 336 13.52 -12.40 -33.08
C ASP A 336 13.75 -13.86 -33.42
N MET A 337 12.79 -14.73 -33.08
CA MET A 337 12.93 -16.15 -33.40
C MET A 337 12.92 -16.38 -34.91
N VAL A 338 12.03 -15.69 -35.63
CA VAL A 338 11.95 -15.88 -37.08
C VAL A 338 13.24 -15.45 -37.75
N VAL A 339 13.77 -14.29 -37.36
CA VAL A 339 15.00 -13.79 -37.97
C VAL A 339 16.17 -14.70 -37.62
N ASN A 340 16.25 -15.15 -36.36
CA ASN A 340 17.34 -16.04 -35.98
C ASN A 340 17.25 -17.38 -36.70
N GLU A 341 16.05 -17.79 -37.12
CA GLU A 341 15.93 -19.07 -37.80
C GLU A 341 16.19 -18.93 -39.29
N THR A 342 15.78 -17.82 -39.88
CA THR A 342 16.16 -17.56 -41.28
C THR A 342 17.67 -17.51 -41.43
N LEU A 343 18.36 -16.95 -40.43
CA LEU A 343 19.82 -16.91 -40.47
C LEU A 343 20.45 -18.27 -40.22
N ARG A 344 19.74 -19.18 -39.55
CA ARG A 344 20.25 -20.54 -39.44
C ARG A 344 20.17 -21.25 -40.78
N LEU A 345 19.00 -21.19 -41.45
CA LEU A 345 18.86 -21.84 -42.74
C LEU A 345 19.73 -21.18 -43.81
N PHE A 346 19.89 -19.86 -43.74
CA PHE A 346 20.61 -19.10 -44.76
C PHE A 346 21.59 -18.13 -44.12
N PRO A 347 22.75 -18.62 -43.65
CA PRO A 347 23.82 -17.69 -43.24
C PRO A 347 24.59 -17.18 -44.44
N VAL A 348 24.29 -15.95 -44.89
CA VAL A 348 24.70 -15.50 -46.21
C VAL A 348 26.22 -15.48 -46.35
N ALA A 349 26.94 -15.25 -45.26
CA ALA A 349 28.37 -15.53 -45.22
C ALA A 349 28.51 -16.99 -44.82
N ILE A 350 28.78 -17.85 -45.80
CA ILE A 350 28.61 -19.29 -45.61
C ILE A 350 29.49 -19.83 -44.50
N ARG A 351 30.66 -19.22 -44.28
CA ARG A 351 31.66 -19.80 -43.38
C ARG A 351 32.38 -18.69 -42.64
N LEU A 352 33.17 -19.10 -41.66
CA LEU A 352 34.10 -18.21 -40.98
C LEU A 352 35.51 -18.65 -41.27
N GLU A 353 36.40 -17.70 -41.53
CA GLU A 353 37.78 -18.00 -41.88
C GLU A 353 38.72 -17.25 -40.95
N ARG A 354 39.86 -17.87 -40.66
CA ARG A 354 40.90 -17.25 -39.84
C ARG A 354 42.26 -17.70 -40.37
N THR A 355 43.28 -16.91 -40.05
CA THR A 355 44.64 -17.17 -40.48
C THR A 355 45.56 -17.32 -39.28
N CYS A 356 46.45 -18.31 -39.34
CA CYS A 356 47.47 -18.50 -38.30
C CYS A 356 48.62 -17.55 -38.55
N LYS A 357 48.76 -16.53 -37.71
CA LYS A 357 49.89 -15.62 -37.87
C LYS A 357 51.20 -16.23 -37.37
N LYS A 358 51.18 -17.47 -36.90
CA LYS A 358 52.38 -18.19 -36.50
C LYS A 358 52.03 -19.67 -36.46
N ASP A 359 53.08 -20.50 -36.37
CA ASP A 359 52.87 -21.93 -36.21
C ASP A 359 52.09 -22.19 -34.94
N VAL A 360 51.01 -22.95 -35.05
CA VAL A 360 50.08 -23.14 -33.95
C VAL A 360 49.62 -24.60 -33.91
N GLU A 361 49.40 -25.10 -32.70
CA GLU A 361 48.88 -26.44 -32.47
C GLU A 361 47.39 -26.33 -32.14
N ILE A 362 46.55 -26.82 -33.04
CA ILE A 362 45.09 -26.77 -32.89
C ILE A 362 44.59 -28.21 -32.76
N ASN A 363 44.11 -28.55 -31.57
CA ASN A 363 43.56 -29.89 -31.30
C ASN A 363 44.59 -30.98 -31.59
N GLY A 364 45.78 -30.81 -31.03
CA GLY A 364 46.84 -31.78 -31.20
C GLY A 364 47.34 -31.93 -32.62
N VAL A 365 47.14 -30.92 -33.46
CA VAL A 365 47.57 -30.94 -34.86
C VAL A 365 48.40 -29.68 -35.11
N PHE A 366 49.63 -29.87 -35.57
CA PHE A 366 50.52 -28.75 -35.83
C PHE A 366 50.20 -28.13 -37.19
N ILE A 367 49.80 -26.87 -37.20
CA ILE A 367 49.38 -26.17 -38.40
C ILE A 367 50.42 -25.11 -38.73
N PRO A 368 50.88 -25.02 -39.96
CA PRO A 368 51.91 -24.03 -40.30
C PRO A 368 51.37 -22.61 -40.26
N LYS A 369 52.31 -21.67 -40.13
CA LYS A 369 51.96 -20.26 -40.17
C LYS A 369 51.34 -19.91 -41.53
N GLY A 370 50.36 -19.00 -41.51
CA GLY A 370 49.69 -18.57 -42.72
C GLY A 370 48.56 -19.46 -43.18
N SER A 371 48.45 -20.68 -42.65
CA SER A 371 47.35 -21.55 -43.02
C SER A 371 46.01 -20.96 -42.57
N MET A 372 44.94 -21.51 -43.11
CA MET A 372 43.60 -20.99 -42.86
C MET A 372 42.77 -22.01 -42.08
N VAL A 373 41.87 -21.49 -41.25
CA VAL A 373 40.95 -22.31 -40.46
C VAL A 373 39.53 -21.88 -40.82
N VAL A 374 38.72 -22.84 -41.25
CA VAL A 374 37.35 -22.57 -41.68
C VAL A 374 36.38 -23.14 -40.66
N ILE A 375 35.50 -22.30 -40.14
CA ILE A 375 34.38 -22.77 -39.34
C ILE A 375 33.19 -22.88 -40.28
N PRO A 376 32.79 -24.08 -40.68
CA PRO A 376 31.72 -24.22 -41.67
C PRO A 376 30.36 -23.90 -41.06
N THR A 377 30.04 -22.60 -40.97
CA THR A 377 28.78 -22.17 -40.37
C THR A 377 27.59 -22.86 -41.02
N TYR A 378 27.52 -22.83 -42.35
CA TYR A 378 26.40 -23.43 -43.05
C TYR A 378 26.29 -24.93 -42.76
N ALA A 379 27.42 -25.64 -42.73
CA ALA A 379 27.37 -27.08 -42.48
C ALA A 379 26.95 -27.39 -41.06
N LEU A 380 27.39 -26.58 -40.09
CA LEU A 380 26.97 -26.79 -38.71
C LEU A 380 25.52 -26.35 -38.50
N HIS A 381 25.04 -25.41 -39.32
CA HIS A 381 23.67 -24.94 -39.18
C HIS A 381 22.67 -25.97 -39.66
N HIS A 382 23.06 -26.83 -40.61
CA HIS A 382 22.20 -27.89 -41.13
C HIS A 382 22.58 -29.26 -40.58
N ASP A 383 23.29 -29.31 -39.47
CA ASP A 383 23.72 -30.57 -38.89
C ASP A 383 22.58 -31.20 -38.11
N PRO A 384 22.14 -32.42 -38.46
CA PRO A 384 21.09 -33.08 -37.65
C PRO A 384 21.53 -33.37 -36.23
N LYS A 385 22.84 -33.37 -35.95
CA LYS A 385 23.32 -33.66 -34.61
C LYS A 385 22.96 -32.55 -33.63
N TYR A 386 22.81 -31.32 -34.12
CA TYR A 386 22.46 -30.18 -33.27
C TYR A 386 21.05 -29.66 -33.49
N TRP A 387 20.43 -29.97 -34.62
CA TRP A 387 19.13 -29.40 -34.97
C TRP A 387 18.23 -30.51 -35.49
N THR A 388 17.15 -30.78 -34.76
CA THR A 388 16.17 -31.77 -35.20
C THR A 388 15.47 -31.28 -36.45
N GLU A 389 15.37 -32.15 -37.47
CA GLU A 389 14.84 -31.79 -38.78
C GLU A 389 15.53 -30.53 -39.28
N PRO A 390 16.82 -30.60 -39.61
CA PRO A 390 17.58 -29.36 -39.84
C PRO A 390 17.14 -28.56 -41.05
N GLU A 391 16.48 -29.18 -42.04
CA GLU A 391 16.05 -28.48 -43.23
C GLU A 391 14.67 -27.85 -43.08
N GLU A 392 14.12 -27.82 -41.88
CA GLU A 392 12.77 -27.32 -41.64
C GLU A 392 12.83 -25.98 -40.92
N PHE A 393 12.02 -25.03 -41.38
CA PHE A 393 11.94 -23.70 -40.79
C PHE A 393 11.08 -23.78 -39.54
N ARG A 394 11.74 -23.93 -38.39
CA ARG A 394 11.06 -23.97 -37.09
C ARG A 394 11.58 -22.83 -36.24
N PRO A 395 10.87 -21.70 -36.16
CA PRO A 395 11.33 -20.60 -35.30
C PRO A 395 11.39 -20.98 -33.83
N GLU A 396 10.65 -21.99 -33.42
CA GLU A 396 10.59 -22.39 -32.02
C GLU A 396 11.92 -22.89 -31.47
N ARG A 397 12.92 -23.12 -32.33
CA ARG A 397 14.23 -23.50 -31.84
C ARG A 397 14.82 -22.41 -30.96
N PHE A 398 14.55 -21.15 -31.29
CA PHE A 398 15.09 -20.01 -30.58
C PHE A 398 14.13 -19.45 -29.53
N SER A 399 13.24 -20.30 -29.01
CA SER A 399 12.38 -19.90 -27.91
C SER A 399 13.21 -19.74 -26.65
N LYS A 400 12.98 -18.63 -25.92
CA LYS A 400 13.76 -18.32 -24.74
C LYS A 400 13.57 -19.32 -23.60
N LYS A 401 12.63 -20.26 -23.73
CA LYS A 401 12.41 -21.27 -22.71
C LYS A 401 13.37 -22.46 -22.83
N LYS A 402 13.79 -22.81 -24.05
CA LYS A 402 14.67 -23.94 -24.25
C LYS A 402 16.08 -23.61 -23.76
N ASP A 403 16.97 -24.60 -23.88
CA ASP A 403 18.37 -24.39 -23.53
C ASP A 403 19.03 -23.46 -24.54
N SER A 404 19.97 -22.65 -24.04
CA SER A 404 20.60 -21.64 -24.87
C SER A 404 21.36 -22.29 -26.03
N ILE A 405 21.20 -21.73 -27.22
CA ILE A 405 21.89 -22.24 -28.39
C ILE A 405 23.39 -22.07 -28.22
N ASP A 406 24.16 -23.05 -28.68
CA ASP A 406 25.61 -22.98 -28.60
C ASP A 406 26.13 -21.81 -29.42
N PRO A 407 26.86 -20.86 -28.82
CA PRO A 407 27.35 -19.71 -29.59
C PRO A 407 28.41 -20.05 -30.61
N TYR A 408 28.90 -21.29 -30.64
CA TYR A 408 29.92 -21.70 -31.60
C TYR A 408 29.38 -22.63 -32.67
N ILE A 409 28.16 -23.12 -32.54
CA ILE A 409 27.51 -23.85 -33.63
C ILE A 409 26.67 -22.90 -34.49
N TYR A 410 25.86 -22.07 -33.85
CA TYR A 410 25.06 -21.06 -34.54
C TYR A 410 25.88 -19.78 -34.60
N THR A 411 26.49 -19.50 -35.75
CA THR A 411 27.40 -18.38 -35.93
C THR A 411 27.11 -17.62 -37.22
N PRO A 412 25.88 -17.08 -37.37
CA PRO A 412 25.59 -16.34 -38.61
C PRO A 412 26.34 -15.03 -38.70
N PHE A 413 26.70 -14.43 -37.58
CA PHE A 413 27.53 -13.24 -37.54
C PHE A 413 28.93 -13.51 -37.03
N GLY A 414 29.30 -14.77 -36.87
CA GLY A 414 30.57 -15.09 -36.24
C GLY A 414 30.51 -14.93 -34.74
N THR A 415 31.69 -14.99 -34.12
CA THR A 415 31.81 -14.92 -32.68
C THR A 415 33.22 -14.46 -32.33
N GLY A 416 33.34 -13.73 -31.22
CA GLY A 416 34.62 -13.30 -30.74
C GLY A 416 34.87 -11.83 -31.04
N PRO A 417 36.10 -11.37 -30.80
CA PRO A 417 36.42 -9.95 -31.03
C PRO A 417 36.23 -9.52 -32.48
N ARG A 418 36.27 -10.46 -33.43
CA ARG A 418 36.16 -10.11 -34.84
C ARG A 418 34.89 -10.68 -35.45
N ASN A 419 33.76 -10.47 -34.80
CA ASN A 419 32.48 -10.84 -35.38
C ASN A 419 31.93 -9.64 -36.14
N CYS A 420 30.71 -9.76 -36.66
CA CYS A 420 30.12 -8.71 -37.46
C CYS A 420 29.90 -7.44 -36.64
N ILE A 421 30.65 -6.38 -36.96
CA ILE A 421 30.54 -5.13 -36.22
C ILE A 421 29.17 -4.48 -36.41
N GLY A 422 28.45 -4.81 -37.49
CA GLY A 422 27.14 -4.25 -37.71
C GLY A 422 26.02 -5.24 -37.48
N MET A 423 26.29 -6.25 -36.65
CA MET A 423 25.29 -7.29 -36.39
C MET A 423 24.01 -6.71 -35.82
N ARG A 424 24.13 -5.87 -34.78
CA ARG A 424 22.95 -5.27 -34.16
C ARG A 424 22.27 -4.28 -35.09
N PHE A 425 23.04 -3.55 -35.90
CA PHE A 425 22.44 -2.62 -36.85
C PHE A 425 21.67 -3.37 -37.93
N ALA A 426 22.26 -4.43 -38.48
CA ALA A 426 21.57 -5.20 -39.52
C ALA A 426 20.31 -5.85 -38.99
N LEU A 427 20.36 -6.36 -37.75
CA LEU A 427 19.19 -6.98 -37.15
C LEU A 427 18.08 -5.96 -36.93
N MET A 428 18.45 -4.73 -36.57
CA MET A 428 17.45 -3.67 -36.40
C MET A 428 16.93 -3.20 -37.75
N ASN A 429 17.83 -3.07 -38.74
CA ASN A 429 17.41 -2.65 -40.07
C ASN A 429 16.42 -3.63 -40.67
N MET A 430 16.63 -4.93 -40.47
CA MET A 430 15.73 -5.94 -41.04
C MET A 430 14.40 -5.97 -40.30
N LYS A 431 14.45 -5.89 -38.96
CA LYS A 431 13.23 -6.00 -38.18
C LYS A 431 12.29 -4.82 -38.44
N LEU A 432 12.83 -3.61 -38.52
CA LEU A 432 12.02 -2.44 -38.84
C LEU A 432 11.33 -2.62 -40.19
N ALA A 433 12.04 -3.19 -41.17
CA ALA A 433 11.42 -3.45 -42.46
C ALA A 433 10.35 -4.53 -42.34
N LEU A 434 10.65 -5.62 -41.62
CA LEU A 434 9.70 -6.72 -41.50
C LEU A 434 8.43 -6.26 -40.79
N ILE A 435 8.57 -5.44 -39.75
CA ILE A 435 7.40 -4.98 -39.01
C ILE A 435 6.48 -4.15 -39.91
N ARG A 436 7.06 -3.26 -40.71
CA ARG A 436 6.24 -2.37 -41.54
C ARG A 436 5.50 -3.17 -42.62
N VAL A 437 6.21 -4.04 -43.34
CA VAL A 437 5.57 -4.77 -44.43
C VAL A 437 4.50 -5.72 -43.90
N LEU A 438 4.66 -6.20 -42.66
CA LEU A 438 3.67 -7.10 -42.09
C LEU A 438 2.50 -6.35 -41.47
N GLN A 439 2.74 -5.12 -41.01
CA GLN A 439 1.64 -4.29 -40.53
C GLN A 439 0.66 -3.96 -41.65
N ASN A 440 1.15 -3.93 -42.90
CA ASN A 440 0.35 -3.48 -44.02
C ASN A 440 0.03 -4.56 -45.04
N PHE A 441 0.79 -5.66 -45.08
CA PHE A 441 0.63 -6.64 -46.14
C PHE A 441 0.74 -8.05 -45.59
N SER A 442 0.25 -9.00 -46.39
CA SER A 442 0.46 -10.43 -46.18
C SER A 442 1.13 -11.00 -47.42
N PHE A 443 1.83 -12.12 -47.24
CA PHE A 443 2.64 -12.70 -48.29
C PHE A 443 2.29 -14.18 -48.46
N LYS A 444 2.12 -14.59 -49.71
CA LYS A 444 1.80 -15.97 -50.05
C LYS A 444 2.44 -16.30 -51.39
N PRO A 445 2.76 -17.57 -51.64
CA PRO A 445 3.40 -17.92 -52.91
C PRO A 445 2.47 -17.81 -54.11
N CYS A 446 2.97 -18.16 -55.29
CA CYS A 446 2.17 -18.19 -56.51
C CYS A 446 2.81 -19.21 -57.45
N LYS A 447 2.38 -19.19 -58.72
CA LYS A 447 2.87 -20.18 -59.68
C LYS A 447 4.36 -20.02 -59.96
N GLU A 448 4.89 -18.81 -59.82
CA GLU A 448 6.29 -18.52 -60.11
C GLU A 448 7.20 -18.67 -58.91
N THR A 449 6.71 -19.21 -57.80
CA THR A 449 7.49 -19.36 -56.58
C THR A 449 8.11 -20.75 -56.53
N GLN A 450 9.42 -20.81 -56.31
CA GLN A 450 10.14 -22.07 -56.27
C GLN A 450 10.05 -22.67 -54.86
N ILE A 451 9.52 -23.88 -54.77
CA ILE A 451 9.42 -24.60 -53.50
C ILE A 451 9.85 -26.05 -53.75
N PRO A 452 10.87 -26.57 -53.06
CA PRO A 452 11.68 -25.85 -52.06
C PRO A 452 12.63 -24.85 -52.71
N LEU A 453 13.27 -24.03 -51.88
CA LEU A 453 14.20 -23.03 -52.39
C LEU A 453 15.54 -23.67 -52.70
N LYS A 454 16.02 -23.45 -53.91
CA LYS A 454 17.32 -23.95 -54.35
C LYS A 454 18.33 -22.82 -54.26
N LEU A 455 19.40 -23.04 -53.50
CA LEU A 455 20.46 -22.04 -53.37
C LEU A 455 21.36 -22.07 -54.60
N ASP A 456 21.84 -20.89 -54.99
CA ASP A 456 22.73 -20.77 -56.13
C ASP A 456 24.18 -20.95 -55.67
N THR A 457 25.10 -20.94 -56.63
CA THR A 457 26.52 -21.16 -56.36
C THR A 457 27.25 -19.92 -55.88
N GLN A 458 26.57 -18.77 -55.80
CA GLN A 458 27.24 -17.53 -55.43
C GLN A 458 27.77 -17.59 -54.01
N GLY A 459 28.93 -16.95 -53.80
CA GLY A 459 29.59 -16.94 -52.50
C GLY A 459 28.88 -16.10 -51.44
N LEU A 460 27.88 -15.32 -51.84
CA LEU A 460 26.96 -14.66 -50.91
C LEU A 460 25.58 -15.25 -51.18
N LEU A 461 25.05 -15.98 -50.20
CA LEU A 461 23.89 -16.85 -50.40
C LEU A 461 22.76 -16.14 -51.12
N GLN A 462 22.40 -16.67 -52.28
CA GLN A 462 21.29 -16.19 -53.08
C GLN A 462 20.56 -17.37 -53.69
N PRO A 463 19.26 -17.24 -53.93
CA PRO A 463 18.51 -18.33 -54.56
C PRO A 463 18.89 -18.49 -56.03
N GLU A 464 18.67 -19.70 -56.53
CA GLU A 464 18.93 -19.99 -57.94
C GLU A 464 18.00 -19.19 -58.84
N LYS A 465 16.72 -19.11 -58.48
CA LYS A 465 15.74 -18.30 -59.16
C LYS A 465 15.24 -17.20 -58.22
N PRO A 466 15.04 -15.98 -58.72
CA PRO A 466 14.65 -14.88 -57.83
C PRO A 466 13.32 -15.14 -57.15
N ILE A 467 13.25 -14.76 -55.87
CA ILE A 467 12.05 -14.99 -55.08
C ILE A 467 10.96 -14.01 -55.50
N VAL A 468 9.77 -14.54 -55.79
CA VAL A 468 8.61 -13.72 -56.11
C VAL A 468 7.44 -14.23 -55.28
N LEU A 469 6.72 -13.30 -54.66
CA LEU A 469 5.62 -13.64 -53.76
C LEU A 469 4.44 -12.74 -54.04
N LYS A 470 3.24 -13.27 -53.80
CA LYS A 470 2.02 -12.48 -53.92
C LYS A 470 1.85 -11.62 -52.68
N VAL A 471 1.68 -10.32 -52.88
CA VAL A 471 1.60 -9.35 -51.80
C VAL A 471 0.19 -8.79 -51.77
N ASP A 472 -0.54 -9.10 -50.71
CA ASP A 472 -1.89 -8.61 -50.50
C ASP A 472 -1.91 -7.69 -49.29
N SER A 473 -2.50 -6.51 -49.45
CA SER A 473 -2.66 -5.60 -48.33
C SER A 473 -3.75 -6.11 -47.40
N ARG A 474 -3.63 -5.73 -46.12
CA ARG A 474 -4.61 -6.15 -45.13
C ARG A 474 -5.86 -5.28 -45.12
N ASP A 475 -5.92 -4.25 -45.97
CA ASP A 475 -7.10 -3.40 -46.08
C ASP A 475 -7.65 -3.41 -47.51
N ALA B 2 65.20 -17.38 8.50
CA ALA B 2 65.42 -16.91 9.87
C ALA B 2 64.20 -16.22 10.43
N LEU B 3 64.39 -15.47 11.51
CA LEU B 3 63.28 -14.80 12.18
C LEU B 3 62.90 -13.52 11.44
N TYR B 4 61.62 -13.15 11.55
CA TYR B 4 61.07 -12.07 10.73
C TYR B 4 61.61 -10.72 11.17
N GLY B 5 61.99 -9.90 10.19
CA GLY B 5 62.42 -8.54 10.45
C GLY B 5 63.88 -8.36 10.79
N THR B 6 64.69 -9.42 10.70
CA THR B 6 66.12 -9.31 10.98
C THR B 6 66.94 -8.89 9.77
N ARG B 7 66.44 -9.11 8.56
CA ARG B 7 67.13 -8.61 7.37
C ARG B 7 67.09 -7.08 7.36
N THR B 8 68.12 -6.49 6.75
CA THR B 8 68.43 -5.07 6.93
C THR B 8 68.05 -4.21 5.71
N HIS B 9 67.09 -4.66 4.90
CA HIS B 9 66.60 -3.90 3.74
C HIS B 9 67.75 -3.48 2.83
N GLY B 10 68.59 -4.43 2.45
CA GLY B 10 69.74 -4.13 1.64
C GLY B 10 69.53 -4.15 0.15
N LEU B 11 68.27 -4.16 -0.32
CA LEU B 11 68.01 -4.32 -1.75
C LEU B 11 68.46 -3.10 -2.54
N PHE B 12 68.02 -1.92 -2.14
CA PHE B 12 68.27 -0.73 -2.95
C PHE B 12 69.73 -0.28 -2.86
N LYS B 13 70.38 -0.49 -1.72
CA LYS B 13 71.82 -0.27 -1.65
C LYS B 13 72.56 -1.23 -2.58
N ARG B 14 72.12 -2.49 -2.62
CA ARG B 14 72.73 -3.45 -3.52
C ARG B 14 72.51 -3.09 -4.98
N LEU B 15 71.40 -2.41 -5.29
CA LEU B 15 71.08 -2.00 -6.65
C LEU B 15 71.58 -0.60 -6.99
N GLY B 16 72.08 0.14 -6.00
CA GLY B 16 72.50 1.51 -6.24
C GLY B 16 71.36 2.48 -6.39
N ILE B 17 70.25 2.25 -5.70
CA ILE B 17 69.05 3.08 -5.78
C ILE B 17 68.93 3.85 -4.46
N PRO B 18 68.96 5.18 -4.47
CA PRO B 18 68.90 5.94 -3.22
C PRO B 18 67.51 5.92 -2.61
N GLY B 19 67.44 6.37 -1.37
CA GLY B 19 66.19 6.45 -0.64
C GLY B 19 66.42 6.68 0.84
N PRO B 20 65.34 7.01 1.57
CA PRO B 20 65.46 7.21 3.01
C PRO B 20 65.87 5.93 3.73
N THR B 21 66.59 6.11 4.83
CA THR B 21 67.11 4.98 5.58
C THR B 21 65.96 4.26 6.29
N PRO B 22 65.69 3.00 5.97
CA PRO B 22 64.57 2.30 6.60
C PRO B 22 64.85 1.97 8.06
N LEU B 23 63.78 1.72 8.80
CA LEU B 23 63.82 1.32 10.19
C LEU B 23 63.49 -0.16 10.33
N PRO B 24 63.91 -0.79 11.41
CA PRO B 24 63.51 -2.19 11.66
C PRO B 24 62.01 -2.30 11.79
N LEU B 25 61.44 -3.35 11.17
CA LEU B 25 60.01 -3.61 11.16
C LEU B 25 59.21 -2.52 10.43
N LEU B 26 59.43 -1.25 10.77
CA LEU B 26 58.61 -0.17 10.24
C LEU B 26 58.95 0.18 8.79
N GLY B 27 60.21 -0.04 8.39
CA GLY B 27 60.62 0.40 7.06
C GLY B 27 60.69 1.91 7.03
N ASN B 28 60.07 2.52 6.01
CA ASN B 28 59.99 3.97 5.87
C ASN B 28 58.59 4.48 6.14
N VAL B 29 57.74 3.67 6.77
CA VAL B 29 56.33 4.01 6.92
C VAL B 29 56.14 5.22 7.82
N LEU B 30 57.06 5.47 8.75
CA LEU B 30 56.94 6.64 9.62
C LEU B 30 56.94 7.94 8.83
N SER B 31 57.66 7.97 7.69
CA SER B 31 57.69 9.17 6.86
C SER B 31 56.36 9.43 6.17
N TYR B 32 55.41 8.49 6.24
CA TYR B 32 54.10 8.71 5.67
C TYR B 32 53.22 9.59 6.53
N ARG B 33 53.59 9.81 7.80
CA ARG B 33 52.73 10.55 8.71
C ARG B 33 52.49 11.98 8.22
N GLN B 34 53.47 12.58 7.54
CA GLN B 34 53.32 13.92 7.02
C GLN B 34 52.37 14.00 5.84
N GLY B 35 52.02 12.87 5.25
CA GLY B 35 51.17 12.82 4.08
C GLY B 35 51.97 12.27 2.91
N LEU B 36 51.33 11.41 2.12
CA LEU B 36 52.01 10.80 0.98
C LEU B 36 52.39 11.85 -0.08
N TRP B 37 51.54 12.86 -0.26
CA TRP B 37 51.85 13.92 -1.22
C TRP B 37 53.09 14.69 -0.82
N LYS B 38 53.26 14.94 0.49
CA LYS B 38 54.44 15.67 0.94
C LYS B 38 55.68 14.78 0.89
N PHE B 39 55.53 13.52 1.28
CA PHE B 39 56.65 12.58 1.21
C PHE B 39 57.11 12.39 -0.23
N ASP B 40 56.17 12.28 -1.17
CA ASP B 40 56.54 12.04 -2.56
C ASP B 40 57.26 13.23 -3.18
N THR B 41 56.74 14.45 -2.95
CA THR B 41 57.39 15.63 -3.50
C THR B 41 58.77 15.84 -2.90
N GLU B 42 58.95 15.51 -1.62
CA GLU B 42 60.27 15.66 -1.00
C GLU B 42 61.27 14.68 -1.58
N CYS B 43 60.90 13.40 -1.64
CA CYS B 43 61.79 12.41 -2.26
C CYS B 43 62.06 12.74 -3.71
N TYR B 44 61.10 13.39 -4.39
CA TYR B 44 61.32 13.77 -5.78
C TYR B 44 62.42 14.83 -5.88
N LYS B 45 62.33 15.88 -5.06
CA LYS B 45 63.26 16.99 -5.17
C LYS B 45 64.68 16.57 -4.87
N LYS B 46 64.86 15.54 -4.07
CA LYS B 46 66.19 15.19 -3.59
C LYS B 46 66.80 13.98 -4.29
N TYR B 47 65.97 13.05 -4.80
CA TYR B 47 66.50 11.85 -5.43
C TYR B 47 66.35 11.85 -6.95
N GLY B 48 65.34 12.50 -7.48
CA GLY B 48 65.26 12.70 -8.93
C GLY B 48 64.42 11.61 -9.62
N LYS B 49 65.08 10.76 -10.39
CA LYS B 49 64.39 9.84 -11.29
C LYS B 49 63.93 8.56 -10.61
N MET B 50 64.68 8.04 -9.64
CA MET B 50 64.26 6.85 -8.91
C MET B 50 64.68 6.97 -7.45
N TRP B 51 63.77 6.62 -6.55
CA TRP B 51 64.12 6.44 -5.15
C TRP B 51 63.42 5.20 -4.63
N GLY B 52 63.99 4.64 -3.56
CA GLY B 52 63.49 3.39 -3.01
C GLY B 52 63.14 3.49 -1.54
N THR B 53 61.92 3.04 -1.21
CA THR B 53 61.45 3.03 0.17
C THR B 53 60.95 1.63 0.51
N TYR B 54 60.75 1.38 1.79
CA TYR B 54 60.28 0.08 2.28
C TYR B 54 59.04 0.29 3.12
N GLU B 55 57.91 -0.24 2.67
CA GLU B 55 56.69 -0.33 3.49
C GLU B 55 56.80 -1.62 4.29
N GLY B 56 57.20 -1.51 5.56
CA GLY B 56 57.56 -2.67 6.33
C GLY B 56 58.78 -3.34 5.75
N GLN B 57 58.60 -4.51 5.14
CA GLN B 57 59.66 -5.20 4.42
C GLN B 57 59.52 -5.08 2.91
N LEU B 58 58.41 -4.54 2.43
CA LEU B 58 58.10 -4.58 1.01
C LEU B 58 58.89 -3.51 0.26
N PRO B 59 59.72 -3.89 -0.72
CA PRO B 59 60.43 -2.86 -1.50
C PRO B 59 59.48 -2.06 -2.35
N VAL B 60 59.72 -0.76 -2.42
CA VAL B 60 58.91 0.16 -3.20
C VAL B 60 59.84 1.01 -4.05
N LEU B 61 59.74 0.86 -5.38
CA LEU B 61 60.54 1.64 -6.31
C LEU B 61 59.66 2.72 -6.93
N ALA B 62 60.10 3.97 -6.84
CA ALA B 62 59.40 5.10 -7.43
C ALA B 62 60.06 5.51 -8.72
N ILE B 63 59.26 5.76 -9.75
CA ILE B 63 59.74 6.14 -11.06
C ILE B 63 59.12 7.47 -11.46
N THR B 64 59.93 8.36 -12.05
CA THR B 64 59.46 9.63 -12.56
C THR B 64 59.70 9.82 -14.05
N ASP B 65 60.49 8.97 -14.68
CA ASP B 65 60.73 9.09 -16.11
C ASP B 65 59.45 8.74 -16.88
N PRO B 66 58.96 9.61 -17.75
CA PRO B 66 57.76 9.28 -18.53
C PRO B 66 57.95 8.09 -19.46
N ASP B 67 59.18 7.79 -19.88
CA ASP B 67 59.40 6.60 -20.69
C ASP B 67 59.30 5.34 -19.86
N VAL B 68 59.76 5.38 -18.61
CA VAL B 68 59.63 4.22 -17.73
C VAL B 68 58.20 4.06 -17.25
N ILE B 69 57.51 5.17 -16.99
CA ILE B 69 56.11 5.11 -16.59
C ILE B 69 55.27 4.47 -17.69
N ARG B 70 55.52 4.84 -18.94
CA ARG B 70 54.80 4.22 -20.06
C ARG B 70 55.03 2.72 -20.11
N THR B 71 56.25 2.28 -19.79
CA THR B 71 56.55 0.86 -19.81
C THR B 71 55.74 0.11 -18.75
N VAL B 72 55.57 0.71 -17.57
CA VAL B 72 54.91 0.03 -16.46
C VAL B 72 53.39 0.14 -16.60
N LEU B 73 52.88 1.30 -17.02
CA LEU B 73 51.44 1.50 -17.03
C LEU B 73 50.75 0.97 -18.28
N VAL B 74 51.47 0.86 -19.40
CA VAL B 74 50.85 0.44 -20.65
C VAL B 74 51.56 -0.78 -21.22
N LYS B 75 52.84 -0.62 -21.58
CA LYS B 75 53.56 -1.65 -22.32
C LYS B 75 53.56 -2.98 -21.57
N GLU B 76 54.13 -2.99 -20.37
CA GLU B 76 54.23 -4.22 -19.58
C GLU B 76 53.15 -4.32 -18.51
N CYS B 77 51.97 -3.77 -18.79
CA CYS B 77 50.87 -3.88 -17.82
C CYS B 77 50.39 -5.31 -17.71
N TYR B 78 49.98 -5.90 -18.84
CA TYR B 78 49.46 -7.26 -18.83
C TYR B 78 50.52 -8.31 -18.56
N SER B 79 51.79 -8.00 -18.83
CA SER B 79 52.85 -8.99 -18.70
C SER B 79 53.48 -9.00 -17.31
N VAL B 80 53.52 -7.86 -16.63
CA VAL B 80 54.19 -7.77 -15.33
C VAL B 80 53.33 -6.99 -14.34
N PHE B 81 53.04 -5.72 -14.67
CA PHE B 81 52.43 -4.80 -13.73
C PHE B 81 50.92 -4.76 -13.94
N THR B 82 50.27 -5.85 -13.55
CA THR B 82 48.82 -6.00 -13.74
C THR B 82 48.02 -5.78 -12.47
N ASN B 83 48.61 -5.98 -11.29
CA ASN B 83 47.91 -5.84 -10.03
C ASN B 83 48.44 -4.65 -9.24
N ARG B 84 47.66 -4.24 -8.25
CA ARG B 84 48.09 -3.16 -7.36
C ARG B 84 48.63 -3.73 -6.05
N ARG B 85 48.27 -3.09 -4.93
CA ARG B 85 48.80 -3.50 -3.64
C ARG B 85 48.46 -4.95 -3.34
N SER B 86 49.27 -5.57 -2.50
CA SER B 86 49.05 -6.96 -2.12
C SER B 86 47.69 -7.12 -1.46
N LEU B 87 47.01 -8.22 -1.79
CA LEU B 87 45.65 -8.43 -1.31
C LEU B 87 45.60 -8.45 0.21
N GLY B 88 44.53 -7.90 0.77
CA GLY B 88 44.34 -7.87 2.19
C GLY B 88 43.13 -8.65 2.64
N PRO B 89 42.88 -8.67 3.95
CA PRO B 89 41.69 -9.38 4.46
C PRO B 89 40.41 -8.63 4.11
N VAL B 90 39.72 -9.08 3.05
CA VAL B 90 38.60 -8.32 2.51
C VAL B 90 37.32 -9.14 2.39
N GLY B 91 37.36 -10.43 2.74
CA GLY B 91 36.16 -11.25 2.64
C GLY B 91 35.74 -11.46 1.20
N PHE B 92 34.42 -11.39 0.97
CA PHE B 92 33.88 -11.60 -0.37
C PHE B 92 34.16 -10.42 -1.30
N MET B 93 34.63 -9.29 -0.78
CA MET B 93 34.97 -8.14 -1.62
C MET B 93 36.20 -8.38 -2.48
N LYS B 94 36.79 -9.58 -2.43
CA LYS B 94 37.91 -9.91 -3.30
C LYS B 94 37.55 -9.77 -4.77
N SER B 95 36.27 -9.89 -5.09
CA SER B 95 35.81 -9.81 -6.46
C SER B 95 35.62 -8.38 -6.95
N ALA B 96 35.76 -7.39 -6.07
CA ALA B 96 35.70 -6.01 -6.51
C ALA B 96 36.85 -5.71 -7.46
N ILE B 97 36.55 -4.94 -8.52
CA ILE B 97 37.51 -4.76 -9.61
C ILE B 97 38.79 -4.10 -9.11
N SER B 98 38.70 -3.25 -8.09
CA SER B 98 39.89 -2.61 -7.55
C SER B 98 40.82 -3.60 -6.84
N LEU B 99 40.32 -4.78 -6.48
CA LEU B 99 41.13 -5.78 -5.81
C LEU B 99 41.43 -6.99 -6.67
N ALA B 100 40.72 -7.18 -7.78
CA ALA B 100 40.88 -8.38 -8.59
C ALA B 100 42.28 -8.43 -9.18
N GLU B 101 42.83 -9.64 -9.25
CA GLU B 101 44.19 -9.86 -9.70
C GLU B 101 44.23 -10.64 -11.02
N ASP B 102 45.21 -10.29 -11.85
CA ASP B 102 45.57 -11.06 -13.04
C ASP B 102 44.37 -11.36 -13.94
N GLU B 103 44.05 -12.65 -14.09
CA GLU B 103 43.03 -13.06 -15.04
C GLU B 103 41.61 -12.76 -14.53
N GLU B 104 41.41 -12.82 -13.22
CA GLU B 104 40.09 -12.45 -12.69
C GLU B 104 39.79 -10.98 -12.91
N TRP B 105 40.81 -10.12 -12.85
CA TRP B 105 40.60 -8.70 -13.11
C TRP B 105 40.22 -8.46 -14.57
N LYS B 106 40.98 -9.03 -15.51
CA LYS B 106 40.65 -8.87 -16.91
C LYS B 106 39.22 -9.32 -17.20
N ARG B 107 38.76 -10.36 -16.51
CA ARG B 107 37.38 -10.81 -16.68
C ARG B 107 36.40 -9.78 -16.15
N ILE B 108 36.59 -9.35 -14.90
CA ILE B 108 35.71 -8.33 -14.33
C ILE B 108 35.80 -7.03 -15.11
N ARG B 109 37.03 -6.63 -15.48
CA ARG B 109 37.22 -5.38 -16.20
C ARG B 109 36.49 -5.40 -17.53
N SER B 110 36.64 -6.49 -18.29
CA SER B 110 35.93 -6.60 -19.56
C SER B 110 34.43 -6.68 -19.37
N LEU B 111 33.98 -7.27 -18.26
CA LEU B 111 32.55 -7.34 -17.97
C LEU B 111 31.98 -5.99 -17.54
N LEU B 112 32.81 -5.10 -17.02
CA LEU B 112 32.37 -3.79 -16.57
C LEU B 112 32.69 -2.67 -17.56
N SER B 113 33.54 -2.94 -18.55
CA SER B 113 33.84 -1.91 -19.55
C SER B 113 32.60 -1.39 -20.28
N PRO B 114 31.65 -2.22 -20.72
CA PRO B 114 30.47 -1.66 -21.40
C PRO B 114 29.65 -0.71 -20.52
N THR B 115 29.78 -0.82 -19.20
CA THR B 115 28.99 0.02 -18.31
C THR B 115 29.49 1.46 -18.26
N PHE B 116 30.80 1.67 -18.50
CA PHE B 116 31.42 2.97 -18.28
C PHE B 116 31.94 3.60 -19.57
N THR B 117 31.53 3.11 -20.72
CA THR B 117 31.88 3.77 -21.97
C THR B 117 31.22 5.13 -22.05
N SER B 118 31.78 6.00 -22.91
CA SER B 118 31.22 7.33 -23.06
C SER B 118 29.81 7.31 -23.62
N GLY B 119 29.51 6.33 -24.49
CA GLY B 119 28.16 6.24 -25.04
C GLY B 119 27.13 5.79 -24.02
N LYS B 120 27.52 4.89 -23.12
CA LYS B 120 26.62 4.50 -22.03
C LYS B 120 26.39 5.66 -21.07
N LEU B 121 27.37 6.56 -20.94
CA LEU B 121 27.20 7.73 -20.10
C LEU B 121 26.16 8.68 -20.66
N LYS B 122 26.22 8.93 -21.98
CA LYS B 122 25.25 9.83 -22.61
C LYS B 122 23.82 9.36 -22.36
N GLU B 123 23.60 8.04 -22.34
CA GLU B 123 22.27 7.52 -22.03
C GLU B 123 21.88 7.87 -20.61
N MET B 124 22.82 7.79 -19.68
CA MET B 124 22.54 8.08 -18.28
C MET B 124 22.61 9.57 -17.94
N PHE B 125 22.84 10.43 -18.93
CA PHE B 125 22.92 11.86 -18.65
C PHE B 125 21.64 12.42 -18.03
N PRO B 126 20.43 12.09 -18.51
CA PRO B 126 19.23 12.60 -17.83
C PRO B 126 19.09 12.13 -16.39
N ILE B 127 19.68 10.98 -16.05
CA ILE B 127 19.60 10.49 -14.67
C ILE B 127 20.52 11.29 -13.75
N ILE B 128 21.73 11.62 -14.23
CA ILE B 128 22.66 12.39 -13.41
C ILE B 128 22.23 13.85 -13.32
N ALA B 129 21.62 14.38 -14.38
CA ALA B 129 21.26 15.78 -14.41
C ALA B 129 20.13 16.10 -13.44
N GLN B 130 19.26 15.12 -13.15
CA GLN B 130 18.12 15.40 -12.26
C GLN B 130 18.58 15.70 -10.85
N TYR B 131 19.74 15.19 -10.43
CA TYR B 131 20.22 15.43 -9.08
C TYR B 131 20.82 16.82 -8.91
N GLY B 132 20.91 17.61 -9.98
CA GLY B 132 21.37 18.97 -9.84
C GLY B 132 20.32 19.88 -9.25
N ASP B 133 19.04 19.59 -9.50
CA ASP B 133 17.97 20.41 -8.95
C ASP B 133 18.00 20.41 -7.43
N VAL B 134 18.20 19.24 -6.81
CA VAL B 134 18.28 19.17 -5.36
C VAL B 134 19.52 19.90 -4.86
N LEU B 135 20.60 19.88 -5.66
CA LEU B 135 21.84 20.54 -5.24
C LEU B 135 21.64 22.04 -5.14
N VAL B 136 21.02 22.65 -6.15
CA VAL B 136 20.76 24.09 -6.12
C VAL B 136 19.82 24.42 -4.97
N ARG B 137 18.86 23.54 -4.67
CA ARG B 137 17.93 23.80 -3.59
C ARG B 137 18.61 23.76 -2.23
N ASN B 138 19.54 22.82 -2.03
CA ASN B 138 20.27 22.76 -0.77
C ASN B 138 21.23 23.94 -0.63
N LEU B 139 21.90 24.32 -1.72
CA LEU B 139 22.82 25.44 -1.67
C LEU B 139 22.07 26.77 -1.55
N ARG B 140 20.87 26.85 -2.13
CA ARG B 140 20.05 28.06 -1.95
C ARG B 140 19.71 28.28 -0.49
N ARG B 141 19.30 27.21 0.21
CA ARG B 141 18.91 27.34 1.60
C ARG B 141 20.09 27.71 2.49
N GLU B 142 21.30 27.29 2.12
CA GLU B 142 22.48 27.64 2.91
C GLU B 142 22.93 29.07 2.64
N ALA B 143 22.83 29.52 1.38
CA ALA B 143 23.16 30.90 1.06
C ALA B 143 22.20 31.87 1.73
N GLU B 144 20.94 31.49 1.90
CA GLU B 144 19.94 32.34 2.53
C GLU B 144 20.12 32.46 4.03
N LYS B 145 21.08 31.77 4.62
CA LYS B 145 21.38 31.93 6.03
C LYS B 145 22.29 33.11 6.32
N GLY B 146 22.91 33.68 5.28
CA GLY B 146 23.77 34.83 5.43
C GLY B 146 25.16 34.56 5.95
N LYS B 147 25.49 33.30 6.24
CA LYS B 147 26.78 32.92 6.78
C LYS B 147 27.56 32.06 5.79
N PRO B 148 28.88 31.94 5.97
CA PRO B 148 29.68 31.11 5.05
C PRO B 148 29.18 29.67 5.01
N VAL B 149 29.31 29.05 3.85
CA VAL B 149 28.78 27.71 3.59
C VAL B 149 29.94 26.72 3.60
N THR B 150 29.80 25.66 4.40
CA THR B 150 30.75 24.56 4.38
C THR B 150 30.48 23.72 3.13
N LEU B 151 31.42 23.75 2.18
CA LEU B 151 31.19 23.13 0.89
C LEU B 151 31.03 21.61 1.00
N LYS B 152 31.78 20.98 1.91
CA LYS B 152 31.79 19.52 1.96
C LYS B 152 30.44 18.97 2.41
N ASP B 153 29.65 19.75 3.15
CA ASP B 153 28.32 19.29 3.55
C ASP B 153 27.37 19.26 2.36
N ILE B 154 27.48 20.25 1.47
CA ILE B 154 26.59 20.32 0.32
C ILE B 154 26.99 19.29 -0.74
N PHE B 155 28.26 19.29 -1.13
CA PHE B 155 28.70 18.43 -2.22
C PHE B 155 28.86 16.98 -1.78
N GLY B 156 29.18 16.74 -0.51
CA GLY B 156 29.11 15.37 -0.01
C GLY B 156 27.73 14.78 -0.17
N ALA B 157 26.69 15.57 0.11
CA ALA B 157 25.33 15.13 -0.12
C ALA B 157 25.07 14.92 -1.61
N TYR B 158 25.51 15.86 -2.44
CA TYR B 158 25.35 15.71 -3.88
C TYR B 158 26.08 14.47 -4.38
N SER B 159 27.31 14.24 -3.89
CA SER B 159 28.08 13.10 -4.36
C SER B 159 27.42 11.78 -3.95
N MET B 160 26.84 11.73 -2.76
CA MET B 160 26.14 10.52 -2.33
C MET B 160 24.84 10.34 -3.08
N ASP B 161 24.10 11.43 -3.33
CA ASP B 161 22.84 11.33 -4.04
C ASP B 161 23.05 10.81 -5.46
N VAL B 162 24.06 11.32 -6.16
CA VAL B 162 24.29 10.91 -7.54
C VAL B 162 24.75 9.46 -7.61
N ILE B 163 25.78 9.11 -6.82
CA ILE B 163 26.35 7.78 -6.92
C ILE B 163 25.35 6.72 -6.46
N THR B 164 24.46 7.07 -5.54
CA THR B 164 23.43 6.11 -5.11
C THR B 164 22.33 5.99 -6.15
N GLY B 165 21.92 7.13 -6.73
CA GLY B 165 20.87 7.08 -7.74
C GLY B 165 21.30 6.40 -9.01
N THR B 166 22.50 6.73 -9.50
CA THR B 166 23.01 6.09 -10.71
C THR B 166 23.32 4.61 -10.48
N SER B 167 23.50 4.19 -9.23
CA SER B 167 23.73 2.79 -8.92
C SER B 167 22.42 2.03 -8.74
N PHE B 168 21.49 2.58 -7.96
CA PHE B 168 20.30 1.86 -7.54
C PHE B 168 19.00 2.44 -8.06
N GLY B 169 19.00 3.68 -8.57
CA GLY B 169 17.77 4.30 -9.00
C GLY B 169 16.93 4.89 -7.90
N VAL B 170 17.46 5.01 -6.70
CA VAL B 170 16.73 5.56 -5.55
C VAL B 170 17.15 7.01 -5.37
N ASN B 171 16.18 7.90 -5.28
CA ASN B 171 16.43 9.31 -5.00
C ASN B 171 16.38 9.53 -3.49
N ILE B 172 17.48 9.99 -2.91
CA ILE B 172 17.56 10.29 -1.49
C ILE B 172 17.99 11.75 -1.33
N ASP B 173 17.81 12.25 -0.10
CA ASP B 173 18.27 13.58 0.29
C ASP B 173 19.21 13.38 1.47
N SER B 174 20.51 13.24 1.17
CA SER B 174 21.49 12.99 2.21
C SER B 174 21.48 14.10 3.25
N LEU B 175 21.41 15.36 2.81
CA LEU B 175 21.44 16.48 3.72
C LEU B 175 20.14 16.64 4.49
N ASN B 176 19.05 16.04 4.01
CA ASN B 176 17.75 16.18 4.64
C ASN B 176 17.26 14.89 5.31
N ASN B 177 17.93 13.77 5.09
CA ASN B 177 17.60 12.50 5.73
C ASN B 177 18.86 11.89 6.31
N PRO B 178 19.38 12.46 7.41
CA PRO B 178 20.62 11.91 7.98
C PRO B 178 20.45 10.52 8.58
N GLN B 179 19.26 10.19 9.08
CA GLN B 179 19.01 8.90 9.70
C GLN B 179 18.64 7.81 8.70
N ASP B 180 18.65 8.12 7.41
CA ASP B 180 18.35 7.11 6.40
C ASP B 180 19.39 6.00 6.46
N PRO B 181 18.98 4.73 6.39
CA PRO B 181 19.96 3.63 6.46
C PRO B 181 21.00 3.67 5.36
N PHE B 182 20.66 4.19 4.17
CA PHE B 182 21.66 4.37 3.13
C PHE B 182 22.67 5.43 3.53
N VAL B 183 22.21 6.54 4.11
CA VAL B 183 23.09 7.65 4.42
C VAL B 183 24.03 7.30 5.57
N GLU B 184 23.49 6.71 6.63
CA GLU B 184 24.31 6.38 7.79
C GLU B 184 25.40 5.36 7.45
N SER B 185 25.10 4.42 6.56
CA SER B 185 26.08 3.40 6.20
C SER B 185 27.17 3.98 5.31
N THR B 186 26.78 4.74 4.28
CA THR B 186 27.76 5.28 3.36
C THR B 186 28.66 6.32 4.03
N LYS B 187 28.13 7.05 5.03
CA LYS B 187 28.93 8.03 5.75
C LYS B 187 30.16 7.39 6.40
N LYS B 188 30.07 6.11 6.76
CA LYS B 188 31.20 5.43 7.38
C LYS B 188 32.38 5.30 6.43
N PHE B 189 32.14 5.37 5.12
CA PHE B 189 33.24 5.35 4.16
C PHE B 189 34.14 6.57 4.29
N LEU B 190 33.70 7.62 5.00
CA LEU B 190 34.49 8.84 5.09
C LEU B 190 35.74 8.67 5.94
N LYS B 191 35.79 7.66 6.82
CA LYS B 191 37.01 7.42 7.59
C LYS B 191 38.12 6.85 6.72
N PHE B 192 37.82 6.40 5.51
CA PHE B 192 38.87 5.95 4.60
C PHE B 192 39.76 7.12 4.25
N GLY B 193 41.08 6.91 4.35
CA GLY B 193 42.08 7.93 4.14
C GLY B 193 42.79 8.34 5.41
N PHE B 194 42.14 8.18 6.56
CA PHE B 194 42.78 8.41 7.85
C PHE B 194 43.61 7.18 8.23
N LEU B 195 44.33 7.30 9.34
CA LEU B 195 45.13 6.18 9.84
C LEU B 195 44.26 4.95 10.09
N ASP B 196 44.67 3.83 9.50
CA ASP B 196 43.95 2.55 9.64
C ASP B 196 44.94 1.52 10.19
N PRO B 197 44.93 1.29 11.51
CA PRO B 197 45.92 0.34 12.07
C PRO B 197 45.78 -1.07 11.54
N LEU B 198 44.56 -1.52 11.25
CA LEU B 198 44.38 -2.84 10.67
C LEU B 198 45.09 -2.95 9.34
N PHE B 199 44.87 -1.98 8.46
CA PHE B 199 45.57 -1.95 7.18
C PHE B 199 47.09 -1.93 7.39
N LEU B 200 47.56 -1.17 8.37
CA LEU B 200 49.00 -1.05 8.59
C LEU B 200 49.62 -2.38 8.98
N SER B 201 48.97 -3.11 9.89
CA SER B 201 49.51 -4.41 10.29
C SER B 201 49.57 -5.36 9.10
N ILE B 202 48.57 -5.30 8.22
CA ILE B 202 48.63 -6.02 6.95
C ILE B 202 49.87 -5.61 6.16
N ILE B 203 50.22 -4.31 6.19
CA ILE B 203 51.37 -3.83 5.45
C ILE B 203 52.67 -4.34 6.09
N LEU B 204 52.82 -4.12 7.40
CA LEU B 204 54.05 -4.48 8.09
C LEU B 204 54.18 -5.99 8.29
N PHE B 205 53.06 -6.70 8.38
CA PHE B 205 53.07 -8.14 8.63
C PHE B 205 52.08 -8.82 7.70
N PRO B 206 52.44 -8.97 6.42
CA PRO B 206 51.48 -9.50 5.44
C PRO B 206 51.02 -10.93 5.72
N PHE B 207 51.72 -11.66 6.59
CA PHE B 207 51.26 -12.99 6.97
C PHE B 207 50.01 -12.96 7.83
N LEU B 208 49.59 -11.79 8.31
CA LEU B 208 48.37 -11.67 9.09
C LEU B 208 47.11 -11.66 8.23
N THR B 209 47.25 -11.38 6.93
CA THR B 209 46.07 -11.29 6.07
C THR B 209 45.22 -12.55 6.09
N PRO B 210 45.77 -13.76 5.87
CA PRO B 210 44.91 -14.94 5.97
C PRO B 210 44.41 -15.19 7.39
N VAL B 211 45.26 -14.94 8.40
CA VAL B 211 44.84 -15.06 9.79
C VAL B 211 43.61 -14.19 10.04
N PHE B 212 43.62 -12.96 9.53
CA PHE B 212 42.47 -12.07 9.68
C PHE B 212 41.28 -12.57 8.88
N GLU B 213 41.52 -13.11 7.67
CA GLU B 213 40.42 -13.66 6.89
C GLU B 213 39.76 -14.82 7.62
N ALA B 214 40.56 -15.67 8.27
CA ALA B 214 40.00 -16.79 9.00
C ALA B 214 39.13 -16.36 10.17
N LEU B 215 39.31 -15.13 10.67
CA LEU B 215 38.56 -14.63 11.81
C LEU B 215 37.47 -13.65 11.39
N ASN B 216 37.16 -13.57 10.09
CA ASN B 216 36.08 -12.71 9.57
C ASN B 216 36.34 -11.24 9.79
N VAL B 217 37.61 -10.83 9.82
CA VAL B 217 37.99 -9.42 9.95
C VAL B 217 38.25 -8.87 8.56
N SER B 218 37.69 -7.70 8.26
CA SER B 218 37.78 -7.09 6.94
C SER B 218 38.29 -5.67 7.04
N LEU B 219 38.99 -5.23 5.99
CA LEU B 219 39.42 -3.85 5.90
C LEU B 219 38.25 -2.91 5.59
N PHE B 220 37.13 -3.44 5.12
CA PHE B 220 35.90 -2.72 4.85
C PHE B 220 35.00 -2.75 6.09
N PRO B 221 34.17 -1.72 6.30
CA PRO B 221 33.28 -1.72 7.47
C PRO B 221 32.19 -2.76 7.32
N LYS B 222 32.12 -3.69 8.28
CA LYS B 222 31.17 -4.80 8.20
C LYS B 222 29.74 -4.30 8.10
N ASP B 223 29.38 -3.29 8.89
CA ASP B 223 28.02 -2.76 8.87
C ASP B 223 27.62 -2.34 7.47
N THR B 224 28.38 -1.41 6.87
CA THR B 224 28.02 -0.87 5.57
C THR B 224 28.11 -1.95 4.49
N ILE B 225 29.07 -2.87 4.59
CA ILE B 225 29.26 -3.86 3.54
C ILE B 225 28.09 -4.82 3.48
N ASN B 226 27.61 -5.27 4.63
CA ASN B 226 26.48 -6.19 4.64
C ASN B 226 25.19 -5.48 4.24
N PHE B 227 24.90 -4.34 4.87
CA PHE B 227 23.68 -3.61 4.55
C PHE B 227 23.55 -3.34 3.06
N LEU B 228 24.64 -2.88 2.44
CA LEU B 228 24.60 -2.62 1.00
C LEU B 228 24.36 -3.89 0.21
N SER B 229 25.08 -4.97 0.54
CA SER B 229 24.91 -6.22 -0.19
C SER B 229 23.52 -6.79 0.04
N LYS B 230 22.97 -6.67 1.26
CA LYS B 230 21.58 -7.06 1.47
C LYS B 230 20.63 -6.17 0.69
N SER B 231 20.98 -4.88 0.53
CA SER B 231 20.12 -3.98 -0.22
C SER B 231 20.18 -4.28 -1.71
N VAL B 232 21.35 -4.69 -2.21
CA VAL B 232 21.45 -5.10 -3.60
C VAL B 232 20.58 -6.34 -3.86
N ASN B 233 20.43 -7.19 -2.85
CA ASN B 233 19.62 -8.40 -3.02
C ASN B 233 18.13 -8.07 -3.06
N ARG B 234 17.64 -7.28 -2.10
CA ARG B 234 16.21 -6.97 -2.05
C ARG B 234 15.77 -6.21 -3.30
N MET B 235 16.66 -5.42 -3.89
CA MET B 235 16.34 -4.76 -5.15
C MET B 235 16.55 -5.66 -6.35
N LYS B 236 17.41 -6.69 -6.22
CA LYS B 236 17.62 -7.59 -7.34
C LYS B 236 16.39 -8.46 -7.60
N LYS B 237 15.63 -8.79 -6.55
CA LYS B 237 14.39 -9.53 -6.71
C LYS B 237 13.25 -8.67 -7.22
N SER B 238 13.37 -7.35 -7.11
CA SER B 238 12.32 -6.44 -7.56
C SER B 238 12.48 -6.10 -9.04
N ASP B 249 20.59 2.64 -14.43
CA ASP B 249 21.15 2.06 -13.21
C ASP B 249 22.43 1.27 -13.49
N PHE B 250 23.44 1.45 -12.64
CA PHE B 250 24.59 0.56 -12.66
C PHE B 250 24.18 -0.87 -12.34
N LEU B 251 23.27 -1.03 -11.37
CA LEU B 251 22.81 -2.35 -10.98
C LEU B 251 22.06 -3.04 -12.12
N GLN B 252 21.19 -2.30 -12.81
CA GLN B 252 20.42 -2.91 -13.89
C GLN B 252 21.32 -3.35 -15.04
N LEU B 253 22.37 -2.58 -15.31
CA LEU B 253 23.31 -2.97 -16.35
C LEU B 253 24.03 -4.28 -15.99
N MET B 254 24.50 -4.38 -14.75
CA MET B 254 25.16 -5.61 -14.32
C MET B 254 24.18 -6.76 -14.15
N ILE B 255 22.90 -6.48 -13.92
CA ILE B 255 21.89 -7.54 -13.91
C ILE B 255 21.68 -8.08 -15.31
N ASP B 256 21.56 -7.19 -16.29
CA ASP B 256 21.32 -7.60 -17.68
C ASP B 256 22.50 -8.39 -18.23
N SER B 257 23.71 -8.14 -17.75
CA SER B 257 24.91 -8.88 -18.14
C SER B 257 25.03 -10.21 -17.39
N GLN B 258 23.90 -10.81 -16.99
CA GLN B 258 23.91 -12.11 -16.31
C GLN B 258 23.06 -13.12 -17.06
N LYS B 267 32.43 -16.14 -17.77
CA LYS B 267 31.97 -14.90 -18.37
C LYS B 267 30.78 -14.33 -17.59
N ALA B 268 30.12 -15.18 -16.82
CA ALA B 268 29.01 -14.71 -16.00
C ALA B 268 29.52 -13.79 -14.90
N LEU B 269 28.61 -13.00 -14.35
CA LEU B 269 28.90 -12.14 -13.21
C LEU B 269 28.15 -12.70 -12.01
N SER B 270 28.89 -13.33 -11.09
CA SER B 270 28.26 -14.00 -9.96
C SER B 270 27.53 -12.99 -9.08
N ASP B 271 26.58 -13.51 -8.30
CA ASP B 271 25.81 -12.65 -7.41
C ASP B 271 26.71 -11.95 -6.40
N LEU B 272 27.72 -12.65 -5.90
CA LEU B 272 28.69 -12.01 -5.01
C LEU B 272 29.60 -11.04 -5.77
N GLU B 273 29.90 -11.34 -7.03
CA GLU B 273 30.72 -10.44 -7.83
C GLU B 273 29.95 -9.17 -8.18
N LEU B 274 28.65 -9.31 -8.47
CA LEU B 274 27.84 -8.12 -8.75
C LEU B 274 27.72 -7.25 -7.51
N ALA B 275 27.50 -7.86 -6.34
CA ALA B 275 27.40 -7.08 -5.11
C ALA B 275 28.72 -6.37 -4.79
N ALA B 276 29.84 -6.95 -5.19
CA ALA B 276 31.13 -6.33 -4.93
C ALA B 276 31.30 -5.04 -5.74
N GLN B 277 30.90 -5.06 -7.01
CA GLN B 277 31.07 -3.87 -7.85
C GLN B 277 30.11 -2.77 -7.44
N SER B 278 28.86 -3.11 -7.13
CA SER B 278 27.91 -2.11 -6.67
C SER B 278 28.42 -1.37 -5.44
N ILE B 279 29.09 -2.08 -4.55
CA ILE B 279 29.60 -1.46 -3.33
C ILE B 279 30.83 -0.61 -3.64
N ILE B 280 31.74 -1.13 -4.47
CA ILE B 280 33.01 -0.45 -4.70
C ILE B 280 32.80 0.83 -5.51
N PHE B 281 31.77 0.87 -6.37
CA PHE B 281 31.51 2.09 -7.14
C PHE B 281 31.04 3.22 -6.23
N ILE B 282 30.21 2.90 -5.23
CA ILE B 282 29.78 3.91 -4.27
C ILE B 282 30.95 4.36 -3.41
N PHE B 283 31.75 3.40 -2.93
CA PHE B 283 32.93 3.74 -2.14
C PHE B 283 33.87 4.63 -2.95
N ALA B 284 34.12 4.28 -4.21
CA ALA B 284 35.07 5.03 -5.01
C ALA B 284 34.56 6.43 -5.34
N GLY B 285 33.27 6.55 -5.65
CA GLY B 285 32.73 7.80 -6.15
C GLY B 285 32.28 8.82 -5.12
N TYR B 286 32.13 8.42 -3.86
CA TYR B 286 31.56 9.31 -2.85
C TYR B 286 32.50 10.46 -2.50
N GLU B 287 33.56 10.20 -1.75
CA GLU B 287 34.40 11.28 -1.23
C GLU B 287 35.27 11.91 -2.32
N THR B 288 35.72 11.14 -3.31
CA THR B 288 36.58 11.71 -4.34
C THR B 288 35.85 12.80 -5.12
N THR B 289 34.61 12.54 -5.54
CA THR B 289 33.84 13.56 -6.23
C THR B 289 33.60 14.77 -5.35
N SER B 290 33.28 14.53 -4.07
CA SER B 290 33.06 15.62 -3.13
C SER B 290 34.30 16.50 -2.99
N SER B 291 35.49 15.88 -2.95
CA SER B 291 36.72 16.65 -2.73
C SER B 291 37.03 17.53 -3.92
N VAL B 292 37.08 16.96 -5.12
CA VAL B 292 37.45 17.73 -6.31
C VAL B 292 36.47 18.87 -6.55
N LEU B 293 35.19 18.66 -6.23
CA LEU B 293 34.22 19.73 -6.36
C LEU B 293 34.53 20.88 -5.41
N SER B 294 34.85 20.56 -4.16
CA SER B 294 35.15 21.61 -3.19
C SER B 294 36.47 22.30 -3.52
N PHE B 295 37.46 21.55 -4.01
CA PHE B 295 38.71 22.17 -4.43
C PHE B 295 38.48 23.13 -5.59
N THR B 296 37.65 22.73 -6.55
CA THR B 296 37.37 23.60 -7.69
C THR B 296 36.72 24.91 -7.25
N LEU B 297 35.74 24.82 -6.35
CA LEU B 297 35.06 26.04 -5.90
C LEU B 297 35.99 26.92 -5.06
N TYR B 298 36.93 26.32 -4.34
CA TYR B 298 37.95 27.12 -3.68
C TYR B 298 38.77 27.89 -4.70
N GLU B 299 39.13 27.23 -5.81
CA GLU B 299 39.96 27.88 -6.81
C GLU B 299 39.18 28.91 -7.60
N LEU B 300 37.87 28.73 -7.76
CA LEU B 300 37.06 29.75 -8.41
C LEU B 300 36.85 30.96 -7.50
N ALA B 301 36.77 30.73 -6.18
CA ALA B 301 36.58 31.84 -5.26
C ALA B 301 37.84 32.68 -5.15
N THR B 302 39.00 32.03 -5.04
CA THR B 302 40.27 32.75 -4.94
C THR B 302 40.75 33.32 -6.26
N HIS B 303 40.07 32.99 -7.37
CA HIS B 303 40.40 33.54 -8.69
C HIS B 303 39.10 34.02 -9.33
N PRO B 304 38.63 35.22 -8.97
CA PRO B 304 37.34 35.69 -9.51
C PRO B 304 37.35 35.85 -11.01
N ASP B 305 38.51 36.15 -11.60
CA ASP B 305 38.60 36.27 -13.05
C ASP B 305 38.23 34.96 -13.74
N VAL B 306 38.76 33.84 -13.23
CA VAL B 306 38.46 32.54 -13.82
C VAL B 306 37.00 32.18 -13.61
N GLN B 307 36.45 32.51 -12.45
CA GLN B 307 35.05 32.19 -12.18
C GLN B 307 34.11 32.95 -13.10
N GLN B 308 34.37 34.25 -13.31
CA GLN B 308 33.52 35.04 -14.18
C GLN B 308 33.62 34.59 -15.63
N LYS B 309 34.83 34.23 -16.08
CA LYS B 309 34.98 33.76 -17.45
C LYS B 309 34.22 32.46 -17.67
N LEU B 310 34.27 31.55 -16.69
CA LEU B 310 33.52 30.30 -16.80
C LEU B 310 32.01 30.57 -16.80
N GLN B 311 31.55 31.51 -15.98
CA GLN B 311 30.14 31.85 -15.99
C GLN B 311 29.73 32.50 -17.30
N LYS B 312 30.64 33.21 -17.96
CA LYS B 312 30.35 33.77 -19.28
C LYS B 312 30.14 32.65 -20.29
N GLU B 313 31.01 31.64 -20.28
CA GLU B 313 30.89 30.54 -21.22
C GLU B 313 29.63 29.71 -20.95
N ILE B 314 29.30 29.50 -19.68
CA ILE B 314 28.11 28.73 -19.35
C ILE B 314 26.85 29.47 -19.77
N ASP B 315 26.81 30.79 -19.57
CA ASP B 315 25.66 31.57 -20.02
C ASP B 315 25.57 31.62 -21.54
N ALA B 316 26.69 31.44 -22.24
CA ALA B 316 26.67 31.55 -23.69
C ALA B 316 26.12 30.30 -24.34
N VAL B 317 26.18 29.17 -23.65
CA VAL B 317 25.73 27.90 -24.21
C VAL B 317 24.36 27.56 -23.65
N LEU B 318 24.08 28.01 -22.43
CA LEU B 318 22.80 27.77 -21.76
C LEU B 318 22.24 29.11 -21.28
N PRO B 319 21.67 29.90 -22.17
CA PRO B 319 21.14 31.21 -21.75
C PRO B 319 19.89 31.06 -20.92
N ASN B 320 19.67 32.04 -20.04
CA ASN B 320 18.49 32.08 -19.16
C ASN B 320 18.38 30.82 -18.31
N LYS B 321 19.53 30.35 -17.81
CA LYS B 321 19.59 29.15 -16.97
C LYS B 321 18.96 27.95 -17.67
N ALA B 322 19.35 27.73 -18.92
CA ALA B 322 18.83 26.60 -19.68
C ALA B 322 19.33 25.29 -19.09
N PRO B 323 18.52 24.24 -19.10
CA PRO B 323 18.95 22.95 -18.54
C PRO B 323 20.13 22.40 -19.31
N PRO B 324 21.11 21.81 -18.63
CA PRO B 324 22.29 21.28 -19.32
C PRO B 324 21.94 20.04 -20.14
N THR B 325 22.47 20.00 -21.35
CA THR B 325 22.38 18.83 -22.22
C THR B 325 23.77 18.22 -22.38
N TYR B 326 23.79 16.97 -22.86
CA TYR B 326 25.06 16.26 -22.99
C TYR B 326 26.00 16.97 -23.95
N ASP B 327 25.47 17.43 -25.10
CA ASP B 327 26.33 18.09 -26.09
C ASP B 327 26.83 19.43 -25.57
N ALA B 328 26.10 20.08 -24.67
CA ALA B 328 26.54 21.35 -24.12
C ALA B 328 27.70 21.17 -23.14
N VAL B 329 27.67 20.09 -22.35
CA VAL B 329 28.69 19.87 -21.35
C VAL B 329 30.02 19.51 -22.00
N VAL B 330 29.98 18.73 -23.09
CA VAL B 330 31.21 18.27 -23.71
C VAL B 330 31.90 19.40 -24.46
N GLN B 331 31.14 20.38 -24.94
CA GLN B 331 31.70 21.46 -25.75
C GLN B 331 32.13 22.67 -24.94
N MET B 332 31.89 22.68 -23.62
CA MET B 332 32.32 23.77 -22.76
C MET B 332 33.81 23.61 -22.48
N GLU B 333 34.62 24.12 -23.42
CA GLU B 333 36.07 23.90 -23.35
C GLU B 333 36.67 24.46 -22.07
N TYR B 334 36.22 25.64 -21.65
CA TYR B 334 36.83 26.27 -20.48
C TYR B 334 36.48 25.54 -19.20
N LEU B 335 35.23 25.07 -19.09
CA LEU B 335 34.86 24.23 -17.95
C LEU B 335 35.74 23.00 -17.86
N ASP B 336 36.02 22.37 -19.01
CA ASP B 336 36.93 21.23 -19.03
C ASP B 336 38.33 21.63 -18.60
N MET B 337 38.76 22.85 -18.94
CA MET B 337 40.09 23.31 -18.51
C MET B 337 40.14 23.52 -17.00
N VAL B 338 39.10 24.12 -16.42
CA VAL B 338 39.08 24.37 -14.98
C VAL B 338 39.10 23.06 -14.21
N VAL B 339 38.32 22.07 -14.66
CA VAL B 339 38.30 20.78 -13.97
C VAL B 339 39.64 20.07 -14.13
N ASN B 340 40.23 20.15 -15.32
CA ASN B 340 41.55 19.52 -15.54
C ASN B 340 42.61 20.16 -14.65
N GLU B 341 42.53 21.48 -14.45
CA GLU B 341 43.58 22.16 -13.69
C GLU B 341 43.45 21.89 -12.20
N THR B 342 42.22 21.86 -11.68
CA THR B 342 42.02 21.53 -10.27
C THR B 342 42.53 20.12 -9.97
N LEU B 343 42.33 19.18 -10.89
CA LEU B 343 42.85 17.84 -10.71
C LEU B 343 44.36 17.81 -10.74
N ARG B 344 44.99 18.73 -11.48
CA ARG B 344 46.44 18.80 -11.46
C ARG B 344 46.95 19.24 -10.09
N LEU B 345 46.39 20.32 -9.55
CA LEU B 345 46.80 20.79 -8.24
C LEU B 345 46.44 19.80 -7.14
N PHE B 346 45.30 19.11 -7.29
CA PHE B 346 44.78 18.22 -6.24
C PHE B 346 44.35 16.89 -6.86
N PRO B 347 45.30 16.02 -7.18
CA PRO B 347 44.92 14.65 -7.58
C PRO B 347 44.62 13.81 -6.35
N VAL B 348 43.33 13.56 -6.08
CA VAL B 348 42.92 13.02 -4.79
C VAL B 348 43.45 11.63 -4.52
N ALA B 349 43.91 10.91 -5.55
CA ALA B 349 44.57 9.63 -5.34
C ALA B 349 46.07 9.75 -5.14
N ILE B 350 46.63 10.96 -5.23
CA ILE B 350 48.02 11.26 -4.89
C ILE B 350 49.02 10.57 -5.82
N ARG B 351 48.94 9.24 -5.92
CA ARG B 351 49.95 8.49 -6.65
C ARG B 351 49.31 7.31 -7.37
N LEU B 352 50.12 6.61 -8.16
CA LEU B 352 49.73 5.37 -8.83
C LEU B 352 50.67 4.26 -8.39
N GLU B 353 50.12 3.08 -8.15
CA GLU B 353 50.88 1.96 -7.62
C GLU B 353 50.64 0.71 -8.45
N ARG B 354 51.72 -0.03 -8.72
CA ARG B 354 51.65 -1.33 -9.38
C ARG B 354 52.56 -2.29 -8.65
N THR B 355 52.38 -3.59 -8.92
CA THR B 355 53.16 -4.64 -8.31
C THR B 355 53.70 -5.58 -9.38
N CYS B 356 54.98 -5.93 -9.26
CA CYS B 356 55.61 -6.90 -10.15
C CYS B 356 55.15 -8.30 -9.78
N LYS B 357 54.37 -8.93 -10.64
CA LYS B 357 53.96 -10.30 -10.39
C LYS B 357 55.07 -11.30 -10.69
N LYS B 358 56.21 -10.85 -11.20
CA LYS B 358 57.39 -11.68 -11.38
C LYS B 358 58.60 -10.77 -11.46
N ASP B 359 59.78 -11.37 -11.37
CA ASP B 359 61.02 -10.60 -11.50
C ASP B 359 61.03 -9.87 -12.84
N VAL B 360 61.47 -8.62 -12.81
CA VAL B 360 61.39 -7.75 -13.98
C VAL B 360 62.53 -6.73 -13.91
N GLU B 361 63.12 -6.45 -15.07
CA GLU B 361 64.12 -5.40 -15.21
C GLU B 361 63.42 -4.11 -15.64
N ILE B 362 63.42 -3.12 -14.75
CA ILE B 362 62.78 -1.84 -14.99
C ILE B 362 63.89 -0.81 -15.21
N ASN B 363 64.16 -0.49 -16.47
CA ASN B 363 65.16 0.51 -16.85
C ASN B 363 66.52 0.17 -16.23
N GLY B 364 66.97 -1.06 -16.46
CA GLY B 364 68.26 -1.49 -15.97
C GLY B 364 68.33 -1.72 -14.47
N VAL B 365 67.20 -1.99 -13.83
CA VAL B 365 67.16 -2.29 -12.40
C VAL B 365 66.37 -3.58 -12.21
N PHE B 366 67.03 -4.61 -11.67
CA PHE B 366 66.39 -5.89 -11.44
C PHE B 366 65.55 -5.83 -10.17
N ILE B 367 64.24 -5.83 -10.32
CA ILE B 367 63.30 -5.67 -9.22
C ILE B 367 62.73 -7.04 -8.87
N PRO B 368 62.72 -7.43 -7.59
CA PRO B 368 62.19 -8.74 -7.23
C PRO B 368 60.68 -8.83 -7.44
N LYS B 369 60.21 -10.06 -7.60
CA LYS B 369 58.78 -10.32 -7.70
C LYS B 369 58.07 -9.85 -6.43
N GLY B 370 56.89 -9.25 -6.62
CA GLY B 370 56.11 -8.76 -5.50
C GLY B 370 56.41 -7.34 -5.08
N SER B 371 57.51 -6.76 -5.54
CA SER B 371 57.82 -5.38 -5.21
C SER B 371 56.83 -4.43 -5.87
N MET B 372 56.66 -3.26 -5.25
CA MET B 372 55.69 -2.28 -5.71
C MET B 372 56.39 -1.14 -6.45
N VAL B 373 55.76 -0.70 -7.53
CA VAL B 373 56.23 0.43 -8.32
C VAL B 373 55.25 1.58 -8.11
N VAL B 374 55.78 2.75 -7.74
CA VAL B 374 54.97 3.93 -7.45
C VAL B 374 55.25 4.99 -8.50
N ILE B 375 54.19 5.58 -9.03
CA ILE B 375 54.26 6.73 -9.93
C ILE B 375 53.75 7.94 -9.16
N PRO B 376 54.64 8.84 -8.71
CA PRO B 376 54.19 9.97 -7.87
C PRO B 376 53.41 11.00 -8.67
N THR B 377 52.09 10.77 -8.80
CA THR B 377 51.25 11.67 -9.58
C THR B 377 51.32 13.09 -9.07
N TYR B 378 51.14 13.28 -7.76
CA TYR B 378 51.14 14.62 -7.17
C TYR B 378 52.47 15.32 -7.43
N ALA B 379 53.59 14.63 -7.17
CA ALA B 379 54.89 15.27 -7.32
C ALA B 379 55.15 15.68 -8.76
N LEU B 380 54.75 14.84 -9.72
CA LEU B 380 54.94 15.20 -11.12
C LEU B 380 54.00 16.31 -11.56
N HIS B 381 52.87 16.48 -10.89
CA HIS B 381 51.94 17.56 -11.25
C HIS B 381 52.47 18.92 -10.82
N HIS B 382 53.26 18.96 -9.74
CA HIS B 382 53.80 20.20 -9.21
C HIS B 382 55.26 20.41 -9.59
N ASP B 383 55.72 19.73 -10.64
CA ASP B 383 57.11 19.84 -11.07
C ASP B 383 57.30 21.07 -11.94
N PRO B 384 58.14 22.03 -11.55
CA PRO B 384 58.38 23.19 -12.41
C PRO B 384 58.97 22.84 -13.76
N LYS B 385 59.60 21.67 -13.89
CA LYS B 385 60.20 21.28 -15.16
C LYS B 385 59.15 21.11 -16.25
N TYR B 386 57.97 20.62 -15.88
CA TYR B 386 56.88 20.41 -16.82
C TYR B 386 55.83 21.51 -16.79
N TRP B 387 55.59 22.11 -15.63
CA TRP B 387 54.54 23.12 -15.47
C TRP B 387 55.16 24.41 -14.94
N THR B 388 55.17 25.45 -15.77
CA THR B 388 55.59 26.76 -15.30
C THR B 388 54.68 27.22 -14.17
N GLU B 389 55.27 27.87 -13.15
CA GLU B 389 54.62 28.27 -11.90
C GLU B 389 53.64 27.20 -11.45
N PRO B 390 54.13 26.06 -10.98
CA PRO B 390 53.25 24.89 -10.79
C PRO B 390 52.26 25.03 -9.65
N GLU B 391 52.47 25.94 -8.72
CA GLU B 391 51.54 26.13 -7.62
C GLU B 391 50.45 27.14 -7.93
N GLU B 392 50.40 27.65 -9.15
CA GLU B 392 49.40 28.63 -9.55
C GLU B 392 48.27 27.96 -10.31
N PHE B 393 47.05 28.43 -10.06
CA PHE B 393 45.85 27.90 -10.72
C PHE B 393 45.69 28.59 -12.07
N ARG B 394 46.20 27.94 -13.13
CA ARG B 394 46.21 28.51 -14.48
C ARG B 394 45.48 27.55 -15.41
N PRO B 395 44.15 27.69 -15.54
CA PRO B 395 43.41 26.78 -16.44
C PRO B 395 43.86 26.84 -17.90
N GLU B 396 44.65 27.85 -18.27
CA GLU B 396 45.14 27.96 -19.63
C GLU B 396 46.16 26.89 -20.00
N ARG B 397 46.70 26.16 -19.00
CA ARG B 397 47.67 25.11 -19.31
C ARG B 397 47.10 24.06 -20.24
N PHE B 398 45.80 23.78 -20.11
CA PHE B 398 45.13 22.75 -20.89
C PHE B 398 44.40 23.32 -22.09
N SER B 399 44.81 24.50 -22.57
CA SER B 399 44.23 25.06 -23.77
C SER B 399 44.59 24.19 -24.97
N LYS B 400 43.58 23.85 -25.79
CA LYS B 400 43.80 22.99 -26.94
C LYS B 400 44.67 23.64 -28.01
N LYS B 401 44.96 24.93 -27.89
CA LYS B 401 45.83 25.61 -28.84
C LYS B 401 47.30 25.41 -28.53
N LYS B 402 47.63 24.85 -27.36
CA LYS B 402 49.01 24.59 -26.99
C LYS B 402 49.37 23.14 -27.32
N ASP B 403 50.57 22.72 -26.94
CA ASP B 403 50.98 21.34 -27.15
C ASP B 403 50.25 20.41 -26.19
N SER B 404 50.11 19.15 -26.61
CA SER B 404 49.38 18.18 -25.83
C SER B 404 50.06 17.94 -24.48
N ILE B 405 49.29 17.44 -23.53
CA ILE B 405 49.78 17.16 -22.18
C ILE B 405 50.28 15.73 -22.14
N ASP B 406 51.50 15.54 -21.62
CA ASP B 406 52.12 14.23 -21.51
C ASP B 406 51.24 13.32 -20.65
N PRO B 407 50.64 12.27 -21.23
CA PRO B 407 49.70 11.45 -20.47
C PRO B 407 50.32 10.71 -19.30
N TYR B 408 51.65 10.54 -19.30
CA TYR B 408 52.34 9.87 -18.20
C TYR B 408 52.84 10.84 -17.15
N ILE B 409 52.86 12.13 -17.43
CA ILE B 409 53.14 13.15 -16.42
C ILE B 409 51.87 13.57 -15.69
N TYR B 410 50.81 13.84 -16.44
CA TYR B 410 49.51 14.21 -15.89
C TYR B 410 48.66 12.95 -15.79
N THR B 411 48.52 12.41 -14.58
CA THR B 411 47.86 11.13 -14.35
C THR B 411 46.88 11.22 -13.19
N PRO B 412 45.88 12.11 -13.28
CA PRO B 412 44.91 12.20 -12.17
C PRO B 412 43.98 11.01 -12.12
N PHE B 413 43.69 10.38 -13.25
CA PHE B 413 42.88 9.17 -13.31
C PHE B 413 43.72 7.94 -13.68
N GLY B 414 45.04 8.08 -13.73
CA GLY B 414 45.87 6.99 -14.18
C GLY B 414 45.91 6.91 -15.69
N THR B 415 46.56 5.85 -16.18
CA THR B 415 46.76 5.63 -17.60
C THR B 415 46.93 4.14 -17.85
N GLY B 416 46.38 3.66 -18.96
CA GLY B 416 46.58 2.29 -19.36
C GLY B 416 45.34 1.43 -19.14
N PRO B 417 45.50 0.11 -19.33
CA PRO B 417 44.34 -0.79 -19.19
C PRO B 417 43.74 -0.78 -17.79
N ARG B 418 44.45 -0.29 -16.78
CA ARG B 418 43.90 -0.23 -15.43
C ARG B 418 43.87 1.20 -14.91
N ASN B 419 43.30 2.11 -15.67
CA ASN B 419 43.07 3.47 -15.21
C ASN B 419 41.75 3.51 -14.45
N CYS B 420 41.28 4.71 -14.12
CA CYS B 420 40.02 4.84 -13.42
C CYS B 420 38.87 4.48 -14.35
N ILE B 421 38.09 3.46 -13.97
CA ILE B 421 36.99 3.01 -14.81
C ILE B 421 35.81 3.98 -14.76
N GLY B 422 35.72 4.81 -13.72
CA GLY B 422 34.63 5.76 -13.61
C GLY B 422 35.05 7.18 -13.93
N MET B 423 36.11 7.32 -14.72
CA MET B 423 36.68 8.62 -15.02
C MET B 423 35.67 9.53 -15.72
N ARG B 424 35.11 9.05 -16.83
CA ARG B 424 34.16 9.88 -17.59
C ARG B 424 32.91 10.17 -16.78
N PHE B 425 32.43 9.19 -16.01
CA PHE B 425 31.25 9.43 -15.17
C PHE B 425 31.56 10.43 -14.07
N ALA B 426 32.76 10.35 -13.47
CA ALA B 426 33.13 11.31 -12.44
C ALA B 426 33.24 12.71 -13.01
N LEU B 427 33.91 12.84 -14.16
CA LEU B 427 34.05 14.14 -14.79
C LEU B 427 32.70 14.72 -15.16
N MET B 428 31.76 13.86 -15.57
CA MET B 428 30.41 14.33 -15.89
C MET B 428 29.65 14.71 -14.63
N ASN B 429 29.81 13.92 -13.56
CA ASN B 429 29.12 14.21 -12.31
C ASN B 429 29.57 15.55 -11.72
N MET B 430 30.82 15.93 -11.94
CA MET B 430 31.32 17.19 -11.42
C MET B 430 30.95 18.37 -12.32
N LYS B 431 31.01 18.16 -13.64
CA LYS B 431 30.68 19.25 -14.55
C LYS B 431 29.21 19.66 -14.42
N LEU B 432 28.32 18.68 -14.22
CA LEU B 432 26.91 19.01 -14.04
C LEU B 432 26.65 19.72 -12.72
N ALA B 433 27.42 19.39 -11.68
CA ALA B 433 27.30 20.11 -10.42
C ALA B 433 27.80 21.54 -10.57
N LEU B 434 29.00 21.71 -11.16
CA LEU B 434 29.57 23.04 -11.32
C LEU B 434 28.69 23.93 -12.20
N ILE B 435 28.07 23.34 -13.23
CA ILE B 435 27.22 24.12 -14.12
C ILE B 435 25.99 24.63 -13.39
N ARG B 436 25.35 23.77 -12.61
CA ARG B 436 24.11 24.18 -11.94
C ARG B 436 24.38 25.17 -10.81
N VAL B 437 25.53 25.07 -10.13
CA VAL B 437 25.80 25.98 -9.03
C VAL B 437 26.29 27.34 -9.54
N LEU B 438 27.02 27.36 -10.65
CA LEU B 438 27.50 28.62 -11.20
C LEU B 438 26.45 29.36 -12.02
N GLN B 439 25.37 28.68 -12.41
CA GLN B 439 24.27 29.37 -13.08
C GLN B 439 23.45 30.19 -12.11
N ASN B 440 23.44 29.81 -10.83
CA ASN B 440 22.62 30.44 -9.82
C ASN B 440 23.40 31.24 -8.78
N PHE B 441 24.63 30.83 -8.46
CA PHE B 441 25.38 31.42 -7.37
C PHE B 441 26.78 31.80 -7.82
N SER B 442 27.39 32.70 -7.05
CA SER B 442 28.78 33.07 -7.22
C SER B 442 29.50 32.90 -5.89
N PHE B 443 30.81 32.61 -5.95
CA PHE B 443 31.58 32.23 -4.79
C PHE B 443 32.74 33.19 -4.58
N LYS B 444 33.02 33.50 -3.32
CA LYS B 444 34.08 34.42 -2.93
C LYS B 444 34.53 34.06 -1.53
N PRO B 445 35.78 34.31 -1.19
CA PRO B 445 36.28 33.98 0.16
C PRO B 445 35.77 34.95 1.21
N CYS B 446 35.97 34.57 2.46
CA CYS B 446 35.61 35.41 3.60
C CYS B 446 36.69 35.23 4.66
N LYS B 447 36.40 35.67 5.89
CA LYS B 447 37.42 35.65 6.94
C LYS B 447 37.81 34.22 7.30
N GLU B 448 36.85 33.30 7.33
CA GLU B 448 37.12 31.93 7.76
C GLU B 448 37.69 31.05 6.66
N THR B 449 37.95 31.59 5.47
CA THR B 449 38.47 30.81 4.35
C THR B 449 40.00 30.77 4.45
N GLN B 450 40.55 29.58 4.67
CA GLN B 450 42.00 29.42 4.76
C GLN B 450 42.64 29.70 3.41
N ILE B 451 43.44 30.77 3.35
CA ILE B 451 44.14 31.15 2.14
C ILE B 451 45.60 31.43 2.50
N PRO B 452 46.58 30.75 1.91
CA PRO B 452 46.42 29.67 0.93
C PRO B 452 45.90 28.38 1.54
N LEU B 453 45.31 27.52 0.72
CA LEU B 453 44.79 26.24 1.21
C LEU B 453 45.94 25.34 1.61
N LYS B 454 45.72 24.56 2.67
CA LYS B 454 46.71 23.61 3.17
C LYS B 454 46.10 22.22 3.15
N LEU B 455 46.83 21.26 2.60
CA LEU B 455 46.35 19.89 2.53
C LEU B 455 46.59 19.17 3.85
N ASP B 456 45.63 18.31 4.23
CA ASP B 456 45.78 17.47 5.41
C ASP B 456 46.71 16.30 5.09
N THR B 457 46.88 15.41 6.06
CA THR B 457 47.73 14.24 5.86
C THR B 457 46.95 13.03 5.36
N GLN B 458 45.67 13.18 5.06
CA GLN B 458 44.84 12.05 4.70
C GLN B 458 45.27 11.47 3.36
N GLY B 459 45.01 10.17 3.18
CA GLY B 459 45.43 9.49 1.96
C GLY B 459 44.57 9.79 0.76
N LEU B 460 43.38 10.35 0.98
CA LEU B 460 42.54 10.89 -0.08
C LEU B 460 42.48 12.39 0.14
N LEU B 461 43.03 13.16 -0.82
CA LEU B 461 43.36 14.56 -0.60
C LEU B 461 42.19 15.35 -0.03
N GLN B 462 42.44 15.98 1.12
CA GLN B 462 41.45 16.73 1.86
C GLN B 462 42.12 17.96 2.45
N PRO B 463 41.42 19.09 2.55
CA PRO B 463 42.02 20.28 3.15
C PRO B 463 42.34 20.07 4.63
N GLU B 464 43.28 20.88 5.12
CA GLU B 464 43.60 20.84 6.55
C GLU B 464 42.45 21.36 7.39
N LYS B 465 41.82 22.45 6.95
CA LYS B 465 40.61 22.98 7.55
C LYS B 465 39.51 22.99 6.50
N PRO B 466 38.26 22.73 6.90
CA PRO B 466 37.17 22.67 5.92
C PRO B 466 37.02 23.98 5.14
N ILE B 467 36.72 23.84 3.85
CA ILE B 467 36.57 24.96 2.94
C ILE B 467 35.21 25.60 3.17
N VAL B 468 35.19 26.83 3.70
CA VAL B 468 33.97 27.61 3.84
C VAL B 468 34.08 28.81 2.91
N LEU B 469 32.98 29.13 2.24
CA LEU B 469 32.97 30.21 1.25
C LEU B 469 31.71 31.04 1.41
N LYS B 470 31.81 32.30 0.99
CA LYS B 470 30.66 33.20 0.93
C LYS B 470 29.91 32.94 -0.37
N VAL B 471 28.65 32.56 -0.26
CA VAL B 471 27.84 32.15 -1.42
C VAL B 471 26.70 33.15 -1.56
N ASP B 472 26.75 33.95 -2.62
CA ASP B 472 25.68 34.88 -2.97
C ASP B 472 24.98 34.38 -4.23
N SER B 473 23.68 34.66 -4.31
CA SER B 473 22.91 34.31 -5.49
C SER B 473 23.01 35.43 -6.53
N ARG B 474 22.88 35.05 -7.79
CA ARG B 474 22.96 36.00 -8.90
C ARG B 474 21.62 36.66 -9.21
N ASP B 475 20.69 36.67 -8.25
CA ASP B 475 19.38 37.29 -8.44
C ASP B 475 19.03 38.18 -7.25
N THR C 6 49.84 -34.20 25.45
CA THR C 6 49.87 -35.44 26.22
C THR C 6 50.81 -35.32 27.41
N ARG C 7 51.24 -34.09 27.72
CA ARG C 7 52.17 -33.89 28.82
C ARG C 7 51.51 -34.14 30.17
N THR C 8 50.21 -33.90 30.29
CA THR C 8 49.50 -34.07 31.55
C THR C 8 48.42 -35.15 31.49
N HIS C 9 48.37 -35.93 30.41
CA HIS C 9 47.30 -36.91 30.23
C HIS C 9 47.47 -38.14 31.09
N GLY C 10 48.50 -38.20 31.94
CA GLY C 10 48.64 -39.23 32.94
C GLY C 10 48.39 -38.78 34.37
N LEU C 11 47.88 -37.57 34.58
CA LEU C 11 47.71 -37.06 35.93
C LEU C 11 46.69 -37.88 36.71
N PHE C 12 45.46 -37.97 36.20
CA PHE C 12 44.42 -38.67 36.94
C PHE C 12 44.72 -40.16 37.06
N LYS C 13 45.41 -40.74 36.06
CA LYS C 13 45.85 -42.12 36.17
C LYS C 13 46.78 -42.30 37.37
N ARG C 14 47.74 -41.39 37.53
CA ARG C 14 48.64 -41.48 38.67
C ARG C 14 47.93 -41.18 39.99
N LEU C 15 46.93 -40.30 39.96
CA LEU C 15 46.21 -39.95 41.19
C LEU C 15 45.23 -41.04 41.62
N GLY C 16 44.81 -41.90 40.69
CA GLY C 16 43.80 -42.88 40.99
C GLY C 16 42.39 -42.45 40.69
N ILE C 17 42.20 -41.45 39.84
CA ILE C 17 40.88 -40.95 39.49
C ILE C 17 40.46 -41.60 38.17
N PRO C 18 39.32 -42.29 38.12
CA PRO C 18 38.85 -42.85 36.84
C PRO C 18 38.40 -41.74 35.89
N GLY C 19 38.24 -42.12 34.63
CA GLY C 19 37.80 -41.20 33.60
C GLY C 19 38.09 -41.72 32.21
N PRO C 20 37.44 -41.12 31.21
CA PRO C 20 37.64 -41.57 29.84
C PRO C 20 39.05 -41.27 29.34
N THR C 21 39.52 -42.13 28.46
CA THR C 21 40.86 -41.99 27.89
C THR C 21 40.91 -40.75 27.01
N PRO C 22 41.81 -39.80 27.27
CA PRO C 22 41.89 -38.60 26.43
C PRO C 22 42.56 -38.91 25.11
N LEU C 23 42.47 -37.94 24.21
CA LEU C 23 43.18 -37.98 22.95
C LEU C 23 44.27 -36.91 22.95
N PRO C 24 45.35 -37.12 22.18
CA PRO C 24 46.39 -36.09 22.10
C PRO C 24 45.82 -34.78 21.57
N LEU C 25 46.30 -33.67 22.14
CA LEU C 25 45.91 -32.32 21.76
C LEU C 25 44.46 -32.02 22.13
N LEU C 26 43.53 -32.90 21.77
CA LEU C 26 42.11 -32.62 21.97
C LEU C 26 41.67 -32.85 23.40
N GLY C 27 42.20 -33.88 24.05
CA GLY C 27 41.66 -34.28 25.35
C GLY C 27 40.39 -35.07 25.15
N ASN C 28 39.35 -34.72 25.91
CA ASN C 28 38.05 -35.38 25.81
C ASN C 28 37.01 -34.49 25.15
N VAL C 29 37.45 -33.44 24.45
CA VAL C 29 36.51 -32.45 23.93
C VAL C 29 35.59 -33.06 22.87
N LEU C 30 36.08 -34.04 22.11
CA LEU C 30 35.23 -34.67 21.11
C LEU C 30 33.97 -35.28 21.72
N SER C 31 34.07 -35.75 22.96
CA SER C 31 32.91 -36.31 23.64
C SER C 31 31.88 -35.26 24.01
N TYR C 32 32.22 -33.97 23.90
CA TYR C 32 31.27 -32.90 24.13
C TYR C 32 30.29 -32.71 22.97
N ARG C 33 30.53 -33.37 21.83
CA ARG C 33 29.63 -33.21 20.69
C ARG C 33 28.20 -33.64 21.02
N GLN C 34 28.04 -34.60 21.93
CA GLN C 34 26.73 -35.07 22.32
C GLN C 34 26.06 -34.14 23.34
N GLY C 35 26.75 -33.11 23.81
CA GLY C 35 26.21 -32.20 24.80
C GLY C 35 26.84 -32.45 26.16
N LEU C 36 27.09 -31.37 26.89
CA LEU C 36 27.71 -31.51 28.20
C LEU C 36 26.78 -32.20 29.20
N TRP C 37 25.47 -31.96 29.08
CA TRP C 37 24.52 -32.63 29.96
C TRP C 37 24.57 -34.14 29.77
N LYS C 38 24.73 -34.60 28.53
CA LYS C 38 24.79 -36.03 28.27
C LYS C 38 26.15 -36.61 28.64
N PHE C 39 27.22 -35.86 28.37
CA PHE C 39 28.55 -36.35 28.73
C PHE C 39 28.74 -36.47 30.24
N ASP C 40 28.07 -35.61 31.01
CA ASP C 40 28.23 -35.65 32.46
C ASP C 40 27.48 -36.82 33.08
N THR C 41 26.22 -37.05 32.70
CA THR C 41 25.47 -38.14 33.29
C THR C 41 26.07 -39.49 32.92
N GLU C 42 26.50 -39.65 31.67
CA GLU C 42 27.11 -40.91 31.27
C GLU C 42 28.40 -41.18 32.04
N CYS C 43 29.22 -40.14 32.23
CA CYS C 43 30.41 -40.30 33.06
C CYS C 43 30.05 -40.58 34.51
N TYR C 44 28.93 -40.03 35.00
CA TYR C 44 28.52 -40.29 36.37
C TYR C 44 28.18 -41.76 36.57
N LYS C 45 27.39 -42.33 35.67
CA LYS C 45 27.00 -43.74 35.80
C LYS C 45 28.20 -44.65 35.66
N LYS C 46 29.13 -44.32 34.74
CA LYS C 46 30.20 -45.25 34.41
C LYS C 46 31.33 -45.20 35.44
N TYR C 47 31.70 -44.02 35.92
CA TYR C 47 32.88 -43.87 36.75
C TYR C 47 32.58 -43.56 38.22
N GLY C 48 31.36 -43.17 38.55
CA GLY C 48 31.01 -43.02 39.94
C GLY C 48 31.06 -41.62 40.49
N LYS C 49 31.39 -41.49 41.78
CA LYS C 49 31.29 -40.23 42.51
C LYS C 49 32.21 -39.15 41.97
N MET C 50 33.18 -39.49 41.14
CA MET C 50 34.22 -38.54 40.78
C MET C 50 35.05 -39.04 39.61
N TRP C 51 35.06 -38.30 38.51
CA TRP C 51 35.80 -38.68 37.33
C TRP C 51 36.64 -37.50 36.85
N GLY C 52 37.63 -37.81 36.02
CA GLY C 52 38.53 -36.79 35.51
C GLY C 52 38.67 -36.81 34.01
N THR C 53 38.53 -35.65 33.38
CA THR C 53 38.64 -35.50 31.94
C THR C 53 39.67 -34.42 31.62
N TYR C 54 39.91 -34.21 30.33
CA TYR C 54 40.88 -33.23 29.85
C TYR C 54 40.26 -32.38 28.76
N GLU C 55 40.26 -31.07 28.94
CA GLU C 55 39.95 -30.12 27.88
C GLU C 55 41.30 -29.68 27.33
N GLY C 56 41.71 -30.29 26.21
CA GLY C 56 43.07 -30.13 25.74
C GLY C 56 44.05 -30.76 26.69
N GLN C 57 44.86 -29.93 27.37
CA GLN C 57 45.78 -30.40 28.40
C GLN C 57 45.32 -30.00 29.80
N LEU C 58 44.12 -29.41 29.92
CA LEU C 58 43.64 -28.90 31.19
C LEU C 58 42.99 -30.03 31.99
N PRO C 59 43.49 -30.34 33.19
CA PRO C 59 42.84 -31.37 34.01
C PRO C 59 41.51 -30.86 34.57
N VAL C 60 40.45 -31.65 34.37
CA VAL C 60 39.11 -31.30 34.79
C VAL C 60 38.59 -32.42 35.69
N LEU C 61 38.35 -32.10 36.97
CA LEU C 61 37.93 -33.07 37.96
C LEU C 61 36.48 -32.78 38.36
N ALA C 62 35.59 -33.72 38.06
CA ALA C 62 34.19 -33.59 38.44
C ALA C 62 33.96 -34.18 39.83
N ILE C 63 33.09 -33.54 40.61
CA ILE C 63 32.82 -33.96 41.98
C ILE C 63 31.31 -34.01 42.19
N THR C 64 30.88 -34.98 43.01
CA THR C 64 29.48 -35.13 43.37
C THR C 64 29.23 -35.16 44.87
N ASP C 65 30.22 -35.50 45.69
CA ASP C 65 30.14 -35.43 47.14
C ASP C 65 29.68 -34.04 47.55
N PRO C 66 28.48 -33.90 48.13
CA PRO C 66 27.97 -32.55 48.45
C PRO C 66 28.82 -31.78 49.44
N ASP C 67 29.76 -32.41 50.13
CA ASP C 67 30.62 -31.68 51.06
C ASP C 67 31.91 -31.20 50.39
N VAL C 68 32.45 -31.97 49.45
CA VAL C 68 33.51 -31.44 48.61
C VAL C 68 32.98 -30.29 47.76
N ILE C 69 31.70 -30.35 47.40
CA ILE C 69 31.07 -29.26 46.66
C ILE C 69 30.92 -28.03 47.56
N ARG C 70 30.56 -28.24 48.83
CA ARG C 70 30.46 -27.12 49.76
C ARG C 70 31.82 -26.44 49.96
N THR C 71 32.89 -27.23 50.00
CA THR C 71 34.22 -26.66 50.21
C THR C 71 34.69 -25.89 48.99
N VAL C 72 34.32 -26.34 47.78
CA VAL C 72 34.74 -25.66 46.56
C VAL C 72 33.92 -24.40 46.33
N LEU C 73 32.64 -24.42 46.68
CA LEU C 73 31.76 -23.32 46.36
C LEU C 73 31.57 -22.31 47.49
N VAL C 74 31.86 -22.68 48.74
CA VAL C 74 31.58 -21.78 49.85
C VAL C 74 32.79 -21.61 50.76
N LYS C 75 33.24 -22.71 51.36
CA LYS C 75 34.25 -22.63 52.41
C LYS C 75 35.57 -22.06 51.88
N GLU C 76 35.99 -22.47 50.69
CA GLU C 76 37.26 -22.06 50.11
C GLU C 76 37.06 -21.23 48.84
N CYS C 77 35.99 -20.43 48.79
CA CYS C 77 35.71 -19.66 47.59
C CYS C 77 36.72 -18.53 47.40
N TYR C 78 36.80 -17.62 48.36
CA TYR C 78 37.72 -16.50 48.24
C TYR C 78 39.18 -16.96 48.20
N SER C 79 39.47 -18.10 48.82
CA SER C 79 40.85 -18.54 49.00
C SER C 79 41.39 -19.31 47.80
N VAL C 80 40.70 -20.37 47.37
CA VAL C 80 41.23 -21.30 46.38
C VAL C 80 40.40 -21.32 45.11
N PHE C 81 39.07 -21.34 45.22
CA PHE C 81 38.19 -21.51 44.07
C PHE C 81 37.37 -20.24 43.84
N THR C 82 38.04 -19.20 43.35
CA THR C 82 37.43 -17.90 43.18
C THR C 82 36.97 -17.62 41.76
N ASN C 83 37.68 -18.12 40.75
CA ASN C 83 37.40 -17.82 39.36
C ASN C 83 36.97 -19.08 38.63
N ARG C 84 36.05 -18.93 37.68
CA ARG C 84 35.56 -20.04 36.87
C ARG C 84 36.08 -19.88 35.45
N ARG C 85 37.01 -20.74 35.06
CA ARG C 85 37.52 -20.85 33.70
C ARG C 85 38.42 -19.67 33.35
N SER C 86 39.46 -19.92 32.55
CA SER C 86 40.47 -18.90 32.28
C SER C 86 39.93 -17.83 31.33
N LEU C 87 40.42 -16.61 31.52
CA LEU C 87 39.98 -15.48 30.71
C LEU C 87 40.40 -15.68 29.25
N GLY C 88 39.50 -15.32 28.34
CA GLY C 88 39.77 -15.40 26.92
C GLY C 88 39.86 -14.03 26.28
N PRO C 89 39.96 -14.00 24.96
CA PRO C 89 40.00 -12.70 24.27
C PRO C 89 38.63 -12.04 24.26
N VAL C 90 38.50 -10.92 24.98
CA VAL C 90 37.19 -10.31 25.19
C VAL C 90 37.26 -8.80 25.04
N GLY C 91 38.46 -8.26 24.93
CA GLY C 91 38.58 -6.81 24.83
C GLY C 91 38.26 -6.15 26.15
N PHE C 92 37.45 -5.09 26.10
CA PHE C 92 37.08 -4.37 27.31
C PHE C 92 36.01 -5.10 28.13
N MET C 93 35.31 -6.08 27.55
CA MET C 93 34.36 -6.85 28.33
C MET C 93 35.03 -7.64 29.46
N LYS C 94 36.36 -7.57 29.60
CA LYS C 94 37.04 -8.20 30.75
C LYS C 94 36.59 -7.63 32.08
N SER C 95 35.92 -6.48 32.07
CA SER C 95 35.42 -5.90 33.30
C SER C 95 34.10 -6.50 33.75
N ALA C 96 33.44 -7.29 32.88
CA ALA C 96 32.16 -7.87 33.24
C ALA C 96 32.30 -8.75 34.48
N ILE C 97 31.22 -8.81 35.26
CA ILE C 97 31.27 -9.55 36.53
C ILE C 97 31.53 -11.03 36.28
N SER C 98 31.05 -11.56 35.14
CA SER C 98 31.24 -12.97 34.84
C SER C 98 32.66 -13.30 34.40
N LEU C 99 33.51 -12.29 34.18
CA LEU C 99 34.89 -12.52 33.76
C LEU C 99 35.92 -11.96 34.74
N ALA C 100 35.52 -11.08 35.66
CA ALA C 100 36.47 -10.51 36.60
C ALA C 100 36.99 -11.60 37.53
N GLU C 101 38.25 -11.44 37.96
CA GLU C 101 38.92 -12.45 38.77
C GLU C 101 39.47 -11.84 40.04
N ASP C 102 39.51 -12.65 41.10
CA ASP C 102 40.24 -12.37 42.34
C ASP C 102 39.73 -11.06 42.93
N GLU C 103 40.61 -10.13 43.34
CA GLU C 103 40.18 -8.91 44.02
C GLU C 103 39.35 -8.01 43.11
N GLU C 104 39.48 -8.15 41.79
CA GLU C 104 38.65 -7.36 40.89
C GLU C 104 37.21 -7.87 40.89
N TRP C 105 37.02 -9.20 40.90
CA TRP C 105 35.67 -9.75 40.96
C TRP C 105 34.98 -9.39 42.27
N LYS C 106 35.72 -9.45 43.38
CA LYS C 106 35.14 -9.10 44.68
C LYS C 106 34.61 -7.67 44.68
N ARG C 107 35.32 -6.76 44.01
CA ARG C 107 34.86 -5.37 43.96
C ARG C 107 33.62 -5.24 43.09
N ILE C 108 33.70 -5.72 41.84
CA ILE C 108 32.57 -5.61 40.93
C ILE C 108 31.34 -6.28 41.52
N ARG C 109 31.53 -7.37 42.25
CA ARG C 109 30.42 -8.04 42.91
C ARG C 109 29.83 -7.17 44.01
N SER C 110 30.68 -6.57 44.84
CA SER C 110 30.19 -5.74 45.93
C SER C 110 29.53 -4.46 45.41
N LEU C 111 30.00 -3.93 44.29
CA LEU C 111 29.41 -2.72 43.72
C LEU C 111 28.06 -2.98 43.07
N LEU C 112 27.79 -4.21 42.65
CA LEU C 112 26.53 -4.56 42.00
C LEU C 112 25.56 -5.30 42.91
N SER C 113 25.98 -5.67 44.13
CA SER C 113 25.07 -6.34 45.04
C SER C 113 23.87 -5.49 45.44
N PRO C 114 24.00 -4.19 45.74
CA PRO C 114 22.80 -3.40 46.06
C PRO C 114 21.76 -3.36 44.95
N THR C 115 22.15 -3.68 43.71
CA THR C 115 21.19 -3.64 42.60
C THR C 115 20.22 -4.81 42.64
N PHE C 116 20.70 -6.01 43.02
CA PHE C 116 19.91 -7.22 42.94
C PHE C 116 19.45 -7.72 44.30
N THR C 117 19.20 -6.81 45.24
CA THR C 117 18.68 -7.21 46.53
C THR C 117 17.17 -7.45 46.45
N SER C 118 16.64 -8.12 47.46
CA SER C 118 15.20 -8.31 47.54
C SER C 118 14.49 -6.97 47.70
N GLY C 119 15.17 -5.96 48.24
CA GLY C 119 14.55 -4.65 48.39
C GLY C 119 14.44 -3.92 47.07
N LYS C 120 15.51 -3.91 46.28
CA LYS C 120 15.46 -3.25 44.99
C LYS C 120 14.57 -4.01 44.01
N LEU C 121 14.40 -5.32 44.20
CA LEU C 121 13.45 -6.06 43.39
C LEU C 121 12.02 -5.66 43.71
N LYS C 122 11.72 -5.51 45.00
CA LYS C 122 10.37 -5.11 45.40
C LYS C 122 10.01 -3.75 44.82
N GLU C 123 10.98 -2.84 44.73
CA GLU C 123 10.73 -1.54 44.13
C GLU C 123 10.47 -1.66 42.63
N MET C 124 11.21 -2.54 41.95
CA MET C 124 11.10 -2.70 40.51
C MET C 124 9.99 -3.66 40.11
N PHE C 125 9.18 -4.14 41.06
CA PHE C 125 8.10 -5.06 40.71
C PHE C 125 7.08 -4.48 39.74
N PRO C 126 6.60 -3.25 39.88
CA PRO C 126 5.62 -2.75 38.89
C PRO C 126 6.21 -2.61 37.50
N ILE C 127 7.50 -2.32 37.39
CA ILE C 127 8.14 -2.19 36.08
C ILE C 127 8.17 -3.53 35.37
N ILE C 128 8.49 -4.61 36.09
CA ILE C 128 8.51 -5.93 35.48
C ILE C 128 7.11 -6.37 35.10
N ALA C 129 6.11 -6.02 35.92
CA ALA C 129 4.77 -6.52 35.70
C ALA C 129 4.11 -5.88 34.49
N GLN C 130 4.45 -4.63 34.18
CA GLN C 130 3.84 -3.96 33.05
C GLN C 130 4.19 -4.61 31.72
N TYR C 131 5.23 -5.46 31.70
CA TYR C 131 5.57 -6.20 30.49
C TYR C 131 4.76 -7.48 30.33
N GLY C 132 4.04 -7.91 31.37
CA GLY C 132 3.08 -8.99 31.20
C GLY C 132 1.92 -8.59 30.32
N ASP C 133 1.61 -7.29 30.27
CA ASP C 133 0.52 -6.82 29.42
C ASP C 133 0.84 -7.04 27.95
N VAL C 134 2.05 -6.67 27.52
CA VAL C 134 2.46 -6.92 26.15
C VAL C 134 2.56 -8.42 25.89
N LEU C 135 2.87 -9.20 26.92
CA LEU C 135 2.99 -10.64 26.75
C LEU C 135 1.63 -11.29 26.52
N VAL C 136 0.61 -10.85 27.26
CA VAL C 136 -0.73 -11.40 27.08
C VAL C 136 -1.33 -10.94 25.75
N ARG C 137 -1.01 -9.72 25.33
CA ARG C 137 -1.53 -9.22 24.05
C ARG C 137 -0.86 -9.95 22.88
N ASN C 138 0.44 -10.18 22.96
CA ASN C 138 1.13 -10.92 21.91
C ASN C 138 0.69 -12.37 21.88
N LEU C 139 0.34 -12.94 23.04
CA LEU C 139 -0.13 -14.32 23.08
C LEU C 139 -1.59 -14.43 22.63
N ARG C 140 -2.37 -13.36 22.81
CA ARG C 140 -3.77 -13.38 22.38
C ARG C 140 -3.87 -13.48 20.86
N ARG C 141 -3.04 -12.71 20.15
CA ARG C 141 -3.13 -12.68 18.69
C ARG C 141 -2.74 -14.02 18.07
N GLU C 142 -1.84 -14.77 18.73
CA GLU C 142 -1.47 -16.09 18.23
C GLU C 142 -2.48 -17.16 18.63
N ALA C 143 -3.09 -17.02 19.81
CA ALA C 143 -4.09 -17.99 20.24
C ALA C 143 -5.36 -17.88 19.41
N GLU C 144 -5.74 -16.67 19.02
CA GLU C 144 -6.92 -16.47 18.18
C GLU C 144 -6.68 -16.88 16.74
N LYS C 145 -5.47 -17.31 16.37
CA LYS C 145 -5.22 -17.84 15.04
C LYS C 145 -5.75 -19.26 14.89
N GLY C 146 -5.84 -20.01 15.99
CA GLY C 146 -6.21 -21.40 15.93
C GLY C 146 -5.08 -22.34 15.57
N LYS C 147 -3.85 -21.85 15.50
CA LYS C 147 -2.68 -22.62 15.13
C LYS C 147 -1.77 -22.84 16.33
N PRO C 148 -0.86 -23.80 16.27
CA PRO C 148 0.09 -24.00 17.37
C PRO C 148 0.98 -22.77 17.55
N VAL C 149 1.27 -22.46 18.81
CA VAL C 149 2.09 -21.30 19.17
C VAL C 149 3.51 -21.77 19.44
N THR C 150 4.46 -21.21 18.70
CA THR C 150 5.87 -21.46 18.97
C THR C 150 6.29 -20.63 20.17
N LEU C 151 6.63 -21.29 21.28
CA LEU C 151 6.85 -20.57 22.53
C LEU C 151 8.07 -19.66 22.47
N LYS C 152 9.14 -20.11 21.78
CA LYS C 152 10.38 -19.33 21.77
C LYS C 152 10.19 -17.96 21.13
N ASP C 153 9.21 -17.82 20.24
CA ASP C 153 8.97 -16.52 19.63
C ASP C 153 8.28 -15.57 20.60
N ILE C 154 7.30 -16.08 21.36
CA ILE C 154 6.56 -15.24 22.28
C ILE C 154 7.42 -14.89 23.49
N PHE C 155 7.97 -15.92 24.15
CA PHE C 155 8.71 -15.71 25.39
C PHE C 155 10.16 -15.28 25.15
N GLY C 156 10.74 -15.59 23.99
CA GLY C 156 12.00 -14.96 23.64
C GLY C 156 11.84 -13.46 23.46
N ALA C 157 10.68 -13.04 22.93
CA ALA C 157 10.42 -11.61 22.81
C ALA C 157 10.09 -11.00 24.16
N TYR C 158 9.36 -11.72 25.01
CA TYR C 158 9.09 -11.22 26.36
C TYR C 158 10.38 -11.05 27.14
N SER C 159 11.23 -12.07 27.15
CA SER C 159 12.47 -12.01 27.93
C SER C 159 13.32 -10.82 27.53
N MET C 160 13.41 -10.53 26.24
CA MET C 160 14.18 -9.37 25.79
C MET C 160 13.55 -8.06 26.27
N ASP C 161 12.21 -7.99 26.24
CA ASP C 161 11.54 -6.76 26.64
C ASP C 161 11.77 -6.45 28.12
N VAL C 162 11.68 -7.47 28.98
CA VAL C 162 11.82 -7.24 30.41
C VAL C 162 13.25 -6.89 30.76
N ILE C 163 14.22 -7.64 30.21
CA ILE C 163 15.62 -7.42 30.56
C ILE C 163 16.10 -6.09 29.99
N THR C 164 15.48 -5.61 28.92
CA THR C 164 15.81 -4.29 28.38
C THR C 164 15.03 -3.19 29.07
N GLY C 165 13.80 -3.46 29.50
CA GLY C 165 13.03 -2.45 30.19
C GLY C 165 13.55 -2.18 31.59
N THR C 166 13.86 -3.24 32.34
CA THR C 166 14.43 -3.05 33.67
C THR C 166 15.82 -2.46 33.59
N SER C 167 16.55 -2.69 32.50
CA SER C 167 17.92 -2.22 32.41
C SER C 167 17.99 -0.80 31.90
N PHE C 168 17.12 -0.43 30.95
CA PHE C 168 17.23 0.84 30.25
C PHE C 168 15.97 1.70 30.31
N GLY C 169 14.85 1.18 30.82
CA GLY C 169 13.63 1.97 30.91
C GLY C 169 12.88 2.16 29.62
N VAL C 170 13.43 1.72 28.49
CA VAL C 170 12.75 1.80 27.20
C VAL C 170 11.92 0.54 27.02
N ASN C 171 10.68 0.72 26.54
CA ASN C 171 9.79 -0.40 26.24
C ASN C 171 9.90 -0.70 24.75
N ILE C 172 10.62 -1.76 24.43
CA ILE C 172 10.72 -2.26 23.07
C ILE C 172 9.62 -3.30 22.89
N ASP C 173 9.14 -3.45 21.66
CA ASP C 173 8.20 -4.51 21.31
C ASP C 173 8.96 -5.46 20.38
N SER C 174 9.64 -6.44 20.96
CA SER C 174 10.50 -7.32 20.18
C SER C 174 9.71 -8.05 19.10
N LEU C 175 8.57 -8.63 19.48
CA LEU C 175 7.79 -9.42 18.52
C LEU C 175 7.27 -8.56 17.38
N ASN C 176 6.93 -7.30 17.67
CA ASN C 176 6.32 -6.40 16.69
C ASN C 176 7.33 -5.45 16.05
N ASN C 177 8.58 -5.47 16.48
CA ASN C 177 9.64 -4.64 15.90
C ASN C 177 10.87 -5.49 15.65
N PRO C 178 10.82 -6.37 14.65
CA PRO C 178 11.99 -7.23 14.39
C PRO C 178 13.21 -6.44 13.91
N GLN C 179 13.01 -5.37 13.14
CA GLN C 179 14.12 -4.63 12.55
C GLN C 179 14.56 -3.44 13.38
N ASP C 180 14.08 -3.34 14.62
CA ASP C 180 14.65 -2.40 15.57
C ASP C 180 16.13 -2.71 15.75
N PRO C 181 17.02 -1.72 15.64
CA PRO C 181 18.45 -1.98 15.86
C PRO C 181 18.75 -2.65 17.20
N PHE C 182 18.00 -2.32 18.25
CA PHE C 182 18.20 -2.99 19.54
C PHE C 182 17.92 -4.48 19.42
N VAL C 183 16.89 -4.85 18.66
CA VAL C 183 16.48 -6.25 18.56
C VAL C 183 17.49 -7.04 17.74
N GLU C 184 17.87 -6.53 16.56
CA GLU C 184 18.76 -7.26 15.67
C GLU C 184 20.11 -7.52 16.32
N SER C 185 20.65 -6.52 17.03
CA SER C 185 21.93 -6.74 17.72
C SER C 185 21.78 -7.70 18.89
N THR C 186 20.70 -7.57 19.66
CA THR C 186 20.51 -8.42 20.84
C THR C 186 20.22 -9.86 20.44
N LYS C 187 19.48 -10.07 19.35
CA LYS C 187 19.16 -11.43 18.93
C LYS C 187 20.41 -12.22 18.54
N LYS C 188 21.53 -11.54 18.28
CA LYS C 188 22.78 -12.25 18.06
C LYS C 188 23.32 -12.89 19.34
N PHE C 189 22.77 -12.54 20.51
CA PHE C 189 23.12 -13.23 21.74
C PHE C 189 22.63 -14.67 21.75
N LEU C 190 21.70 -15.02 20.87
CA LEU C 190 21.44 -16.41 20.55
C LEU C 190 22.69 -16.95 19.84
N LYS C 191 22.60 -18.13 19.25
CA LYS C 191 23.76 -18.76 18.61
C LYS C 191 24.86 -19.05 19.64
N PHE C 192 24.92 -18.27 20.71
CA PHE C 192 25.68 -18.66 21.89
C PHE C 192 25.14 -19.99 22.41
N GLY C 193 26.01 -20.99 22.54
CA GLY C 193 25.62 -22.34 22.88
C GLY C 193 25.91 -23.32 21.76
N PHE C 194 25.92 -22.85 20.51
CA PHE C 194 26.33 -23.66 19.39
C PHE C 194 27.86 -23.73 19.32
N LEU C 195 28.36 -24.56 18.41
CA LEU C 195 29.80 -24.67 18.20
C LEU C 195 30.40 -23.31 17.90
N ASP C 196 31.47 -22.97 18.62
CA ASP C 196 32.15 -21.69 18.48
C ASP C 196 33.63 -21.96 18.23
N PRO C 197 34.07 -21.97 16.97
CA PRO C 197 35.47 -22.34 16.69
C PRO C 197 36.49 -21.46 17.41
N LEU C 198 36.23 -20.16 17.53
CA LEU C 198 37.17 -19.28 18.22
C LEU C 198 37.25 -19.62 19.70
N PHE C 199 36.08 -19.81 20.34
CA PHE C 199 36.10 -20.19 21.75
C PHE C 199 36.74 -21.56 21.95
N LEU C 200 36.45 -22.51 21.05
CA LEU C 200 37.06 -23.82 21.14
C LEU C 200 38.58 -23.74 21.02
N SER C 201 39.08 -22.83 20.19
CA SER C 201 40.52 -22.73 19.96
C SER C 201 41.26 -22.27 21.22
N ILE C 202 40.64 -21.40 22.02
CA ILE C 202 41.29 -20.99 23.27
C ILE C 202 41.05 -22.00 24.39
N ILE C 203 40.01 -22.83 24.28
CA ILE C 203 39.85 -23.94 25.21
C ILE C 203 40.99 -24.94 25.05
N LEU C 204 41.29 -25.30 23.79
CA LEU C 204 42.30 -26.30 23.50
C LEU C 204 43.72 -25.76 23.53
N PHE C 205 43.89 -24.45 23.30
CA PHE C 205 45.21 -23.82 23.24
C PHE C 205 45.13 -22.46 23.90
N PRO C 206 45.21 -22.41 25.23
CA PRO C 206 45.10 -21.12 25.93
C PRO C 206 46.15 -20.10 25.52
N PHE C 207 47.29 -20.53 24.98
CA PHE C 207 48.33 -19.59 24.57
C PHE C 207 47.91 -18.72 23.40
N LEU C 208 46.73 -18.95 22.82
CA LEU C 208 46.21 -18.09 21.77
C LEU C 208 45.45 -16.88 22.30
N THR C 209 44.98 -16.93 23.54
CA THR C 209 44.23 -15.80 24.12
C THR C 209 44.98 -14.48 24.03
N PRO C 210 46.25 -14.37 24.43
CA PRO C 210 46.95 -13.08 24.25
C PRO C 210 47.13 -12.71 22.80
N VAL C 211 47.27 -13.69 21.91
CA VAL C 211 47.44 -13.40 20.49
C VAL C 211 46.16 -12.86 19.90
N PHE C 212 45.01 -13.41 20.30
CA PHE C 212 43.74 -12.93 19.76
C PHE C 212 43.40 -11.54 20.28
N GLU C 213 43.79 -11.21 21.52
CA GLU C 213 43.57 -9.86 22.02
C GLU C 213 44.38 -8.84 21.22
N ALA C 214 45.62 -9.19 20.88
CA ALA C 214 46.45 -8.30 20.10
C ALA C 214 45.88 -8.05 18.71
N LEU C 215 45.05 -8.94 18.21
CA LEU C 215 44.39 -8.76 16.93
C LEU C 215 43.04 -8.05 17.05
N ASN C 216 42.69 -7.61 18.26
CA ASN C 216 41.41 -6.94 18.54
C ASN C 216 40.23 -7.75 18.00
N VAL C 217 40.24 -9.04 18.32
CA VAL C 217 39.13 -9.93 18.04
C VAL C 217 38.63 -10.51 19.36
N SER C 218 37.31 -10.68 19.48
CA SER C 218 36.69 -10.96 20.77
C SER C 218 35.77 -12.17 20.68
N LEU C 219 35.61 -12.85 21.82
CA LEU C 219 34.64 -13.93 21.90
C LEU C 219 33.21 -13.40 21.84
N PHE C 220 32.99 -12.14 22.18
CA PHE C 220 31.69 -11.52 22.08
C PHE C 220 31.47 -10.99 20.67
N PRO C 221 30.21 -10.84 20.24
CA PRO C 221 29.94 -10.21 18.95
C PRO C 221 30.33 -8.73 18.96
N LYS C 222 31.47 -8.40 18.34
CA LYS C 222 31.98 -7.03 18.44
C LYS C 222 31.00 -6.00 17.89
N ASP C 223 30.19 -6.39 16.91
CA ASP C 223 29.17 -5.47 16.41
C ASP C 223 28.16 -5.13 17.49
N THR C 224 27.57 -6.15 18.11
CA THR C 224 26.61 -5.91 19.19
C THR C 224 27.26 -5.20 20.37
N ILE C 225 28.50 -5.57 20.68
CA ILE C 225 29.20 -4.96 21.82
C ILE C 225 29.39 -3.47 21.58
N ASN C 226 29.77 -3.09 20.36
CA ASN C 226 29.89 -1.67 20.02
C ASN C 226 28.54 -0.97 20.10
N PHE C 227 27.51 -1.57 19.50
CA PHE C 227 26.19 -0.95 19.45
C PHE C 227 25.62 -0.70 20.85
N LEU C 228 25.72 -1.71 21.73
CA LEU C 228 25.16 -1.55 23.07
C LEU C 228 25.95 -0.53 23.88
N SER C 229 27.28 -0.62 23.87
CA SER C 229 28.10 0.32 24.62
C SER C 229 27.90 1.75 24.12
N LYS C 230 27.77 1.93 22.80
CA LYS C 230 27.45 3.25 22.28
C LYS C 230 26.02 3.65 22.63
N SER C 231 25.11 2.68 22.74
CA SER C 231 23.76 2.97 23.18
C SER C 231 23.72 3.32 24.67
N VAL C 232 24.65 2.79 25.45
CA VAL C 232 24.70 3.09 26.87
C VAL C 232 25.27 4.49 27.12
N ASN C 233 26.33 4.85 26.40
CA ASN C 233 26.95 6.15 26.61
C ASN C 233 25.99 7.29 26.25
N ARG C 234 25.28 7.16 25.13
CA ARG C 234 24.33 8.19 24.74
C ARG C 234 23.20 8.31 25.75
N MET C 235 22.88 7.22 26.45
CA MET C 235 21.85 7.28 27.48
C MET C 235 22.36 7.88 28.78
N LYS C 236 23.66 7.76 29.06
CA LYS C 236 24.21 8.37 30.26
C LYS C 236 24.16 9.89 30.18
N LYS C 237 24.27 10.46 28.98
CA LYS C 237 24.21 11.90 28.83
C LYS C 237 22.84 12.45 29.28
N SER C 238 21.77 11.87 28.76
CA SER C 238 20.43 12.28 29.12
C SER C 238 20.08 11.83 30.54
N ASP C 249 15.62 1.70 36.79
CA ASP C 249 16.62 1.24 35.83
C ASP C 249 17.83 0.58 36.49
N PHE C 250 18.26 -0.54 35.93
CA PHE C 250 19.59 -1.05 36.28
C PHE C 250 20.67 -0.04 35.92
N LEU C 251 20.52 0.61 34.77
CA LEU C 251 21.48 1.62 34.35
C LEU C 251 21.52 2.79 35.33
N GLN C 252 20.34 3.28 35.74
CA GLN C 252 20.29 4.40 36.66
C GLN C 252 20.89 4.05 38.02
N LEU C 253 20.66 2.84 38.50
CA LEU C 253 21.26 2.41 39.76
C LEU C 253 22.78 2.41 39.66
N MET C 254 23.32 2.04 38.51
CA MET C 254 24.77 2.01 38.34
C MET C 254 25.35 3.40 38.14
N ILE C 255 24.60 4.30 37.49
CA ILE C 255 25.07 5.68 37.35
C ILE C 255 25.13 6.37 38.70
N ASP C 256 24.12 6.17 39.54
CA ASP C 256 24.12 6.75 40.88
C ASP C 256 25.30 6.25 41.70
N SER C 257 25.70 4.99 41.50
CA SER C 257 26.81 4.43 42.25
C SER C 257 28.17 4.95 41.78
N GLN C 258 28.20 5.84 40.81
CA GLN C 258 29.46 6.44 40.36
C GLN C 258 29.70 7.76 41.10
N LYS C 267 37.16 2.05 44.18
CA LYS C 267 35.75 1.76 44.41
C LYS C 267 34.88 2.32 43.31
N ALA C 268 35.46 3.19 42.49
CA ALA C 268 34.69 3.81 41.41
C ALA C 268 34.40 2.79 40.31
N LEU C 269 33.14 2.71 39.90
CA LEU C 269 32.74 1.88 38.77
C LEU C 269 32.98 2.68 37.51
N SER C 270 34.04 2.35 36.78
CA SER C 270 34.47 3.15 35.64
C SER C 270 33.41 3.12 34.53
N ASP C 271 33.55 4.07 33.59
CA ASP C 271 32.60 4.15 32.49
C ASP C 271 32.64 2.89 31.62
N LEU C 272 33.83 2.34 31.40
CA LEU C 272 33.92 1.08 30.66
C LEU C 272 33.32 -0.07 31.46
N GLU C 273 33.54 -0.07 32.78
CA GLU C 273 33.00 -1.13 33.62
C GLU C 273 31.48 -1.10 33.64
N LEU C 274 30.89 0.11 33.70
CA LEU C 274 29.43 0.21 33.74
C LEU C 274 28.81 -0.30 32.45
N ALA C 275 29.44 -0.06 31.31
CA ALA C 275 28.92 -0.56 30.05
C ALA C 275 28.99 -2.08 29.99
N ALA C 276 30.05 -2.67 30.55
CA ALA C 276 30.21 -4.12 30.50
C ALA C 276 29.10 -4.81 31.28
N GLN C 277 28.73 -4.27 32.44
CA GLN C 277 27.66 -4.88 33.22
C GLN C 277 26.30 -4.70 32.55
N SER C 278 26.06 -3.53 31.95
CA SER C 278 24.80 -3.31 31.26
C SER C 278 24.64 -4.31 30.11
N ILE C 279 25.73 -4.61 29.41
CA ILE C 279 25.67 -5.58 28.32
C ILE C 279 25.53 -7.00 28.88
N ILE C 280 26.27 -7.32 29.93
CA ILE C 280 26.32 -8.70 30.41
C ILE C 280 25.00 -9.11 31.05
N PHE C 281 24.26 -8.15 31.64
CA PHE C 281 22.96 -8.50 32.21
C PHE C 281 21.94 -8.83 31.11
N ILE C 282 22.05 -8.16 29.96
CA ILE C 282 21.17 -8.48 28.84
C ILE C 282 21.52 -9.84 28.27
N PHE C 283 22.80 -10.05 27.97
CA PHE C 283 23.26 -11.34 27.43
C PHE C 283 22.87 -12.49 28.36
N ALA C 284 23.00 -12.29 29.67
CA ALA C 284 22.76 -13.37 30.63
C ALA C 284 21.29 -13.76 30.65
N GLY C 285 20.41 -12.79 30.93
CA GLY C 285 19.00 -13.06 31.15
C GLY C 285 18.14 -13.23 29.93
N TYR C 286 18.67 -13.01 28.73
CA TYR C 286 17.87 -13.10 27.52
C TYR C 286 17.43 -14.54 27.25
N GLU C 287 18.36 -15.39 26.77
CA GLU C 287 17.98 -16.74 26.37
C GLU C 287 17.66 -17.64 27.55
N THR C 288 18.34 -17.46 28.69
CA THR C 288 18.12 -18.35 29.83
C THR C 288 16.70 -18.22 30.36
N THR C 289 16.17 -17.00 30.43
CA THR C 289 14.80 -16.81 30.88
C THR C 289 13.81 -17.31 29.83
N SER C 290 14.20 -17.27 28.56
CA SER C 290 13.34 -17.79 27.50
C SER C 290 13.20 -19.31 27.58
N SER C 291 14.32 -20.01 27.78
CA SER C 291 14.28 -21.47 27.75
C SER C 291 13.55 -22.04 28.96
N VAL C 292 13.77 -21.50 30.15
CA VAL C 292 13.13 -22.02 31.35
C VAL C 292 11.62 -21.78 31.28
N LEU C 293 11.20 -20.62 30.78
CA LEU C 293 9.77 -20.37 30.63
C LEU C 293 9.15 -21.34 29.64
N SER C 294 9.81 -21.57 28.50
CA SER C 294 9.28 -22.51 27.52
C SER C 294 9.34 -23.95 28.04
N PHE C 295 10.30 -24.26 28.91
CA PHE C 295 10.35 -25.59 29.52
C PHE C 295 9.25 -25.76 30.56
N THR C 296 8.96 -24.70 31.32
CA THR C 296 7.91 -24.77 32.32
C THR C 296 6.55 -25.01 31.68
N LEU C 297 6.29 -24.36 30.54
CA LEU C 297 5.02 -24.51 29.86
C LEU C 297 4.91 -25.81 29.07
N TYR C 298 6.05 -26.41 28.69
CA TYR C 298 5.98 -27.76 28.15
C TYR C 298 5.54 -28.75 29.22
N GLU C 299 5.98 -28.55 30.46
CA GLU C 299 5.61 -29.46 31.54
C GLU C 299 4.17 -29.26 31.98
N LEU C 300 3.68 -28.02 31.95
CA LEU C 300 2.28 -27.78 32.27
C LEU C 300 1.36 -28.27 31.16
N ALA C 301 1.79 -28.21 29.91
CA ALA C 301 0.97 -28.71 28.81
C ALA C 301 0.92 -30.23 28.79
N THR C 302 2.02 -30.90 29.15
CA THR C 302 2.03 -32.35 29.19
C THR C 302 1.47 -32.92 30.48
N HIS C 303 1.35 -32.11 31.53
CA HIS C 303 0.79 -32.51 32.81
C HIS C 303 -0.39 -31.60 33.12
N PRO C 304 -1.56 -31.86 32.54
CA PRO C 304 -2.70 -30.97 32.78
C PRO C 304 -3.10 -30.88 34.23
N ASP C 305 -2.89 -31.93 35.03
CA ASP C 305 -3.23 -31.86 36.44
C ASP C 305 -2.40 -30.83 37.18
N VAL C 306 -1.14 -30.64 36.77
CA VAL C 306 -0.29 -29.64 37.42
C VAL C 306 -0.70 -28.24 36.99
N GLN C 307 -1.03 -28.07 35.70
CA GLN C 307 -1.45 -26.77 35.21
C GLN C 307 -2.79 -26.35 35.81
N GLN C 308 -3.72 -27.30 35.93
CA GLN C 308 -5.03 -26.98 36.50
C GLN C 308 -4.94 -26.69 37.99
N LYS C 309 -4.01 -27.32 38.71
CA LYS C 309 -3.85 -27.01 40.12
C LYS C 309 -3.15 -25.68 40.33
N LEU C 310 -2.16 -25.38 39.50
CA LEU C 310 -1.47 -24.09 39.62
C LEU C 310 -2.42 -22.94 39.31
N GLN C 311 -3.31 -23.12 38.33
CA GLN C 311 -4.30 -22.09 38.04
C GLN C 311 -5.27 -21.90 39.19
N LYS C 312 -5.65 -23.00 39.85
CA LYS C 312 -6.54 -22.90 41.00
C LYS C 312 -5.92 -22.10 42.13
N GLU C 313 -4.60 -22.17 42.29
CA GLU C 313 -3.94 -21.35 43.31
C GLU C 313 -3.88 -19.89 42.88
N ILE C 314 -3.72 -19.63 41.58
CA ILE C 314 -3.63 -18.25 41.10
C ILE C 314 -5.00 -17.58 41.18
N ASP C 315 -6.06 -18.29 40.78
CA ASP C 315 -7.40 -17.72 40.86
C ASP C 315 -7.90 -17.59 42.29
N ALA C 316 -7.32 -18.34 43.24
CA ALA C 316 -7.71 -18.22 44.63
C ALA C 316 -7.02 -17.05 45.32
N VAL C 317 -5.82 -16.68 44.87
CA VAL C 317 -5.12 -15.54 45.44
C VAL C 317 -5.43 -14.26 44.67
N LEU C 318 -5.58 -14.34 43.35
CA LEU C 318 -5.90 -13.20 42.50
C LEU C 318 -7.22 -13.48 41.78
N PRO C 319 -8.35 -13.28 42.46
CA PRO C 319 -9.63 -13.57 41.83
C PRO C 319 -9.97 -12.58 40.72
N ASN C 320 -10.73 -13.07 39.73
CA ASN C 320 -11.18 -12.25 38.61
C ASN C 320 -10.00 -11.65 37.85
N LYS C 321 -8.95 -12.45 37.64
CA LYS C 321 -7.75 -12.03 36.92
C LYS C 321 -7.14 -10.78 37.53
N ALA C 322 -7.07 -10.73 38.86
CA ALA C 322 -6.49 -9.59 39.53
C ALA C 322 -5.01 -9.48 39.22
N PRO C 323 -4.51 -8.28 38.91
CA PRO C 323 -3.09 -8.13 38.63
C PRO C 323 -2.26 -8.49 39.84
N PRO C 324 -1.07 -9.04 39.64
CA PRO C 324 -0.28 -9.54 40.76
C PRO C 324 0.38 -8.43 41.56
N THR C 325 0.65 -8.73 42.82
CA THR C 325 1.44 -7.89 43.71
C THR C 325 2.66 -8.68 44.16
N TYR C 326 3.58 -7.98 44.82
CA TYR C 326 4.83 -8.62 45.23
C TYR C 326 4.58 -9.76 46.21
N ASP C 327 3.86 -9.46 47.31
CA ASP C 327 3.63 -10.48 48.33
C ASP C 327 2.82 -11.64 47.78
N ALA C 328 1.94 -11.39 46.79
CA ALA C 328 1.15 -12.47 46.23
C ALA C 328 2.02 -13.47 45.47
N VAL C 329 2.98 -12.97 44.69
CA VAL C 329 3.86 -13.86 43.93
C VAL C 329 4.77 -14.63 44.88
N VAL C 330 5.24 -13.98 45.94
CA VAL C 330 6.18 -14.63 46.87
C VAL C 330 5.50 -15.78 47.60
N GLN C 331 4.22 -15.62 47.97
CA GLN C 331 3.54 -16.58 48.80
C GLN C 331 2.88 -17.71 48.02
N MET C 332 2.88 -17.66 46.69
CA MET C 332 2.36 -18.76 45.89
C MET C 332 3.28 -19.98 46.03
N GLU C 333 2.95 -20.87 46.96
CA GLU C 333 3.84 -22.00 47.25
C GLU C 333 3.93 -22.94 46.05
N TYR C 334 2.81 -23.22 45.40
CA TYR C 334 2.84 -24.18 44.29
C TYR C 334 3.57 -23.61 43.08
N LEU C 335 3.47 -22.29 42.85
CA LEU C 335 4.19 -21.69 41.74
C LEU C 335 5.69 -21.84 41.89
N ASP C 336 6.19 -21.64 43.11
CA ASP C 336 7.62 -21.82 43.36
C ASP C 336 8.03 -23.27 43.16
N MET C 337 7.17 -24.21 43.54
CA MET C 337 7.45 -25.62 43.32
C MET C 337 7.44 -25.98 41.84
N VAL C 338 6.58 -25.33 41.06
CA VAL C 338 6.55 -25.58 39.62
C VAL C 338 7.81 -25.04 38.94
N VAL C 339 8.24 -23.84 39.33
CA VAL C 339 9.47 -23.28 38.77
C VAL C 339 10.68 -24.09 39.20
N ASN C 340 10.73 -24.50 40.48
CA ASN C 340 11.88 -25.23 40.97
C ASN C 340 12.01 -26.59 40.29
N GLU C 341 10.90 -27.30 40.11
CA GLU C 341 10.97 -28.61 39.46
C GLU C 341 11.36 -28.48 37.99
N THR C 342 10.96 -27.40 37.33
CA THR C 342 11.41 -27.16 35.96
C THR C 342 12.92 -27.00 35.91
N LEU C 343 13.47 -26.20 36.82
CA LEU C 343 14.91 -25.97 36.84
C LEU C 343 15.68 -27.22 37.25
N ARG C 344 15.05 -28.13 38.00
CA ARG C 344 15.70 -29.40 38.29
C ARG C 344 15.83 -30.24 37.03
N LEU C 345 14.75 -30.32 36.24
CA LEU C 345 14.81 -31.08 35.01
C LEU C 345 15.69 -30.40 33.96
N PHE C 346 15.67 -29.07 33.92
CA PHE C 346 16.38 -28.29 32.90
C PHE C 346 17.20 -27.19 33.54
N PRO C 347 18.36 -27.51 34.10
CA PRO C 347 19.27 -26.45 34.55
C PRO C 347 20.05 -25.88 33.38
N VAL C 348 19.55 -24.80 32.78
CA VAL C 348 20.05 -24.33 31.50
C VAL C 348 21.55 -24.08 31.52
N ALA C 349 22.09 -23.66 32.66
CA ALA C 349 23.54 -23.67 32.87
C ALA C 349 23.89 -25.08 33.33
N ILE C 350 24.38 -25.88 32.38
CA ILE C 350 24.42 -27.33 32.55
C ILE C 350 25.26 -27.75 33.77
N ARG C 351 26.28 -26.98 34.10
CA ARG C 351 27.21 -27.37 35.15
C ARG C 351 27.72 -26.13 35.86
N LEU C 352 28.53 -26.35 36.90
CA LEU C 352 29.26 -25.29 37.58
C LEU C 352 30.75 -25.53 37.42
N GLU C 353 31.50 -24.46 37.18
CA GLU C 353 32.94 -24.56 36.98
C GLU C 353 33.67 -23.67 37.96
N ARG C 354 34.87 -24.11 38.32
CA ARG C 354 35.78 -23.36 39.19
C ARG C 354 37.21 -23.75 38.82
N THR C 355 38.13 -22.84 39.08
CA THR C 355 39.54 -23.06 38.79
C THR C 355 40.33 -23.07 40.09
N CYS C 356 41.29 -24.00 40.18
CA CYS C 356 42.05 -24.23 41.40
C CYS C 356 43.33 -23.38 41.35
N LYS C 357 43.44 -22.42 42.27
CA LYS C 357 44.58 -21.51 42.27
C LYS C 357 45.79 -22.08 43.02
N LYS C 358 45.61 -23.12 43.81
CA LYS C 358 46.69 -23.63 44.65
C LYS C 358 46.40 -25.09 44.95
N ASP C 359 47.45 -25.90 45.02
CA ASP C 359 47.32 -27.29 45.41
C ASP C 359 46.58 -27.41 46.73
N VAL C 360 45.46 -28.14 46.72
CA VAL C 360 44.61 -28.27 47.89
C VAL C 360 44.14 -29.71 47.98
N GLU C 361 43.88 -30.16 49.21
CA GLU C 361 43.34 -31.49 49.49
C GLU C 361 42.04 -31.33 50.27
N ILE C 362 40.95 -31.85 49.73
CA ILE C 362 39.63 -31.70 50.32
C ILE C 362 39.09 -33.10 50.62
N ASN C 363 39.00 -33.45 51.91
CA ASN C 363 38.44 -34.71 52.36
C ASN C 363 39.12 -35.89 51.68
N GLY C 364 40.44 -35.95 51.82
CA GLY C 364 41.23 -37.02 51.24
C GLY C 364 41.34 -37.00 49.73
N VAL C 365 40.92 -35.92 49.07
CA VAL C 365 40.98 -35.81 47.62
C VAL C 365 41.90 -34.65 47.27
N PHE C 366 42.94 -34.92 46.48
CA PHE C 366 43.93 -33.92 46.11
C PHE C 366 43.59 -33.33 44.75
N ILE C 367 43.40 -32.02 44.70
CA ILE C 367 43.19 -31.29 43.45
C ILE C 367 44.48 -30.55 43.12
N PRO C 368 45.07 -30.76 41.96
CA PRO C 368 46.32 -30.07 41.62
C PRO C 368 46.08 -28.61 41.26
N LYS C 369 47.16 -27.84 41.30
CA LYS C 369 47.12 -26.44 40.90
C LYS C 369 46.81 -26.32 39.41
N GLY C 370 46.08 -25.27 39.06
CA GLY C 370 45.71 -25.06 37.68
C GLY C 370 44.68 -26.03 37.13
N SER C 371 44.00 -26.78 37.97
CA SER C 371 42.96 -27.69 37.54
C SER C 371 41.60 -27.00 37.52
N MET C 372 40.62 -27.68 36.94
CA MET C 372 39.25 -27.19 36.89
C MET C 372 38.35 -28.18 37.62
N VAL C 373 37.58 -27.67 38.58
CA VAL C 373 36.64 -28.49 39.34
C VAL C 373 35.25 -28.25 38.77
N VAL C 374 34.59 -29.32 38.35
CA VAL C 374 33.27 -29.23 37.71
C VAL C 374 32.24 -29.86 38.62
N ILE C 375 31.20 -29.12 38.94
CA ILE C 375 30.01 -29.65 39.62
C ILE C 375 28.99 -29.98 38.55
N PRO C 376 28.73 -31.26 38.25
CA PRO C 376 27.80 -31.59 37.17
C PRO C 376 26.35 -31.44 37.61
N THR C 377 25.81 -30.22 37.49
CA THR C 377 24.47 -29.94 38.01
C THR C 377 23.43 -30.84 37.36
N TYR C 378 23.44 -30.91 36.03
CA TYR C 378 22.44 -31.73 35.34
C TYR C 378 22.51 -33.19 35.77
N ALA C 379 23.72 -33.70 36.01
CA ALA C 379 23.86 -35.10 36.41
C ALA C 379 23.30 -35.33 37.81
N LEU C 380 23.61 -34.45 38.75
CA LEU C 380 23.06 -34.58 40.10
C LEU C 380 21.57 -34.26 40.15
N HIS C 381 21.05 -33.55 39.15
CA HIS C 381 19.63 -33.26 39.07
C HIS C 381 18.81 -34.43 38.56
N HIS C 382 19.43 -35.41 37.92
CA HIS C 382 18.74 -36.59 37.41
C HIS C 382 19.22 -37.86 38.10
N ASP C 383 19.87 -37.72 39.25
CA ASP C 383 20.41 -38.85 39.98
C ASP C 383 19.31 -39.53 40.77
N PRO C 384 19.00 -40.81 40.52
CA PRO C 384 18.01 -41.51 41.33
C PRO C 384 18.40 -41.60 42.80
N LYS C 385 19.70 -41.56 43.09
CA LYS C 385 20.16 -41.60 44.47
C LYS C 385 19.59 -40.45 45.30
N TYR C 386 19.31 -39.32 44.66
CA TYR C 386 18.74 -38.15 45.34
C TYR C 386 17.29 -37.89 45.00
N TRP C 387 16.84 -38.23 43.79
CA TRP C 387 15.49 -37.90 43.34
C TRP C 387 14.82 -39.19 42.87
N THR C 388 13.78 -39.62 43.59
CA THR C 388 12.96 -40.73 43.12
C THR C 388 12.31 -40.35 41.79
N GLU C 389 12.21 -41.34 40.88
CA GLU C 389 11.77 -41.18 39.49
C GLU C 389 12.29 -39.85 38.94
N PRO C 390 13.60 -39.73 38.74
CA PRO C 390 14.18 -38.40 38.46
C PRO C 390 13.72 -37.80 37.15
N GLU C 391 13.37 -38.61 36.14
CA GLU C 391 12.92 -38.09 34.87
C GLU C 391 11.46 -37.66 34.88
N GLU C 392 10.76 -37.85 35.99
CA GLU C 392 9.35 -37.49 36.07
C GLU C 392 9.19 -36.07 36.60
N PHE C 393 8.21 -35.35 36.07
CA PHE C 393 7.91 -33.99 36.49
C PHE C 393 7.00 -34.06 37.70
N ARG C 394 7.56 -33.90 38.89
CA ARG C 394 6.81 -33.96 40.15
C ARG C 394 7.10 -32.70 40.95
N PRO C 395 6.26 -31.67 40.83
CA PRO C 395 6.49 -30.44 41.60
C PRO C 395 6.44 -30.65 43.10
N GLU C 396 5.90 -31.78 43.58
CA GLU C 396 5.76 -32.01 45.01
C GLU C 396 7.09 -32.31 45.69
N ARG C 397 8.17 -32.52 44.93
CA ARG C 397 9.48 -32.76 45.55
C ARG C 397 9.93 -31.58 46.38
N PHE C 398 9.58 -30.36 45.97
CA PHE C 398 9.97 -29.15 46.67
C PHE C 398 8.91 -28.67 47.64
N SER C 399 8.09 -29.58 48.16
CA SER C 399 7.08 -29.22 49.14
C SER C 399 7.75 -28.85 50.46
N LYS C 400 7.41 -27.66 50.97
CA LYS C 400 8.01 -27.19 52.22
C LYS C 400 7.71 -28.13 53.39
N LYS C 401 6.66 -28.95 53.29
CA LYS C 401 6.37 -29.91 54.34
C LYS C 401 7.39 -31.03 54.37
N LYS C 402 7.93 -31.40 53.22
CA LYS C 402 8.91 -32.48 53.15
C LYS C 402 10.26 -32.00 53.69
N ASP C 403 11.26 -32.89 53.63
CA ASP C 403 12.59 -32.56 54.11
C ASP C 403 13.25 -31.53 53.20
N SER C 404 14.24 -30.85 53.76
CA SER C 404 14.95 -29.81 53.03
C SER C 404 15.74 -30.41 51.87
N ILE C 405 15.97 -29.59 50.85
CA ILE C 405 16.74 -29.98 49.68
C ILE C 405 18.20 -29.57 49.89
N ASP C 406 19.11 -30.44 49.49
CA ASP C 406 20.54 -30.15 49.64
C ASP C 406 20.94 -29.05 48.65
N PRO C 407 21.35 -27.88 49.13
CA PRO C 407 21.69 -26.78 48.20
C PRO C 407 22.92 -27.06 47.36
N TYR C 408 23.65 -28.16 47.61
CA TYR C 408 24.80 -28.50 46.80
C TYR C 408 24.52 -29.59 45.78
N ILE C 409 23.40 -30.30 45.91
CA ILE C 409 22.92 -31.19 44.87
C ILE C 409 22.06 -30.43 43.86
N TYR C 410 21.15 -29.61 44.36
CA TYR C 410 20.25 -28.80 43.54
C TYR C 410 20.89 -27.42 43.36
N THR C 411 21.55 -27.20 42.22
CA THR C 411 22.28 -25.98 41.95
C THR C 411 21.90 -25.42 40.58
N PRO C 412 20.64 -25.01 40.39
CA PRO C 412 20.28 -24.38 39.11
C PRO C 412 20.85 -22.98 38.97
N PHE C 413 21.03 -22.26 40.07
CA PHE C 413 21.70 -20.97 40.09
C PHE C 413 23.05 -21.03 40.78
N GLY C 414 23.53 -22.23 41.10
CA GLY C 414 24.77 -22.36 41.85
C GLY C 414 24.61 -21.92 43.29
N THR C 415 25.73 -21.96 44.02
CA THR C 415 25.77 -21.61 45.43
C THR C 415 27.06 -20.87 45.72
N GLY C 416 27.10 -20.18 46.86
CA GLY C 416 28.30 -19.54 47.32
C GLY C 416 28.40 -18.09 46.93
N PRO C 417 29.55 -17.46 47.22
CA PRO C 417 29.70 -16.02 46.93
C PRO C 417 29.59 -15.68 45.46
N ARG C 418 29.83 -16.64 44.56
CA ARG C 418 29.78 -16.39 43.12
C ARG C 418 28.65 -17.15 42.46
N ASN C 419 27.47 -17.17 43.08
CA ASN C 419 26.29 -17.76 42.47
C ASN C 419 25.70 -16.76 41.49
N CYS C 420 24.53 -17.09 40.93
CA CYS C 420 23.87 -16.20 39.98
C CYS C 420 23.40 -14.93 40.67
N ILE C 421 23.84 -13.77 40.18
CA ILE C 421 23.53 -12.51 40.84
C ILE C 421 22.11 -12.03 40.50
N GLY C 422 21.52 -12.51 39.41
CA GLY C 422 20.17 -12.12 39.05
C GLY C 422 19.14 -13.20 39.32
N MET C 423 19.48 -14.13 40.21
CA MET C 423 18.57 -15.22 40.55
C MET C 423 17.24 -14.70 41.04
N ARG C 424 17.26 -13.80 42.04
CA ARG C 424 16.03 -13.22 42.55
C ARG C 424 15.27 -12.46 41.48
N PHE C 425 15.99 -11.88 40.52
CA PHE C 425 15.34 -11.17 39.41
C PHE C 425 14.77 -12.15 38.40
N ALA C 426 15.55 -13.16 38.01
CA ALA C 426 15.09 -14.12 37.01
C ALA C 426 13.86 -14.88 37.48
N LEU C 427 13.85 -15.31 38.73
CA LEU C 427 12.69 -16.03 39.25
C LEU C 427 11.44 -15.15 39.27
N MET C 428 11.62 -13.84 39.51
CA MET C 428 10.48 -12.95 39.53
C MET C 428 9.91 -12.74 38.13
N ASN C 429 10.77 -12.57 37.13
CA ASN C 429 10.28 -12.37 35.76
C ASN C 429 9.53 -13.59 35.26
N MET C 430 10.06 -14.78 35.54
CA MET C 430 9.39 -15.99 35.10
C MET C 430 8.06 -16.19 35.83
N LYS C 431 8.02 -15.88 37.12
CA LYS C 431 6.78 -16.02 37.87
C LYS C 431 5.72 -15.02 37.39
N LEU C 432 6.14 -13.80 37.07
CA LEU C 432 5.20 -12.82 36.56
C LEU C 432 4.67 -13.23 35.18
N ALA C 433 5.54 -13.75 34.32
CA ALA C 433 5.09 -14.22 33.02
C ALA C 433 4.13 -15.38 33.15
N LEU C 434 4.40 -16.30 34.10
CA LEU C 434 3.57 -17.48 34.25
C LEU C 434 2.21 -17.13 34.85
N ILE C 435 2.18 -16.22 35.82
CA ILE C 435 0.91 -15.82 36.41
C ILE C 435 0.01 -15.16 35.36
N ARG C 436 0.60 -14.31 34.52
CA ARG C 436 -0.21 -13.55 33.56
C ARG C 436 -0.77 -14.44 32.46
N VAL C 437 0.04 -15.36 31.93
CA VAL C 437 -0.44 -16.18 30.83
C VAL C 437 -1.40 -17.26 31.32
N LEU C 438 -1.15 -17.81 32.51
CA LEU C 438 -2.03 -18.85 33.03
C LEU C 438 -3.37 -18.28 33.47
N GLN C 439 -3.42 -16.99 33.83
CA GLN C 439 -4.70 -16.36 34.14
C GLN C 439 -5.59 -16.27 32.91
N ASN C 440 -5.00 -16.08 31.72
CA ASN C 440 -5.77 -15.84 30.51
C ASN C 440 -5.79 -17.02 29.55
N PHE C 441 -4.86 -17.96 29.67
CA PHE C 441 -4.75 -19.04 28.69
C PHE C 441 -4.51 -20.37 29.38
N SER C 442 -4.79 -21.45 28.65
CA SER C 442 -4.41 -22.80 29.02
C SER C 442 -3.69 -23.45 27.86
N PHE C 443 -2.79 -24.37 28.17
CA PHE C 443 -1.86 -24.93 27.21
C PHE C 443 -2.00 -26.44 27.12
N LYS C 444 -1.87 -26.97 25.90
CA LYS C 444 -2.06 -28.39 25.64
C LYS C 444 -1.24 -28.75 24.42
N PRO C 445 -0.78 -30.00 24.31
CA PRO C 445 0.02 -30.41 23.16
C PRO C 445 -0.84 -30.62 21.92
N CYS C 446 -0.17 -30.70 20.78
CA CYS C 446 -0.82 -30.97 19.51
C CYS C 446 0.00 -32.04 18.78
N LYS C 447 -0.25 -32.18 17.47
CA LYS C 447 0.44 -33.22 16.72
C LYS C 447 1.90 -32.88 16.50
N GLU C 448 2.23 -31.60 16.37
CA GLU C 448 3.61 -31.18 16.14
C GLU C 448 4.45 -31.16 17.40
N THR C 449 3.85 -31.33 18.57
CA THR C 449 4.61 -31.36 19.81
C THR C 449 5.40 -32.65 19.92
N GLN C 450 6.69 -32.53 20.29
CA GLN C 450 7.58 -33.67 20.41
C GLN C 450 7.53 -34.20 21.85
N ILE C 451 6.86 -35.32 22.05
CA ILE C 451 6.75 -35.97 23.36
C ILE C 451 7.30 -37.38 23.24
N PRO C 452 8.31 -37.76 24.03
CA PRO C 452 8.96 -36.93 25.05
C PRO C 452 9.91 -35.88 24.46
N LEU C 453 10.11 -34.79 25.19
CA LEU C 453 10.99 -33.73 24.71
C LEU C 453 12.43 -34.22 24.67
N LYS C 454 13.13 -33.84 23.60
CA LYS C 454 14.52 -34.23 23.39
C LYS C 454 15.41 -32.98 23.48
N LEU C 455 16.42 -33.05 24.35
CA LEU C 455 17.38 -31.95 24.49
C LEU C 455 18.35 -31.94 23.32
N ASP C 456 18.68 -30.74 22.86
CA ASP C 456 19.66 -30.58 21.81
C ASP C 456 21.06 -30.59 22.43
N THR C 457 22.08 -30.48 21.58
CA THR C 457 23.46 -30.48 22.03
C THR C 457 23.96 -29.10 22.44
N GLN C 458 23.13 -28.08 22.36
CA GLN C 458 23.57 -26.71 22.63
C GLN C 458 24.05 -26.55 24.06
N GLY C 459 25.05 -25.68 24.25
CA GLY C 459 25.64 -25.45 25.55
C GLY C 459 24.71 -24.79 26.55
N LEU C 460 23.69 -24.08 26.07
CA LEU C 460 22.60 -23.57 26.89
C LEU C 460 21.38 -24.42 26.57
N LEU C 461 20.81 -25.07 27.58
CA LEU C 461 19.79 -26.10 27.40
C LEU C 461 18.65 -25.65 26.50
N GLN C 462 18.56 -26.26 25.32
CA GLN C 462 17.61 -25.92 24.29
C GLN C 462 17.03 -27.22 23.74
N PRO C 463 15.73 -27.26 23.45
CA PRO C 463 15.15 -28.49 22.89
C PRO C 463 15.69 -28.77 21.49
N GLU C 464 15.54 -30.03 21.08
CA GLU C 464 15.99 -30.42 19.74
C GLU C 464 15.09 -29.83 18.67
N LYS C 465 13.77 -29.93 18.85
CA LYS C 465 12.79 -29.27 18.01
C LYS C 465 12.07 -28.19 18.81
N PRO C 466 11.73 -27.06 18.18
CA PRO C 466 11.10 -25.98 18.94
C PRO C 466 9.78 -26.41 19.55
N ILE C 467 9.54 -25.96 20.78
CA ILE C 467 8.33 -26.31 21.52
C ILE C 467 7.14 -25.55 20.94
N VAL C 468 6.15 -26.29 20.46
CA VAL C 468 4.91 -25.70 19.96
C VAL C 468 3.76 -26.27 20.79
N LEU C 469 2.76 -25.42 21.07
CA LEU C 469 1.64 -25.81 21.89
C LEU C 469 0.37 -25.17 21.36
N LYS C 470 -0.77 -25.78 21.70
CA LYS C 470 -2.08 -25.23 21.38
C LYS C 470 -2.52 -24.36 22.55
N VAL C 471 -2.76 -23.08 22.28
CA VAL C 471 -3.07 -22.09 23.31
C VAL C 471 -4.53 -21.68 23.16
N ASP C 472 -5.33 -21.94 24.21
CA ASP C 472 -6.74 -21.60 24.22
C ASP C 472 -7.00 -20.56 25.31
N SER C 473 -7.79 -19.55 24.97
CA SER C 473 -8.12 -18.49 25.92
C SER C 473 -9.17 -18.96 26.92
N ARG C 474 -9.11 -18.41 28.12
CA ARG C 474 -10.07 -18.74 29.17
C ARG C 474 -11.27 -17.78 29.10
N GLY D 5 -45.37 34.73 -48.53
CA GLY D 5 -44.06 35.31 -48.28
C GLY D 5 -43.94 36.81 -48.48
N THR D 6 -45.08 37.51 -48.45
CA THR D 6 -45.13 38.95 -48.64
C THR D 6 -45.11 39.65 -47.28
N ARG D 7 -45.33 40.97 -47.31
CA ARG D 7 -45.33 41.81 -46.12
C ARG D 7 -44.04 41.62 -45.32
N THR D 8 -42.92 41.96 -45.97
CA THR D 8 -41.60 41.63 -45.48
C THR D 8 -40.86 42.88 -45.03
N HIS D 9 -40.08 42.74 -43.95
CA HIS D 9 -39.07 43.72 -43.57
C HIS D 9 -39.65 45.11 -43.33
N GLY D 10 -40.30 45.30 -42.19
CA GLY D 10 -40.81 46.60 -41.82
C GLY D 10 -40.73 46.84 -40.32
N LEU D 11 -40.33 45.81 -39.58
CA LEU D 11 -40.33 45.88 -38.13
C LEU D 11 -39.37 46.94 -37.62
N PHE D 12 -38.09 46.82 -37.95
CA PHE D 12 -37.08 47.70 -37.36
C PHE D 12 -37.26 49.14 -37.82
N LYS D 13 -37.60 49.35 -39.09
CA LYS D 13 -37.92 50.70 -39.55
C LYS D 13 -39.08 51.27 -38.76
N ARG D 14 -40.11 50.46 -38.52
CA ARG D 14 -41.23 50.87 -37.66
C ARG D 14 -40.74 51.24 -36.27
N LEU D 15 -39.79 50.48 -35.71
CA LEU D 15 -39.32 50.67 -34.35
C LEU D 15 -38.25 51.73 -34.21
N GLY D 16 -37.61 52.14 -35.30
CA GLY D 16 -36.52 53.08 -35.22
C GLY D 16 -35.16 52.50 -34.92
N ILE D 17 -34.97 51.20 -35.10
CA ILE D 17 -33.68 50.56 -34.92
C ILE D 17 -32.94 50.62 -36.25
N PRO D 18 -31.74 51.20 -36.29
CA PRO D 18 -31.01 51.29 -37.56
C PRO D 18 -30.57 49.91 -38.05
N GLY D 19 -30.15 49.86 -39.31
CA GLY D 19 -29.69 48.63 -39.90
C GLY D 19 -29.68 48.65 -41.41
N PRO D 20 -28.93 47.74 -42.02
CA PRO D 20 -28.84 47.73 -43.49
C PRO D 20 -30.16 47.33 -44.13
N THR D 21 -30.44 47.94 -45.28
CA THR D 21 -31.70 47.70 -45.97
C THR D 21 -31.74 46.29 -46.53
N PRO D 22 -32.76 45.50 -46.22
CA PRO D 22 -32.80 44.10 -46.66
C PRO D 22 -33.46 43.91 -48.01
N LEU D 23 -32.98 42.91 -48.73
CA LEU D 23 -33.57 42.53 -50.01
C LEU D 23 -34.75 41.58 -49.77
N PRO D 24 -35.72 41.57 -50.70
CA PRO D 24 -36.82 40.61 -50.58
C PRO D 24 -36.31 39.17 -50.61
N LEU D 25 -37.00 38.29 -49.88
CA LEU D 25 -36.67 36.87 -49.77
C LEU D 25 -35.32 36.62 -49.12
N LEU D 26 -34.27 37.32 -49.59
CA LEU D 26 -32.93 37.05 -49.09
C LEU D 26 -32.64 37.76 -47.77
N GLY D 27 -33.30 38.87 -47.49
CA GLY D 27 -32.96 39.64 -46.30
C GLY D 27 -31.61 40.30 -46.47
N ASN D 28 -30.80 40.25 -45.41
CA ASN D 28 -29.43 40.74 -45.45
C ASN D 28 -28.43 39.60 -45.58
N VAL D 29 -28.88 38.43 -46.04
CA VAL D 29 -28.03 37.24 -46.07
C VAL D 29 -26.80 37.45 -46.95
N LEU D 30 -26.93 38.21 -48.03
CA LEU D 30 -25.80 38.44 -48.93
C LEU D 30 -24.66 39.16 -48.22
N SER D 31 -24.94 39.93 -47.16
CA SER D 31 -23.89 40.57 -46.38
C SER D 31 -23.04 39.57 -45.61
N TYR D 32 -23.48 38.32 -45.49
CA TYR D 32 -22.74 37.32 -44.74
C TYR D 32 -21.57 36.73 -45.53
N ARG D 33 -21.56 36.91 -46.85
CA ARG D 33 -20.52 36.29 -47.68
C ARG D 33 -19.13 36.84 -47.36
N GLN D 34 -19.05 38.06 -46.83
CA GLN D 34 -17.77 38.61 -46.40
C GLN D 34 -17.31 38.06 -45.07
N GLY D 35 -18.16 37.32 -44.37
CA GLY D 35 -17.82 36.77 -43.07
C GLY D 35 -18.65 37.41 -41.98
N LEU D 36 -19.12 36.60 -41.03
CA LEU D 36 -19.94 37.13 -39.94
C LEU D 36 -19.12 38.02 -39.01
N TRP D 37 -17.84 37.71 -38.82
CA TRP D 37 -16.99 38.56 -37.99
C TRP D 37 -16.81 39.93 -38.62
N LYS D 38 -16.69 39.99 -39.95
CA LYS D 38 -16.56 41.28 -40.62
C LYS D 38 -17.88 42.02 -40.63
N PHE D 39 -18.98 41.31 -40.89
CA PHE D 39 -20.29 41.94 -40.89
C PHE D 39 -20.67 42.50 -39.52
N ASP D 40 -20.26 41.82 -38.44
CA ASP D 40 -20.60 42.30 -37.10
C ASP D 40 -19.78 43.53 -36.73
N THR D 41 -18.47 43.50 -37.00
CA THR D 41 -17.63 44.65 -36.68
C THR D 41 -18.07 45.88 -37.48
N GLU D 42 -18.37 45.69 -38.77
CA GLU D 42 -18.82 46.81 -39.59
C GLU D 42 -20.13 47.38 -39.07
N CYS D 43 -21.08 46.52 -38.74
CA CYS D 43 -22.35 46.98 -38.17
C CYS D 43 -22.15 47.62 -36.80
N TYR D 44 -21.23 47.07 -36.01
CA TYR D 44 -20.97 47.62 -34.67
C TYR D 44 -20.52 49.08 -34.76
N LYS D 45 -19.48 49.35 -35.55
CA LYS D 45 -18.99 50.72 -35.67
C LYS D 45 -20.06 51.64 -36.27
N LYS D 46 -20.89 51.10 -37.17
CA LYS D 46 -21.84 51.93 -37.89
C LYS D 46 -23.08 52.25 -37.06
N TYR D 47 -23.55 51.29 -36.25
CA TYR D 47 -24.82 51.43 -35.55
C TYR D 47 -24.71 51.43 -34.03
N GLY D 48 -23.55 51.10 -33.47
CA GLY D 48 -23.36 51.20 -32.04
C GLY D 48 -24.13 50.21 -31.19
N LYS D 49 -25.04 50.73 -30.37
CA LYS D 49 -25.66 49.92 -29.32
C LYS D 49 -26.54 48.82 -29.88
N MET D 50 -27.17 49.03 -31.02
CA MET D 50 -28.26 48.15 -31.43
C MET D 50 -28.50 48.31 -32.94
N TRP D 51 -28.54 47.19 -33.65
CA TRP D 51 -28.89 47.22 -35.07
C TRP D 51 -29.70 45.98 -35.42
N GLY D 52 -30.58 46.13 -36.41
CA GLY D 52 -31.48 45.06 -36.82
C GLY D 52 -31.27 44.66 -38.25
N THR D 53 -31.27 43.35 -38.49
CA THR D 53 -31.14 42.76 -39.82
C THR D 53 -32.18 41.66 -39.96
N TYR D 54 -32.28 41.09 -41.16
CA TYR D 54 -33.23 40.01 -41.44
C TYR D 54 -32.52 38.86 -42.14
N GLU D 55 -32.73 37.65 -41.64
CA GLU D 55 -32.35 36.42 -42.33
C GLU D 55 -33.63 35.84 -42.92
N GLY D 56 -33.80 35.98 -44.24
CA GLY D 56 -35.08 35.73 -44.84
C GLY D 56 -36.13 36.68 -44.30
N GLN D 57 -37.18 36.14 -43.68
CA GLN D 57 -38.18 36.97 -43.01
C GLN D 57 -37.86 37.20 -41.54
N LEU D 58 -36.83 36.55 -41.00
CA LEU D 58 -36.63 36.53 -39.55
C LEU D 58 -35.99 37.82 -39.07
N PRO D 59 -36.65 38.59 -38.21
CA PRO D 59 -35.98 39.74 -37.59
C PRO D 59 -34.82 39.29 -36.73
N VAL D 60 -33.73 40.03 -36.81
CA VAL D 60 -32.52 39.75 -36.03
C VAL D 60 -32.07 41.05 -35.38
N LEU D 61 -32.10 41.09 -34.04
CA LEU D 61 -31.71 42.26 -33.28
C LEU D 61 -30.37 41.98 -32.60
N ALA D 62 -29.37 42.80 -32.92
CA ALA D 62 -28.05 42.68 -32.32
C ALA D 62 -27.89 43.73 -31.22
N ILE D 63 -27.29 43.32 -30.10
CA ILE D 63 -27.17 44.17 -28.92
C ILE D 63 -25.72 44.18 -28.47
N THR D 64 -25.25 45.33 -28.00
CA THR D 64 -23.89 45.47 -27.49
C THR D 64 -23.81 46.06 -26.10
N ASP D 65 -24.91 46.60 -25.56
CA ASP D 65 -24.94 47.06 -24.17
C ASP D 65 -24.81 45.86 -23.24
N PRO D 66 -23.79 45.81 -22.37
CA PRO D 66 -23.66 44.65 -21.46
C PRO D 66 -24.82 44.49 -20.48
N ASP D 67 -25.51 45.58 -20.13
CA ASP D 67 -26.70 45.44 -19.29
C ASP D 67 -27.82 44.73 -20.02
N VAL D 68 -27.95 44.95 -21.33
CA VAL D 68 -28.96 44.24 -22.12
C VAL D 68 -28.50 42.82 -22.41
N ILE D 69 -27.20 42.63 -22.69
CA ILE D 69 -26.67 41.30 -22.88
C ILE D 69 -26.89 40.45 -21.63
N ARG D 70 -26.77 41.08 -20.46
CA ARG D 70 -27.02 40.36 -19.21
C ARG D 70 -28.47 39.90 -19.12
N THR D 71 -29.41 40.77 -19.50
CA THR D 71 -30.81 40.40 -19.50
C THR D 71 -31.09 39.23 -20.43
N VAL D 72 -30.47 39.22 -21.62
CA VAL D 72 -30.74 38.17 -22.59
C VAL D 72 -30.10 36.86 -22.17
N LEU D 73 -28.85 36.91 -21.70
CA LEU D 73 -28.10 35.69 -21.44
C LEU D 73 -28.35 35.10 -20.06
N VAL D 74 -28.69 35.92 -19.07
CA VAL D 74 -28.80 35.43 -17.69
C VAL D 74 -30.19 35.69 -17.13
N LYS D 75 -30.59 36.96 -17.10
CA LYS D 75 -31.81 37.34 -16.38
C LYS D 75 -33.04 36.66 -16.96
N GLU D 76 -33.21 36.71 -18.27
CA GLU D 76 -34.41 36.18 -18.91
C GLU D 76 -34.10 34.99 -19.82
N CYS D 77 -33.02 34.26 -19.51
CA CYS D 77 -32.66 33.08 -20.29
C CYS D 77 -33.77 32.04 -20.25
N TYR D 78 -34.10 31.55 -19.05
CA TYR D 78 -35.14 30.55 -18.91
C TYR D 78 -36.51 31.10 -19.34
N SER D 79 -36.76 32.38 -19.05
CA SER D 79 -38.10 32.92 -19.17
C SER D 79 -38.45 33.34 -20.61
N VAL D 80 -37.48 33.78 -21.40
CA VAL D 80 -37.77 34.31 -22.74
C VAL D 80 -36.78 33.79 -23.76
N PHE D 81 -35.48 33.94 -23.48
CA PHE D 81 -34.43 33.69 -24.47
C PHE D 81 -33.76 32.34 -24.22
N THR D 82 -34.54 31.28 -24.35
CA THR D 82 -34.07 29.92 -24.06
C THR D 82 -33.57 29.21 -25.30
N ASN D 83 -34.06 29.58 -26.49
CA ASN D 83 -33.83 28.80 -27.69
C ASN D 83 -32.62 29.30 -28.47
N ARG D 84 -32.00 28.38 -29.20
CA ARG D 84 -30.98 28.71 -30.20
C ARG D 84 -31.67 29.05 -31.52
N ARG D 85 -31.05 28.68 -32.63
CA ARG D 85 -31.67 28.91 -33.93
C ARG D 85 -32.88 27.99 -34.12
N SER D 86 -33.70 28.33 -35.10
CA SER D 86 -34.90 27.56 -35.38
C SER D 86 -34.56 26.15 -35.82
N LEU D 87 -35.45 25.21 -35.48
CA LEU D 87 -35.19 23.80 -35.77
C LEU D 87 -35.08 23.56 -37.26
N GLY D 88 -34.12 22.72 -37.64
CA GLY D 88 -33.93 22.34 -39.02
C GLY D 88 -34.00 20.84 -39.22
N PRO D 89 -33.92 20.39 -40.47
CA PRO D 89 -33.95 18.95 -40.74
C PRO D 89 -32.72 18.23 -40.21
N VAL D 90 -32.88 17.50 -39.12
CA VAL D 90 -31.75 16.92 -38.39
C VAL D 90 -31.91 15.45 -38.08
N GLY D 91 -33.05 14.85 -38.42
CA GLY D 91 -33.26 13.45 -38.08
C GLY D 91 -33.50 13.28 -36.58
N PHE D 92 -32.94 12.23 -36.01
CA PHE D 92 -33.06 12.02 -34.57
C PHE D 92 -32.11 12.90 -33.77
N MET D 93 -31.21 13.63 -34.43
CA MET D 93 -30.39 14.60 -33.73
C MET D 93 -31.19 15.73 -33.08
N LYS D 94 -32.51 15.80 -33.28
CA LYS D 94 -33.34 16.80 -32.62
C LYS D 94 -33.19 16.79 -31.09
N SER D 95 -32.78 15.67 -30.51
CA SER D 95 -32.61 15.55 -29.07
C SER D 95 -31.24 16.00 -28.60
N ALA D 96 -30.32 16.33 -29.50
CA ALA D 96 -29.03 16.85 -29.09
C ALA D 96 -29.19 18.20 -28.41
N ILE D 97 -28.40 18.43 -27.36
CA ILE D 97 -28.61 19.59 -26.50
C ILE D 97 -28.41 20.90 -27.27
N SER D 98 -27.59 20.88 -28.33
CA SER D 98 -27.42 22.07 -29.14
C SER D 98 -28.65 22.38 -29.98
N LEU D 99 -29.60 21.45 -30.11
CA LEU D 99 -30.82 21.65 -30.87
C LEU D 99 -32.07 21.67 -30.02
N ALA D 100 -32.01 21.16 -28.78
CA ALA D 100 -33.20 21.05 -27.96
C ALA D 100 -33.79 22.43 -27.65
N GLU D 101 -35.11 22.52 -27.72
CA GLU D 101 -35.82 23.77 -27.50
C GLU D 101 -36.50 23.79 -26.14
N ASP D 102 -36.70 25.01 -25.63
CA ASP D 102 -37.48 25.32 -24.43
C ASP D 102 -37.41 24.25 -23.35
N GLU D 103 -38.57 23.67 -23.02
CA GLU D 103 -38.65 22.75 -21.90
C GLU D 103 -37.82 21.50 -22.14
N GLU D 104 -37.78 21.03 -23.40
CA GLU D 104 -36.94 19.87 -23.72
C GLU D 104 -35.47 20.16 -23.41
N TRP D 105 -34.99 21.36 -23.77
CA TRP D 105 -33.61 21.71 -23.46
C TRP D 105 -33.39 21.81 -21.95
N LYS D 106 -34.33 22.43 -21.23
CA LYS D 106 -34.20 22.52 -19.78
C LYS D 106 -34.00 21.15 -19.14
N ARG D 107 -34.59 20.11 -19.73
CA ARG D 107 -34.45 18.76 -19.19
C ARG D 107 -33.11 18.14 -19.59
N ILE D 108 -32.77 18.19 -20.87
CA ILE D 108 -31.52 17.59 -21.34
C ILE D 108 -30.33 18.24 -20.65
N ARG D 109 -30.37 19.56 -20.48
CA ARG D 109 -29.27 20.26 -19.82
C ARG D 109 -29.10 19.79 -18.38
N SER D 110 -30.22 19.67 -17.65
CA SER D 110 -30.14 19.24 -16.25
C SER D 110 -29.64 17.81 -16.13
N LEU D 111 -29.95 16.95 -17.11
CA LEU D 111 -29.48 15.57 -17.08
C LEU D 111 -27.99 15.48 -17.39
N LEU D 112 -27.46 16.43 -18.17
CA LEU D 112 -26.06 16.39 -18.56
C LEU D 112 -25.14 17.16 -17.61
N SER D 113 -25.70 18.02 -16.76
CA SER D 113 -24.87 18.85 -15.91
C SER D 113 -23.95 18.07 -14.97
N PRO D 114 -24.37 16.95 -14.34
CA PRO D 114 -23.41 16.19 -13.52
C PRO D 114 -22.26 15.61 -14.32
N THR D 115 -22.40 15.45 -15.64
CA THR D 115 -21.32 14.92 -16.47
C THR D 115 -20.23 15.96 -16.71
N PHE D 116 -20.58 17.25 -16.69
CA PHE D 116 -19.60 18.28 -17.01
C PHE D 116 -19.26 19.16 -15.81
N THR D 117 -19.02 18.54 -14.66
CA THR D 117 -18.58 19.25 -13.47
C THR D 117 -17.05 19.21 -13.37
N SER D 118 -16.52 20.02 -12.45
CA SER D 118 -15.08 20.00 -12.23
C SER D 118 -14.64 18.69 -11.58
N GLY D 119 -15.50 18.07 -10.79
CA GLY D 119 -15.18 16.79 -10.19
C GLY D 119 -15.09 15.69 -11.23
N LYS D 120 -16.01 15.67 -12.19
CA LYS D 120 -15.94 14.68 -13.26
C LYS D 120 -14.81 14.99 -14.24
N LEU D 121 -14.43 16.26 -14.37
CA LEU D 121 -13.26 16.59 -15.15
C LEU D 121 -11.99 16.17 -14.43
N LYS D 122 -11.99 16.26 -13.10
CA LYS D 122 -10.84 15.82 -12.32
C LYS D 122 -10.63 14.32 -12.44
N GLU D 123 -11.73 13.56 -12.53
CA GLU D 123 -11.60 12.11 -12.69
C GLU D 123 -11.15 11.74 -14.10
N MET D 124 -11.56 12.53 -15.10
CA MET D 124 -11.25 12.24 -16.50
C MET D 124 -9.85 12.69 -16.91
N PHE D 125 -9.11 13.35 -16.02
CA PHE D 125 -7.77 13.83 -16.36
C PHE D 125 -6.85 12.74 -16.90
N PRO D 126 -6.77 11.54 -16.31
CA PRO D 126 -5.91 10.50 -16.90
C PRO D 126 -6.32 10.10 -18.31
N ILE D 127 -7.61 10.14 -18.63
CA ILE D 127 -8.06 9.76 -19.97
C ILE D 127 -7.67 10.82 -20.99
N ILE D 128 -7.58 12.08 -20.57
CA ILE D 128 -7.21 13.16 -21.50
C ILE D 128 -5.71 13.23 -21.67
N ALA D 129 -4.96 13.13 -20.56
CA ALA D 129 -3.51 13.33 -20.61
C ALA D 129 -2.78 12.19 -21.32
N GLN D 130 -3.39 11.00 -21.40
CA GLN D 130 -2.72 9.86 -22.03
C GLN D 130 -2.47 10.08 -23.53
N TYR D 131 -3.16 11.04 -24.15
CA TYR D 131 -2.97 11.32 -25.56
C TYR D 131 -1.88 12.36 -25.81
N GLY D 132 -1.14 12.74 -24.78
CA GLY D 132 -0.05 13.68 -24.93
C GLY D 132 1.17 13.02 -25.54
N ASP D 133 1.41 11.77 -25.16
CA ASP D 133 2.59 11.04 -25.64
C ASP D 133 2.53 10.82 -27.15
N VAL D 134 1.34 10.48 -27.67
CA VAL D 134 1.19 10.32 -29.11
C VAL D 134 1.30 11.66 -29.82
N LEU D 135 0.85 12.74 -29.18
CA LEU D 135 1.00 14.07 -29.77
C LEU D 135 2.47 14.46 -29.85
N VAL D 136 3.24 14.24 -28.79
CA VAL D 136 4.67 14.56 -28.81
C VAL D 136 5.39 13.71 -29.85
N ARG D 137 5.06 12.42 -29.92
CA ARG D 137 5.72 11.53 -30.87
C ARG D 137 5.38 11.91 -32.31
N ASN D 138 4.14 12.36 -32.55
CA ASN D 138 3.76 12.72 -33.92
C ASN D 138 4.40 14.02 -34.36
N LEU D 139 4.46 15.01 -33.46
CA LEU D 139 5.11 16.27 -33.83
C LEU D 139 6.61 16.13 -33.90
N ARG D 140 7.17 15.16 -33.16
CA ARG D 140 8.61 14.91 -33.22
C ARG D 140 9.03 14.50 -34.63
N ARG D 141 8.32 13.52 -35.21
CA ARG D 141 8.66 13.05 -36.55
C ARG D 141 8.57 14.16 -37.58
N GLU D 142 7.54 15.01 -37.48
CA GLU D 142 7.42 16.13 -38.41
C GLU D 142 8.47 17.20 -38.13
N ALA D 143 8.95 17.31 -36.89
CA ALA D 143 9.94 18.32 -36.56
C ALA D 143 11.33 17.92 -37.05
N GLU D 144 11.67 16.63 -36.96
CA GLU D 144 12.97 16.17 -37.39
C GLU D 144 13.12 16.14 -38.91
N LYS D 145 12.04 16.35 -39.66
CA LYS D 145 12.14 16.44 -41.10
C LYS D 145 12.82 17.72 -41.57
N GLY D 146 12.89 18.74 -40.70
CA GLY D 146 13.50 20.00 -41.07
C GLY D 146 12.67 20.85 -42.01
N LYS D 147 11.36 20.66 -42.03
CA LYS D 147 10.46 21.37 -42.90
C LYS D 147 9.33 21.98 -42.08
N PRO D 148 8.71 23.05 -42.57
CA PRO D 148 7.61 23.67 -41.82
C PRO D 148 6.47 22.68 -41.58
N VAL D 149 5.84 22.81 -40.41
CA VAL D 149 4.80 21.90 -39.96
C VAL D 149 3.44 22.59 -40.08
N THR D 150 2.48 21.88 -40.67
CA THR D 150 1.10 22.35 -40.72
C THR D 150 0.42 21.99 -39.40
N LEU D 151 0.03 23.00 -38.63
CA LEU D 151 -0.48 22.77 -37.29
C LEU D 151 -1.79 21.97 -37.32
N LYS D 152 -2.67 22.28 -38.27
CA LYS D 152 -3.99 21.66 -38.26
C LYS D 152 -3.93 20.17 -38.53
N ASP D 153 -2.86 19.68 -39.16
CA ASP D 153 -2.71 18.23 -39.37
C ASP D 153 -2.23 17.53 -38.11
N ILE D 154 -1.48 18.21 -37.26
CA ILE D 154 -1.01 17.61 -36.01
C ILE D 154 -2.08 17.71 -34.93
N PHE D 155 -2.65 18.90 -34.73
CA PHE D 155 -3.62 19.11 -33.67
C PHE D 155 -5.04 18.74 -34.07
N GLY D 156 -5.36 18.74 -35.35
CA GLY D 156 -6.59 18.10 -35.80
C GLY D 156 -6.58 16.62 -35.53
N ALA D 157 -5.40 16.00 -35.57
CA ALA D 157 -5.28 14.59 -35.18
C ALA D 157 -5.42 14.44 -33.67
N TYR D 158 -4.74 15.29 -32.91
CA TYR D 158 -4.87 15.26 -31.45
C TYR D 158 -6.31 15.49 -31.02
N SER D 159 -6.98 16.46 -31.64
CA SER D 159 -8.35 16.79 -31.25
C SER D 159 -9.29 15.62 -31.48
N MET D 160 -9.10 14.90 -32.59
CA MET D 160 -9.94 13.73 -32.85
C MET D 160 -9.55 12.57 -31.94
N ASP D 161 -8.28 12.47 -31.55
CA ASP D 161 -7.87 11.41 -30.65
C ASP D 161 -8.52 11.57 -29.28
N VAL D 162 -8.47 12.78 -28.71
CA VAL D 162 -8.98 13.00 -27.36
C VAL D 162 -10.49 12.89 -27.33
N ILE D 163 -11.17 13.56 -28.29
CA ILE D 163 -12.62 13.60 -28.26
C ILE D 163 -13.22 12.23 -28.55
N THR D 164 -12.49 11.36 -29.25
CA THR D 164 -12.99 10.00 -29.47
C THR D 164 -12.68 9.11 -28.28
N GLY D 165 -11.52 9.30 -27.66
CA GLY D 165 -11.17 8.49 -26.49
C GLY D 165 -11.97 8.87 -25.26
N THR D 166 -12.25 10.16 -25.10
CA THR D 166 -13.06 10.61 -23.96
C THR D 166 -14.54 10.35 -24.16
N SER D 167 -14.98 10.06 -25.39
CA SER D 167 -16.39 9.78 -25.64
C SER D 167 -16.72 8.29 -25.51
N PHE D 168 -15.89 7.41 -26.07
CA PHE D 168 -16.20 5.99 -26.12
C PHE D 168 -15.16 5.10 -25.45
N GLY D 169 -13.96 5.60 -25.18
CA GLY D 169 -12.92 4.78 -24.60
C GLY D 169 -12.10 4.01 -25.61
N VAL D 170 -12.19 4.32 -26.89
CA VAL D 170 -11.41 3.66 -27.93
C VAL D 170 -10.22 4.54 -28.26
N ASN D 171 -9.03 3.95 -28.24
CA ASN D 171 -7.79 4.68 -28.51
C ASN D 171 -7.47 4.58 -29.99
N ILE D 172 -7.49 5.73 -30.68
CA ILE D 172 -7.21 5.81 -32.09
C ILE D 172 -6.07 6.80 -32.31
N ASP D 173 -5.19 6.50 -33.26
CA ASP D 173 -4.13 7.40 -33.69
C ASP D 173 -4.56 7.97 -35.05
N SER D 174 -5.16 9.17 -35.02
CA SER D 174 -5.73 9.74 -36.24
C SER D 174 -4.67 10.01 -37.28
N LEU D 175 -3.51 10.53 -36.87
CA LEU D 175 -2.50 10.91 -37.84
C LEU D 175 -1.91 9.71 -38.57
N ASN D 176 -1.88 8.55 -37.92
CA ASN D 176 -1.27 7.36 -38.50
C ASN D 176 -2.28 6.39 -39.10
N ASN D 177 -3.58 6.62 -38.92
CA ASN D 177 -4.62 5.78 -39.48
C ASN D 177 -5.62 6.65 -40.23
N PRO D 178 -5.24 7.15 -41.41
CA PRO D 178 -6.19 7.97 -42.20
C PRO D 178 -7.41 7.20 -42.68
N GLN D 179 -7.39 5.87 -42.61
CA GLN D 179 -8.49 5.04 -43.08
C GLN D 179 -9.25 4.37 -41.94
N ASP D 180 -9.00 4.78 -40.69
CA ASP D 180 -9.75 4.23 -39.58
C ASP D 180 -11.23 4.60 -39.71
N PRO D 181 -12.14 3.66 -39.46
CA PRO D 181 -13.58 3.98 -39.64
C PRO D 181 -14.06 5.14 -38.78
N PHE D 182 -13.54 5.29 -37.56
CA PHE D 182 -13.87 6.46 -36.76
C PHE D 182 -13.31 7.73 -37.37
N VAL D 183 -12.14 7.66 -38.00
CA VAL D 183 -11.50 8.85 -38.53
C VAL D 183 -12.23 9.34 -39.78
N GLU D 184 -12.47 8.44 -40.73
CA GLU D 184 -13.10 8.85 -41.98
C GLU D 184 -14.53 9.35 -41.76
N SER D 185 -15.21 8.85 -40.73
CA SER D 185 -16.55 9.33 -40.43
C SER D 185 -16.51 10.73 -39.83
N THR D 186 -15.68 10.93 -38.80
CA THR D 186 -15.62 12.23 -38.14
C THR D 186 -15.05 13.31 -39.05
N LYS D 187 -14.25 12.95 -40.06
CA LYS D 187 -13.76 13.94 -41.01
C LYS D 187 -14.90 14.62 -41.75
N LYS D 188 -16.05 13.96 -41.88
CA LYS D 188 -17.21 14.60 -42.50
C LYS D 188 -17.69 15.81 -41.72
N PHE D 189 -17.38 15.89 -40.42
CA PHE D 189 -17.70 17.07 -39.64
C PHE D 189 -16.87 18.28 -40.06
N LEU D 190 -15.74 18.07 -40.71
CA LEU D 190 -15.08 19.16 -41.40
C LEU D 190 -15.97 19.67 -42.54
N LYS D 191 -15.55 20.78 -43.14
CA LYS D 191 -16.33 21.57 -44.09
C LYS D 191 -17.59 22.17 -43.47
N PHE D 192 -17.90 21.87 -42.21
CA PHE D 192 -18.89 22.66 -41.48
C PHE D 192 -18.38 24.09 -41.32
N GLY D 193 -19.20 25.04 -41.75
CA GLY D 193 -18.84 26.44 -41.77
C GLY D 193 -18.74 27.03 -43.16
N PHE D 194 -18.47 26.19 -44.14
CA PHE D 194 -18.56 26.63 -45.52
C PHE D 194 -20.02 26.80 -45.91
N LEU D 195 -20.22 27.44 -47.06
CA LEU D 195 -21.57 27.68 -47.58
C LEU D 195 -22.34 26.38 -47.64
N ASP D 196 -23.44 26.32 -46.89
CA ASP D 196 -24.34 25.17 -46.88
C ASP D 196 -25.64 25.57 -47.55
N PRO D 197 -25.83 25.26 -48.84
CA PRO D 197 -27.07 25.67 -49.51
C PRO D 197 -28.32 25.09 -48.89
N LEU D 198 -28.26 23.86 -48.35
CA LEU D 198 -29.42 23.29 -47.67
C LEU D 198 -29.76 24.10 -46.43
N PHE D 199 -28.74 24.48 -45.65
CA PHE D 199 -28.98 25.33 -44.48
C PHE D 199 -29.62 26.65 -44.89
N LEU D 200 -29.11 27.26 -45.97
CA LEU D 200 -29.66 28.54 -46.42
C LEU D 200 -31.11 28.41 -46.84
N SER D 201 -31.51 27.27 -47.39
CA SER D 201 -32.88 27.12 -47.86
C SER D 201 -33.87 27.12 -46.69
N ILE D 202 -33.55 26.41 -45.61
CA ILE D 202 -34.43 26.42 -44.45
C ILE D 202 -34.34 27.75 -43.70
N ILE D 203 -33.24 28.49 -43.88
CA ILE D 203 -33.15 29.84 -43.33
C ILE D 203 -34.12 30.77 -44.05
N LEU D 204 -34.06 30.79 -45.38
CA LEU D 204 -34.93 31.67 -46.17
C LEU D 204 -36.36 31.15 -46.21
N PHE D 205 -36.57 29.85 -46.04
CA PHE D 205 -37.89 29.23 -46.17
C PHE D 205 -38.06 28.14 -45.12
N PRO D 206 -38.36 28.54 -43.88
CA PRO D 206 -38.48 27.55 -42.79
C PRO D 206 -39.56 26.50 -43.03
N PHE D 207 -40.53 26.76 -43.89
CA PHE D 207 -41.56 25.77 -44.18
C PHE D 207 -41.01 24.55 -44.91
N LEU D 208 -39.77 24.60 -45.38
CA LEU D 208 -39.16 23.44 -46.02
C LEU D 208 -38.60 22.44 -45.03
N THR D 209 -38.30 22.87 -43.80
CA THR D 209 -37.73 21.97 -42.80
C THR D 209 -38.56 20.72 -42.56
N PRO D 210 -39.88 20.77 -42.39
CA PRO D 210 -40.63 19.51 -42.24
C PRO D 210 -40.62 18.66 -43.49
N VAL D 211 -40.55 19.28 -44.68
CA VAL D 211 -40.53 18.50 -45.91
C VAL D 211 -39.20 17.74 -46.03
N PHE D 212 -38.09 18.39 -45.68
CA PHE D 212 -36.80 17.72 -45.72
C PHE D 212 -36.74 16.59 -44.70
N GLU D 213 -37.40 16.73 -43.55
CA GLU D 213 -37.44 15.64 -42.59
C GLU D 213 -38.18 14.43 -43.17
N ALA D 214 -39.32 14.68 -43.83
CA ALA D 214 -40.08 13.57 -44.43
C ALA D 214 -39.26 12.86 -45.50
N LEU D 215 -38.45 13.60 -46.24
CA LEU D 215 -37.57 13.02 -47.26
C LEU D 215 -36.27 12.50 -46.68
N ASN D 216 -36.07 12.58 -45.36
CA ASN D 216 -34.87 12.12 -44.68
C ASN D 216 -33.62 12.84 -45.20
N VAL D 217 -33.72 14.16 -45.30
CA VAL D 217 -32.59 15.02 -45.61
C VAL D 217 -32.14 15.68 -44.31
N SER D 218 -30.84 15.65 -44.05
CA SER D 218 -30.30 16.14 -42.79
C SER D 218 -29.23 17.18 -43.02
N LEU D 219 -29.19 18.18 -42.12
CA LEU D 219 -28.08 19.13 -42.12
C LEU D 219 -26.77 18.47 -41.70
N PHE D 220 -26.84 17.31 -41.06
CA PHE D 220 -25.67 16.55 -40.64
C PHE D 220 -25.25 15.58 -41.73
N PRO D 221 -24.01 15.06 -41.69
CA PRO D 221 -23.64 13.97 -42.61
C PRO D 221 -24.35 12.68 -42.25
N LYS D 222 -25.26 12.23 -43.12
CA LYS D 222 -26.10 11.10 -42.78
C LYS D 222 -25.28 9.84 -42.49
N ASP D 223 -24.22 9.60 -43.27
CA ASP D 223 -23.40 8.42 -43.05
C ASP D 223 -22.70 8.46 -41.70
N THR D 224 -22.18 9.64 -41.32
CA THR D 224 -21.46 9.76 -40.06
C THR D 224 -22.40 9.56 -38.87
N ILE D 225 -23.63 10.06 -38.96
CA ILE D 225 -24.57 9.91 -37.86
C ILE D 225 -24.91 8.44 -37.64
N ASN D 226 -25.17 7.69 -38.72
CA ASN D 226 -25.49 6.28 -38.58
C ASN D 226 -24.30 5.48 -38.08
N PHE D 227 -23.08 5.85 -38.50
CA PHE D 227 -21.89 5.15 -38.03
C PHE D 227 -21.67 5.38 -36.53
N LEU D 228 -21.72 6.64 -36.10
CA LEU D 228 -21.49 6.94 -34.69
C LEU D 228 -22.60 6.40 -33.81
N SER D 229 -23.85 6.40 -34.30
CA SER D 229 -24.95 5.87 -33.51
C SER D 229 -24.91 4.34 -33.45
N LYS D 230 -24.50 3.70 -34.54
CA LYS D 230 -24.32 2.25 -34.52
C LYS D 230 -23.17 1.85 -33.59
N SER D 231 -22.15 2.70 -33.48
CA SER D 231 -21.04 2.40 -32.59
C SER D 231 -21.47 2.51 -31.12
N VAL D 232 -22.26 3.54 -30.79
CA VAL D 232 -22.65 3.76 -29.41
C VAL D 232 -23.49 2.60 -28.89
N ASN D 233 -24.34 2.03 -29.74
CA ASN D 233 -25.20 0.94 -29.31
C ASN D 233 -24.39 -0.31 -28.97
N ARG D 234 -23.45 -0.70 -29.84
CA ARG D 234 -22.62 -1.86 -29.56
C ARG D 234 -21.69 -1.62 -28.39
N MET D 235 -21.36 -0.36 -28.08
CA MET D 235 -20.60 -0.07 -26.87
C MET D 235 -21.41 -0.43 -25.63
N LYS D 236 -22.70 -0.05 -25.61
CA LYS D 236 -23.54 -0.36 -24.46
C LYS D 236 -23.70 -1.86 -24.27
N LYS D 237 -23.67 -2.63 -25.36
CA LYS D 237 -23.67 -4.08 -25.23
C LYS D 237 -22.41 -4.57 -24.53
N SER D 238 -21.28 -3.90 -24.73
CA SER D 238 -20.03 -4.27 -24.08
C SER D 238 -19.98 -3.76 -22.64
N ASP D 249 -14.94 8.69 -19.28
CA ASP D 249 -15.68 8.27 -20.46
C ASP D 249 -17.07 8.92 -20.49
N PHE D 250 -17.29 9.79 -21.49
CA PHE D 250 -18.56 10.52 -21.58
C PHE D 250 -19.73 9.58 -21.76
N LEU D 251 -19.57 8.54 -22.58
CA LEU D 251 -20.64 7.56 -22.78
C LEU D 251 -21.00 6.88 -21.47
N GLN D 252 -20.00 6.49 -20.67
CA GLN D 252 -20.28 5.83 -19.41
C GLN D 252 -20.92 6.77 -18.41
N LEU D 253 -20.50 8.04 -18.40
CA LEU D 253 -21.06 9.00 -17.46
C LEU D 253 -22.55 9.21 -17.71
N MET D 254 -22.96 9.16 -18.98
CA MET D 254 -24.38 9.29 -19.31
C MET D 254 -25.11 7.96 -19.14
N ILE D 255 -24.45 6.85 -19.46
CA ILE D 255 -25.04 5.53 -19.22
C ILE D 255 -25.35 5.36 -17.73
N ASP D 256 -24.50 5.90 -16.87
CA ASP D 256 -24.70 5.73 -15.43
C ASP D 256 -25.92 6.49 -14.93
N SER D 257 -26.29 7.60 -15.57
CA SER D 257 -27.43 8.37 -15.13
C SER D 257 -28.76 7.71 -15.47
N GLN D 258 -28.76 6.75 -16.39
CA GLN D 258 -29.99 6.05 -16.76
C GLN D 258 -30.56 5.23 -15.60
N LYS D 267 -37.76 11.98 -17.00
CA LYS D 267 -36.37 12.30 -16.71
C LYS D 267 -35.44 11.22 -17.27
N ALA D 268 -36.02 10.21 -17.89
CA ALA D 268 -35.23 9.11 -18.44
C ALA D 268 -34.48 9.59 -19.68
N LEU D 269 -33.15 9.48 -19.65
CA LEU D 269 -32.33 9.78 -20.82
C LEU D 269 -32.34 8.56 -21.73
N SER D 270 -33.09 8.65 -22.82
CA SER D 270 -33.31 7.49 -23.68
C SER D 270 -32.04 7.14 -24.46
N ASP D 271 -32.13 6.05 -25.24
CA ASP D 271 -30.97 5.62 -26.02
C ASP D 271 -30.68 6.59 -27.15
N LEU D 272 -31.71 7.06 -27.85
CA LEU D 272 -31.50 8.05 -28.90
C LEU D 272 -30.96 9.36 -28.33
N GLU D 273 -31.51 9.81 -27.21
CA GLU D 273 -31.00 11.02 -26.57
C GLU D 273 -29.57 10.85 -26.11
N LEU D 274 -29.20 9.64 -25.69
CA LEU D 274 -27.82 9.39 -25.29
C LEU D 274 -26.88 9.44 -26.49
N ALA D 275 -27.23 8.71 -27.56
CA ALA D 275 -26.41 8.74 -28.76
C ALA D 275 -26.36 10.13 -29.38
N ALA D 276 -27.42 10.93 -29.19
CA ALA D 276 -27.44 12.28 -29.75
C ALA D 276 -26.40 13.17 -29.11
N GLN D 277 -26.25 13.08 -27.78
CA GLN D 277 -25.25 13.90 -27.10
C GLN D 277 -23.84 13.42 -27.42
N SER D 278 -23.65 12.09 -27.51
CA SER D 278 -22.33 11.56 -27.84
C SER D 278 -21.86 12.06 -29.20
N ILE D 279 -22.77 12.16 -30.16
CA ILE D 279 -22.40 12.63 -31.49
C ILE D 279 -22.16 14.13 -31.47
N ILE D 280 -22.98 14.88 -30.72
CA ILE D 280 -22.85 16.33 -30.73
C ILE D 280 -21.59 16.77 -29.99
N PHE D 281 -21.15 16.01 -28.98
CA PHE D 281 -19.90 16.35 -28.30
C PHE D 281 -18.71 16.17 -29.23
N ILE D 282 -18.75 15.13 -30.07
CA ILE D 282 -17.68 14.89 -31.03
C ILE D 282 -17.65 16.00 -32.08
N PHE D 283 -18.81 16.31 -32.65
CA PHE D 283 -18.90 17.40 -33.62
C PHE D 283 -18.40 18.71 -33.02
N ALA D 284 -18.80 19.00 -31.79
CA ALA D 284 -18.44 20.28 -31.19
C ALA D 284 -16.95 20.36 -30.88
N GLY D 285 -16.37 19.28 -30.38
CA GLY D 285 -15.00 19.35 -29.89
C GLY D 285 -13.94 19.27 -30.97
N TYR D 286 -14.25 18.66 -32.11
CA TYR D 286 -13.24 18.37 -33.13
C TYR D 286 -12.56 19.62 -33.66
N GLU D 287 -13.27 20.41 -34.48
CA GLU D 287 -12.62 21.51 -35.18
C GLU D 287 -12.33 22.70 -34.27
N THR D 288 -13.16 22.94 -33.27
CA THR D 288 -12.95 24.09 -32.39
C THR D 288 -11.64 23.95 -31.61
N THR D 289 -11.45 22.81 -30.95
CA THR D 289 -10.21 22.57 -30.22
C THR D 289 -9.02 22.61 -31.16
N SER D 290 -9.17 22.06 -32.36
CA SER D 290 -8.10 22.11 -33.35
C SER D 290 -7.74 23.54 -33.72
N SER D 291 -8.74 24.41 -33.85
CA SER D 291 -8.48 25.77 -34.30
C SER D 291 -7.82 26.61 -33.22
N VAL D 292 -8.37 26.58 -32.01
CA VAL D 292 -7.83 27.43 -30.94
C VAL D 292 -6.41 27.02 -30.58
N LEU D 293 -6.09 25.72 -30.67
CA LEU D 293 -4.71 25.29 -30.45
C LEU D 293 -3.77 25.92 -31.47
N SER D 294 -4.11 25.83 -32.76
CA SER D 294 -3.27 26.41 -33.79
C SER D 294 -3.22 27.93 -33.71
N PHE D 295 -4.30 28.56 -33.25
CA PHE D 295 -4.27 30.01 -33.03
C PHE D 295 -3.35 30.36 -31.86
N THR D 296 -3.39 29.56 -30.79
CA THR D 296 -2.51 29.82 -29.66
C THR D 296 -1.05 29.66 -30.04
N LEU D 297 -0.74 28.71 -30.91
CA LEU D 297 0.65 28.50 -31.31
C LEU D 297 1.12 29.59 -32.27
N TYR D 298 0.23 30.08 -33.14
CA TYR D 298 0.59 31.21 -34.00
C TYR D 298 0.96 32.42 -33.16
N GLU D 299 0.13 32.75 -32.17
CA GLU D 299 0.39 33.92 -31.35
C GLU D 299 1.61 33.73 -30.45
N LEU D 300 2.00 32.49 -30.17
CA LEU D 300 3.23 32.27 -29.41
C LEU D 300 4.46 32.37 -30.30
N ALA D 301 4.37 31.86 -31.54
CA ALA D 301 5.49 31.96 -32.46
C ALA D 301 5.77 33.40 -32.85
N THR D 302 4.72 34.18 -33.09
CA THR D 302 4.87 35.59 -33.45
C THR D 302 5.22 36.47 -32.25
N HIS D 303 5.04 35.97 -31.03
CA HIS D 303 5.39 36.68 -29.80
C HIS D 303 6.40 35.83 -29.03
N PRO D 304 7.68 35.88 -29.43
CA PRO D 304 8.67 35.00 -28.79
C PRO D 304 8.87 35.29 -27.31
N ASP D 305 8.73 36.55 -26.89
CA ASP D 305 8.83 36.88 -25.47
C ASP D 305 7.76 36.17 -24.66
N VAL D 306 6.57 35.97 -25.24
CA VAL D 306 5.50 35.29 -24.53
C VAL D 306 5.75 33.79 -24.47
N GLN D 307 6.23 33.21 -25.58
CA GLN D 307 6.47 31.78 -25.64
C GLN D 307 7.54 31.34 -24.64
N GLN D 308 8.60 32.15 -24.49
CA GLN D 308 9.64 31.80 -23.53
C GLN D 308 9.14 31.94 -22.09
N LYS D 309 8.33 32.97 -21.83
CA LYS D 309 7.82 33.18 -20.47
C LYS D 309 6.87 32.06 -20.06
N LEU D 310 6.08 31.55 -21.00
CA LEU D 310 5.19 30.43 -20.68
C LEU D 310 5.97 29.14 -20.46
N GLN D 311 7.01 28.92 -21.27
CA GLN D 311 7.83 27.72 -21.10
C GLN D 311 8.55 27.73 -19.75
N LYS D 312 8.98 28.91 -19.30
CA LYS D 312 9.61 29.00 -17.98
C LYS D 312 8.63 28.60 -16.88
N GLU D 313 7.37 29.03 -17.00
CA GLU D 313 6.37 28.66 -16.00
C GLU D 313 6.08 27.16 -16.03
N ILE D 314 6.00 26.58 -17.23
CA ILE D 314 5.73 25.15 -17.33
C ILE D 314 6.87 24.34 -16.73
N ASP D 315 8.11 24.75 -16.99
CA ASP D 315 9.26 24.03 -16.44
C ASP D 315 9.33 24.18 -14.93
N ALA D 316 8.96 25.35 -14.41
CA ALA D 316 9.03 25.55 -12.96
C ALA D 316 7.99 24.73 -12.22
N VAL D 317 6.81 24.53 -12.83
CA VAL D 317 5.78 23.73 -12.19
C VAL D 317 6.07 22.24 -12.33
N LEU D 318 6.55 21.82 -13.51
CA LEU D 318 6.87 20.42 -13.80
C LEU D 318 8.35 20.32 -14.16
N PRO D 319 9.24 20.20 -13.18
CA PRO D 319 10.68 20.14 -13.48
C PRO D 319 11.05 18.83 -14.16
N ASN D 320 12.06 18.92 -15.03
CA ASN D 320 12.58 17.76 -15.77
C ASN D 320 11.49 17.09 -16.60
N LYS D 321 10.71 17.91 -17.30
CA LYS D 321 9.63 17.44 -18.17
C LYS D 321 8.69 16.49 -17.44
N ALA D 322 8.31 16.89 -16.23
CA ALA D 322 7.48 16.06 -15.38
C ALA D 322 6.09 15.85 -15.99
N PRO D 323 5.41 14.75 -15.62
CA PRO D 323 4.07 14.54 -16.15
C PRO D 323 3.09 15.55 -15.57
N PRO D 324 2.09 15.96 -16.35
CA PRO D 324 1.12 16.93 -15.84
C PRO D 324 0.11 16.28 -14.91
N THR D 325 -0.22 16.99 -13.84
CA THR D 325 -1.29 16.61 -12.93
C THR D 325 -2.37 17.67 -12.95
N TYR D 326 -3.57 17.31 -12.47
CA TYR D 326 -4.70 18.21 -12.52
C TYR D 326 -4.41 19.52 -11.78
N ASP D 327 -3.86 19.41 -10.57
CA ASP D 327 -3.52 20.62 -9.81
C ASP D 327 -2.45 21.43 -10.51
N ALA D 328 -1.55 20.77 -11.24
CA ALA D 328 -0.48 21.49 -11.93
C ALA D 328 -1.05 22.37 -13.05
N VAL D 329 -2.00 21.86 -13.81
CA VAL D 329 -2.54 22.62 -14.94
C VAL D 329 -3.39 23.79 -14.45
N VAL D 330 -4.11 23.59 -13.35
CA VAL D 330 -4.99 24.65 -12.84
C VAL D 330 -4.19 25.81 -12.28
N GLN D 331 -3.01 25.54 -11.74
CA GLN D 331 -2.21 26.57 -11.08
C GLN D 331 -1.29 27.33 -12.04
N MET D 332 -1.29 26.99 -13.32
CA MET D 332 -0.50 27.72 -14.31
C MET D 332 -1.27 28.97 -14.73
N GLU D 333 -0.97 30.09 -14.08
CA GLU D 333 -1.69 31.33 -14.35
C GLU D 333 -1.45 31.82 -15.78
N TYR D 334 -0.17 31.91 -16.17
CA TYR D 334 0.16 32.46 -17.48
C TYR D 334 -0.41 31.61 -18.61
N LEU D 335 -0.46 30.29 -18.43
CA LEU D 335 -1.07 29.44 -19.44
C LEU D 335 -2.54 29.79 -19.61
N ASP D 336 -3.23 30.12 -18.51
CA ASP D 336 -4.63 30.52 -18.62
C ASP D 336 -4.76 31.86 -19.32
N MET D 337 -3.84 32.80 -19.05
CA MET D 337 -3.90 34.11 -19.69
C MET D 337 -3.60 33.99 -21.18
N VAL D 338 -2.69 33.10 -21.57
CA VAL D 338 -2.37 32.92 -22.98
C VAL D 338 -3.56 32.32 -23.71
N VAL D 339 -4.18 31.29 -23.12
CA VAL D 339 -5.36 30.68 -23.73
C VAL D 339 -6.49 31.70 -23.81
N ASN D 340 -6.73 32.43 -22.71
CA ASN D 340 -7.81 33.41 -22.71
C ASN D 340 -7.58 34.51 -23.74
N GLU D 341 -6.33 34.97 -23.87
CA GLU D 341 -6.05 36.02 -24.85
C GLU D 341 -6.20 35.51 -26.27
N THR D 342 -5.87 34.24 -26.52
CA THR D 342 -6.11 33.66 -27.83
C THR D 342 -7.59 33.64 -28.15
N LEU D 343 -8.42 33.21 -27.19
CA LEU D 343 -9.86 33.18 -27.41
C LEU D 343 -10.47 34.57 -27.52
N ARG D 344 -9.80 35.60 -27.00
CA ARG D 344 -10.29 36.96 -27.24
C ARG D 344 -9.99 37.40 -28.67
N LEU D 345 -8.83 37.02 -29.21
CA LEU D 345 -8.51 37.37 -30.58
C LEU D 345 -9.35 36.57 -31.56
N PHE D 346 -9.56 35.28 -31.29
CA PHE D 346 -10.21 34.37 -32.22
C PHE D 346 -11.31 33.58 -31.51
N PRO D 347 -12.44 34.23 -31.19
CA PRO D 347 -13.60 33.47 -30.70
C PRO D 347 -14.22 32.66 -31.83
N VAL D 348 -13.93 31.36 -31.87
CA VAL D 348 -14.24 30.56 -33.05
C VAL D 348 -15.74 30.46 -33.30
N ALA D 349 -16.58 30.74 -32.30
CA ALA D 349 -18.01 30.78 -32.53
C ALA D 349 -18.50 32.12 -33.06
N ILE D 350 -17.64 33.14 -33.05
CA ILE D 350 -17.88 34.46 -33.64
C ILE D 350 -18.90 35.25 -32.83
N ARG D 351 -20.02 34.63 -32.47
CA ARG D 351 -21.15 35.35 -31.91
C ARG D 351 -21.97 34.44 -31.01
N LEU D 352 -22.93 35.04 -30.32
CA LEU D 352 -23.92 34.33 -29.52
C LEU D 352 -25.31 34.58 -30.10
N GLU D 353 -26.16 33.56 -30.08
CA GLU D 353 -27.46 33.66 -30.71
C GLU D 353 -28.53 33.07 -29.79
N ARG D 354 -29.58 33.86 -29.55
CA ARG D 354 -30.75 33.43 -28.80
C ARG D 354 -31.99 33.73 -29.62
N THR D 355 -33.11 33.10 -29.21
CA THR D 355 -34.39 33.30 -29.86
C THR D 355 -35.45 33.57 -28.82
N CYS D 356 -36.40 34.43 -29.15
CA CYS D 356 -37.56 34.65 -28.29
C CYS D 356 -38.55 33.50 -28.47
N LYS D 357 -39.02 32.93 -27.36
CA LYS D 357 -40.11 31.98 -27.42
C LYS D 357 -41.47 32.65 -27.28
N LYS D 358 -41.50 33.98 -27.18
CA LYS D 358 -42.73 34.76 -27.08
C LYS D 358 -42.38 36.21 -27.37
N ASP D 359 -43.41 37.03 -27.53
CA ASP D 359 -43.20 38.47 -27.70
C ASP D 359 -42.52 39.03 -26.47
N VAL D 360 -41.47 39.82 -26.69
CA VAL D 360 -40.66 40.36 -25.61
C VAL D 360 -40.27 41.80 -25.94
N GLU D 361 -40.23 42.63 -24.90
CA GLU D 361 -39.70 43.99 -25.01
C GLU D 361 -38.31 43.99 -24.38
N ILE D 362 -37.28 44.06 -25.21
CA ILE D 362 -35.89 44.06 -24.75
C ILE D 362 -35.36 45.48 -24.88
N ASN D 363 -35.06 46.09 -23.73
CA ASN D 363 -34.61 47.49 -23.65
C ASN D 363 -35.54 48.41 -24.45
N GLY D 364 -36.84 48.28 -24.18
CA GLY D 364 -37.83 49.13 -24.83
C GLY D 364 -38.08 48.85 -26.29
N VAL D 365 -37.61 47.72 -26.81
CA VAL D 365 -37.79 47.36 -28.21
C VAL D 365 -38.70 46.15 -28.27
N PHE D 366 -39.92 46.34 -28.77
CA PHE D 366 -40.90 45.26 -28.83
C PHE D 366 -40.51 44.29 -29.94
N ILE D 367 -39.98 43.14 -29.54
CA ILE D 367 -39.52 42.12 -30.48
C ILE D 367 -40.59 41.04 -30.58
N PRO D 368 -40.97 40.61 -31.78
CA PRO D 368 -42.00 39.57 -31.92
C PRO D 368 -41.46 38.20 -31.53
N LYS D 369 -42.39 37.27 -31.34
CA LYS D 369 -42.05 35.89 -31.01
C LYS D 369 -41.20 35.28 -32.11
N GLY D 370 -40.21 34.47 -31.72
CA GLY D 370 -39.40 33.74 -32.66
C GLY D 370 -38.22 34.51 -33.23
N SER D 371 -38.11 35.81 -32.97
CA SER D 371 -37.01 36.58 -33.52
C SER D 371 -35.70 36.25 -32.82
N MET D 372 -34.61 36.63 -33.46
CA MET D 372 -33.28 36.27 -32.98
C MET D 372 -32.61 37.47 -32.32
N VAL D 373 -31.85 37.20 -31.26
CA VAL D 373 -31.03 38.20 -30.60
C VAL D 373 -29.56 37.78 -30.73
N VAL D 374 -28.74 38.67 -31.28
CA VAL D 374 -27.34 38.38 -31.57
C VAL D 374 -26.46 39.17 -30.60
N ILE D 375 -25.47 38.49 -30.02
CA ILE D 375 -24.43 39.12 -29.22
C ILE D 375 -23.14 39.03 -30.02
N PRO D 376 -22.65 40.14 -30.59
CA PRO D 376 -21.45 40.08 -31.45
C PRO D 376 -20.17 39.93 -30.64
N THR D 377 -19.85 38.67 -30.30
CA THR D 377 -18.68 38.39 -29.47
C THR D 377 -17.40 38.92 -30.12
N TYR D 378 -17.22 38.65 -31.41
CA TYR D 378 -15.99 39.05 -32.09
C TYR D 378 -15.82 40.57 -32.08
N ALA D 379 -16.90 41.31 -32.40
CA ALA D 379 -16.81 42.75 -32.45
C ALA D 379 -16.57 43.35 -31.06
N LEU D 380 -17.11 42.72 -30.02
CA LEU D 380 -16.88 43.23 -28.66
C LEU D 380 -15.49 42.86 -28.15
N HIS D 381 -14.95 41.73 -28.60
CA HIS D 381 -13.59 41.36 -28.22
C HIS D 381 -12.55 42.30 -28.81
N HIS D 382 -12.86 42.91 -29.96
CA HIS D 382 -11.97 43.83 -30.64
C HIS D 382 -12.37 45.29 -30.45
N ASP D 383 -12.92 45.63 -29.29
CA ASP D 383 -13.43 46.97 -29.05
C ASP D 383 -12.45 47.76 -28.21
N PRO D 384 -11.89 48.87 -28.71
CA PRO D 384 -11.00 49.70 -27.88
C PRO D 384 -11.63 50.22 -26.60
N LYS D 385 -12.97 50.28 -26.54
CA LYS D 385 -13.63 50.73 -25.31
C LYS D 385 -13.31 49.84 -24.13
N TYR D 386 -13.07 48.55 -24.38
CA TYR D 386 -12.83 47.59 -23.32
C TYR D 386 -11.41 47.04 -23.30
N TRP D 387 -10.74 46.99 -24.45
CA TRP D 387 -9.40 46.41 -24.54
C TRP D 387 -8.47 47.42 -25.19
N THR D 388 -7.49 47.92 -24.42
CA THR D 388 -6.46 48.77 -24.99
C THR D 388 -5.72 48.02 -26.10
N GLU D 389 -5.43 48.74 -27.20
CA GLU D 389 -4.85 48.20 -28.43
C GLU D 389 -5.44 46.83 -28.73
N PRO D 390 -6.70 46.76 -29.15
CA PRO D 390 -7.41 45.47 -29.18
C PRO D 390 -6.85 44.48 -30.20
N GLU D 391 -6.04 44.92 -31.16
CA GLU D 391 -5.47 44.02 -32.14
C GLU D 391 -4.16 43.38 -31.69
N GLU D 392 -3.62 43.79 -30.54
CA GLU D 392 -2.37 43.26 -30.04
C GLU D 392 -2.61 42.08 -29.12
N PHE D 393 -1.75 41.07 -29.23
CA PHE D 393 -1.80 39.89 -28.38
C PHE D 393 -1.02 40.19 -27.11
N ARG D 394 -1.73 40.61 -26.06
CA ARG D 394 -1.13 40.97 -24.77
C ARG D 394 -1.80 40.14 -23.68
N PRO D 395 -1.25 38.96 -23.36
CA PRO D 395 -1.86 38.14 -22.30
C PRO D 395 -1.97 38.82 -20.95
N GLU D 396 -1.30 39.96 -20.75
CA GLU D 396 -1.38 40.68 -19.49
C GLU D 396 -2.75 41.27 -19.22
N ARG D 397 -3.64 41.32 -20.22
CA ARG D 397 -5.01 41.77 -19.99
C ARG D 397 -5.69 40.92 -18.93
N PHE D 398 -5.55 39.60 -19.03
CA PHE D 398 -6.20 38.66 -18.14
C PHE D 398 -5.41 38.41 -16.87
N SER D 399 -4.48 39.30 -16.53
CA SER D 399 -3.76 39.20 -15.27
C SER D 399 -4.72 39.35 -14.10
N LYS D 400 -4.59 38.47 -13.11
CA LYS D 400 -5.50 38.49 -11.97
C LYS D 400 -5.32 39.72 -11.10
N LYS D 401 -4.20 40.44 -11.25
CA LYS D 401 -3.99 41.66 -10.49
C LYS D 401 -4.88 42.79 -11.00
N LYS D 402 -5.22 42.78 -12.28
CA LYS D 402 -6.10 43.79 -12.86
C LYS D 402 -7.55 43.57 -12.42
N ASP D 403 -8.40 44.51 -12.77
CA ASP D 403 -9.82 44.38 -12.49
C ASP D 403 -10.41 43.22 -13.29
N SER D 404 -11.51 42.67 -12.77
CA SER D 404 -12.12 41.51 -13.39
C SER D 404 -12.64 41.83 -14.78
N ILE D 405 -12.60 40.83 -15.65
CA ILE D 405 -13.06 40.97 -17.03
C ILE D 405 -14.59 40.87 -17.06
N ASP D 406 -15.22 41.66 -17.92
CA ASP D 406 -16.67 41.67 -18.01
C ASP D 406 -17.19 40.38 -18.61
N PRO D 407 -17.99 39.59 -17.89
CA PRO D 407 -18.45 38.31 -18.44
C PRO D 407 -19.50 38.45 -19.54
N TYR D 408 -19.96 39.68 -19.82
CA TYR D 408 -20.87 39.93 -20.94
C TYR D 408 -20.18 40.59 -22.12
N ILE D 409 -18.96 41.07 -21.95
CA ILE D 409 -18.15 41.57 -23.06
C ILE D 409 -17.25 40.46 -23.61
N TYR D 410 -16.49 39.80 -22.75
CA TYR D 410 -15.63 38.70 -23.15
C TYR D 410 -16.44 37.41 -23.03
N THR D 411 -16.92 36.91 -24.17
CA THR D 411 -17.83 35.77 -24.20
C THR D 411 -17.39 34.74 -25.24
N PRO D 412 -16.18 34.18 -25.11
CA PRO D 412 -15.77 33.14 -26.05
C PRO D 412 -16.56 31.85 -25.88
N PHE D 413 -16.99 31.54 -24.66
CA PHE D 413 -17.83 30.38 -24.39
C PHE D 413 -19.27 30.77 -24.05
N GLY D 414 -19.64 32.04 -24.22
CA GLY D 414 -20.95 32.47 -23.82
C GLY D 414 -21.06 32.59 -22.31
N THR D 415 -22.27 32.91 -21.86
CA THR D 415 -22.56 33.10 -20.44
C THR D 415 -23.98 32.64 -20.18
N GLY D 416 -24.24 32.24 -18.93
CA GLY D 416 -25.57 31.94 -18.49
C GLY D 416 -25.90 30.46 -18.55
N PRO D 417 -27.16 30.13 -18.29
CA PRO D 417 -27.57 28.71 -18.22
C PRO D 417 -27.35 27.93 -19.50
N ARG D 418 -27.20 28.59 -20.65
CA ARG D 418 -26.96 27.90 -21.91
C ARG D 418 -25.62 28.32 -22.52
N ASN D 419 -24.60 28.43 -21.68
CA ASN D 419 -23.24 28.66 -22.15
C ASN D 419 -22.69 27.35 -22.72
N CYS D 420 -21.40 27.32 -23.00
CA CYS D 420 -20.78 26.09 -23.49
C CYS D 420 -20.74 25.05 -22.38
N ILE D 421 -21.24 23.85 -22.67
CA ILE D 421 -21.27 22.81 -21.65
C ILE D 421 -19.94 22.09 -21.52
N GLY D 422 -19.06 22.20 -22.52
CA GLY D 422 -17.76 21.58 -22.46
C GLY D 422 -16.63 22.59 -22.35
N MET D 423 -16.95 23.77 -21.83
CA MET D 423 -15.95 24.83 -21.70
C MET D 423 -14.79 24.38 -20.82
N ARG D 424 -15.09 23.82 -19.65
CA ARG D 424 -14.03 23.35 -18.76
C ARG D 424 -13.27 22.18 -19.39
N PHE D 425 -13.97 21.29 -20.09
CA PHE D 425 -13.29 20.18 -20.75
C PHE D 425 -12.42 20.68 -21.90
N ALA D 426 -12.93 21.61 -22.70
CA ALA D 426 -12.16 22.12 -23.83
C ALA D 426 -10.92 22.87 -23.37
N LEU D 427 -10.97 23.51 -22.20
CA LEU D 427 -9.79 24.20 -21.70
C LEU D 427 -8.74 23.22 -21.20
N MET D 428 -9.16 22.15 -20.52
CA MET D 428 -8.22 21.13 -20.09
C MET D 428 -7.58 20.44 -21.29
N ASN D 429 -8.38 20.16 -22.33
CA ASN D 429 -7.84 19.51 -23.51
C ASN D 429 -6.77 20.36 -24.17
N MET D 430 -7.00 21.67 -24.30
CA MET D 430 -6.04 22.53 -24.96
C MET D 430 -4.82 22.79 -24.09
N LYS D 431 -5.02 22.97 -22.78
CA LYS D 431 -3.90 23.25 -21.89
C LYS D 431 -2.98 22.03 -21.76
N LEU D 432 -3.56 20.84 -21.63
CA LEU D 432 -2.76 19.62 -21.56
C LEU D 432 -1.92 19.43 -22.83
N ALA D 433 -2.49 19.76 -23.98
CA ALA D 433 -1.73 19.66 -25.22
C ALA D 433 -0.67 20.75 -25.31
N LEU D 434 -0.99 21.96 -24.82
CA LEU D 434 -0.03 23.06 -24.88
C LEU D 434 1.15 22.81 -23.94
N ILE D 435 0.93 22.14 -22.82
CA ILE D 435 2.01 21.87 -21.88
C ILE D 435 3.01 20.88 -22.48
N ARG D 436 2.50 19.80 -23.06
CA ARG D 436 3.38 18.75 -23.55
C ARG D 436 4.22 19.22 -24.74
N VAL D 437 3.62 20.01 -25.64
CA VAL D 437 4.36 20.43 -26.83
C VAL D 437 5.37 21.53 -26.50
N LEU D 438 5.10 22.36 -25.49
CA LEU D 438 6.05 23.39 -25.09
C LEU D 438 7.16 22.84 -24.20
N GLN D 439 6.90 21.75 -23.47
CA GLN D 439 7.97 21.08 -22.73
C GLN D 439 9.04 20.54 -23.65
N ASN D 440 8.71 20.27 -24.92
CA ASN D 440 9.63 19.60 -25.82
C ASN D 440 10.02 20.41 -27.05
N PHE D 441 9.26 21.45 -27.41
CA PHE D 441 9.50 22.15 -28.66
C PHE D 441 9.39 23.66 -28.46
N SER D 442 9.94 24.38 -29.42
CA SER D 442 9.79 25.83 -29.53
C SER D 442 9.37 26.15 -30.96
N PHE D 443 8.50 27.15 -31.11
CA PHE D 443 7.88 27.46 -32.39
C PHE D 443 8.26 28.87 -32.84
N LYS D 444 8.53 29.01 -34.13
CA LYS D 444 8.91 30.29 -34.72
C LYS D 444 8.40 30.35 -36.15
N PRO D 445 8.10 31.54 -36.66
CA PRO D 445 7.55 31.64 -38.03
C PRO D 445 8.55 31.27 -39.11
N CYS D 446 8.12 31.33 -40.37
CA CYS D 446 8.99 31.07 -41.51
C CYS D 446 8.44 31.83 -42.71
N LYS D 447 9.02 31.57 -43.89
CA LYS D 447 8.60 32.29 -45.09
C LYS D 447 7.17 31.93 -45.50
N GLU D 448 6.73 30.71 -45.20
CA GLU D 448 5.37 30.29 -45.51
C GLU D 448 4.36 30.74 -44.46
N THR D 449 4.80 31.40 -43.39
CA THR D 449 3.90 31.88 -42.35
C THR D 449 3.27 33.20 -42.77
N GLN D 450 1.94 33.28 -42.65
CA GLN D 450 1.19 34.47 -43.04
C GLN D 450 1.16 35.45 -41.87
N ILE D 451 1.72 36.64 -42.07
CA ILE D 451 1.72 37.69 -41.06
C ILE D 451 1.41 39.03 -41.72
N PRO D 452 0.37 39.76 -41.28
CA PRO D 452 -0.57 39.40 -40.21
C PRO D 452 -1.57 38.33 -40.62
N LEU D 453 -2.08 37.59 -39.64
CA LEU D 453 -2.99 36.49 -39.91
C LEU D 453 -4.32 37.02 -40.42
N LYS D 454 -4.70 36.62 -41.63
CA LYS D 454 -5.96 37.03 -42.24
C LYS D 454 -6.98 35.92 -42.07
N LEU D 455 -8.14 36.28 -41.51
CA LEU D 455 -9.19 35.30 -41.25
C LEU D 455 -10.01 35.03 -42.50
N ASP D 456 -10.52 33.81 -42.61
CA ASP D 456 -11.34 33.41 -43.74
C ASP D 456 -12.81 33.73 -43.44
N THR D 457 -13.69 33.38 -44.38
CA THR D 457 -15.12 33.61 -44.27
C THR D 457 -15.79 32.26 -44.03
N GLN D 458 -15.74 31.79 -42.78
CA GLN D 458 -16.12 30.41 -42.50
C GLN D 458 -17.12 30.21 -41.37
N GLY D 459 -17.52 31.24 -40.62
CA GLY D 459 -18.48 30.99 -39.56
C GLY D 459 -17.90 30.25 -38.37
N LEU D 460 -17.04 29.27 -38.64
CA LEU D 460 -16.12 28.71 -37.65
C LEU D 460 -14.75 29.30 -37.98
N LEU D 461 -14.21 30.12 -37.07
CA LEU D 461 -13.03 30.93 -37.38
C LEU D 461 -11.86 30.08 -37.83
N GLN D 462 -11.39 30.33 -39.05
CA GLN D 462 -10.24 29.65 -39.62
C GLN D 462 -9.39 30.66 -40.37
N PRO D 463 -8.07 30.48 -40.37
CA PRO D 463 -7.20 31.38 -41.13
C PRO D 463 -7.40 31.21 -42.63
N GLU D 464 -7.16 32.30 -43.36
CA GLU D 464 -7.31 32.26 -44.82
C GLU D 464 -6.37 31.23 -45.44
N LYS D 465 -5.14 31.14 -44.93
CA LYS D 465 -4.20 30.10 -45.31
C LYS D 465 -3.83 29.29 -44.07
N PRO D 466 -3.70 27.97 -44.20
CA PRO D 466 -3.41 27.14 -43.02
C PRO D 466 -2.12 27.53 -42.34
N ILE D 467 -2.16 27.56 -41.00
CA ILE D 467 -1.02 28.02 -40.21
C ILE D 467 0.10 26.98 -40.30
N VAL D 468 1.23 27.38 -40.88
CA VAL D 468 2.43 26.55 -40.94
C VAL D 468 3.53 27.25 -40.14
N LEU D 469 4.25 26.48 -39.33
CA LEU D 469 5.27 27.04 -38.46
C LEU D 469 6.51 26.15 -38.48
N LYS D 470 7.60 26.67 -37.93
CA LYS D 470 8.86 25.94 -37.82
C LYS D 470 8.98 25.42 -36.39
N VAL D 471 9.03 24.11 -36.24
CA VAL D 471 9.04 23.45 -34.93
C VAL D 471 10.45 22.92 -34.70
N ASP D 472 11.13 23.48 -33.70
CA ASP D 472 12.46 23.03 -33.31
C ASP D 472 12.40 22.47 -31.90
N SER D 473 13.03 21.32 -31.69
CA SER D 473 13.07 20.73 -30.36
C SER D 473 14.02 21.50 -29.45
N ARG D 474 13.83 21.33 -28.14
CA ARG D 474 14.61 22.04 -27.14
C ARG D 474 15.80 21.23 -26.65
N ASP D 475 16.29 20.29 -27.45
CA ASP D 475 17.42 19.46 -27.06
C ASP D 475 18.47 19.42 -28.17
N THR E 6 -26.76 67.85 20.03
CA THR E 6 -27.29 66.56 19.63
C THR E 6 -27.92 66.65 18.24
N ARG E 7 -27.46 67.62 17.45
CA ARG E 7 -28.02 67.86 16.12
C ARG E 7 -27.75 66.71 15.17
N THR E 8 -26.59 66.07 15.28
CA THR E 8 -26.18 65.04 14.35
C THR E 8 -26.66 63.64 14.74
N HIS E 9 -27.28 63.48 15.90
CA HIS E 9 -27.60 62.15 16.41
C HIS E 9 -28.68 61.44 15.62
N GLY E 10 -29.34 62.13 14.68
CA GLY E 10 -30.32 61.51 13.83
C GLY E 10 -29.82 61.13 12.45
N LEU E 11 -28.50 61.13 12.23
CA LEU E 11 -27.96 60.90 10.90
C LEU E 11 -28.16 59.44 10.48
N PHE E 12 -27.63 58.50 11.25
CA PHE E 12 -27.67 57.10 10.85
C PHE E 12 -29.10 56.58 10.85
N LYS E 13 -29.93 57.06 11.79
CA LYS E 13 -31.34 56.71 11.76
C LYS E 13 -31.99 57.19 10.46
N ARG E 14 -31.56 58.35 9.97
CA ARG E 14 -32.05 58.86 8.69
C ARG E 14 -31.57 57.99 7.54
N LEU E 15 -30.26 57.70 7.49
CA LEU E 15 -29.69 56.93 6.40
C LEU E 15 -30.02 55.45 6.48
N GLY E 16 -30.68 54.99 7.54
CA GLY E 16 -31.07 53.60 7.65
C GLY E 16 -29.97 52.66 8.10
N ILE E 17 -28.95 53.18 8.77
CA ILE E 17 -27.83 52.36 9.25
C ILE E 17 -28.09 52.00 10.71
N PRO E 18 -27.96 50.73 11.09
CA PRO E 18 -28.21 50.35 12.49
C PRO E 18 -27.09 50.85 13.39
N GLY E 19 -27.35 50.75 14.71
CA GLY E 19 -26.38 51.17 15.70
C GLY E 19 -27.03 51.47 17.03
N PRO E 20 -26.23 51.47 18.10
CA PRO E 20 -26.78 51.75 19.43
C PRO E 20 -27.24 53.19 19.56
N THR E 21 -28.21 53.40 20.43
CA THR E 21 -28.84 54.70 20.58
C THR E 21 -27.90 55.65 21.32
N PRO E 22 -27.52 56.78 20.73
CA PRO E 22 -26.63 57.72 21.42
C PRO E 22 -27.35 58.45 22.54
N LEU E 23 -26.55 59.01 23.45
CA LEU E 23 -26.96 59.86 24.55
C LEU E 23 -26.60 61.31 24.25
N PRO E 24 -27.32 62.28 24.83
CA PRO E 24 -26.95 63.68 24.63
C PRO E 24 -25.53 63.96 25.12
N LEU E 25 -24.86 64.89 24.44
CA LEU E 25 -23.51 65.31 24.76
C LEU E 25 -22.49 64.19 24.59
N LEU E 26 -22.68 63.09 25.32
CA LEU E 26 -21.69 62.01 25.29
C LEU E 26 -21.75 61.21 24.00
N GLY E 27 -22.96 60.86 23.56
CA GLY E 27 -23.08 59.96 22.43
C GLY E 27 -22.99 58.54 22.91
N ASN E 28 -22.21 57.71 22.22
CA ASN E 28 -22.03 56.31 22.59
C ASN E 28 -20.75 56.08 23.39
N VAL E 29 -20.08 57.15 23.81
CA VAL E 29 -18.76 57.01 24.43
C VAL E 29 -18.85 56.25 25.75
N LEU E 30 -20.01 56.29 26.41
CA LEU E 30 -20.19 55.50 27.62
C LEU E 30 -20.00 54.01 27.37
N SER E 31 -20.38 53.54 26.19
CA SER E 31 -20.19 52.14 25.83
C SER E 31 -18.73 51.75 25.69
N TYR E 32 -17.81 52.71 25.80
CA TYR E 32 -16.39 52.42 25.72
C TYR E 32 -15.80 51.93 27.04
N ARG E 33 -16.54 52.06 28.14
CA ARG E 33 -16.02 51.66 29.46
C ARG E 33 -15.48 50.24 29.45
N GLN E 34 -16.16 49.33 28.76
CA GLN E 34 -15.81 47.92 28.77
C GLN E 34 -14.64 47.59 27.84
N GLY E 35 -14.06 48.59 27.18
CA GLY E 35 -13.00 48.35 26.22
C GLY E 35 -13.49 48.42 24.79
N LEU E 36 -12.68 48.98 23.90
CA LEU E 36 -13.09 49.10 22.50
C LEU E 36 -13.14 47.74 21.83
N TRP E 37 -12.26 46.81 22.21
CA TRP E 37 -12.29 45.47 21.63
C TRP E 37 -13.61 44.78 21.90
N LYS E 38 -14.16 44.95 23.11
CA LYS E 38 -15.44 44.33 23.42
C LYS E 38 -16.61 45.06 22.76
N PHE E 39 -16.57 46.40 22.77
CA PHE E 39 -17.64 47.17 22.15
C PHE E 39 -17.67 46.95 20.64
N ASP E 40 -16.51 46.73 20.02
CA ASP E 40 -16.49 46.48 18.58
C ASP E 40 -17.05 45.11 18.24
N THR E 41 -16.66 44.08 19.01
CA THR E 41 -17.15 42.73 18.72
C THR E 41 -18.66 42.64 18.93
N GLU E 42 -19.19 43.31 19.95
CA GLU E 42 -20.62 43.23 20.21
C GLU E 42 -21.42 43.94 19.13
N CYS E 43 -20.96 45.10 18.69
CA CYS E 43 -21.65 45.79 17.59
C CYS E 43 -21.54 45.02 16.29
N TYR E 44 -20.51 44.18 16.14
CA TYR E 44 -20.42 43.32 14.97
C TYR E 44 -21.46 42.21 15.03
N LYS E 45 -21.57 41.55 16.18
CA LYS E 45 -22.52 40.46 16.33
C LYS E 45 -23.97 40.93 16.30
N LYS E 46 -24.22 42.20 16.58
CA LYS E 46 -25.58 42.72 16.70
C LYS E 46 -26.08 43.38 15.42
N TYR E 47 -25.26 44.19 14.75
CA TYR E 47 -25.72 44.99 13.64
C TYR E 47 -25.21 44.51 12.28
N GLY E 48 -24.23 43.61 12.24
CA GLY E 48 -23.84 43.02 10.98
C GLY E 48 -22.67 43.68 10.27
N LYS E 49 -22.79 43.85 8.94
CA LYS E 49 -21.69 44.32 8.12
C LYS E 49 -21.38 45.80 8.33
N MET E 50 -22.26 46.55 9.00
CA MET E 50 -22.11 47.99 9.08
C MET E 50 -22.97 48.58 10.20
N TRP E 51 -22.37 49.39 11.07
CA TRP E 51 -23.11 50.02 12.15
C TRP E 51 -22.53 51.39 12.43
N GLY E 52 -23.35 52.27 12.99
CA GLY E 52 -22.95 53.64 13.25
C GLY E 52 -23.05 53.99 14.72
N THR E 53 -22.09 54.78 15.20
CA THR E 53 -22.09 55.32 16.55
C THR E 53 -21.69 56.80 16.48
N TYR E 54 -21.70 57.46 17.64
CA TYR E 54 -21.38 58.88 17.73
C TYR E 54 -20.41 59.11 18.87
N GLU E 55 -19.32 59.81 18.58
CA GLU E 55 -18.40 60.31 19.60
C GLU E 55 -18.76 61.78 19.84
N GLY E 56 -19.44 62.05 20.94
CA GLY E 56 -19.98 63.38 21.16
C GLY E 56 -21.02 63.74 20.12
N GLN E 57 -20.59 64.47 19.09
CA GLN E 57 -21.43 64.80 17.95
C GLN E 57 -20.90 64.22 16.64
N LEU E 58 -19.82 63.45 16.70
CA LEU E 58 -19.10 63.02 15.51
C LEU E 58 -19.63 61.68 15.03
N PRO E 59 -20.17 61.60 13.81
CA PRO E 59 -20.63 60.30 13.29
C PRO E 59 -19.46 59.37 13.01
N VAL E 60 -19.63 58.10 13.39
CA VAL E 60 -18.60 57.07 13.21
C VAL E 60 -19.24 55.90 12.48
N LEU E 61 -18.69 55.56 11.32
CA LEU E 61 -19.22 54.49 10.48
C LEU E 61 -18.23 53.33 10.46
N ALA E 62 -18.66 52.18 10.95
CA ALA E 62 -17.82 50.98 11.01
C ALA E 62 -18.15 50.07 9.82
N ILE E 63 -17.11 49.61 9.14
CA ILE E 63 -17.27 48.76 7.96
C ILE E 63 -16.52 47.46 8.18
N THR E 64 -17.09 46.36 7.65
CA THR E 64 -16.46 45.05 7.72
C THR E 64 -16.40 44.31 6.40
N ASP E 65 -17.07 44.78 5.36
CA ASP E 65 -16.94 44.17 4.05
C ASP E 65 -15.52 44.36 3.52
N PRO E 66 -14.79 43.30 3.18
CA PRO E 66 -13.39 43.48 2.79
C PRO E 66 -13.20 44.34 1.54
N ASP E 67 -14.19 44.40 0.66
CA ASP E 67 -14.08 45.28 -0.51
C ASP E 67 -14.24 46.74 -0.11
N VAL E 68 -15.10 47.02 0.86
CA VAL E 68 -15.27 48.39 1.34
C VAL E 68 -14.04 48.84 2.13
N ILE E 69 -13.42 47.93 2.87
CA ILE E 69 -12.18 48.25 3.58
C ILE E 69 -11.08 48.59 2.60
N ARG E 70 -11.02 47.86 1.48
CA ARG E 70 -10.01 48.16 0.46
C ARG E 70 -10.19 49.56 -0.12
N THR E 71 -11.44 50.03 -0.20
CA THR E 71 -11.69 51.36 -0.77
C THR E 71 -11.22 52.46 0.18
N VAL E 72 -11.50 52.31 1.48
CA VAL E 72 -11.14 53.35 2.43
C VAL E 72 -9.64 53.35 2.69
N LEU E 73 -9.04 52.17 2.81
CA LEU E 73 -7.63 52.10 3.18
C LEU E 73 -6.69 52.29 2.01
N VAL E 74 -7.07 51.83 0.81
CA VAL E 74 -6.15 51.84 -0.32
C VAL E 74 -6.62 52.77 -1.43
N LYS E 75 -7.78 52.47 -2.03
CA LYS E 75 -8.19 53.16 -3.24
C LYS E 75 -8.38 54.66 -3.00
N GLU E 76 -9.32 55.01 -2.12
CA GLU E 76 -9.59 56.42 -1.82
C GLU E 76 -8.81 56.89 -0.60
N CYS E 77 -7.56 56.45 -0.45
CA CYS E 77 -6.74 56.89 0.67
C CYS E 77 -6.29 58.34 0.49
N TYR E 78 -5.74 58.66 -0.67
CA TYR E 78 -5.24 60.01 -0.90
C TYR E 78 -6.37 61.00 -1.16
N SER E 79 -7.51 60.53 -1.66
CA SER E 79 -8.57 61.44 -2.09
C SER E 79 -9.58 61.74 -1.00
N VAL E 80 -9.79 60.83 -0.05
CA VAL E 80 -10.80 61.06 0.98
C VAL E 80 -10.25 60.72 2.37
N PHE E 81 -9.68 59.52 2.52
CA PHE E 81 -9.34 59.01 3.84
C PHE E 81 -7.82 59.09 4.05
N THR E 82 -7.33 60.32 4.13
CA THR E 82 -5.92 60.58 4.32
C THR E 82 -5.54 60.63 5.79
N ASN E 83 -6.37 61.25 6.63
CA ASN E 83 -6.02 61.57 8.00
C ASN E 83 -6.75 60.63 8.95
N ARG E 84 -6.10 60.34 10.08
CA ARG E 84 -6.59 59.25 10.94
C ARG E 84 -7.61 59.76 11.95
N ARG E 85 -7.40 60.93 12.52
CA ARG E 85 -8.29 61.44 13.55
C ARG E 85 -8.07 62.92 13.70
N SER E 86 -9.08 63.59 14.25
CA SER E 86 -9.04 65.04 14.39
C SER E 86 -7.96 65.45 15.40
N LEU E 87 -7.24 66.51 15.06
CA LEU E 87 -6.11 66.94 15.87
C LEU E 87 -6.57 67.60 17.16
N GLY E 88 -5.78 67.41 18.21
CA GLY E 88 -6.06 68.03 19.49
C GLY E 88 -4.85 68.82 20.00
N PRO E 89 -4.90 69.21 21.27
CA PRO E 89 -3.78 69.99 21.84
C PRO E 89 -2.52 69.14 22.00
N VAL E 90 -1.47 69.45 21.24
CA VAL E 90 -0.29 68.58 21.20
C VAL E 90 1.00 69.38 21.28
N GLY E 91 0.89 70.70 21.14
CA GLY E 91 2.09 71.52 21.13
C GLY E 91 2.86 71.34 19.84
N PHE E 92 4.20 71.37 19.93
CA PHE E 92 5.01 71.22 18.73
C PHE E 92 5.00 69.81 18.19
N MET E 93 4.36 68.86 18.87
CA MET E 93 4.25 67.50 18.36
C MET E 93 3.30 67.38 17.17
N LYS E 94 2.71 68.48 16.71
CA LYS E 94 1.81 68.43 15.56
C LYS E 94 2.52 67.97 14.29
N SER E 95 3.85 68.03 14.26
CA SER E 95 4.63 67.58 13.12
C SER E 95 4.91 66.08 13.14
N ALA E 96 4.49 65.36 14.17
CA ALA E 96 4.68 63.92 14.21
C ALA E 96 3.88 63.27 13.10
N ILE E 97 4.49 62.29 12.43
CA ILE E 97 3.90 61.66 11.24
C ILE E 97 2.50 61.13 11.54
N SER E 98 2.25 60.71 12.79
CA SER E 98 0.93 60.21 13.14
C SER E 98 -0.11 61.34 13.24
N LEU E 99 0.33 62.56 13.52
CA LEU E 99 -0.56 63.71 13.66
C LEU E 99 -0.64 64.57 12.41
N ALA E 100 0.08 64.21 11.35
CA ALA E 100 0.10 65.03 10.15
C ALA E 100 -1.14 64.77 9.30
N GLU E 101 -1.50 65.76 8.48
CA GLU E 101 -2.70 65.70 7.66
C GLU E 101 -2.37 66.08 6.22
N ASP E 102 -3.06 65.42 5.29
CA ASP E 102 -3.13 65.83 3.88
C ASP E 102 -1.73 65.91 3.29
N GLU E 103 -1.36 67.00 2.63
CA GLU E 103 -0.05 67.09 1.98
C GLU E 103 1.09 67.16 2.99
N GLU E 104 0.83 67.71 4.18
CA GLU E 104 1.86 67.70 5.22
C GLU E 104 2.23 66.28 5.61
N TRP E 105 1.27 65.35 5.57
CA TRP E 105 1.56 63.96 5.90
C TRP E 105 2.32 63.27 4.77
N LYS E 106 1.87 63.46 3.53
CA LYS E 106 2.54 62.83 2.39
C LYS E 106 4.02 63.17 2.35
N ARG E 107 4.37 64.41 2.75
CA ARG E 107 5.77 64.80 2.77
C ARG E 107 6.53 64.11 3.90
N ILE E 108 5.99 64.16 5.12
CA ILE E 108 6.66 63.54 6.26
C ILE E 108 6.81 62.04 6.03
N ARG E 109 5.73 61.38 5.58
CA ARG E 109 5.81 59.96 5.28
C ARG E 109 6.85 59.67 4.20
N SER E 110 7.01 60.58 3.25
CA SER E 110 8.02 60.39 2.21
C SER E 110 9.43 60.54 2.76
N LEU E 111 9.65 61.55 3.62
CA LEU E 111 10.98 61.78 4.18
C LEU E 111 11.42 60.64 5.10
N LEU E 112 10.49 59.90 5.67
CA LEU E 112 10.80 58.81 6.58
C LEU E 112 10.82 57.45 5.91
N SER E 113 10.29 57.34 4.69
CA SER E 113 10.25 56.04 4.01
C SER E 113 11.62 55.40 3.82
N PRO E 114 12.68 56.12 3.44
CA PRO E 114 13.99 55.46 3.32
C PRO E 114 14.52 54.90 4.63
N THR E 115 14.03 55.39 5.77
CA THR E 115 14.55 54.93 7.06
C THR E 115 14.05 53.53 7.41
N PHE E 116 12.83 53.17 6.99
CA PHE E 116 12.19 51.92 7.42
C PHE E 116 12.12 50.89 6.31
N THR E 117 13.03 50.94 5.34
CA THR E 117 13.08 49.93 4.31
C THR E 117 13.74 48.67 4.84
N SER E 118 13.57 47.56 4.10
CA SER E 118 14.23 46.32 4.48
C SER E 118 15.74 46.43 4.37
N GLY E 119 16.23 47.28 3.47
CA GLY E 119 17.67 47.48 3.37
C GLY E 119 18.25 48.12 4.62
N LYS E 120 17.61 49.19 5.10
CA LYS E 120 18.09 49.84 6.31
C LYS E 120 17.94 48.94 7.53
N LEU E 121 16.88 48.14 7.57
CA LEU E 121 16.69 47.22 8.69
C LEU E 121 17.81 46.19 8.74
N LYS E 122 18.23 45.68 7.58
CA LYS E 122 19.33 44.71 7.54
C LYS E 122 20.61 45.34 8.05
N GLU E 123 20.85 46.61 7.71
CA GLU E 123 22.03 47.32 8.22
C GLU E 123 21.95 47.48 9.73
N MET E 124 20.80 47.88 10.24
CA MET E 124 20.63 48.14 11.67
C MET E 124 20.56 46.87 12.50
N PHE E 125 20.56 45.69 11.86
CA PHE E 125 20.40 44.44 12.60
C PHE E 125 21.40 44.25 13.74
N PRO E 126 22.71 44.51 13.56
CA PRO E 126 23.61 44.41 14.72
C PRO E 126 23.25 45.36 15.84
N ILE E 127 22.62 46.49 15.53
CA ILE E 127 22.24 47.44 16.58
C ILE E 127 21.05 46.91 17.36
N ILE E 128 20.18 46.12 16.73
CA ILE E 128 19.02 45.58 17.43
C ILE E 128 19.40 44.34 18.24
N ALA E 129 20.15 43.43 17.61
CA ALA E 129 20.43 42.13 18.22
C ALA E 129 21.34 42.23 19.44
N GLN E 130 22.02 43.36 19.63
CA GLN E 130 22.91 43.50 20.78
C GLN E 130 22.17 43.53 22.11
N TYR E 131 20.85 43.72 22.10
CA TYR E 131 20.07 43.79 23.32
C TYR E 131 19.48 42.46 23.73
N GLY E 132 19.59 41.43 22.88
CA GLY E 132 19.23 40.08 23.30
C GLY E 132 20.17 39.55 24.38
N ASP E 133 21.43 40.01 24.37
CA ASP E 133 22.36 39.63 25.43
C ASP E 133 21.91 40.15 26.79
N VAL E 134 21.50 41.41 26.84
CA VAL E 134 20.99 41.97 28.08
C VAL E 134 19.67 41.30 28.47
N LEU E 135 18.83 40.99 27.49
CA LEU E 135 17.55 40.35 27.78
C LEU E 135 17.78 38.96 28.37
N VAL E 136 18.66 38.17 27.76
CA VAL E 136 18.89 36.82 28.26
C VAL E 136 19.61 36.84 29.60
N ARG E 137 20.47 37.85 29.82
CA ARG E 137 21.13 37.95 31.12
C ARG E 137 20.15 38.39 32.20
N ASN E 138 19.30 39.38 31.90
CA ASN E 138 18.31 39.83 32.87
C ASN E 138 17.30 38.74 33.18
N LEU E 139 16.91 37.96 32.17
CA LEU E 139 16.02 36.83 32.40
C LEU E 139 16.73 35.72 33.16
N ARG E 140 18.05 35.62 33.01
CA ARG E 140 18.80 34.59 33.72
C ARG E 140 18.77 34.81 35.22
N ARG E 141 18.92 36.07 35.65
CA ARG E 141 18.94 36.36 37.09
C ARG E 141 17.59 36.09 37.74
N GLU E 142 16.49 36.34 37.01
CA GLU E 142 15.17 36.07 37.56
C GLU E 142 14.80 34.59 37.48
N ALA E 143 15.34 33.87 36.49
CA ALA E 143 15.05 32.45 36.36
C ALA E 143 15.78 31.59 37.38
N GLU E 144 16.94 32.06 37.84
CA GLU E 144 17.69 31.34 38.86
C GLU E 144 17.21 31.63 40.27
N LYS E 145 16.33 32.63 40.45
CA LYS E 145 15.74 32.89 41.75
C LYS E 145 14.79 31.78 42.20
N GLY E 146 14.33 30.93 41.27
CA GLY E 146 13.32 29.95 41.60
C GLY E 146 11.94 30.52 41.76
N LYS E 147 11.74 31.79 41.44
CA LYS E 147 10.45 32.46 41.59
C LYS E 147 9.91 32.90 40.23
N PRO E 148 8.60 33.03 40.10
CA PRO E 148 8.02 33.38 38.80
C PRO E 148 8.45 34.78 38.34
N VAL E 149 8.16 35.06 37.08
CA VAL E 149 8.64 36.26 36.40
C VAL E 149 7.45 37.03 35.87
N THR E 150 7.46 38.35 36.08
CA THR E 150 6.48 39.26 35.48
C THR E 150 6.99 39.65 34.10
N LEU E 151 6.26 39.24 33.06
CA LEU E 151 6.77 39.38 31.70
C LEU E 151 6.97 40.84 31.31
N LYS E 152 6.09 41.73 31.77
CA LYS E 152 6.18 43.12 31.36
C LYS E 152 7.40 43.82 31.97
N ASP E 153 7.89 43.34 33.11
CA ASP E 153 9.09 43.93 33.69
C ASP E 153 10.32 43.59 32.86
N ILE E 154 10.45 42.33 32.44
CA ILE E 154 11.63 41.93 31.68
C ILE E 154 11.55 42.46 30.25
N PHE E 155 10.41 42.23 29.58
CA PHE E 155 10.27 42.59 28.18
C PHE E 155 9.87 44.04 27.96
N GLY E 156 9.32 44.71 28.97
CA GLY E 156 9.17 46.15 28.90
C GLY E 156 10.52 46.85 28.94
N ALA E 157 11.44 46.34 29.75
CA ALA E 157 12.80 46.87 29.76
C ALA E 157 13.48 46.62 28.42
N TYR E 158 13.29 45.44 27.84
CA TYR E 158 13.88 45.14 26.55
C TYR E 158 13.32 46.06 25.47
N SER E 159 12.01 46.25 25.46
CA SER E 159 11.38 47.06 24.42
C SER E 159 11.88 48.50 24.46
N MET E 160 12.08 49.04 25.66
CA MET E 160 12.61 50.39 25.79
C MET E 160 14.08 50.43 25.37
N ASP E 161 14.85 49.40 25.74
CA ASP E 161 16.28 49.37 25.40
C ASP E 161 16.49 49.39 23.89
N VAL E 162 15.73 48.59 23.15
CA VAL E 162 15.92 48.48 21.71
C VAL E 162 15.58 49.79 21.01
N ILE E 163 14.40 50.35 21.31
CA ILE E 163 13.97 51.56 20.62
C ILE E 163 14.83 52.76 21.03
N THR E 164 15.38 52.74 22.25
CA THR E 164 16.31 53.79 22.64
C THR E 164 17.67 53.60 21.96
N GLY E 165 18.10 52.35 21.83
CA GLY E 165 19.39 52.09 21.20
C GLY E 165 19.37 52.35 19.70
N THR E 166 18.29 51.91 19.02
CA THR E 166 18.19 52.15 17.59
C THR E 166 17.97 53.63 17.26
N SER E 167 17.45 54.41 18.20
CA SER E 167 17.19 55.83 17.95
C SER E 167 18.43 56.68 18.19
N PHE E 168 19.01 56.60 19.39
CA PHE E 168 20.02 57.56 19.82
C PHE E 168 21.42 56.96 19.93
N GLY E 169 21.55 55.63 19.89
CA GLY E 169 22.84 55.01 20.10
C GLY E 169 23.24 54.86 21.55
N VAL E 170 22.50 55.45 22.48
CA VAL E 170 22.78 55.29 23.90
C VAL E 170 22.28 53.93 24.36
N ASN E 171 23.11 53.22 25.12
CA ASN E 171 22.81 51.88 25.60
C ASN E 171 22.48 51.98 27.09
N ILE E 172 21.19 52.05 27.40
CA ILE E 172 20.71 52.06 28.78
C ILE E 172 20.34 50.64 29.17
N ASP E 173 20.43 50.36 30.47
CA ASP E 173 20.00 49.07 31.03
C ASP E 173 18.78 49.39 31.89
N SER E 174 17.60 49.33 31.27
CA SER E 174 16.38 49.81 31.92
C SER E 174 16.10 49.03 33.20
N LEU E 175 16.20 47.70 33.15
CA LEU E 175 15.81 46.89 34.29
C LEU E 175 16.67 47.15 35.51
N ASN E 176 17.92 47.57 35.30
CA ASN E 176 18.87 47.77 36.38
C ASN E 176 19.11 49.22 36.71
N ASN E 177 18.54 50.15 35.93
CA ASN E 177 18.65 51.59 36.19
C ASN E 177 17.27 52.23 36.12
N PRO E 178 16.42 51.97 37.12
CA PRO E 178 15.06 52.54 37.08
C PRO E 178 15.01 54.05 37.27
N GLN E 179 16.07 54.67 37.79
CA GLN E 179 16.10 56.11 38.02
C GLN E 179 16.79 56.88 36.90
N ASP E 180 17.08 56.23 35.78
CA ASP E 180 17.66 56.92 34.64
C ASP E 180 16.68 57.97 34.13
N PRO E 181 17.14 59.20 33.86
CA PRO E 181 16.22 60.22 33.31
C PRO E 181 15.55 59.79 32.02
N PHE E 182 16.19 58.94 31.22
CA PHE E 182 15.50 58.36 30.06
C PHE E 182 14.42 57.39 30.50
N VAL E 183 14.71 56.56 31.51
CA VAL E 183 13.77 55.51 31.92
C VAL E 183 12.55 56.12 32.60
N GLU E 184 12.77 57.00 33.58
CA GLU E 184 11.65 57.60 34.30
C GLU E 184 10.76 58.43 33.37
N SER E 185 11.34 59.08 32.37
CA SER E 185 10.55 59.91 31.47
C SER E 185 9.82 59.05 30.44
N THR E 186 10.46 57.99 29.93
CA THR E 186 9.80 57.16 28.94
C THR E 186 8.70 56.32 29.55
N LYS E 187 8.82 55.96 30.84
CA LYS E 187 7.81 55.13 31.48
C LYS E 187 6.48 55.84 31.60
N LYS E 188 6.45 57.17 31.51
CA LYS E 188 5.17 57.88 31.52
C LYS E 188 4.30 57.47 30.35
N PHE E 189 4.91 57.06 29.23
CA PHE E 189 4.16 56.62 28.07
C PHE E 189 3.26 55.42 28.38
N LEU E 190 3.59 54.64 29.40
CA LEU E 190 2.77 53.47 29.72
C LEU E 190 1.39 53.86 30.21
N LYS E 191 1.28 55.01 30.88
CA LYS E 191 -0.01 55.53 31.32
C LYS E 191 -0.95 55.76 30.16
N PHE E 192 -0.43 55.93 28.95
CA PHE E 192 -1.26 56.00 27.75
C PHE E 192 -2.06 54.72 27.58
N GLY E 193 -3.31 54.87 27.12
CA GLY E 193 -4.23 53.77 26.99
C GLY E 193 -5.27 53.69 28.09
N PHE E 194 -5.02 54.31 29.24
CA PHE E 194 -6.01 54.40 30.30
C PHE E 194 -7.02 55.49 29.98
N LEU E 195 -7.96 55.68 30.89
CA LEU E 195 -8.92 56.77 30.77
C LEU E 195 -8.18 58.11 30.82
N ASP E 196 -8.43 58.95 29.81
CA ASP E 196 -7.79 60.25 29.69
C ASP E 196 -8.85 61.34 29.69
N PRO E 197 -9.12 61.97 30.84
CA PRO E 197 -10.16 63.02 30.87
C PRO E 197 -9.88 64.17 29.91
N LEU E 198 -8.64 64.66 29.87
CA LEU E 198 -8.27 65.70 28.91
C LEU E 198 -8.61 65.28 27.48
N PHE E 199 -8.18 64.08 27.09
CA PHE E 199 -8.48 63.59 25.75
C PHE E 199 -9.97 63.47 25.53
N LEU E 200 -10.72 63.10 26.58
CA LEU E 200 -12.15 62.87 26.42
C LEU E 200 -12.89 64.16 26.13
N SER E 201 -12.55 65.24 26.83
CA SER E 201 -13.18 66.53 26.58
C SER E 201 -12.88 67.03 25.17
N ILE E 202 -11.67 66.75 24.67
CA ILE E 202 -11.33 67.10 23.29
C ILE E 202 -12.18 66.31 22.31
N ILE E 203 -12.49 65.05 22.64
CA ILE E 203 -13.39 64.26 21.80
C ILE E 203 -14.80 64.84 21.83
N LEU E 204 -15.32 65.07 23.04
CA LEU E 204 -16.72 65.47 23.19
C LEU E 204 -16.95 66.93 22.78
N PHE E 205 -15.98 67.81 23.07
CA PHE E 205 -16.10 69.24 22.78
C PHE E 205 -14.84 69.66 22.03
N PRO E 206 -14.75 69.34 20.73
CA PRO E 206 -13.50 69.58 20.00
C PRO E 206 -13.08 71.05 19.97
N PHE E 207 -13.97 71.98 20.29
CA PHE E 207 -13.61 73.39 20.30
C PHE E 207 -12.69 73.77 21.46
N LEU E 208 -12.41 72.84 22.38
CA LEU E 208 -11.51 73.10 23.49
C LEU E 208 -10.04 72.98 23.10
N THR E 209 -9.73 72.40 21.94
CA THR E 209 -8.33 72.22 21.55
C THR E 209 -7.56 73.54 21.48
N PRO E 210 -8.03 74.59 20.79
CA PRO E 210 -7.27 75.84 20.80
C PRO E 210 -7.19 76.49 22.18
N VAL E 211 -8.18 76.25 23.03
CA VAL E 211 -8.09 76.72 24.41
C VAL E 211 -6.94 76.01 25.13
N PHE E 212 -6.85 74.69 24.97
CA PHE E 212 -5.82 73.92 25.65
C PHE E 212 -4.44 74.20 25.07
N GLU E 213 -4.35 74.52 23.79
CA GLU E 213 -3.08 74.97 23.22
C GLU E 213 -2.65 76.30 23.86
N ALA E 214 -3.61 77.18 24.11
CA ALA E 214 -3.28 78.48 24.70
C ALA E 214 -2.78 78.35 26.13
N LEU E 215 -3.24 77.34 26.87
CA LEU E 215 -2.81 77.10 28.23
C LEU E 215 -1.55 76.24 28.31
N ASN E 216 -0.93 75.95 27.17
CA ASN E 216 0.27 75.11 27.10
C ASN E 216 -0.02 73.70 27.62
N VAL E 217 -1.21 73.20 27.29
CA VAL E 217 -1.66 71.88 27.69
C VAL E 217 -1.59 70.97 26.47
N SER E 218 -1.05 69.76 26.66
CA SER E 218 -0.87 68.81 25.58
C SER E 218 -1.36 67.43 26.00
N LEU E 219 -1.73 66.63 25.01
CA LEU E 219 -2.13 65.25 25.27
C LEU E 219 -0.94 64.36 25.59
N PHE E 220 0.27 64.77 25.20
CA PHE E 220 1.47 64.05 25.53
C PHE E 220 1.96 64.43 26.92
N PRO E 221 2.79 63.60 27.55
CA PRO E 221 3.41 64.00 28.83
C PRO E 221 4.39 65.14 28.63
N LYS E 222 4.06 66.32 29.15
CA LYS E 222 4.86 67.51 28.84
C LYS E 222 6.29 67.37 29.34
N ASP E 223 6.48 66.84 30.54
CA ASP E 223 7.84 66.66 31.07
C ASP E 223 8.64 65.64 30.25
N THR E 224 7.96 64.63 29.71
CA THR E 224 8.66 63.66 28.86
C THR E 224 8.98 64.26 27.50
N ILE E 225 8.06 65.04 26.93
CA ILE E 225 8.30 65.68 25.64
C ILE E 225 9.47 66.65 25.73
N ASN E 226 9.47 67.49 26.77
CA ASN E 226 10.55 68.46 26.92
C ASN E 226 11.89 67.78 27.13
N PHE E 227 11.91 66.66 27.85
CA PHE E 227 13.16 65.98 28.14
C PHE E 227 13.74 65.31 26.89
N LEU E 228 12.88 64.67 26.08
CA LEU E 228 13.38 63.95 24.91
C LEU E 228 13.85 64.90 23.83
N SER E 229 13.12 66.00 23.62
CA SER E 229 13.54 66.96 22.59
C SER E 229 14.87 67.61 22.93
N LYS E 230 15.07 67.97 24.21
CA LYS E 230 16.35 68.55 24.61
C LYS E 230 17.48 67.53 24.44
N SER E 231 17.21 66.26 24.71
CA SER E 231 18.19 65.22 24.46
C SER E 231 18.49 65.08 22.97
N VAL E 232 17.45 65.22 22.14
CA VAL E 232 17.66 65.15 20.70
C VAL E 232 18.58 66.27 20.23
N ASN E 233 18.39 67.48 20.77
CA ASN E 233 19.20 68.61 20.34
C ASN E 233 20.63 68.52 20.87
N ARG E 234 20.79 68.13 22.15
CA ARG E 234 22.14 68.04 22.71
C ARG E 234 22.95 66.96 22.02
N MET E 235 22.29 65.98 21.42
CA MET E 235 23.01 64.92 20.72
C MET E 235 23.31 65.31 19.29
N LYS E 236 22.48 66.17 18.68
CA LYS E 236 22.76 66.62 17.32
C LYS E 236 24.06 67.43 17.27
N LYS E 237 24.43 68.05 18.39
CA LYS E 237 25.72 68.73 18.45
C LYS E 237 26.88 67.74 18.36
N SER E 238 26.79 66.64 19.11
CA SER E 238 27.83 65.63 19.10
C SER E 238 27.75 64.76 17.84
N ASP E 249 21.52 54.29 13.64
CA ASP E 249 20.84 55.33 14.41
C ASP E 249 19.70 55.96 13.62
N PHE E 250 18.47 55.83 14.13
CA PHE E 250 17.35 56.56 13.56
C PHE E 250 17.62 58.06 13.55
N LEU E 251 18.22 58.57 14.63
CA LEU E 251 18.53 59.99 14.72
C LEU E 251 19.53 60.39 13.65
N GLN E 252 20.59 59.58 13.46
CA GLN E 252 21.60 59.92 12.47
C GLN E 252 21.05 59.86 11.05
N LEU E 253 20.12 58.94 10.78
CA LEU E 253 19.52 58.86 9.46
C LEU E 253 18.73 60.12 9.13
N MET E 254 17.97 60.63 10.10
CA MET E 254 17.20 61.85 9.86
C MET E 254 18.10 63.08 9.84
N ILE E 255 19.24 63.03 10.52
CA ILE E 255 20.21 64.12 10.41
C ILE E 255 20.78 64.19 9.01
N ASP E 256 21.09 63.03 8.42
CA ASP E 256 21.63 63.00 7.06
C ASP E 256 20.64 63.53 6.05
N SER E 257 19.34 63.35 6.29
CA SER E 257 18.32 63.85 5.37
C SER E 257 18.13 65.35 5.45
N GLN E 258 18.97 66.07 6.20
CA GLN E 258 18.87 67.52 6.27
C GLN E 258 19.97 68.18 5.46
N LYS E 267 10.89 70.60 1.35
CA LYS E 267 11.38 69.24 1.17
C LYS E 267 12.36 68.84 2.28
N ALA E 268 12.61 69.75 3.20
CA ALA E 268 13.53 69.49 4.30
C ALA E 268 12.77 68.98 5.52
N LEU E 269 13.53 68.63 6.56
CA LEU E 269 12.98 68.17 7.82
C LEU E 269 13.52 69.09 8.90
N SER E 270 12.67 69.99 9.40
CA SER E 270 13.11 71.01 10.33
C SER E 270 13.54 70.39 11.66
N ASP E 271 14.22 71.19 12.48
CA ASP E 271 14.70 70.71 13.77
C ASP E 271 13.54 70.36 14.69
N LEU E 272 12.37 70.98 14.51
CA LEU E 272 11.21 70.61 15.30
C LEU E 272 10.49 69.41 14.71
N GLU E 273 10.44 69.31 13.37
CA GLU E 273 9.88 68.12 12.75
C GLU E 273 10.73 66.89 13.04
N LEU E 274 12.04 67.07 13.18
CA LEU E 274 12.93 65.93 13.43
C LEU E 274 12.73 65.38 14.84
N ALA E 275 12.67 66.27 15.84
CA ALA E 275 12.46 65.82 17.21
C ALA E 275 11.08 65.17 17.39
N ALA E 276 10.08 65.62 16.64
CA ALA E 276 8.75 65.02 16.74
C ALA E 276 8.78 63.56 16.32
N GLN E 277 9.46 63.25 15.21
CA GLN E 277 9.56 61.86 14.79
C GLN E 277 10.39 61.05 15.77
N SER E 278 11.48 61.63 16.28
CA SER E 278 12.31 60.94 17.26
C SER E 278 11.51 60.56 18.49
N ILE E 279 10.58 61.42 18.90
CA ILE E 279 9.76 61.13 20.07
C ILE E 279 8.63 60.17 19.74
N ILE E 280 8.01 60.34 18.56
CA ILE E 280 6.89 59.48 18.20
C ILE E 280 7.35 58.05 17.96
N PHE E 281 8.63 57.83 17.66
CA PHE E 281 9.12 56.47 17.49
C PHE E 281 9.27 55.78 18.83
N ILE E 282 9.81 56.48 19.83
CA ILE E 282 9.94 55.90 21.16
C ILE E 282 8.57 55.59 21.75
N PHE E 283 7.63 56.52 21.61
CA PHE E 283 6.28 56.31 22.11
C PHE E 283 5.63 55.10 21.44
N ALA E 284 5.66 55.07 20.11
CA ALA E 284 4.96 54.01 19.37
C ALA E 284 5.57 52.65 19.68
N GLY E 285 6.90 52.56 19.65
CA GLY E 285 7.55 51.26 19.76
C GLY E 285 7.55 50.65 21.14
N TYR E 286 7.52 51.48 22.19
CA TYR E 286 7.70 51.01 23.55
C TYR E 286 6.62 50.01 23.96
N GLU E 287 5.40 50.50 24.25
CA GLU E 287 4.43 49.63 24.93
C GLU E 287 3.87 48.55 24.00
N THR E 288 3.65 48.87 22.72
CA THR E 288 3.04 47.90 21.82
C THR E 288 3.92 46.68 21.65
N THR E 289 5.23 46.89 21.46
CA THR E 289 6.13 45.75 21.33
C THR E 289 6.18 44.94 22.62
N SER E 290 6.23 45.62 23.76
CA SER E 290 6.27 44.93 25.05
C SER E 290 5.00 44.14 25.31
N SER E 291 3.86 44.62 24.81
CA SER E 291 2.58 43.95 25.07
C SER E 291 2.44 42.69 24.23
N VAL E 292 2.83 42.74 22.96
CA VAL E 292 2.68 41.57 22.09
C VAL E 292 3.61 40.46 22.52
N LEU E 293 4.84 40.82 22.91
CA LEU E 293 5.80 39.81 23.38
C LEU E 293 5.23 39.01 24.55
N SER E 294 4.67 39.72 25.53
CA SER E 294 4.10 39.03 26.70
C SER E 294 2.92 38.15 26.29
N PHE E 295 2.13 38.60 25.32
CA PHE E 295 1.06 37.75 24.79
C PHE E 295 1.63 36.53 24.08
N THR E 296 2.71 36.71 23.32
CA THR E 296 3.30 35.58 22.60
C THR E 296 3.87 34.56 23.57
N LEU E 297 4.56 35.02 24.62
CA LEU E 297 5.10 34.08 25.61
C LEU E 297 3.99 33.42 26.42
N TYR E 298 2.92 34.17 26.72
CA TYR E 298 1.77 33.56 27.37
C TYR E 298 1.20 32.44 26.53
N GLU E 299 1.10 32.65 25.22
CA GLU E 299 0.57 31.60 24.35
C GLU E 299 1.55 30.45 24.18
N LEU E 300 2.85 30.74 24.24
CA LEU E 300 3.83 29.67 24.16
C LEU E 300 3.83 28.80 25.42
N ALA E 301 3.56 29.39 26.58
CA ALA E 301 3.54 28.63 27.82
C ALA E 301 2.28 27.78 27.96
N THR E 302 1.16 28.25 27.44
CA THR E 302 -0.08 27.48 27.46
C THR E 302 -0.26 26.63 26.22
N HIS E 303 0.78 26.49 25.40
CA HIS E 303 0.78 25.59 24.24
C HIS E 303 2.15 24.96 24.13
N PRO E 304 2.46 24.00 25.01
CA PRO E 304 3.82 23.41 25.00
C PRO E 304 4.18 22.77 23.68
N ASP E 305 3.20 22.30 22.90
CA ASP E 305 3.49 21.76 21.58
C ASP E 305 4.06 22.84 20.66
N VAL E 306 3.51 24.06 20.74
CA VAL E 306 4.00 25.15 19.91
C VAL E 306 5.39 25.59 20.38
N GLN E 307 5.58 25.69 21.69
CA GLN E 307 6.87 26.14 22.21
C GLN E 307 7.99 25.17 21.87
N GLN E 308 7.73 23.86 22.01
CA GLN E 308 8.75 22.86 21.67
C GLN E 308 8.99 22.79 20.17
N LYS E 309 7.95 22.98 19.35
CA LYS E 309 8.15 22.95 17.91
C LYS E 309 8.93 24.17 17.44
N LEU E 310 8.65 25.34 18.03
CA LEU E 310 9.40 26.54 17.67
C LEU E 310 10.86 26.43 18.11
N GLN E 311 11.10 25.87 19.30
CA GLN E 311 12.46 25.67 19.75
C GLN E 311 13.20 24.70 18.84
N LYS E 312 12.50 23.69 18.31
CA LYS E 312 13.13 22.79 17.36
C LYS E 312 13.48 23.50 16.06
N GLU E 313 12.71 24.51 15.67
CA GLU E 313 13.03 25.28 14.47
C GLU E 313 14.19 26.23 14.72
N ILE E 314 14.23 26.86 15.90
CA ILE E 314 15.34 27.75 16.22
C ILE E 314 16.63 26.95 16.35
N ASP E 315 16.58 25.80 17.04
CA ASP E 315 17.77 24.99 17.22
C ASP E 315 18.26 24.38 15.91
N ALA E 316 17.41 24.30 14.89
CA ALA E 316 17.83 23.73 13.61
C ALA E 316 18.57 24.76 12.76
N VAL E 317 18.13 26.01 12.79
CA VAL E 317 18.77 27.05 11.99
C VAL E 317 19.95 27.69 12.72
N LEU E 318 19.86 27.83 14.06
CA LEU E 318 20.94 28.38 14.89
C LEU E 318 21.38 27.29 15.86
N PRO E 319 22.18 26.33 15.40
CA PRO E 319 22.57 25.22 16.27
C PRO E 319 23.53 25.66 17.36
N ASN E 320 23.37 25.06 18.54
CA ASN E 320 24.26 25.27 19.68
C ASN E 320 24.29 26.74 20.10
N LYS E 321 23.10 27.33 20.22
CA LYS E 321 22.95 28.73 20.65
C LYS E 321 23.73 29.69 19.76
N ALA E 322 23.69 29.45 18.46
CA ALA E 322 24.37 30.34 17.52
C ALA E 322 23.67 31.70 17.50
N PRO E 323 24.43 32.79 17.51
CA PRO E 323 23.80 34.11 17.45
C PRO E 323 23.04 34.28 16.16
N PRO E 324 21.97 35.07 16.17
CA PRO E 324 21.12 35.19 14.98
C PRO E 324 21.61 36.27 14.02
N THR E 325 21.40 36.00 12.74
CA THR E 325 21.66 36.95 11.67
C THR E 325 20.33 37.43 11.08
N TYR E 326 20.41 38.49 10.28
CA TYR E 326 19.20 39.03 9.66
C TYR E 326 18.56 38.01 8.72
N ASP E 327 19.36 37.41 7.85
CA ASP E 327 18.82 36.45 6.89
C ASP E 327 18.38 35.14 7.55
N ALA E 328 18.80 34.89 8.79
CA ALA E 328 18.33 33.71 9.50
C ALA E 328 16.93 33.90 10.06
N VAL E 329 16.64 35.08 10.60
CA VAL E 329 15.33 35.33 11.19
C VAL E 329 14.25 35.38 10.12
N VAL E 330 14.58 35.92 8.95
CA VAL E 330 13.60 36.02 7.87
C VAL E 330 13.17 34.63 7.39
N GLN E 331 14.06 33.64 7.51
CA GLN E 331 13.82 32.30 6.98
C GLN E 331 13.23 31.34 8.02
N MET E 332 12.71 31.86 9.13
CA MET E 332 12.04 31.03 10.12
C MET E 332 10.54 31.17 9.91
N GLU E 333 9.93 30.14 9.31
CA GLU E 333 8.51 30.22 8.96
C GLU E 333 7.62 30.09 10.19
N TYR E 334 7.91 29.11 11.05
CA TYR E 334 7.04 28.88 12.20
C TYR E 334 7.10 30.06 13.17
N LEU E 335 8.27 30.68 13.32
CA LEU E 335 8.36 31.89 14.14
C LEU E 335 7.48 32.99 13.58
N ASP E 336 7.49 33.17 12.26
CA ASP E 336 6.60 34.15 11.64
C ASP E 336 5.13 33.78 11.85
N MET E 337 4.82 32.48 11.87
CA MET E 337 3.45 32.04 12.13
C MET E 337 3.05 32.31 13.57
N VAL E 338 3.93 31.98 14.53
CA VAL E 338 3.62 32.19 15.94
C VAL E 338 3.36 33.66 16.22
N VAL E 339 4.19 34.55 15.67
CA VAL E 339 4.03 35.98 15.89
C VAL E 339 2.75 36.49 15.24
N ASN E 340 2.48 36.06 14.00
CA ASN E 340 1.25 36.50 13.32
C ASN E 340 0.00 35.98 14.02
N GLU E 341 0.06 34.79 14.60
CA GLU E 341 -1.11 34.26 15.30
C GLU E 341 -1.30 34.96 16.65
N THR E 342 -0.23 35.46 17.25
CA THR E 342 -0.40 36.26 18.47
C THR E 342 -1.02 37.61 18.15
N LEU E 343 -0.55 38.26 17.08
CA LEU E 343 -1.10 39.55 16.68
C LEU E 343 -2.54 39.42 16.18
N ARG E 344 -2.94 38.24 15.72
CA ARG E 344 -4.33 38.02 15.38
C ARG E 344 -5.20 38.02 16.63
N LEU E 345 -4.82 37.23 17.64
CA LEU E 345 -5.57 37.22 18.88
C LEU E 345 -5.49 38.56 19.60
N PHE E 346 -4.33 39.23 19.53
CA PHE E 346 -4.07 40.45 20.30
C PHE E 346 -3.49 41.54 19.42
N PRO E 347 -4.30 42.19 18.60
CA PRO E 347 -3.85 43.40 17.90
C PRO E 347 -3.93 44.60 18.84
N VAL E 348 -2.76 45.03 19.34
CA VAL E 348 -2.71 46.01 20.42
C VAL E 348 -3.32 47.34 20.01
N ALA E 349 -3.17 47.72 18.73
CA ALA E 349 -3.94 48.82 18.16
C ALA E 349 -5.27 48.23 17.72
N ILE E 350 -6.31 48.45 18.53
CA ILE E 350 -7.48 47.58 18.51
C ILE E 350 -8.26 47.72 17.21
N ARG E 351 -8.15 48.86 16.53
CA ARG E 351 -8.94 49.12 15.34
C ARG E 351 -8.13 49.97 14.37
N LEU E 352 -8.76 50.28 13.23
CA LEU E 352 -8.22 51.20 12.24
C LEU E 352 -9.22 52.33 12.05
N GLU E 353 -8.71 53.56 12.02
CA GLU E 353 -9.56 54.75 11.97
C GLU E 353 -9.10 55.66 10.85
N ARG E 354 -10.07 56.20 10.11
CA ARG E 354 -9.79 57.18 9.05
C ARG E 354 -10.84 58.28 9.11
N THR E 355 -10.48 59.45 8.59
CA THR E 355 -11.35 60.60 8.57
C THR E 355 -11.73 60.93 7.13
N CYS E 356 -12.98 61.36 6.93
CA CYS E 356 -13.46 61.81 5.63
C CYS E 356 -13.22 63.32 5.53
N LYS E 357 -12.26 63.71 4.68
CA LYS E 357 -11.95 65.12 4.52
C LYS E 357 -12.92 65.82 3.56
N LYS E 358 -13.99 65.16 3.16
CA LYS E 358 -15.03 65.76 2.33
C LYS E 358 -16.23 64.85 2.35
N ASP E 359 -17.35 65.36 1.85
CA ASP E 359 -18.54 64.53 1.67
C ASP E 359 -18.21 63.37 0.75
N VAL E 360 -18.49 62.15 1.21
CA VAL E 360 -18.11 60.94 0.50
C VAL E 360 -19.20 59.89 0.65
N GLU E 361 -19.51 59.19 -0.44
CA GLU E 361 -20.40 58.05 -0.41
C GLU E 361 -19.56 56.77 -0.37
N ILE E 362 -19.90 55.88 0.55
CA ILE E 362 -19.14 54.65 0.74
C ILE E 362 -20.13 53.51 0.97
N ASN E 363 -20.12 52.52 0.08
CA ASN E 363 -21.03 51.38 0.14
C ASN E 363 -22.49 51.83 0.23
N GLY E 364 -22.85 52.79 -0.63
CA GLY E 364 -24.21 53.27 -0.69
C GLY E 364 -24.66 54.08 0.52
N VAL E 365 -23.74 54.76 1.19
CA VAL E 365 -24.06 55.57 2.36
C VAL E 365 -23.33 56.90 2.23
N PHE E 366 -24.08 58.00 2.20
CA PHE E 366 -23.47 59.33 2.16
C PHE E 366 -23.01 59.71 3.56
N ILE E 367 -21.74 60.03 3.69
CA ILE E 367 -21.10 60.31 4.97
C ILE E 367 -20.66 61.77 4.98
N PRO E 368 -21.01 62.54 6.01
CA PRO E 368 -20.66 63.96 6.03
C PRO E 368 -19.16 64.18 6.16
N LYS E 369 -18.72 65.35 5.66
CA LYS E 369 -17.32 65.73 5.78
C LYS E 369 -16.92 65.81 7.24
N GLY E 370 -15.84 65.11 7.59
CA GLY E 370 -15.29 65.13 8.92
C GLY E 370 -15.59 63.91 9.76
N SER E 371 -16.43 63.00 9.27
CA SER E 371 -16.80 61.82 10.04
C SER E 371 -15.63 60.84 10.10
N MET E 372 -15.82 59.75 10.84
CA MET E 372 -14.77 58.77 11.09
C MET E 372 -15.23 57.40 10.63
N VAL E 373 -14.37 56.71 9.89
CA VAL E 373 -14.62 55.34 9.44
C VAL E 373 -13.72 54.41 10.25
N VAL E 374 -14.32 53.36 10.81
CA VAL E 374 -13.63 52.46 11.72
C VAL E 374 -13.59 51.06 11.11
N ILE E 375 -12.42 50.46 11.10
CA ILE E 375 -12.26 49.06 10.68
C ILE E 375 -11.97 48.23 11.92
N PRO E 376 -12.95 47.47 12.44
CA PRO E 376 -12.74 46.74 13.69
C PRO E 376 -11.77 45.58 13.53
N THR E 377 -10.47 45.89 13.65
CA THR E 377 -9.45 44.85 13.48
C THR E 377 -9.64 43.71 14.46
N TYR E 378 -9.90 44.04 15.73
CA TYR E 378 -10.07 42.99 16.74
C TYR E 378 -11.30 42.14 16.45
N ALA E 379 -12.40 42.76 16.01
CA ALA E 379 -13.63 42.02 15.77
C ALA E 379 -13.47 41.07 14.59
N LEU E 380 -12.78 41.50 13.53
CA LEU E 380 -12.57 40.63 12.38
C LEU E 380 -11.54 39.54 12.69
N HIS E 381 -10.58 39.82 13.56
CA HIS E 381 -9.59 38.82 13.94
C HIS E 381 -10.22 37.69 14.76
N HIS E 382 -11.38 37.92 15.37
CA HIS E 382 -12.09 36.89 16.12
C HIS E 382 -13.37 36.46 15.43
N ASP E 383 -13.58 36.88 14.19
CA ASP E 383 -14.80 36.57 13.46
C ASP E 383 -14.79 35.12 13.01
N PRO E 384 -15.78 34.30 13.41
CA PRO E 384 -15.85 32.92 12.91
C PRO E 384 -16.12 32.84 11.42
N LYS E 385 -16.58 33.92 10.79
CA LYS E 385 -16.83 33.92 9.35
C LYS E 385 -15.55 33.72 8.54
N TYR E 386 -14.39 34.05 9.13
CA TYR E 386 -13.12 33.90 8.43
C TYR E 386 -12.14 32.96 9.12
N TRP E 387 -12.17 32.87 10.45
CA TRP E 387 -11.24 32.05 11.21
C TRP E 387 -12.01 30.96 11.94
N THR E 388 -11.74 29.70 11.59
CA THR E 388 -12.28 28.58 12.35
C THR E 388 -11.80 28.66 13.78
N GLU E 389 -12.67 28.27 14.73
CA GLU E 389 -12.42 28.32 16.16
C GLU E 389 -11.60 29.55 16.54
N PRO E 390 -12.13 30.76 16.34
CA PRO E 390 -11.29 31.97 16.36
C PRO E 390 -10.65 32.28 17.70
N GLU E 391 -11.08 31.65 18.79
CA GLU E 391 -10.49 31.90 20.10
C GLU E 391 -9.31 31.00 20.41
N GLU E 392 -8.96 30.08 19.52
CA GLU E 392 -7.86 29.16 19.73
C GLU E 392 -6.56 29.71 19.17
N PHE E 393 -5.45 29.31 19.79
CA PHE E 393 -4.11 29.70 19.34
C PHE E 393 -3.61 28.61 18.39
N ARG E 394 -3.83 28.83 17.10
CA ARG E 394 -3.44 27.87 16.05
C ARG E 394 -2.52 28.61 15.08
N PRO E 395 -1.21 28.58 15.29
CA PRO E 395 -0.29 29.24 14.34
C PRO E 395 -0.33 28.67 12.94
N GLU E 396 -1.00 27.53 12.72
CA GLU E 396 -1.08 26.92 11.41
C GLU E 396 -2.01 27.66 10.46
N ARG E 397 -2.74 28.68 10.93
CA ARG E 397 -3.58 29.47 10.04
C ARG E 397 -2.73 30.20 9.00
N PHE E 398 -1.55 30.66 9.41
CA PHE E 398 -0.67 31.44 8.54
C PHE E 398 0.32 30.57 7.79
N SER E 399 0.02 29.29 7.59
CA SER E 399 0.90 28.44 6.80
C SER E 399 0.94 28.94 5.36
N LYS E 400 2.15 29.01 4.80
CA LYS E 400 2.31 29.45 3.42
C LYS E 400 1.65 28.48 2.43
N LYS E 401 1.42 27.24 2.83
CA LYS E 401 0.76 26.28 1.95
C LYS E 401 -0.72 26.61 1.76
N LYS E 402 -1.36 27.15 2.79
CA LYS E 402 -2.80 27.38 2.77
C LYS E 402 -3.12 28.58 1.86
N ASP E 403 -4.39 28.97 1.84
CA ASP E 403 -4.83 30.11 1.05
C ASP E 403 -4.31 31.40 1.67
N SER E 404 -4.13 32.42 0.83
CA SER E 404 -3.63 33.70 1.29
C SER E 404 -4.65 34.36 2.22
N ILE E 405 -4.14 34.91 3.33
CA ILE E 405 -4.99 35.62 4.27
C ILE E 405 -5.41 36.94 3.68
N ASP E 406 -6.68 37.29 3.85
CA ASP E 406 -7.20 38.55 3.33
C ASP E 406 -6.47 39.71 3.99
N PRO E 407 -5.75 40.54 3.23
CA PRO E 407 -5.01 41.66 3.84
C PRO E 407 -5.89 42.73 4.43
N TYR E 408 -7.21 42.68 4.18
CA TYR E 408 -8.13 43.66 4.73
C TYR E 408 -8.95 43.11 5.89
N ILE E 409 -8.82 41.82 6.22
CA ILE E 409 -9.49 41.23 7.37
C ILE E 409 -8.46 41.06 8.48
N TYR E 410 -7.23 40.75 8.10
CA TYR E 410 -6.12 40.61 9.03
C TYR E 410 -5.26 41.86 8.91
N THR E 411 -5.47 42.82 9.81
CA THR E 411 -4.80 44.12 9.75
C THR E 411 -4.22 44.50 11.11
N PRO E 412 -3.30 43.70 11.65
CA PRO E 412 -2.69 44.09 12.94
C PRO E 412 -1.87 45.36 12.85
N PHE E 413 -1.19 45.57 11.71
CA PHE E 413 -0.46 46.81 11.45
C PHE E 413 -1.19 47.73 10.49
N GLY E 414 -2.39 47.36 10.03
CA GLY E 414 -3.09 48.14 9.04
C GLY E 414 -2.56 47.87 7.64
N THR E 415 -3.24 48.46 6.67
CA THR E 415 -2.87 48.29 5.27
C THR E 415 -3.10 49.60 4.53
N GLY E 416 -2.35 49.80 3.46
CA GLY E 416 -2.50 50.96 2.61
C GLY E 416 -1.35 51.93 2.75
N PRO E 417 -1.45 53.09 2.10
CA PRO E 417 -0.38 54.08 2.20
C PRO E 417 -0.10 54.55 3.62
N ARG E 418 -1.09 54.49 4.52
CA ARG E 418 -0.87 54.94 5.88
C ARG E 418 -0.95 53.78 6.87
N ASN E 419 -0.24 52.69 6.59
CA ASN E 419 -0.12 51.59 7.53
C ASN E 419 0.97 51.91 8.55
N CYS E 420 1.23 50.96 9.44
CA CYS E 420 2.30 51.14 10.43
C CYS E 420 3.65 51.24 9.72
N ILE E 421 4.40 52.31 10.04
CA ILE E 421 5.68 52.52 9.39
C ILE E 421 6.80 51.72 10.06
N GLY E 422 6.65 51.34 11.33
CA GLY E 422 7.68 50.58 12.00
C GLY E 422 7.38 49.09 12.04
N MET E 423 6.54 48.65 11.10
CA MET E 423 6.09 47.27 11.09
C MET E 423 7.27 46.30 10.95
N ARG E 424 8.09 46.50 9.92
CA ARG E 424 9.22 45.59 9.70
C ARG E 424 10.21 45.66 10.85
N PHE E 425 10.33 46.81 11.50
CA PHE E 425 11.26 46.93 12.62
C PHE E 425 10.68 46.28 13.88
N ALA E 426 9.38 46.42 14.12
CA ALA E 426 8.76 45.82 15.28
C ALA E 426 8.77 44.29 15.19
N LEU E 427 8.56 43.75 13.99
CA LEU E 427 8.60 42.30 13.83
C LEU E 427 10.00 41.76 14.03
N MET E 428 11.01 42.44 13.49
CA MET E 428 12.39 42.01 13.69
C MET E 428 12.80 42.12 15.15
N ASN E 429 12.26 43.11 15.88
CA ASN E 429 12.59 43.27 17.28
C ASN E 429 11.98 42.15 18.13
N MET E 430 10.72 41.83 17.90
CA MET E 430 10.06 40.80 18.69
C MET E 430 10.64 39.42 18.39
N LYS E 431 10.94 39.15 17.12
CA LYS E 431 11.51 37.86 16.76
C LYS E 431 12.91 37.68 17.35
N LEU E 432 13.74 38.72 17.29
CA LEU E 432 15.06 38.64 17.93
C LEU E 432 14.93 38.38 19.42
N ALA E 433 13.95 39.01 20.07
CA ALA E 433 13.75 38.78 21.50
C ALA E 433 13.30 37.35 21.77
N LEU E 434 12.33 36.87 20.98
CA LEU E 434 11.82 35.52 21.20
C LEU E 434 12.89 34.46 20.92
N ILE E 435 13.71 34.68 19.91
CA ILE E 435 14.74 33.69 19.56
C ILE E 435 15.73 33.52 20.71
N ARG E 436 16.21 34.63 21.26
CA ARG E 436 17.26 34.54 22.29
C ARG E 436 16.72 33.93 23.57
N VAL E 437 15.48 34.26 23.95
CA VAL E 437 14.95 33.73 25.21
C VAL E 437 14.58 32.26 25.06
N LEU E 438 14.13 31.85 23.87
CA LEU E 438 13.78 30.45 23.65
C LEU E 438 15.01 29.58 23.44
N GLN E 439 16.14 30.15 23.02
CA GLN E 439 17.38 29.38 22.95
C GLN E 439 17.87 29.02 24.34
N ASN E 440 17.56 29.81 25.35
CA ASN E 440 18.12 29.64 26.68
C ASN E 440 17.13 29.19 27.73
N PHE E 441 15.83 29.45 27.56
CA PHE E 441 14.84 29.16 28.58
C PHE E 441 13.63 28.50 27.94
N SER E 442 12.80 27.90 28.80
CA SER E 442 11.48 27.41 28.43
C SER E 442 10.46 27.93 29.43
N PHE E 443 9.31 28.35 28.92
CA PHE E 443 8.29 29.00 29.74
C PHE E 443 7.14 28.03 30.01
N LYS E 444 6.52 28.21 31.17
CA LYS E 444 5.44 27.35 31.62
C LYS E 444 4.56 28.14 32.57
N PRO E 445 3.31 27.73 32.77
CA PRO E 445 2.43 28.45 33.68
C PRO E 445 2.63 28.04 35.13
N CYS E 446 2.27 28.95 36.03
CA CYS E 446 2.34 28.71 37.46
C CYS E 446 1.07 29.25 38.11
N LYS E 447 1.02 29.21 39.45
CA LYS E 447 -0.19 29.58 40.16
C LYS E 447 -0.56 31.04 39.98
N GLU E 448 0.39 31.87 39.56
CA GLU E 448 0.14 33.29 39.30
C GLU E 448 -0.30 33.55 37.86
N THR E 449 -0.34 32.53 37.02
CA THR E 449 -0.79 32.71 35.64
C THR E 449 -2.31 32.69 35.58
N GLN E 450 -2.89 33.68 34.90
CA GLN E 450 -4.34 33.78 34.80
C GLN E 450 -4.84 32.86 33.70
N ILE E 451 -5.61 31.84 34.09
CA ILE E 451 -6.27 30.95 33.14
C ILE E 451 -7.74 30.84 33.52
N PRO E 452 -8.70 31.31 32.68
CA PRO E 452 -8.52 31.94 31.36
C PRO E 452 -7.94 33.34 31.44
N LEU E 453 -7.39 33.83 30.33
CA LEU E 453 -6.75 35.14 30.30
C LEU E 453 -7.79 36.21 30.01
N LYS E 454 -8.01 37.10 30.98
CA LYS E 454 -8.92 38.23 30.79
C LYS E 454 -8.17 39.42 30.20
N LEU E 455 -8.82 40.08 29.24
CA LEU E 455 -8.30 41.33 28.69
C LEU E 455 -8.83 42.51 29.49
N ASP E 456 -8.05 43.58 29.51
CA ASP E 456 -8.41 44.77 30.27
C ASP E 456 -9.20 45.74 29.39
N THR E 457 -9.64 46.84 29.99
CA THR E 457 -10.37 47.89 29.29
C THR E 457 -9.46 48.88 28.59
N GLN E 458 -8.14 48.70 28.66
CA GLN E 458 -7.21 49.71 28.17
C GLN E 458 -7.29 49.85 26.65
N GLY E 459 -7.02 51.08 26.18
CA GLY E 459 -7.03 51.38 24.76
C GLY E 459 -5.90 50.75 23.98
N LEU E 460 -4.76 50.49 24.64
CA LEU E 460 -3.71 49.63 24.10
C LEU E 460 -3.85 48.27 24.77
N LEU E 461 -4.10 47.24 23.98
CA LEU E 461 -4.52 45.94 24.51
C LEU E 461 -3.55 45.43 25.57
N GLN E 462 -4.11 45.03 26.72
CA GLN E 462 -3.33 44.56 27.85
C GLN E 462 -4.14 43.55 28.64
N PRO E 463 -3.49 42.62 29.33
CA PRO E 463 -4.22 41.73 30.23
C PRO E 463 -4.73 42.48 31.45
N GLU E 464 -5.72 41.88 32.12
CA GLU E 464 -6.26 42.50 33.31
C GLU E 464 -5.24 42.48 34.45
N LYS E 465 -4.55 41.36 34.62
CA LYS E 465 -3.41 41.25 35.51
C LYS E 465 -2.14 41.04 34.70
N PRO E 466 -1.01 41.59 35.14
CA PRO E 466 0.23 41.39 34.38
C PRO E 466 0.61 39.91 34.31
N ILE E 467 1.01 39.49 33.12
CA ILE E 467 1.28 38.07 32.86
C ILE E 467 2.48 37.62 33.68
N VAL E 468 2.34 36.49 34.36
CA VAL E 468 3.39 35.90 35.18
C VAL E 468 3.60 34.47 34.72
N LEU E 469 4.85 34.11 34.46
CA LEU E 469 5.21 32.78 34.00
C LEU E 469 6.37 32.24 34.80
N LYS E 470 6.42 30.92 34.91
CA LYS E 470 7.55 30.22 35.51
C LYS E 470 8.60 29.99 34.42
N VAL E 471 9.82 30.43 34.67
CA VAL E 471 10.90 30.38 33.69
C VAL E 471 11.95 29.39 34.18
N ASP E 472 12.31 28.45 33.32
CA ASP E 472 13.35 27.46 33.61
C ASP E 472 14.34 27.44 32.45
N SER E 473 15.62 27.54 32.78
CA SER E 473 16.67 27.45 31.77
C SER E 473 16.77 26.02 31.24
N ARG E 474 17.30 25.91 30.02
CA ARG E 474 17.38 24.63 29.31
C ARG E 474 18.70 23.90 29.58
N ASP E 475 19.38 24.21 30.68
CA ASP E 475 20.64 23.56 31.00
C ASP E 475 20.63 23.01 32.43
N THR F 6 -68.73 7.23 16.54
CA THR F 6 -70.04 7.68 16.99
C THR F 6 -71.08 7.63 15.87
N ARG F 7 -70.61 7.43 14.64
CA ARG F 7 -71.49 7.48 13.48
C ARG F 7 -71.16 6.45 12.41
N THR F 8 -70.00 5.79 12.47
CA THR F 8 -69.52 4.99 11.33
C THR F 8 -70.38 3.75 11.12
N HIS F 9 -70.65 2.99 12.19
CA HIS F 9 -71.31 1.71 12.04
C HIS F 9 -72.73 1.86 11.49
N GLY F 10 -73.07 1.01 10.53
CA GLY F 10 -74.38 1.05 9.91
C GLY F 10 -74.32 1.03 8.39
N LEU F 11 -73.13 0.86 7.83
CA LEU F 11 -72.97 0.84 6.38
C LEU F 11 -73.62 -0.39 5.76
N PHE F 12 -73.15 -1.58 6.15
CA PHE F 12 -73.67 -2.81 5.54
C PHE F 12 -75.14 -3.03 5.86
N LYS F 13 -75.57 -2.59 7.05
CA LYS F 13 -77.00 -2.64 7.36
C LYS F 13 -77.79 -1.80 6.37
N ARG F 14 -77.35 -0.56 6.13
CA ARG F 14 -78.01 0.30 5.16
C ARG F 14 -77.95 -0.29 3.75
N LEU F 15 -76.86 -0.99 3.42
CA LEU F 15 -76.69 -1.60 2.10
C LEU F 15 -77.41 -2.93 1.96
N GLY F 16 -77.94 -3.50 3.05
CA GLY F 16 -78.58 -4.79 2.97
C GLY F 16 -77.64 -5.98 2.89
N ILE F 17 -76.37 -5.79 3.23
CA ILE F 17 -75.39 -6.88 3.24
C ILE F 17 -75.41 -7.54 4.62
N PRO F 18 -75.56 -8.85 4.70
CA PRO F 18 -75.57 -9.51 6.02
C PRO F 18 -74.18 -9.57 6.62
N GLY F 19 -74.15 -9.76 7.93
CA GLY F 19 -72.90 -9.86 8.65
C GLY F 19 -73.06 -9.78 10.14
N PRO F 20 -72.01 -10.14 10.89
CA PRO F 20 -72.09 -10.12 12.35
C PRO F 20 -72.24 -8.71 12.90
N THR F 21 -72.98 -8.61 13.99
CA THR F 21 -73.24 -7.33 14.63
C THR F 21 -71.96 -6.78 15.26
N PRO F 22 -71.45 -5.65 14.81
CA PRO F 22 -70.19 -5.14 15.37
C PRO F 22 -70.40 -4.46 16.71
N LEU F 23 -69.34 -4.44 17.50
CA LEU F 23 -69.39 -3.76 18.78
C LEU F 23 -68.84 -2.34 18.64
N PRO F 24 -69.27 -1.42 19.50
CA PRO F 24 -68.67 -0.08 19.48
C PRO F 24 -67.18 -0.15 19.73
N LEU F 25 -66.43 0.71 19.03
CA LEU F 25 -64.97 0.76 19.09
C LEU F 25 -64.32 -0.50 18.52
N LEU F 26 -64.68 -1.67 19.04
CA LEU F 26 -64.02 -2.90 18.63
C LEU F 26 -64.49 -3.42 17.28
N GLY F 27 -65.73 -3.13 16.89
CA GLY F 27 -66.27 -3.70 15.67
C GLY F 27 -66.51 -5.19 15.80
N ASN F 28 -65.91 -5.98 14.91
CA ASN F 28 -66.00 -7.44 14.96
C ASN F 28 -64.65 -8.07 15.26
N VAL F 29 -63.69 -7.28 15.77
CA VAL F 29 -62.33 -7.79 15.96
C VAL F 29 -62.30 -8.91 16.99
N LEU F 30 -63.22 -8.89 17.97
CA LEU F 30 -63.23 -9.94 18.97
C LEU F 30 -63.48 -11.32 18.35
N SER F 31 -64.14 -11.36 17.20
CA SER F 31 -64.41 -12.62 16.51
C SER F 31 -63.20 -13.14 15.74
N TYR F 32 -62.04 -12.52 15.90
CA TYR F 32 -60.81 -13.01 15.28
C TYR F 32 -60.03 -13.93 16.20
N ARG F 33 -60.41 -14.02 17.47
CA ARG F 33 -59.64 -14.79 18.45
C ARG F 33 -59.69 -16.28 18.18
N GLN F 34 -60.64 -16.76 17.38
CA GLN F 34 -60.69 -18.15 17.00
C GLN F 34 -59.87 -18.45 15.75
N GLY F 35 -59.30 -17.44 15.13
CA GLY F 35 -58.52 -17.60 13.92
C GLY F 35 -59.30 -17.06 12.72
N LEU F 36 -58.58 -16.38 11.83
CA LEU F 36 -59.22 -15.83 10.65
C LEU F 36 -59.74 -16.95 9.74
N TRP F 37 -59.02 -18.06 9.67
CA TRP F 37 -59.49 -19.21 8.89
C TRP F 37 -60.82 -19.73 9.41
N LYS F 38 -61.01 -19.70 10.73
CA LYS F 38 -62.26 -20.17 11.30
C LYS F 38 -63.37 -19.13 11.15
N PHE F 39 -63.04 -17.85 11.40
CA PHE F 39 -64.03 -16.80 11.25
C PHE F 39 -64.53 -16.70 9.81
N ASP F 40 -63.67 -17.02 8.84
CA ASP F 40 -64.06 -16.91 7.44
C ASP F 40 -65.04 -18.00 7.06
N THR F 41 -64.71 -19.26 7.38
CA THR F 41 -65.59 -20.36 7.00
C THR F 41 -66.94 -20.26 7.70
N GLU F 42 -66.94 -19.81 8.96
CA GLU F 42 -68.19 -19.63 9.68
C GLU F 42 -69.07 -18.59 9.01
N CYS F 43 -68.49 -17.44 8.65
CA CYS F 43 -69.25 -16.39 7.98
C CYS F 43 -69.71 -16.81 6.59
N TYR F 44 -68.92 -17.65 5.92
CA TYR F 44 -69.30 -18.12 4.59
C TYR F 44 -70.56 -18.98 4.65
N LYS F 45 -70.57 -20.00 5.52
CA LYS F 45 -71.75 -20.85 5.64
C LYS F 45 -72.97 -20.06 6.09
N LYS F 46 -72.76 -19.01 6.89
CA LYS F 46 -73.85 -18.31 7.54
C LYS F 46 -74.46 -17.21 6.68
N TYR F 47 -73.68 -16.55 5.83
CA TYR F 47 -74.17 -15.39 5.09
C TYR F 47 -74.12 -15.53 3.58
N GLY F 48 -73.47 -16.56 3.04
CA GLY F 48 -73.55 -16.83 1.61
C GLY F 48 -72.52 -16.12 0.76
N LYS F 49 -72.96 -15.55 -0.36
CA LYS F 49 -72.04 -15.02 -1.35
C LYS F 49 -71.20 -13.88 -0.80
N MET F 50 -71.73 -13.11 0.13
CA MET F 50 -71.15 -11.82 0.49
C MET F 50 -71.51 -11.48 1.91
N TRP F 51 -70.59 -10.86 2.64
CA TRP F 51 -70.89 -10.44 4.00
C TRP F 51 -69.94 -9.33 4.41
N GLY F 52 -70.39 -8.50 5.34
CA GLY F 52 -69.62 -7.35 5.81
C GLY F 52 -69.31 -7.46 7.29
N THR F 53 -68.10 -7.03 7.65
CA THR F 53 -67.66 -6.91 9.04
C THR F 53 -67.05 -5.53 9.25
N TYR F 54 -66.52 -5.29 10.44
CA TYR F 54 -65.89 -4.01 10.77
C TYR F 54 -64.67 -4.27 11.64
N GLU F 55 -63.51 -3.77 11.19
CA GLU F 55 -62.29 -3.74 12.00
C GLU F 55 -62.20 -2.35 12.61
N GLY F 56 -62.69 -2.20 13.83
CA GLY F 56 -62.84 -0.88 14.42
C GLY F 56 -63.95 -0.13 13.74
N GLN F 57 -63.59 0.90 12.97
CA GLN F 57 -64.55 1.61 12.13
C GLN F 57 -64.44 1.22 10.66
N LEU F 58 -63.47 0.39 10.31
CA LEU F 58 -63.16 0.10 8.91
C LEU F 58 -64.11 -0.92 8.31
N PRO F 59 -64.93 -0.54 7.33
CA PRO F 59 -65.80 -1.52 6.68
C PRO F 59 -64.97 -2.53 5.89
N VAL F 60 -65.41 -3.79 5.93
CA VAL F 60 -64.75 -4.88 5.25
C VAL F 60 -65.82 -5.69 4.52
N LEU F 61 -65.68 -5.83 3.20
CA LEU F 61 -66.62 -6.60 2.39
C LEU F 61 -65.93 -7.87 1.91
N ALA F 62 -66.55 -9.02 2.18
CA ALA F 62 -66.03 -10.30 1.74
C ALA F 62 -66.83 -10.80 0.55
N ILE F 63 -66.12 -11.36 -0.44
CA ILE F 63 -66.73 -11.78 -1.69
C ILE F 63 -66.32 -13.22 -1.99
N THR F 64 -67.25 -13.98 -2.56
CA THR F 64 -66.98 -15.36 -2.96
C THR F 64 -67.32 -15.66 -4.41
N ASP F 65 -68.03 -14.78 -5.11
CA ASP F 65 -68.30 -14.96 -6.53
C ASP F 65 -66.99 -14.86 -7.32
N PRO F 66 -66.63 -15.87 -8.11
CA PRO F 66 -65.34 -15.82 -8.81
C PRO F 66 -65.23 -14.68 -9.81
N ASP F 67 -66.35 -14.26 -10.42
CA ASP F 67 -66.30 -13.12 -11.33
C ASP F 67 -66.08 -11.83 -10.57
N VAL F 68 -66.65 -11.72 -9.37
CA VAL F 68 -66.41 -10.54 -8.54
C VAL F 68 -64.97 -10.48 -8.08
N ILE F 69 -64.41 -11.65 -7.71
CA ILE F 69 -63.00 -11.71 -7.32
C ILE F 69 -62.10 -11.34 -8.50
N ARG F 70 -62.51 -11.73 -9.72
CA ARG F 70 -61.74 -11.40 -10.91
C ARG F 70 -61.69 -9.90 -11.14
N THR F 71 -62.79 -9.20 -10.82
CA THR F 71 -62.80 -7.75 -10.97
C THR F 71 -61.91 -7.07 -9.94
N VAL F 72 -61.92 -7.55 -8.71
CA VAL F 72 -61.15 -6.90 -7.66
C VAL F 72 -59.65 -7.19 -7.82
N LEU F 73 -59.30 -8.37 -8.29
CA LEU F 73 -57.89 -8.75 -8.34
C LEU F 73 -57.23 -8.47 -9.68
N VAL F 74 -57.99 -8.47 -10.78
CA VAL F 74 -57.40 -8.33 -12.10
C VAL F 74 -57.90 -7.07 -12.79
N LYS F 75 -59.20 -7.04 -13.12
CA LYS F 75 -59.74 -5.99 -13.97
C LYS F 75 -59.49 -4.60 -13.37
N GLU F 76 -60.08 -4.33 -12.21
CA GLU F 76 -59.94 -3.02 -11.56
C GLU F 76 -58.81 -3.01 -10.54
N CYS F 77 -57.75 -3.79 -10.77
CA CYS F 77 -56.63 -3.80 -9.84
C CYS F 77 -55.86 -2.47 -9.86
N TYR F 78 -55.55 -1.97 -11.05
CA TYR F 78 -54.75 -0.76 -11.16
C TYR F 78 -55.57 0.50 -10.87
N SER F 79 -56.88 0.47 -11.13
CA SER F 79 -57.71 1.67 -11.04
C SER F 79 -58.43 1.82 -9.70
N VAL F 80 -58.67 0.73 -8.97
CA VAL F 80 -59.39 0.83 -7.71
C VAL F 80 -58.69 0.06 -6.61
N PHE F 81 -58.58 -1.26 -6.77
CA PHE F 81 -58.08 -2.13 -5.70
C PHE F 81 -56.58 -2.39 -5.89
N THR F 82 -55.80 -1.34 -5.67
CA THR F 82 -54.35 -1.37 -5.84
C THR F 82 -53.62 -1.59 -4.53
N ASN F 83 -54.07 -0.97 -3.45
CA ASN F 83 -53.35 -1.00 -2.19
C ASN F 83 -53.83 -2.16 -1.32
N ARG F 84 -53.05 -2.43 -0.27
CA ARG F 84 -53.15 -3.67 0.51
C ARG F 84 -53.06 -3.28 1.98
N ARG F 85 -54.22 -2.94 2.56
CA ARG F 85 -54.36 -2.48 3.94
C ARG F 85 -53.74 -1.10 4.15
N SER F 86 -54.25 -0.38 5.15
CA SER F 86 -53.76 0.96 5.42
C SER F 86 -52.40 0.90 6.10
N LEU F 87 -51.61 1.96 5.88
CA LEU F 87 -50.23 1.98 6.37
C LEU F 87 -50.19 2.24 7.87
N GLY F 88 -49.29 1.53 8.55
CA GLY F 88 -49.09 1.71 9.97
C GLY F 88 -47.71 2.26 10.27
N PRO F 89 -47.40 2.45 11.56
CA PRO F 89 -46.08 2.97 11.94
C PRO F 89 -44.98 1.98 11.61
N VAL F 90 -44.27 2.22 10.51
CA VAL F 90 -43.28 1.27 10.01
C VAL F 90 -41.90 1.89 9.85
N GLY F 91 -41.74 3.19 10.07
CA GLY F 91 -40.44 3.79 9.87
C GLY F 91 -40.08 3.86 8.40
N PHE F 92 -38.81 3.52 8.11
CA PHE F 92 -38.34 3.53 6.72
C PHE F 92 -38.81 2.32 5.93
N MET F 93 -39.43 1.33 6.59
CA MET F 93 -39.95 0.16 5.88
C MET F 93 -41.11 0.51 4.96
N LYS F 94 -41.51 1.77 4.89
CA LYS F 94 -42.61 2.18 4.01
C LYS F 94 -42.30 1.91 2.55
N SER F 95 -41.03 1.72 2.19
CA SER F 95 -40.65 1.41 0.83
C SER F 95 -40.75 -0.08 0.51
N ALA F 96 -40.94 -0.92 1.51
CA ALA F 96 -41.09 -2.35 1.26
C ALA F 96 -42.29 -2.59 0.36
N ILE F 97 -42.11 -3.49 -0.61
CA ILE F 97 -43.13 -3.68 -1.65
C ILE F 97 -44.46 -4.13 -1.06
N SER F 98 -44.42 -4.83 0.08
CA SER F 98 -45.66 -5.23 0.73
C SER F 98 -46.39 -4.05 1.37
N LEU F 99 -45.70 -2.94 1.61
CA LEU F 99 -46.31 -1.74 2.18
C LEU F 99 -46.51 -0.61 1.20
N ALA F 100 -45.81 -0.63 0.06
CA ALA F 100 -45.90 0.46 -0.90
C ALA F 100 -47.28 0.51 -1.53
N GLU F 101 -47.66 1.71 -1.98
CA GLU F 101 -49.00 1.97 -2.48
C GLU F 101 -48.94 2.75 -3.78
N ASP F 102 -49.99 2.60 -4.58
CA ASP F 102 -50.28 3.46 -5.73
C ASP F 102 -49.10 3.42 -6.70
N GLU F 103 -48.58 4.55 -7.17
CA GLU F 103 -47.45 4.54 -8.10
C GLU F 103 -46.16 4.13 -7.41
N GLU F 104 -46.04 4.40 -6.11
CA GLU F 104 -44.86 3.97 -5.37
C GLU F 104 -44.70 2.45 -5.45
N TRP F 105 -45.81 1.71 -5.35
CA TRP F 105 -45.74 0.26 -5.47
C TRP F 105 -45.50 -0.17 -6.91
N LYS F 106 -46.14 0.51 -7.88
CA LYS F 106 -45.98 0.15 -9.27
C LYS F 106 -44.51 0.20 -9.70
N ARG F 107 -43.75 1.16 -9.16
CA ARG F 107 -42.34 1.27 -9.51
C ARG F 107 -41.52 0.17 -8.85
N ILE F 108 -41.67 0.00 -7.53
CA ILE F 108 -40.91 -1.02 -6.82
C ILE F 108 -41.20 -2.40 -7.39
N ARG F 109 -42.47 -2.64 -7.77
CA ARG F 109 -42.83 -3.93 -8.35
C ARG F 109 -42.11 -4.15 -9.68
N SER F 110 -42.10 -3.13 -10.55
CA SER F 110 -41.45 -3.26 -11.84
C SER F 110 -39.94 -3.41 -11.69
N LEU F 111 -39.34 -2.78 -10.66
CA LEU F 111 -37.90 -2.89 -10.46
C LEU F 111 -37.52 -4.30 -10.02
N LEU F 112 -38.36 -4.95 -9.21
CA LEU F 112 -38.08 -6.28 -8.71
C LEU F 112 -38.62 -7.38 -9.60
N SER F 113 -39.32 -7.04 -10.68
CA SER F 113 -39.92 -8.07 -11.54
C SER F 113 -38.90 -8.96 -12.21
N PRO F 114 -37.85 -8.46 -12.86
CA PRO F 114 -36.87 -9.36 -13.48
C PRO F 114 -36.14 -10.26 -12.48
N THR F 115 -36.06 -9.83 -11.22
CA THR F 115 -35.37 -10.64 -10.21
C THR F 115 -36.08 -11.96 -9.95
N PHE F 116 -37.40 -11.99 -10.13
CA PHE F 116 -38.20 -13.17 -9.78
C PHE F 116 -38.79 -13.87 -11.01
N THR F 117 -38.30 -13.57 -12.20
CA THR F 117 -38.78 -14.27 -13.39
C THR F 117 -38.32 -15.72 -13.38
N SER F 118 -38.97 -16.53 -14.21
CA SER F 118 -38.58 -17.93 -14.34
C SER F 118 -37.19 -18.07 -14.94
N GLY F 119 -36.71 -17.06 -15.68
CA GLY F 119 -35.35 -17.12 -16.21
C GLY F 119 -34.32 -16.97 -15.12
N LYS F 120 -34.48 -15.98 -14.24
CA LYS F 120 -33.54 -15.81 -13.13
C LYS F 120 -33.67 -16.93 -12.11
N LEU F 121 -34.84 -17.57 -12.04
CA LEU F 121 -34.97 -18.74 -11.17
C LEU F 121 -34.15 -19.91 -11.70
N LYS F 122 -34.10 -20.06 -13.04
CA LYS F 122 -33.27 -21.09 -13.63
C LYS F 122 -31.78 -20.79 -13.42
N GLU F 123 -31.40 -19.51 -13.50
CA GLU F 123 -30.01 -19.14 -13.27
C GLU F 123 -29.60 -19.36 -11.82
N MET F 124 -30.54 -19.18 -10.89
CA MET F 124 -30.27 -19.34 -9.47
C MET F 124 -30.56 -20.75 -8.97
N PHE F 125 -30.90 -21.68 -9.87
CA PHE F 125 -31.21 -23.04 -9.44
C PHE F 125 -30.07 -23.71 -8.69
N PRO F 126 -28.81 -23.66 -9.16
CA PRO F 126 -27.73 -24.30 -8.39
C PRO F 126 -27.49 -23.64 -7.04
N ILE F 127 -27.72 -22.32 -6.92
CA ILE F 127 -27.52 -21.65 -5.64
C ILE F 127 -28.52 -22.16 -4.61
N ILE F 128 -29.75 -22.45 -5.05
CA ILE F 128 -30.75 -22.99 -4.12
C ILE F 128 -30.49 -24.46 -3.83
N ALA F 129 -30.06 -25.21 -4.85
CA ALA F 129 -29.93 -26.66 -4.71
C ALA F 129 -28.79 -27.06 -3.77
N GLN F 130 -27.84 -26.17 -3.52
CA GLN F 130 -26.71 -26.52 -2.66
C GLN F 130 -27.11 -26.65 -1.20
N TYR F 131 -28.27 -26.13 -0.81
CA TYR F 131 -28.71 -26.21 0.58
C TYR F 131 -29.42 -27.51 0.90
N GLY F 132 -29.49 -28.45 -0.05
CA GLY F 132 -30.09 -29.73 0.24
C GLY F 132 -29.18 -30.69 0.97
N ASP F 133 -27.86 -30.55 0.78
CA ASP F 133 -26.92 -31.40 1.50
C ASP F 133 -27.02 -31.19 3.01
N VAL F 134 -26.94 -29.93 3.45
CA VAL F 134 -27.05 -29.62 4.87
C VAL F 134 -28.41 -30.05 5.41
N LEU F 135 -29.45 -29.98 4.58
CA LEU F 135 -30.78 -30.39 5.02
C LEU F 135 -30.82 -31.89 5.33
N VAL F 136 -30.30 -32.71 4.41
CA VAL F 136 -30.31 -34.15 4.62
C VAL F 136 -29.42 -34.54 5.78
N ARG F 137 -28.26 -33.89 5.91
CA ARG F 137 -27.35 -34.22 7.01
C ARG F 137 -27.94 -33.83 8.35
N ASN F 138 -28.61 -32.67 8.42
CA ASN F 138 -29.27 -32.27 9.66
C ASN F 138 -30.40 -33.23 10.01
N LEU F 139 -31.17 -33.66 9.00
CA LEU F 139 -32.23 -34.63 9.24
C LEU F 139 -31.67 -36.02 9.51
N ARG F 140 -30.50 -36.33 8.95
CA ARG F 140 -29.85 -37.61 9.23
C ARG F 140 -29.51 -37.74 10.71
N ARG F 141 -29.03 -36.66 11.32
CA ARG F 141 -28.67 -36.69 12.73
C ARG F 141 -29.88 -36.92 13.63
N GLU F 142 -31.05 -36.39 13.23
CA GLU F 142 -32.24 -36.54 14.05
C GLU F 142 -32.90 -37.89 13.86
N ALA F 143 -32.96 -38.39 12.62
CA ALA F 143 -33.59 -39.67 12.35
C ALA F 143 -32.81 -40.81 13.03
N GLU F 144 -31.48 -40.71 13.05
CA GLU F 144 -30.63 -41.73 13.65
C GLU F 144 -30.65 -41.69 15.17
N LYS F 145 -31.40 -40.79 15.79
CA LYS F 145 -31.56 -40.80 17.24
C LYS F 145 -32.61 -41.79 17.70
N GLY F 146 -33.48 -42.24 16.80
CA GLY F 146 -34.52 -43.18 17.16
C GLY F 146 -35.71 -42.57 17.87
N LYS F 147 -35.93 -41.27 17.71
CA LYS F 147 -36.99 -40.54 18.38
C LYS F 147 -37.77 -39.73 17.37
N PRO F 148 -39.01 -39.34 17.70
CA PRO F 148 -39.77 -38.47 16.80
C PRO F 148 -39.06 -37.14 16.58
N VAL F 149 -39.17 -36.62 15.35
CA VAL F 149 -38.49 -35.40 14.93
C VAL F 149 -39.51 -34.28 14.84
N THR F 150 -39.14 -33.11 15.36
CA THR F 150 -39.96 -31.91 15.20
C THR F 150 -39.61 -31.25 13.88
N LEU F 151 -40.57 -31.23 12.95
CA LEU F 151 -40.27 -30.76 11.59
C LEU F 151 -39.95 -29.28 11.55
N LYS F 152 -40.53 -28.47 12.45
CA LYS F 152 -40.31 -27.03 12.38
C LYS F 152 -38.87 -26.66 12.73
N ASP F 153 -38.19 -27.50 13.51
CA ASP F 153 -36.78 -27.23 13.80
C ASP F 153 -35.92 -27.47 12.55
N ILE F 154 -36.19 -28.57 11.84
CA ILE F 154 -35.37 -28.93 10.70
C ILE F 154 -35.67 -28.02 9.51
N PHE F 155 -36.95 -27.75 9.25
CA PHE F 155 -37.33 -26.99 8.07
C PHE F 155 -37.35 -25.49 8.33
N GLY F 156 -37.68 -25.06 9.54
CA GLY F 156 -37.51 -23.65 9.89
C GLY F 156 -36.07 -23.21 9.75
N ALA F 157 -35.12 -24.10 10.03
CA ALA F 157 -33.72 -23.80 9.82
C ALA F 157 -33.38 -23.84 8.34
N TYR F 158 -33.88 -24.83 7.61
CA TYR F 158 -33.69 -24.88 6.17
C TYR F 158 -34.28 -23.66 5.48
N SER F 159 -35.48 -23.25 5.91
CA SER F 159 -36.14 -22.10 5.28
C SER F 159 -35.33 -20.83 5.47
N MET F 160 -34.73 -20.67 6.64
CA MET F 160 -33.89 -19.49 6.88
C MET F 160 -32.59 -19.57 6.09
N ASP F 161 -32.04 -20.78 5.93
CA ASP F 161 -30.76 -20.93 5.25
C ASP F 161 -30.87 -20.60 3.77
N VAL F 162 -31.97 -20.99 3.14
CA VAL F 162 -32.12 -20.75 1.70
C VAL F 162 -32.44 -19.30 1.42
N ILE F 163 -33.39 -18.72 2.17
CA ILE F 163 -33.79 -17.35 1.90
C ILE F 163 -32.68 -16.37 2.25
N THR F 164 -31.80 -16.73 3.19
CA THR F 164 -30.64 -15.90 3.47
C THR F 164 -29.54 -16.12 2.45
N GLY F 165 -29.39 -17.34 1.95
CA GLY F 165 -28.38 -17.61 0.95
C GLY F 165 -28.70 -16.96 -0.38
N THR F 166 -29.93 -17.14 -0.86
CA THR F 166 -30.33 -16.53 -2.12
C THR F 166 -30.46 -15.01 -2.03
N SER F 167 -30.49 -14.45 -0.82
CA SER F 167 -30.51 -13.01 -0.65
C SER F 167 -29.11 -12.43 -0.52
N PHE F 168 -28.29 -13.01 0.35
CA PHE F 168 -26.99 -12.42 0.69
C PHE F 168 -25.80 -13.25 0.23
N GLY F 169 -26.00 -14.50 -0.20
CA GLY F 169 -24.90 -15.35 -0.56
C GLY F 169 -24.15 -15.97 0.60
N VAL F 170 -24.36 -15.47 1.82
CA VAL F 170 -23.71 -16.04 2.99
C VAL F 170 -24.37 -17.36 3.34
N ASN F 171 -23.55 -18.38 3.61
CA ASN F 171 -24.04 -19.71 3.97
C ASN F 171 -24.05 -19.80 5.49
N ILE F 172 -25.24 -19.71 6.07
CA ILE F 172 -25.42 -19.83 7.51
C ILE F 172 -25.98 -21.21 7.81
N ASP F 173 -25.57 -21.78 8.94
CA ASP F 173 -26.09 -23.05 9.42
C ASP F 173 -27.03 -22.73 10.58
N SER F 174 -28.31 -22.51 10.23
CA SER F 174 -29.28 -22.06 11.22
C SER F 174 -29.43 -23.05 12.37
N LEU F 175 -29.33 -24.35 12.07
CA LEU F 175 -29.52 -25.35 13.11
C LEU F 175 -28.29 -25.49 14.00
N ASN F 176 -27.10 -25.43 13.41
CA ASN F 176 -25.86 -25.66 14.12
C ASN F 176 -25.24 -24.40 14.71
N ASN F 177 -25.79 -23.21 14.40
CA ASN F 177 -25.31 -21.95 14.94
C ASN F 177 -26.48 -21.19 15.57
N PRO F 178 -26.95 -21.63 16.74
CA PRO F 178 -28.11 -20.96 17.35
C PRO F 178 -27.83 -19.55 17.82
N GLN F 179 -26.56 -19.15 17.95
CA GLN F 179 -26.21 -17.82 18.43
C GLN F 179 -25.61 -16.95 17.33
N ASP F 180 -25.67 -17.38 16.09
CA ASP F 180 -25.28 -16.53 14.97
C ASP F 180 -26.16 -15.27 14.98
N PRO F 181 -25.58 -14.09 14.78
CA PRO F 181 -26.40 -12.87 14.79
C PRO F 181 -27.49 -12.84 13.74
N PHE F 182 -27.27 -13.43 12.56
CA PHE F 182 -28.34 -13.54 11.57
C PHE F 182 -29.48 -14.41 12.09
N VAL F 183 -29.14 -15.51 12.76
CA VAL F 183 -30.16 -16.48 13.16
C VAL F 183 -31.03 -15.92 14.27
N GLU F 184 -30.41 -15.35 15.31
CA GLU F 184 -31.18 -14.83 16.43
C GLU F 184 -32.06 -13.66 16.01
N SER F 185 -31.54 -12.78 15.15
CA SER F 185 -32.35 -11.66 14.67
C SER F 185 -33.53 -12.15 13.85
N THR F 186 -33.28 -13.04 12.89
CA THR F 186 -34.35 -13.52 12.02
C THR F 186 -35.38 -14.34 12.77
N LYS F 187 -34.97 -15.08 13.81
CA LYS F 187 -35.93 -15.88 14.56
C LYS F 187 -36.93 -15.03 15.33
N LYS F 188 -36.67 -13.74 15.50
CA LYS F 188 -37.68 -12.85 16.07
C LYS F 188 -38.80 -12.56 15.09
N PHE F 189 -38.60 -12.81 13.79
CA PHE F 189 -39.69 -12.70 12.84
C PHE F 189 -40.78 -13.71 13.10
N LEU F 190 -40.46 -14.82 13.77
CA LEU F 190 -41.49 -15.69 14.30
C LEU F 190 -42.33 -14.90 15.31
N LYS F 191 -43.41 -15.53 15.77
CA LYS F 191 -44.38 -14.86 16.63
C LYS F 191 -44.94 -13.61 15.94
N PHE F 192 -45.09 -13.68 14.62
CA PHE F 192 -45.69 -12.62 13.83
C PHE F 192 -47.20 -12.82 13.65
N GLY F 193 -47.68 -14.05 13.68
CA GLY F 193 -49.10 -14.31 13.60
C GLY F 193 -49.83 -14.32 14.93
N PHE F 194 -49.16 -13.99 16.03
CA PHE F 194 -49.78 -13.97 17.34
C PHE F 194 -50.46 -12.63 17.59
N LEU F 195 -51.01 -12.47 18.79
CA LEU F 195 -51.62 -11.21 19.19
C LEU F 195 -50.57 -10.10 19.23
N ASP F 196 -50.89 -8.98 18.60
CA ASP F 196 -49.99 -7.83 18.51
C ASP F 196 -50.77 -6.60 18.95
N PRO F 197 -50.67 -6.22 20.23
CA PRO F 197 -51.43 -5.06 20.70
C PRO F 197 -51.12 -3.77 19.95
N LEU F 198 -49.85 -3.54 19.61
CA LEU F 198 -49.49 -2.33 18.87
C LEU F 198 -50.17 -2.30 17.51
N PHE F 199 -50.15 -3.41 16.79
CA PHE F 199 -50.85 -3.48 15.51
C PHE F 199 -52.35 -3.26 15.69
N LEU F 200 -52.94 -3.91 16.70
CA LEU F 200 -54.38 -3.76 16.91
C LEU F 200 -54.76 -2.34 17.31
N SER F 201 -53.83 -1.60 17.92
CA SER F 201 -54.12 -0.23 18.29
C SER F 201 -54.29 0.65 17.06
N ILE F 202 -53.44 0.48 16.05
CA ILE F 202 -53.56 1.28 14.84
C ILE F 202 -54.71 0.80 13.98
N ILE F 203 -55.16 -0.44 14.18
CA ILE F 203 -56.37 -0.92 13.51
C ILE F 203 -57.59 -0.20 14.06
N LEU F 204 -57.74 -0.20 15.40
CA LEU F 204 -58.89 0.43 16.02
C LEU F 204 -58.82 1.95 15.93
N PHE F 205 -57.62 2.52 16.00
CA PHE F 205 -57.45 3.98 16.05
C PHE F 205 -56.37 4.38 15.05
N PRO F 206 -56.71 4.48 13.76
CA PRO F 206 -55.69 4.80 12.75
C PRO F 206 -54.97 6.12 12.98
N PHE F 207 -55.56 7.04 13.74
CA PHE F 207 -54.90 8.31 14.00
C PHE F 207 -53.68 8.17 14.90
N LEU F 208 -53.45 6.98 15.48
CA LEU F 208 -52.23 6.75 16.24
C LEU F 208 -51.04 6.45 15.36
N THR F 209 -51.27 5.98 14.13
CA THR F 209 -50.17 5.66 13.21
C THR F 209 -49.20 6.82 13.02
N PRO F 210 -49.63 8.05 12.70
CA PRO F 210 -48.64 9.14 12.61
C PRO F 210 -47.99 9.45 13.94
N VAL F 211 -48.74 9.38 15.04
CA VAL F 211 -48.18 9.64 16.36
C VAL F 211 -47.10 8.60 16.69
N PHE F 212 -47.37 7.33 16.39
CA PHE F 212 -46.36 6.30 16.62
C PHE F 212 -45.15 6.50 15.73
N GLU F 213 -45.34 7.01 14.50
CA GLU F 213 -44.20 7.34 13.65
C GLU F 213 -43.34 8.42 14.30
N ALA F 214 -43.98 9.46 14.83
CA ALA F 214 -43.23 10.55 15.43
C ALA F 214 -42.44 10.09 16.66
N LEU F 215 -42.92 9.05 17.34
CA LEU F 215 -42.24 8.49 18.49
C LEU F 215 -41.30 7.36 18.11
N ASN F 216 -41.04 7.16 16.82
CA ASN F 216 -40.14 6.11 16.31
C ASN F 216 -40.54 4.72 16.81
N VAL F 217 -41.84 4.51 16.98
CA VAL F 217 -42.37 3.20 17.35
C VAL F 217 -42.78 2.47 16.07
N SER F 218 -42.29 1.25 15.90
CA SER F 218 -42.46 0.52 14.65
C SER F 218 -43.21 -0.79 14.88
N LEU F 219 -43.94 -1.22 13.85
CA LEU F 219 -44.60 -2.52 13.89
C LEU F 219 -43.61 -3.67 13.74
N PHE F 220 -42.38 -3.39 13.23
CA PHE F 220 -41.29 -4.31 12.97
C PHE F 220 -40.34 -4.37 14.16
N PRO F 221 -39.66 -5.51 14.36
CA PRO F 221 -38.65 -5.58 15.41
C PRO F 221 -37.50 -4.62 15.16
N LYS F 222 -37.36 -3.59 15.99
CA LYS F 222 -36.35 -2.56 15.76
C LYS F 222 -34.95 -3.15 15.76
N ASP F 223 -34.70 -4.13 16.63
CA ASP F 223 -33.37 -4.76 16.69
C ASP F 223 -33.08 -5.54 15.41
N THR F 224 -34.06 -6.32 14.94
CA THR F 224 -33.87 -7.09 13.72
C THR F 224 -33.75 -6.19 12.50
N ILE F 225 -34.56 -5.11 12.46
CA ILE F 225 -34.50 -4.19 11.35
C ILE F 225 -33.18 -3.43 11.35
N ASN F 226 -32.64 -3.13 12.53
CA ASN F 226 -31.34 -2.48 12.60
C ASN F 226 -30.24 -3.39 12.09
N PHE F 227 -30.16 -4.61 12.63
CA PHE F 227 -29.08 -5.52 12.26
C PHE F 227 -29.09 -5.81 10.76
N LEU F 228 -30.25 -6.18 10.22
CA LEU F 228 -30.32 -6.54 8.80
C LEU F 228 -29.99 -5.36 7.92
N SER F 229 -30.42 -4.15 8.30
CA SER F 229 -30.13 -2.97 7.49
C SER F 229 -28.64 -2.63 7.54
N LYS F 230 -28.05 -2.65 8.73
CA LYS F 230 -26.62 -2.43 8.85
C LYS F 230 -25.82 -3.55 8.20
N SER F 231 -26.39 -4.76 8.15
CA SER F 231 -25.70 -5.87 7.50
C SER F 231 -25.75 -5.73 5.97
N VAL F 232 -26.83 -5.17 5.44
CA VAL F 232 -26.91 -4.96 3.99
C VAL F 232 -25.98 -3.82 3.58
N ASN F 233 -25.86 -2.79 4.42
CA ASN F 233 -25.02 -1.65 4.07
C ASN F 233 -23.55 -2.04 4.03
N ARG F 234 -23.10 -2.88 4.95
CA ARG F 234 -21.70 -3.29 4.95
C ARG F 234 -21.39 -4.24 3.81
N MET F 235 -22.39 -4.99 3.32
CA MET F 235 -22.17 -5.91 2.22
C MET F 235 -22.21 -5.23 0.85
N LYS F 236 -22.74 -4.01 0.78
CA LYS F 236 -22.74 -3.28 -0.48
C LYS F 236 -21.33 -2.81 -0.84
N LYS F 237 -20.57 -2.36 0.16
CA LYS F 237 -19.21 -1.89 -0.11
C LYS F 237 -18.34 -2.99 -0.70
N SER F 238 -18.60 -4.25 -0.35
CA SER F 238 -17.85 -5.37 -0.89
C SER F 238 -18.28 -5.69 -2.32
N ASP F 249 -27.37 -13.65 -5.94
CA ASP F 249 -27.90 -12.93 -4.79
C ASP F 249 -29.07 -12.04 -5.15
N PHE F 250 -30.12 -12.06 -4.32
CA PHE F 250 -31.17 -11.05 -4.44
C PHE F 250 -30.60 -9.66 -4.22
N LEU F 251 -29.65 -9.53 -3.28
CA LEU F 251 -29.00 -8.25 -3.04
C LEU F 251 -28.25 -7.77 -4.26
N GLN F 252 -27.54 -8.68 -4.94
CA GLN F 252 -26.76 -8.30 -6.11
C GLN F 252 -27.66 -7.96 -7.29
N LEU F 253 -28.76 -8.72 -7.46
CA LEU F 253 -29.67 -8.46 -8.57
C LEU F 253 -30.35 -7.10 -8.43
N MET F 254 -30.54 -6.62 -7.20
CA MET F 254 -31.11 -5.29 -7.00
C MET F 254 -30.06 -4.20 -7.14
N ILE F 255 -28.81 -4.49 -6.79
CA ILE F 255 -27.74 -3.52 -6.98
C ILE F 255 -27.47 -3.31 -8.46
N ASP F 256 -27.44 -4.39 -9.24
CA ASP F 256 -27.18 -4.29 -10.67
C ASP F 256 -28.25 -3.48 -11.40
N SER F 257 -29.46 -3.41 -10.84
CA SER F 257 -30.49 -2.56 -11.43
C SER F 257 -30.20 -1.07 -11.23
N GLN F 258 -29.38 -0.73 -10.23
CA GLN F 258 -29.01 0.66 -9.97
C GLN F 258 -28.00 1.16 -11.01
N LYS F 267 -36.95 6.22 -10.71
CA LYS F 267 -36.59 4.93 -11.30
C LYS F 267 -35.43 4.29 -10.57
N ALA F 268 -34.67 5.08 -9.83
CA ALA F 268 -33.52 4.57 -9.09
C ALA F 268 -33.97 3.95 -7.78
N LEU F 269 -33.42 2.77 -7.48
CA LEU F 269 -33.73 2.06 -6.24
C LEU F 269 -32.77 2.55 -5.15
N SER F 270 -33.28 3.36 -4.23
CA SER F 270 -32.42 4.01 -3.25
C SER F 270 -31.89 2.99 -2.24
N ASP F 271 -30.95 3.45 -1.41
CA ASP F 271 -30.31 2.55 -0.45
C ASP F 271 -31.27 2.10 0.63
N LEU F 272 -32.17 2.98 1.07
CA LEU F 272 -33.17 2.58 2.05
C LEU F 272 -34.27 1.73 1.42
N GLU F 273 -34.65 2.04 0.18
CA GLU F 273 -35.58 1.18 -0.55
C GLU F 273 -34.97 -0.20 -0.79
N LEU F 274 -33.68 -0.25 -1.09
CA LEU F 274 -33.01 -1.52 -1.35
C LEU F 274 -32.82 -2.33 -0.08
N ALA F 275 -32.59 -1.67 1.06
CA ALA F 275 -32.49 -2.39 2.32
C ALA F 275 -33.84 -2.89 2.79
N ALA F 276 -34.92 -2.19 2.44
CA ALA F 276 -36.25 -2.62 2.84
C ALA F 276 -36.68 -3.87 2.10
N GLN F 277 -36.38 -3.95 0.81
CA GLN F 277 -36.79 -5.13 0.04
C GLN F 277 -36.09 -6.38 0.54
N SER F 278 -34.81 -6.28 0.87
CA SER F 278 -34.07 -7.44 1.36
C SER F 278 -34.67 -7.99 2.64
N ILE F 279 -35.21 -7.11 3.49
CA ILE F 279 -35.70 -7.56 4.79
C ILE F 279 -37.03 -8.30 4.65
N ILE F 280 -37.98 -7.72 3.89
CA ILE F 280 -39.26 -8.40 3.74
C ILE F 280 -39.10 -9.69 2.95
N PHE F 281 -38.12 -9.75 2.03
CA PHE F 281 -37.82 -11.01 1.36
C PHE F 281 -37.46 -12.09 2.39
N ILE F 282 -36.62 -11.74 3.36
CA ILE F 282 -36.29 -12.68 4.42
C ILE F 282 -37.51 -12.93 5.31
N PHE F 283 -38.21 -11.85 5.68
CA PHE F 283 -39.40 -11.97 6.53
C PHE F 283 -40.46 -12.84 5.86
N ALA F 284 -40.74 -12.57 4.58
CA ALA F 284 -41.82 -13.27 3.88
C ALA F 284 -41.51 -14.75 3.69
N GLY F 285 -40.28 -15.07 3.28
CA GLY F 285 -39.94 -16.44 2.92
C GLY F 285 -39.59 -17.34 4.09
N TYR F 286 -39.28 -16.77 5.25
CA TYR F 286 -38.87 -17.57 6.41
C TYR F 286 -39.98 -18.51 6.86
N GLU F 287 -41.02 -17.98 7.50
CA GLU F 287 -41.98 -18.84 8.19
C GLU F 287 -42.99 -19.47 7.23
N THR F 288 -43.35 -18.78 6.14
CA THR F 288 -44.32 -19.36 5.21
C THR F 288 -43.77 -20.63 4.58
N THR F 289 -42.54 -20.57 4.05
CA THR F 289 -41.94 -21.74 3.43
C THR F 289 -41.76 -22.87 4.45
N SER F 290 -41.42 -22.52 5.69
CA SER F 290 -41.17 -23.53 6.71
C SER F 290 -42.44 -24.32 7.04
N SER F 291 -43.56 -23.62 7.24
CA SER F 291 -44.77 -24.31 7.67
C SER F 291 -45.36 -25.17 6.55
N VAL F 292 -45.35 -24.65 5.31
CA VAL F 292 -45.89 -25.41 4.19
C VAL F 292 -45.10 -26.70 3.98
N LEU F 293 -43.78 -26.63 4.20
CA LEU F 293 -42.97 -27.85 4.15
C LEU F 293 -43.38 -28.82 5.26
N SER F 294 -43.71 -28.30 6.44
CA SER F 294 -44.13 -29.17 7.53
C SER F 294 -45.53 -29.72 7.30
N PHE F 295 -46.41 -28.95 6.65
CA PHE F 295 -47.74 -29.46 6.32
C PHE F 295 -47.67 -30.54 5.27
N THR F 296 -46.78 -30.40 4.28
CA THR F 296 -46.66 -31.39 3.22
C THR F 296 -46.22 -32.74 3.78
N LEU F 297 -45.26 -32.74 4.70
CA LEU F 297 -44.78 -33.99 5.26
C LEU F 297 -45.84 -34.65 6.15
N TYR F 298 -46.67 -33.84 6.82
CA TYR F 298 -47.77 -34.41 7.59
C TYR F 298 -48.75 -35.14 6.66
N GLU F 299 -48.97 -34.60 5.46
CA GLU F 299 -49.87 -35.24 4.51
C GLU F 299 -49.24 -36.44 3.84
N LEU F 300 -47.91 -36.46 3.72
CA LEU F 300 -47.23 -37.64 3.17
C LEU F 300 -47.10 -38.75 4.20
N ALA F 301 -46.99 -38.40 5.48
CA ALA F 301 -46.87 -39.43 6.52
C ALA F 301 -48.23 -40.05 6.85
N THR F 302 -49.30 -39.25 6.84
CA THR F 302 -50.63 -39.77 7.11
C THR F 302 -51.30 -40.38 5.89
N HIS F 303 -50.74 -40.17 4.69
CA HIS F 303 -51.21 -40.79 3.45
C HIS F 303 -50.03 -41.54 2.85
N PRO F 304 -49.72 -42.74 3.35
CA PRO F 304 -48.50 -43.44 2.89
C PRO F 304 -48.53 -43.80 1.42
N ASP F 305 -49.69 -44.15 0.87
CA ASP F 305 -49.77 -44.45 -0.55
C ASP F 305 -49.39 -43.25 -1.41
N VAL F 306 -49.66 -42.03 -0.91
CA VAL F 306 -49.26 -40.82 -1.62
C VAL F 306 -47.75 -40.64 -1.55
N GLN F 307 -47.16 -40.87 -0.38
CA GLN F 307 -45.72 -40.71 -0.22
C GLN F 307 -44.96 -41.76 -1.03
N GLN F 308 -45.50 -42.97 -1.13
CA GLN F 308 -44.82 -44.01 -1.89
C GLN F 308 -44.87 -43.75 -3.39
N LYS F 309 -46.01 -43.25 -3.89
CA LYS F 309 -46.11 -42.94 -5.31
C LYS F 309 -45.19 -41.78 -5.69
N LEU F 310 -45.12 -40.76 -4.83
CA LEU F 310 -44.25 -39.61 -5.11
C LEU F 310 -42.79 -40.01 -5.13
N GLN F 311 -42.39 -40.89 -4.20
CA GLN F 311 -41.01 -41.38 -4.20
C GLN F 311 -40.72 -42.24 -5.42
N LYS F 312 -41.72 -42.98 -5.91
CA LYS F 312 -41.55 -43.75 -7.14
C LYS F 312 -41.44 -42.88 -8.38
N GLU F 313 -41.72 -41.58 -8.25
CA GLU F 313 -41.55 -40.63 -9.35
C GLU F 313 -40.19 -39.92 -9.29
N ILE F 314 -39.70 -39.62 -8.10
CA ILE F 314 -38.38 -39.02 -7.98
C ILE F 314 -37.31 -40.05 -8.32
N ASP F 315 -37.47 -41.29 -7.87
CA ASP F 315 -36.51 -42.34 -8.18
C ASP F 315 -36.50 -42.67 -9.66
N ALA F 316 -37.62 -42.46 -10.35
CA ALA F 316 -37.67 -42.73 -11.78
C ALA F 316 -37.03 -41.61 -12.59
N VAL F 317 -37.14 -40.36 -12.13
CA VAL F 317 -36.53 -39.24 -12.84
C VAL F 317 -35.08 -39.04 -12.44
N LEU F 318 -34.76 -39.23 -11.16
CA LEU F 318 -33.40 -39.08 -10.64
C LEU F 318 -32.97 -40.42 -10.06
N PRO F 319 -32.51 -41.35 -10.89
CA PRO F 319 -32.13 -42.67 -10.40
C PRO F 319 -30.88 -42.62 -9.54
N ASN F 320 -30.84 -43.51 -8.55
CA ASN F 320 -29.68 -43.68 -7.68
C ASN F 320 -29.32 -42.37 -6.96
N LYS F 321 -30.35 -41.71 -6.42
CA LYS F 321 -30.18 -40.47 -5.66
C LYS F 321 -29.45 -39.40 -6.48
N ALA F 322 -29.81 -39.28 -7.75
CA ALA F 322 -29.17 -38.31 -8.63
C ALA F 322 -29.49 -36.89 -8.16
N PRO F 323 -28.56 -35.96 -8.36
CA PRO F 323 -28.80 -34.57 -7.97
C PRO F 323 -29.92 -33.97 -8.79
N PRO F 324 -30.77 -33.14 -8.17
CA PRO F 324 -31.88 -32.54 -8.91
C PRO F 324 -31.40 -31.49 -9.89
N THR F 325 -31.91 -31.57 -11.12
CA THR F 325 -31.68 -30.55 -12.14
C THR F 325 -32.97 -29.77 -12.36
N TYR F 326 -32.83 -28.63 -13.04
CA TYR F 326 -33.98 -27.74 -13.22
C TYR F 326 -35.09 -28.41 -14.01
N ASP F 327 -34.76 -28.91 -15.22
CA ASP F 327 -35.78 -29.52 -16.07
C ASP F 327 -36.39 -30.76 -15.43
N ALA F 328 -35.64 -31.44 -14.56
CA ALA F 328 -36.17 -32.63 -13.91
C ALA F 328 -37.20 -32.27 -12.84
N VAL F 329 -36.99 -31.14 -12.14
CA VAL F 329 -37.91 -30.76 -11.08
C VAL F 329 -39.23 -30.27 -11.67
N VAL F 330 -39.17 -29.42 -12.69
CA VAL F 330 -40.37 -28.84 -13.27
C VAL F 330 -41.24 -29.87 -13.99
N GLN F 331 -40.75 -31.09 -14.18
CA GLN F 331 -41.50 -32.13 -14.86
C GLN F 331 -42.00 -33.23 -13.93
N MET F 332 -41.77 -33.12 -12.62
CA MET F 332 -42.33 -34.07 -11.67
C MET F 332 -43.76 -33.66 -11.37
N GLU F 333 -44.67 -34.13 -12.23
CA GLU F 333 -46.06 -33.68 -12.16
C GLU F 333 -46.69 -33.99 -10.81
N TYR F 334 -46.49 -35.22 -10.32
CA TYR F 334 -47.09 -35.61 -9.04
C TYR F 334 -46.53 -34.80 -7.88
N LEU F 335 -45.26 -34.36 -7.99
CA LEU F 335 -44.71 -33.51 -6.94
C LEU F 335 -45.42 -32.16 -6.89
N ASP F 336 -45.71 -31.59 -8.06
CA ASP F 336 -46.45 -30.33 -8.09
C ASP F 336 -47.87 -30.52 -7.59
N MET F 337 -48.46 -31.71 -7.81
CA MET F 337 -49.79 -31.99 -7.29
C MET F 337 -49.79 -32.03 -5.77
N VAL F 338 -48.78 -32.68 -5.18
CA VAL F 338 -48.70 -32.76 -3.72
C VAL F 338 -48.51 -31.37 -3.13
N VAL F 339 -47.67 -30.54 -3.77
CA VAL F 339 -47.42 -29.20 -3.26
C VAL F 339 -48.67 -28.33 -3.40
N ASN F 340 -49.35 -28.44 -4.55
CA ASN F 340 -50.58 -27.66 -4.74
C ASN F 340 -51.67 -28.09 -3.76
N GLU F 341 -51.80 -29.40 -3.53
CA GLU F 341 -52.85 -29.88 -2.64
C GLU F 341 -52.58 -29.50 -1.18
N THR F 342 -51.31 -29.49 -0.77
CA THR F 342 -50.98 -28.97 0.55
C THR F 342 -51.37 -27.50 0.68
N LEU F 343 -51.12 -26.72 -0.37
CA LEU F 343 -51.47 -25.30 -0.35
C LEU F 343 -52.98 -25.08 -0.41
N ARG F 344 -53.72 -26.03 -0.99
CA ARG F 344 -55.17 -25.92 -0.96
C ARG F 344 -55.69 -26.11 0.46
N LEU F 345 -55.14 -27.09 1.18
CA LEU F 345 -55.61 -27.35 2.54
C LEU F 345 -55.11 -26.28 3.50
N PHE F 346 -53.89 -25.78 3.28
CA PHE F 346 -53.24 -24.84 4.20
C PHE F 346 -52.73 -23.62 3.46
N PRO F 347 -53.62 -22.73 3.01
CA PRO F 347 -53.16 -21.43 2.50
C PRO F 347 -52.70 -20.55 3.65
N VAL F 348 -51.37 -20.47 3.86
CA VAL F 348 -50.84 -19.88 5.07
C VAL F 348 -51.11 -18.39 5.18
N ALA F 349 -51.45 -17.72 4.08
CA ALA F 349 -51.89 -16.33 4.18
C ALA F 349 -53.38 -16.21 4.53
N ILE F 350 -54.11 -17.34 4.53
CA ILE F 350 -55.50 -17.42 4.98
C ILE F 350 -56.47 -16.70 4.05
N ARG F 351 -56.15 -15.45 3.69
CA ARG F 351 -57.08 -14.62 2.95
C ARG F 351 -56.31 -13.69 2.01
N LEU F 352 -57.07 -12.96 1.19
CA LEU F 352 -56.53 -11.89 0.36
C LEU F 352 -57.26 -10.59 0.70
N GLU F 353 -56.52 -9.49 0.74
CA GLU F 353 -57.07 -8.21 1.20
C GLU F 353 -56.69 -7.11 0.23
N ARG F 354 -57.66 -6.26 -0.10
CA ARG F 354 -57.45 -5.08 -0.93
C ARG F 354 -58.17 -3.90 -0.30
N THR F 355 -57.91 -2.71 -0.86
CA THR F 355 -58.53 -1.48 -0.38
C THR F 355 -59.07 -0.70 -1.57
N CYS F 356 -60.05 0.16 -1.29
CA CYS F 356 -60.58 1.09 -2.27
C CYS F 356 -59.89 2.44 -2.08
N LYS F 357 -59.14 2.89 -3.08
CA LYS F 357 -58.61 4.25 -3.02
C LYS F 357 -59.65 5.28 -3.45
N LYS F 358 -60.78 4.84 -4.00
CA LYS F 358 -61.89 5.72 -4.29
C LYS F 358 -63.18 4.91 -4.17
N ASP F 359 -64.31 5.63 -4.13
CA ASP F 359 -65.61 4.98 -4.06
C ASP F 359 -65.82 4.10 -5.29
N VAL F 360 -66.17 2.84 -5.06
CA VAL F 360 -66.34 1.87 -6.12
C VAL F 360 -67.61 1.07 -5.86
N GLU F 361 -68.12 0.45 -6.92
CA GLU F 361 -69.30 -0.41 -6.86
C GLU F 361 -68.86 -1.84 -7.16
N ILE F 362 -69.01 -2.72 -6.18
CA ILE F 362 -68.61 -4.12 -6.29
C ILE F 362 -69.88 -4.95 -6.37
N ASN F 363 -70.22 -5.40 -7.59
CA ASN F 363 -71.40 -6.22 -7.82
C ASN F 363 -72.66 -5.55 -7.27
N GLY F 364 -72.82 -4.28 -7.62
CA GLY F 364 -73.98 -3.52 -7.20
C GLY F 364 -73.96 -3.03 -5.77
N VAL F 365 -72.86 -3.22 -5.05
CA VAL F 365 -72.72 -2.81 -3.66
C VAL F 365 -71.78 -1.62 -3.62
N PHE F 366 -72.31 -0.44 -3.28
CA PHE F 366 -71.53 0.80 -3.27
C PHE F 366 -70.66 0.82 -2.02
N ILE F 367 -69.35 0.75 -2.22
CA ILE F 367 -68.38 0.65 -1.13
C ILE F 367 -67.70 2.01 -0.97
N PRO F 368 -67.64 2.56 0.24
CA PRO F 368 -67.02 3.88 0.43
C PRO F 368 -65.51 3.82 0.25
N LYS F 369 -64.91 5.00 0.24
CA LYS F 369 -63.46 5.11 0.08
C LYS F 369 -62.76 4.51 1.30
N GLY F 370 -61.59 3.90 1.05
CA GLY F 370 -60.78 3.36 2.10
C GLY F 370 -61.23 2.03 2.67
N SER F 371 -62.41 1.54 2.30
CA SER F 371 -62.89 0.28 2.83
C SER F 371 -62.08 -0.89 2.29
N MET F 372 -62.20 -2.03 2.96
CA MET F 372 -61.44 -3.22 2.63
C MET F 372 -62.30 -4.23 1.91
N VAL F 373 -61.65 -5.10 1.12
CA VAL F 373 -62.32 -6.18 0.42
C VAL F 373 -61.51 -7.45 0.66
N VAL F 374 -62.15 -8.46 1.24
CA VAL F 374 -61.48 -9.69 1.64
C VAL F 374 -61.91 -10.80 0.70
N ILE F 375 -60.94 -11.51 0.14
CA ILE F 375 -61.20 -12.75 -0.61
C ILE F 375 -60.83 -13.91 0.31
N PRO F 376 -61.79 -14.64 0.88
CA PRO F 376 -61.46 -15.65 1.89
C PRO F 376 -60.86 -16.90 1.28
N THR F 377 -59.53 -16.91 1.10
CA THR F 377 -58.88 -18.03 0.41
C THR F 377 -59.13 -19.35 1.12
N TYR F 378 -58.93 -19.37 2.44
CA TYR F 378 -59.13 -20.61 3.19
C TYR F 378 -60.56 -21.12 3.03
N ALA F 379 -61.54 -20.21 3.13
CA ALA F 379 -62.95 -20.63 3.06
C ALA F 379 -63.29 -21.20 1.69
N LEU F 380 -62.80 -20.58 0.63
CA LEU F 380 -63.07 -21.09 -0.71
C LEU F 380 -62.27 -22.35 -1.03
N HIS F 381 -61.18 -22.60 -0.31
CA HIS F 381 -60.40 -23.81 -0.55
C HIS F 381 -61.12 -25.04 -0.01
N HIS F 382 -61.92 -24.87 1.04
CA HIS F 382 -62.65 -25.97 1.66
C HIS F 382 -64.12 -25.99 1.29
N ASP F 383 -64.51 -25.31 0.22
CA ASP F 383 -65.90 -25.23 -0.17
C ASP F 383 -66.27 -26.44 -1.02
N PRO F 384 -67.26 -27.25 -0.62
CA PRO F 384 -67.70 -28.35 -1.49
C PRO F 384 -68.25 -27.89 -2.82
N LYS F 385 -68.63 -26.62 -2.95
CA LYS F 385 -69.08 -26.08 -4.22
C LYS F 385 -68.05 -26.29 -5.32
N TYR F 386 -66.76 -26.28 -4.97
CA TYR F 386 -65.69 -26.38 -5.95
C TYR F 386 -64.78 -27.58 -5.76
N TRP F 387 -64.78 -28.21 -4.58
CA TRP F 387 -63.87 -29.31 -4.28
C TRP F 387 -64.65 -30.44 -3.63
N THR F 388 -64.69 -31.60 -4.29
CA THR F 388 -65.33 -32.77 -3.71
C THR F 388 -64.54 -33.25 -2.50
N GLU F 389 -65.28 -33.67 -1.45
CA GLU F 389 -64.77 -34.01 -0.12
C GLU F 389 -63.58 -33.12 0.22
N PRO F 390 -63.83 -31.84 0.51
CA PRO F 390 -62.73 -30.86 0.55
C PRO F 390 -61.74 -31.06 1.68
N GLU F 391 -62.10 -31.80 2.73
CA GLU F 391 -61.20 -31.97 3.87
C GLU F 391 -60.15 -33.05 3.66
N GLU F 392 -60.25 -33.82 2.58
CA GLU F 392 -59.36 -34.94 2.33
C GLU F 392 -58.21 -34.54 1.42
N PHE F 393 -57.05 -35.15 1.66
CA PHE F 393 -55.83 -34.86 0.91
C PHE F 393 -55.80 -35.75 -0.33
N ARG F 394 -56.31 -35.20 -1.45
CA ARG F 394 -56.36 -35.90 -2.73
C ARG F 394 -55.52 -35.12 -3.73
N PRO F 395 -54.25 -35.47 -3.91
CA PRO F 395 -53.41 -34.75 -4.88
C PRO F 395 -53.89 -34.87 -6.31
N GLU F 396 -54.80 -35.79 -6.61
CA GLU F 396 -55.26 -35.98 -7.98
C GLU F 396 -56.17 -34.86 -8.48
N ARG F 397 -56.56 -33.92 -7.60
CA ARG F 397 -57.39 -32.80 -8.04
C ARG F 397 -56.68 -31.94 -9.07
N PHE F 398 -55.36 -31.82 -8.94
CA PHE F 398 -54.58 -30.94 -9.80
C PHE F 398 -53.94 -31.68 -10.97
N SER F 399 -54.40 -32.89 -11.26
CA SER F 399 -53.93 -33.60 -12.44
C SER F 399 -54.29 -32.82 -13.69
N LYS F 400 -53.30 -32.64 -14.59
CA LYS F 400 -53.52 -31.86 -15.79
C LYS F 400 -54.56 -32.50 -16.71
N LYS F 401 -54.90 -33.77 -16.50
CA LYS F 401 -55.93 -34.41 -17.33
C LYS F 401 -57.31 -33.85 -17.05
N LYS F 402 -57.59 -33.46 -15.80
CA LYS F 402 -58.89 -32.91 -15.47
C LYS F 402 -59.00 -31.47 -15.98
N ASP F 403 -60.14 -30.84 -15.67
CA ASP F 403 -60.35 -29.46 -16.08
C ASP F 403 -59.42 -28.53 -15.32
N SER F 404 -59.30 -27.30 -15.84
CA SER F 404 -58.41 -26.33 -15.23
C SER F 404 -58.99 -25.80 -13.92
N ILE F 405 -58.12 -25.65 -12.92
CA ILE F 405 -58.54 -25.09 -11.64
C ILE F 405 -58.89 -23.61 -11.81
N ASP F 406 -59.98 -23.19 -11.18
CA ASP F 406 -60.36 -21.78 -11.20
C ASP F 406 -59.30 -20.95 -10.47
N PRO F 407 -58.63 -20.02 -11.14
CA PRO F 407 -57.56 -19.26 -10.48
C PRO F 407 -58.06 -18.23 -9.48
N TYR F 408 -59.37 -17.97 -9.44
CA TYR F 408 -59.94 -17.03 -8.48
C TYR F 408 -60.57 -17.72 -7.28
N ILE F 409 -60.74 -19.04 -7.33
CA ILE F 409 -61.12 -19.82 -6.16
C ILE F 409 -59.88 -20.30 -5.41
N TYR F 410 -58.96 -20.93 -6.13
CA TYR F 410 -57.72 -21.45 -5.56
C TYR F 410 -56.66 -20.35 -5.65
N THR F 411 -56.45 -19.62 -4.55
CA THR F 411 -55.58 -18.44 -4.53
C THR F 411 -54.59 -18.50 -3.37
N PRO F 412 -53.74 -19.55 -3.31
CA PRO F 412 -52.76 -19.60 -2.22
C PRO F 412 -51.66 -18.57 -2.35
N PHE F 413 -51.35 -18.15 -3.58
CA PHE F 413 -50.35 -17.11 -3.83
C PHE F 413 -50.98 -15.81 -4.32
N GLY F 414 -52.32 -15.72 -4.31
CA GLY F 414 -52.99 -14.56 -4.86
C GLY F 414 -53.11 -14.65 -6.36
N THR F 415 -53.68 -13.59 -6.95
CA THR F 415 -53.90 -13.53 -8.38
C THR F 415 -53.86 -12.08 -8.82
N GLY F 416 -53.23 -11.83 -9.96
CA GLY F 416 -53.23 -10.52 -10.55
C GLY F 416 -51.90 -9.80 -10.42
N PRO F 417 -51.89 -8.50 -10.72
CA PRO F 417 -50.62 -7.77 -10.68
C PRO F 417 -49.99 -7.70 -9.31
N ARG F 418 -50.77 -7.77 -8.23
CA ARG F 418 -50.18 -7.73 -6.90
C ARG F 418 -50.35 -9.05 -6.18
N ASN F 419 -49.95 -10.14 -6.84
CA ASN F 419 -49.94 -11.46 -6.23
C ASN F 419 -48.60 -11.64 -5.50
N CYS F 420 -48.25 -12.87 -5.14
CA CYS F 420 -46.97 -13.13 -4.51
C CYS F 420 -45.85 -13.01 -5.55
N ILE F 421 -44.86 -12.18 -5.26
CA ILE F 421 -43.76 -11.98 -6.19
C ILE F 421 -42.72 -13.10 -6.09
N GLY F 422 -42.70 -13.84 -4.99
CA GLY F 422 -41.75 -14.92 -4.82
C GLY F 422 -42.38 -16.29 -4.92
N MET F 423 -43.52 -16.37 -5.61
CA MET F 423 -44.23 -17.63 -5.76
C MET F 423 -43.37 -18.68 -6.44
N ARG F 424 -42.77 -18.33 -7.57
CA ARG F 424 -41.95 -19.30 -8.30
C ARG F 424 -40.72 -19.70 -7.51
N PHE F 425 -40.15 -18.77 -6.74
CA PHE F 425 -39.01 -19.12 -5.91
C PHE F 425 -39.42 -20.03 -4.76
N ALA F 426 -40.51 -19.70 -4.07
CA ALA F 426 -40.94 -20.50 -2.93
C ALA F 426 -41.35 -21.90 -3.37
N LEU F 427 -41.93 -22.05 -4.55
CA LEU F 427 -42.28 -23.38 -5.05
C LEU F 427 -41.04 -24.17 -5.41
N MET F 428 -40.10 -23.55 -6.14
CA MET F 428 -38.84 -24.20 -6.43
C MET F 428 -38.05 -24.48 -5.15
N ASN F 429 -38.15 -23.58 -4.17
CA ASN F 429 -37.52 -23.79 -2.88
C ASN F 429 -38.08 -25.03 -2.18
N MET F 430 -39.40 -25.16 -2.17
CA MET F 430 -40.03 -26.26 -1.43
C MET F 430 -39.81 -27.60 -2.13
N LYS F 431 -39.88 -27.62 -3.46
CA LYS F 431 -39.68 -28.87 -4.18
C LYS F 431 -38.26 -29.40 -3.97
N LEU F 432 -37.26 -28.51 -4.05
CA LEU F 432 -35.88 -28.94 -3.86
C LEU F 432 -35.65 -29.55 -2.47
N ALA F 433 -36.38 -29.06 -1.46
CA ALA F 433 -36.28 -29.68 -0.15
C ALA F 433 -36.99 -31.02 -0.12
N LEU F 434 -38.18 -31.09 -0.71
CA LEU F 434 -38.95 -32.34 -0.69
C LEU F 434 -38.25 -33.44 -1.47
N ILE F 435 -37.63 -33.09 -2.60
CA ILE F 435 -36.94 -34.09 -3.41
C ILE F 435 -35.82 -34.74 -2.61
N ARG F 436 -35.06 -33.93 -1.87
CA ARG F 436 -33.92 -34.46 -1.14
C ARG F 436 -34.34 -35.29 0.06
N VAL F 437 -35.34 -34.83 0.81
CA VAL F 437 -35.71 -35.55 2.03
C VAL F 437 -36.43 -36.85 1.69
N LEU F 438 -37.13 -36.91 0.55
CA LEU F 438 -37.77 -38.15 0.14
C LEU F 438 -36.80 -39.11 -0.53
N GLN F 439 -35.68 -38.61 -1.07
CA GLN F 439 -34.66 -39.48 -1.62
C GLN F 439 -33.94 -40.28 -0.55
N ASN F 440 -33.93 -39.80 0.69
CA ASN F 440 -33.15 -40.41 1.76
C ASN F 440 -33.98 -40.86 2.96
N PHE F 441 -35.25 -40.49 3.05
CA PHE F 441 -36.03 -40.79 4.25
C PHE F 441 -37.47 -41.09 3.88
N SER F 442 -38.15 -41.81 4.79
CA SER F 442 -39.58 -42.03 4.72
C SER F 442 -40.21 -41.60 6.04
N PHE F 443 -41.36 -40.96 5.95
CA PHE F 443 -42.00 -40.32 7.11
C PHE F 443 -43.25 -41.09 7.50
N LYS F 444 -43.37 -41.40 8.78
CA LYS F 444 -44.52 -42.10 9.34
C LYS F 444 -44.92 -41.45 10.65
N PRO F 445 -46.20 -41.47 10.99
CA PRO F 445 -46.65 -40.86 12.24
C PRO F 445 -46.31 -41.75 13.44
N CYS F 446 -46.69 -41.28 14.62
CA CYS F 446 -46.46 -42.01 15.86
C CYS F 446 -47.49 -41.53 16.88
N LYS F 447 -47.23 -41.81 18.16
CA LYS F 447 -48.16 -41.40 19.21
C LYS F 447 -48.23 -39.89 19.32
N GLU F 448 -47.08 -39.22 19.30
CA GLU F 448 -47.05 -37.77 19.48
C GLU F 448 -47.63 -37.03 18.27
N THR F 449 -47.71 -37.68 17.12
CA THR F 449 -48.33 -37.07 15.95
C THR F 449 -49.85 -36.98 16.16
N GLN F 450 -50.42 -35.82 15.81
CA GLN F 450 -51.83 -35.53 16.05
C GLN F 450 -52.63 -35.74 14.78
N ILE F 451 -53.63 -36.62 14.84
CA ILE F 451 -54.56 -36.86 13.75
C ILE F 451 -55.96 -36.81 14.33
N PRO F 452 -56.86 -35.94 13.82
CA PRO F 452 -56.62 -35.00 12.72
C PRO F 452 -55.78 -33.81 13.15
N LEU F 453 -55.15 -33.15 12.19
CA LEU F 453 -54.38 -31.94 12.49
C LEU F 453 -55.33 -30.79 12.79
N LYS F 454 -55.11 -30.11 13.91
CA LYS F 454 -55.90 -28.95 14.30
C LYS F 454 -55.07 -27.70 14.09
N LEU F 455 -55.66 -26.71 13.41
CA LEU F 455 -54.98 -25.44 13.18
C LEU F 455 -55.06 -24.55 14.41
N ASP F 456 -54.00 -23.78 14.61
CA ASP F 456 -53.96 -22.80 15.68
C ASP F 456 -54.72 -21.54 15.26
N THR F 457 -54.80 -20.57 16.16
CA THR F 457 -55.47 -19.31 15.89
C THR F 457 -54.53 -18.25 15.33
N GLN F 458 -53.30 -18.61 15.01
CA GLN F 458 -52.31 -17.63 14.59
C GLN F 458 -52.65 -17.05 13.22
N GLY F 459 -52.11 -15.85 12.96
CA GLY F 459 -52.38 -15.18 11.70
C GLY F 459 -51.72 -15.84 10.51
N LEU F 460 -50.59 -16.50 10.73
CA LEU F 460 -49.95 -17.34 9.73
C LEU F 460 -50.17 -18.80 10.12
N LEU F 461 -50.73 -19.58 9.19
CA LEU F 461 -51.20 -20.93 9.52
C LEU F 461 -50.12 -21.76 10.18
N GLN F 462 -50.38 -22.16 11.42
CA GLN F 462 -49.51 -23.02 12.20
C GLN F 462 -50.35 -24.09 12.88
N PRO F 463 -49.84 -25.31 12.97
CA PRO F 463 -50.58 -26.35 13.71
C PRO F 463 -50.76 -25.96 15.16
N GLU F 464 -51.83 -26.47 15.77
CA GLU F 464 -52.09 -26.21 17.18
C GLU F 464 -51.00 -26.78 18.06
N LYS F 465 -50.49 -27.96 17.71
CA LYS F 465 -49.31 -28.54 18.32
C LYS F 465 -48.27 -28.83 17.23
N PRO F 466 -46.99 -28.59 17.52
CA PRO F 466 -45.96 -28.79 16.48
C PRO F 466 -45.99 -30.20 15.91
N ILE F 467 -45.80 -30.30 14.59
CA ILE F 467 -45.85 -31.58 13.91
C ILE F 467 -44.59 -32.38 14.23
N VAL F 468 -44.77 -33.59 14.72
CA VAL F 468 -43.67 -34.51 15.01
C VAL F 468 -43.93 -35.81 14.25
N LEU F 469 -42.92 -36.27 13.52
CA LEU F 469 -43.04 -37.46 12.69
C LEU F 469 -41.83 -38.35 12.89
N LYS F 470 -42.07 -39.66 12.82
CA LYS F 470 -40.99 -40.64 12.88
C LYS F 470 -40.32 -40.72 11.52
N VAL F 471 -39.00 -40.54 11.49
CA VAL F 471 -38.24 -40.47 10.25
C VAL F 471 -37.26 -41.63 10.22
N ASP F 472 -37.34 -42.45 9.17
CA ASP F 472 -36.45 -43.58 8.98
C ASP F 472 -35.70 -43.43 7.66
N SER F 473 -34.43 -43.82 7.66
CA SER F 473 -33.62 -43.72 6.46
C SER F 473 -33.88 -44.91 5.54
N ARG F 474 -33.80 -44.65 4.23
CA ARG F 474 -34.05 -45.67 3.21
C ARG F 474 -32.83 -46.55 2.95
N ASP F 475 -31.84 -46.55 3.85
CA ASP F 475 -30.66 -47.37 3.69
C ASP F 475 -30.39 -48.22 4.92
N HIS G 9 -48.78 33.53 33.50
CA HIS G 9 -47.52 34.20 33.19
C HIS G 9 -47.44 35.60 33.83
N GLY G 10 -48.46 35.93 34.62
CA GLY G 10 -48.48 37.17 35.37
C GLY G 10 -48.24 37.00 36.85
N LEU G 11 -47.83 35.81 37.29
CA LEU G 11 -47.65 35.55 38.72
C LEU G 11 -46.53 36.39 39.30
N PHE G 12 -45.30 36.19 38.80
CA PHE G 12 -44.16 36.93 39.34
C PHE G 12 -44.27 38.43 39.06
N LYS G 13 -45.05 38.82 38.05
CA LYS G 13 -45.31 40.24 37.82
C LYS G 13 -46.10 40.83 38.98
N ARG G 14 -47.17 40.15 39.40
CA ARG G 14 -47.96 40.62 40.53
C ARG G 14 -47.15 40.57 41.82
N LEU G 15 -46.41 39.48 42.05
CA LEU G 15 -45.66 39.34 43.29
C LEU G 15 -44.48 40.29 43.39
N GLY G 16 -44.08 40.90 42.28
CA GLY G 16 -42.96 41.83 42.28
C GLY G 16 -41.60 41.21 42.05
N ILE G 17 -41.53 39.92 41.78
CA ILE G 17 -40.27 39.24 41.53
C ILE G 17 -39.83 39.55 40.10
N PRO G 18 -38.56 39.86 39.85
CA PRO G 18 -38.10 40.10 38.49
C PRO G 18 -37.79 38.80 37.75
N GLY G 19 -37.66 38.91 36.44
CA GLY G 19 -37.36 37.79 35.60
C GLY G 19 -37.58 38.09 34.13
N PRO G 20 -37.08 37.22 33.26
CA PRO G 20 -37.23 37.46 31.81
C PRO G 20 -38.67 37.31 31.35
N THR G 21 -39.02 38.12 30.38
CA THR G 21 -40.38 38.12 29.84
C THR G 21 -40.67 36.81 29.13
N PRO G 22 -41.63 36.02 29.59
CA PRO G 22 -41.89 34.72 28.96
C PRO G 22 -42.65 34.87 27.65
N LEU G 23 -42.63 33.80 26.88
CA LEU G 23 -43.40 33.71 25.65
C LEU G 23 -44.64 32.86 25.86
N PRO G 24 -45.67 33.03 25.04
CA PRO G 24 -46.86 32.17 25.17
C PRO G 24 -46.50 30.71 24.97
N LEU G 25 -47.17 29.84 25.75
CA LEU G 25 -47.01 28.39 25.68
C LEU G 25 -45.64 27.91 26.12
N LEU G 26 -44.57 28.47 25.57
CA LEU G 26 -43.23 27.97 25.87
C LEU G 26 -42.73 28.43 27.23
N GLY G 27 -43.10 29.64 27.66
CA GLY G 27 -42.52 30.21 28.85
C GLY G 27 -41.15 30.80 28.57
N ASN G 28 -40.13 30.32 29.27
CA ASN G 28 -38.76 30.75 29.05
C ASN G 28 -37.87 29.59 28.60
N VAL G 29 -38.47 28.52 28.09
CA VAL G 29 -37.69 27.34 27.71
C VAL G 29 -36.81 27.61 26.48
N LEU G 30 -37.17 28.60 25.67
CA LEU G 30 -36.28 29.00 24.57
C LEU G 30 -34.94 29.49 25.09
N SER G 31 -34.91 30.13 26.24
CA SER G 31 -33.67 30.63 26.82
C SER G 31 -32.78 29.50 27.33
N TYR G 32 -33.22 28.26 27.24
CA TYR G 32 -32.42 27.11 27.64
C TYR G 32 -31.48 26.62 26.55
N ARG G 33 -31.68 27.06 25.30
CA ARG G 33 -30.90 26.54 24.17
C ARG G 33 -29.40 26.64 24.43
N GLN G 34 -28.96 27.70 25.10
CA GLN G 34 -27.55 27.93 25.36
C GLN G 34 -27.02 27.12 26.53
N GLY G 35 -27.87 26.39 27.22
CA GLY G 35 -27.45 25.61 28.38
C GLY G 35 -28.02 26.21 29.66
N LEU G 36 -28.48 25.34 30.56
CA LEU G 36 -29.04 25.82 31.81
C LEU G 36 -27.99 26.50 32.68
N TRP G 37 -26.72 26.13 32.53
CA TRP G 37 -25.67 26.79 33.28
C TRP G 37 -25.51 28.25 32.87
N LYS G 38 -25.65 28.53 31.57
CA LYS G 38 -25.49 29.90 31.10
C LYS G 38 -26.72 30.73 31.41
N PHE G 39 -27.92 30.17 31.22
CA PHE G 39 -29.14 30.91 31.54
C PHE G 39 -29.23 31.22 33.03
N ASP G 40 -28.72 30.33 33.88
CA ASP G 40 -28.75 30.59 35.32
C ASP G 40 -27.84 31.74 35.69
N THR G 41 -26.63 31.78 35.12
CA THR G 41 -25.69 32.85 35.46
C THR G 41 -26.15 34.19 34.91
N GLU G 42 -26.72 34.19 33.71
CA GLU G 42 -27.16 35.45 33.11
C GLU G 42 -28.31 36.07 33.89
N CYS G 43 -29.23 35.25 34.38
CA CYS G 43 -30.31 35.77 35.22
C CYS G 43 -29.76 36.29 36.55
N TYR G 44 -28.77 35.59 37.12
CA TYR G 44 -28.20 36.01 38.39
C TYR G 44 -27.56 37.39 38.28
N LYS G 45 -26.78 37.62 37.22
CA LYS G 45 -26.15 38.92 37.03
C LYS G 45 -27.15 40.01 36.70
N LYS G 46 -28.32 39.66 36.18
CA LYS G 46 -29.29 40.66 35.74
C LYS G 46 -30.38 40.93 36.76
N TYR G 47 -30.86 39.91 37.48
CA TYR G 47 -32.04 40.05 38.32
C TYR G 47 -31.76 39.99 39.80
N GLY G 48 -30.52 39.72 40.21
CA GLY G 48 -30.17 39.83 41.61
C GLY G 48 -30.29 38.55 42.40
N LYS G 49 -30.62 38.68 43.69
CA LYS G 49 -30.70 37.51 44.56
C LYS G 49 -31.75 36.51 44.07
N MET G 50 -32.93 37.01 43.70
CA MET G 50 -34.09 36.18 43.42
C MET G 50 -34.64 36.54 42.05
N TRP G 51 -35.16 35.54 41.34
CA TRP G 51 -35.79 35.80 40.04
C TRP G 51 -36.75 34.65 39.72
N GLY G 52 -37.65 34.91 38.79
CA GLY G 52 -38.69 33.95 38.47
C GLY G 52 -38.86 33.76 36.97
N THR G 53 -39.10 32.51 36.58
CA THR G 53 -39.30 32.12 35.19
C THR G 53 -40.48 31.17 35.10
N TYR G 54 -40.82 30.77 33.88
CA TYR G 54 -41.94 29.86 33.64
C TYR G 54 -41.50 28.77 32.66
N GLU G 55 -41.74 27.52 33.03
CA GLU G 55 -41.58 26.37 32.14
C GLU G 55 -42.98 26.03 31.62
N GLY G 56 -43.25 26.41 30.38
CA GLY G 56 -44.61 26.32 29.87
C GLY G 56 -45.51 27.28 30.62
N GLN G 57 -46.31 26.74 31.54
CA GLN G 57 -47.06 27.55 32.49
C GLN G 57 -46.63 27.32 33.93
N LEU G 58 -45.61 26.49 34.16
CA LEU G 58 -45.17 26.13 35.50
C LEU G 58 -44.28 27.23 36.09
N PRO G 59 -44.72 27.91 37.15
CA PRO G 59 -43.89 28.95 37.75
C PRO G 59 -42.66 28.36 38.40
N VAL G 60 -41.52 29.01 38.19
CA VAL G 60 -40.24 28.59 38.75
C VAL G 60 -39.58 29.79 39.42
N LEU G 61 -39.13 29.61 40.66
CA LEU G 61 -38.49 30.66 41.43
C LEU G 61 -37.08 30.20 41.82
N ALA G 62 -36.10 31.03 41.55
CA ALA G 62 -34.72 30.72 41.86
C ALA G 62 -34.25 31.54 43.05
N ILE G 63 -33.55 30.88 43.97
CA ILE G 63 -33.09 31.51 45.21
C ILE G 63 -31.59 31.37 45.31
N THR G 64 -30.94 32.42 45.83
CA THR G 64 -29.51 32.40 46.07
C THR G 64 -29.14 32.72 47.52
N ASP G 65 -30.09 33.14 48.34
CA ASP G 65 -29.78 33.47 49.72
C ASP G 65 -29.48 32.20 50.51
N PRO G 66 -28.34 32.12 51.19
CA PRO G 66 -28.00 30.87 51.90
C PRO G 66 -29.02 30.47 52.97
N ASP G 67 -29.77 31.42 53.51
CA ASP G 67 -30.79 31.06 54.50
C ASP G 67 -32.04 30.48 53.83
N VAL G 68 -32.46 31.06 52.71
CA VAL G 68 -33.63 30.55 52.01
C VAL G 68 -33.34 29.18 51.41
N ILE G 69 -32.10 28.94 50.99
CA ILE G 69 -31.71 27.61 50.51
C ILE G 69 -31.80 26.59 51.64
N ARG G 70 -31.34 26.97 52.83
CA ARG G 70 -31.37 26.06 53.96
C ARG G 70 -32.80 25.67 54.34
N THR G 71 -33.74 26.61 54.22
CA THR G 71 -35.12 26.32 54.56
C THR G 71 -35.77 25.41 53.53
N VAL G 72 -35.32 25.47 52.28
CA VAL G 72 -35.93 24.64 51.24
C VAL G 72 -35.29 23.26 51.20
N LEU G 73 -33.98 23.19 51.39
CA LEU G 73 -33.25 21.92 51.26
C LEU G 73 -33.29 21.07 52.52
N VAL G 74 -33.39 21.68 53.71
CA VAL G 74 -33.29 20.91 54.95
C VAL G 74 -34.53 21.09 55.81
N LYS G 75 -34.82 22.34 56.18
CA LYS G 75 -35.89 22.63 57.13
C LYS G 75 -37.24 22.10 56.65
N GLU G 76 -37.82 22.72 55.62
CA GLU G 76 -39.12 22.32 55.11
C GLU G 76 -39.01 21.23 54.05
N CYS G 77 -37.99 20.37 54.14
CA CYS G 77 -37.82 19.30 53.15
C CYS G 77 -38.93 18.28 53.25
N TYR G 78 -39.16 17.73 54.45
CA TYR G 78 -40.16 16.69 54.61
C TYR G 78 -41.57 17.27 54.57
N SER G 79 -41.74 18.54 54.90
CA SER G 79 -43.06 19.14 55.01
C SER G 79 -43.52 19.84 53.74
N VAL G 80 -42.59 20.40 52.96
CA VAL G 80 -42.97 21.14 51.77
C VAL G 80 -42.19 20.65 50.55
N PHE G 81 -40.87 20.83 50.58
CA PHE G 81 -40.03 20.59 49.41
C PHE G 81 -39.42 19.19 49.52
N THR G 82 -40.23 18.19 49.14
CA THR G 82 -39.81 16.79 49.18
C THR G 82 -39.52 16.20 47.81
N ASN G 83 -40.18 16.69 46.77
CA ASN G 83 -40.10 16.09 45.44
C ASN G 83 -39.36 17.01 44.48
N ARG G 84 -38.84 16.40 43.41
CA ARG G 84 -38.24 17.16 42.33
C ARG G 84 -39.26 17.38 41.23
N ARG G 85 -38.87 17.17 39.98
CA ARG G 85 -39.76 17.48 38.87
C ARG G 85 -41.00 16.59 38.87
N SER G 86 -42.04 17.07 38.21
CA SER G 86 -43.30 16.36 38.12
C SER G 86 -43.09 14.98 37.49
N LEU G 87 -44.03 14.08 37.75
CA LEU G 87 -43.91 12.71 37.27
C LEU G 87 -44.04 12.66 35.75
N GLY G 88 -43.13 11.94 35.10
CA GLY G 88 -43.15 11.80 33.66
C GLY G 88 -43.43 10.38 33.22
N PRO G 89 -43.65 10.19 31.93
CA PRO G 89 -43.95 8.84 31.43
C PRO G 89 -42.75 7.92 31.54
N VAL G 90 -42.62 7.26 32.69
CA VAL G 90 -41.45 6.46 33.00
C VAL G 90 -41.75 4.97 32.95
N GLY G 91 -42.99 4.58 32.64
CA GLY G 91 -43.34 3.17 32.68
C GLY G 91 -43.26 2.63 34.10
N PHE G 92 -42.65 1.46 34.24
CA PHE G 92 -42.48 0.86 35.56
C PHE G 92 -41.30 1.45 36.32
N MET G 93 -40.47 2.27 35.68
CA MET G 93 -39.33 2.88 36.35
C MET G 93 -39.73 3.88 37.44
N LYS G 94 -41.03 4.11 37.65
CA LYS G 94 -41.46 5.05 38.68
C LYS G 94 -40.99 4.62 40.07
N SER G 95 -40.59 3.37 40.25
CA SER G 95 -40.02 2.92 41.51
C SER G 95 -38.61 3.45 41.73
N ALA G 96 -38.01 4.11 40.75
CA ALA G 96 -36.69 4.69 40.93
C ALA G 96 -36.72 5.73 42.04
N ILE G 97 -35.65 5.75 42.84
CA ILE G 97 -35.59 6.65 44.00
C ILE G 97 -35.58 8.11 43.55
N SER G 98 -34.97 8.39 42.39
CA SER G 98 -34.97 9.75 41.85
C SER G 98 -36.32 10.17 41.29
N LEU G 99 -37.28 9.24 41.18
CA LEU G 99 -38.62 9.56 40.71
C LEU G 99 -39.68 9.44 41.78
N ALA G 100 -39.38 8.80 42.90
CA ALA G 100 -40.37 8.60 43.95
C ALA G 100 -40.70 9.91 44.65
N GLU G 101 -41.93 10.01 45.15
CA GLU G 101 -42.44 11.23 45.76
C GLU G 101 -43.05 10.92 47.12
N ASP G 102 -42.91 11.87 48.04
CA ASP G 102 -43.60 11.89 49.33
C ASP G 102 -43.19 10.67 50.13
N GLU G 103 -44.13 9.90 50.71
CA GLU G 103 -43.78 8.79 51.59
C GLU G 103 -43.12 7.64 50.85
N GLU G 104 -43.53 7.39 49.60
CA GLU G 104 -42.90 6.34 48.82
C GLU G 104 -41.40 6.57 48.67
N TRP G 105 -40.98 7.84 48.57
CA TRP G 105 -39.55 8.13 48.52
C TRP G 105 -38.90 7.90 49.88
N LYS G 106 -39.57 8.30 50.96
CA LYS G 106 -38.98 8.17 52.29
C LYS G 106 -38.62 6.73 52.60
N ARG G 107 -39.42 5.77 52.11
CA ARG G 107 -39.11 4.36 52.37
C ARG G 107 -37.94 3.90 51.53
N ILE G 108 -37.98 4.17 50.21
CA ILE G 108 -36.91 3.72 49.33
C ILE G 108 -35.58 4.35 49.73
N ARG G 109 -35.62 5.63 50.15
CA ARG G 109 -34.41 6.26 50.67
C ARG G 109 -33.92 5.55 51.92
N SER G 110 -34.84 5.13 52.79
CA SER G 110 -34.45 4.44 54.02
C SER G 110 -33.98 3.02 53.74
N LEU G 111 -34.65 2.32 52.82
CA LEU G 111 -34.26 0.95 52.49
C LEU G 111 -32.96 0.88 51.71
N LEU G 112 -32.43 2.01 51.25
CA LEU G 112 -31.16 2.05 50.55
C LEU G 112 -30.06 2.77 51.34
N SER G 113 -30.40 3.44 52.44
CA SER G 113 -29.38 4.14 53.22
C SER G 113 -28.26 3.22 53.70
N PRO G 114 -28.50 2.01 54.23
CA PRO G 114 -27.37 1.16 54.63
C PRO G 114 -26.47 0.76 53.49
N THR G 115 -26.90 0.92 52.23
CA THR G 115 -26.06 0.56 51.10
C THR G 115 -24.90 1.55 50.94
N PHE G 116 -25.17 2.84 51.14
CA PHE G 116 -24.20 3.90 50.86
C PHE G 116 -23.64 4.53 52.13
N THR G 117 -23.54 3.76 53.21
CA THR G 117 -22.92 4.27 54.42
C THR G 117 -21.39 4.19 54.29
N SER G 118 -20.71 4.95 55.16
CA SER G 118 -19.26 4.92 55.17
C SER G 118 -18.72 3.55 55.55
N GLY G 119 -19.50 2.77 56.31
CA GLY G 119 -19.06 1.44 56.66
C GLY G 119 -19.07 0.49 55.48
N LYS G 120 -20.14 0.51 54.70
CA LYS G 120 -20.22 -0.37 53.53
C LYS G 120 -19.24 0.04 52.44
N LEU G 121 -18.96 1.35 52.32
CA LEU G 121 -18.00 1.79 51.32
C LEU G 121 -16.60 1.29 51.63
N LYS G 122 -16.22 1.26 52.91
CA LYS G 122 -14.93 0.73 53.29
C LYS G 122 -14.83 -0.76 53.00
N GLU G 123 -15.94 -1.49 53.18
CA GLU G 123 -15.96 -2.91 52.86
C GLU G 123 -15.73 -3.13 51.37
N MET G 124 -16.42 -2.37 50.53
CA MET G 124 -16.35 -2.53 49.09
C MET G 124 -15.14 -1.86 48.46
N PHE G 125 -14.24 -1.31 49.28
CA PHE G 125 -13.07 -0.61 48.73
C PHE G 125 -12.22 -1.49 47.83
N PRO G 126 -11.82 -2.70 48.21
CA PRO G 126 -11.01 -3.51 47.28
C PRO G 126 -11.72 -3.86 45.99
N ILE G 127 -13.04 -3.98 46.02
CA ILE G 127 -13.80 -4.29 44.81
C ILE G 127 -13.75 -3.10 43.84
N ILE G 128 -13.74 -1.87 44.37
CA ILE G 128 -13.65 -0.70 43.50
C ILE G 128 -12.25 -0.54 42.96
N ALA G 129 -11.23 -0.80 43.79
CA ALA G 129 -9.86 -0.50 43.43
C ALA G 129 -9.34 -1.40 42.31
N GLN G 130 -9.85 -2.63 42.21
CA GLN G 130 -9.35 -3.56 41.21
C GLN G 130 -9.62 -3.09 39.79
N TYR G 131 -10.59 -2.18 39.60
CA TYR G 131 -10.85 -1.62 38.28
C TYR G 131 -9.91 -0.47 37.94
N GLY G 132 -9.21 0.08 38.93
CA GLY G 132 -8.12 1.01 38.65
C GLY G 132 -6.92 0.37 37.99
N ASP G 133 -6.82 -0.95 38.03
CA ASP G 133 -5.75 -1.66 37.34
C ASP G 133 -6.00 -1.72 35.84
N VAL G 134 -7.21 -2.12 35.44
CA VAL G 134 -7.56 -2.15 34.02
C VAL G 134 -7.49 -0.76 33.41
N LEU G 135 -7.76 0.26 34.22
CA LEU G 135 -7.63 1.64 33.74
C LEU G 135 -6.19 1.94 33.34
N VAL G 136 -5.24 1.56 34.19
CA VAL G 136 -3.83 1.83 33.90
C VAL G 136 -3.38 1.03 32.69
N ARG G 137 -3.79 -0.22 32.59
CA ARG G 137 -3.43 -1.03 31.43
C ARG G 137 -4.00 -0.44 30.14
N ASN G 138 -5.26 0.02 30.20
CA ASN G 138 -5.86 0.65 29.03
C ASN G 138 -5.14 1.95 28.67
N LEU G 139 -4.86 2.77 29.68
CA LEU G 139 -4.19 4.05 29.42
C LEU G 139 -2.75 3.85 28.96
N ARG G 140 -2.11 2.75 29.37
CA ARG G 140 -0.74 2.50 28.95
C ARG G 140 -0.67 2.18 27.46
N ARG G 141 -1.61 1.38 26.96
CA ARG G 141 -1.59 1.02 25.55
C ARG G 141 -1.84 2.22 24.65
N GLU G 142 -2.55 3.23 25.15
CA GLU G 142 -2.80 4.45 24.38
C GLU G 142 -1.71 5.48 24.55
N ALA G 143 -1.10 5.58 25.73
CA ALA G 143 -0.01 6.53 25.94
C ALA G 143 1.24 6.14 25.17
N GLU G 144 1.50 4.84 25.01
CA GLU G 144 2.63 4.38 24.23
C GLU G 144 2.45 4.60 22.74
N LYS G 145 1.23 4.92 22.29
CA LYS G 145 0.99 5.17 20.86
C LYS G 145 1.63 6.46 20.38
N GLY G 146 2.24 7.25 21.26
CA GLY G 146 2.79 8.53 20.86
C GLY G 146 1.77 9.49 20.31
N LYS G 147 0.50 9.29 20.64
CA LYS G 147 -0.62 10.07 20.12
C LYS G 147 -1.49 10.55 21.26
N PRO G 148 -2.30 11.58 21.03
CA PRO G 148 -3.17 12.08 22.10
C PRO G 148 -4.28 11.09 22.43
N VAL G 149 -4.81 11.23 23.65
CA VAL G 149 -5.78 10.31 24.22
C VAL G 149 -7.11 11.03 24.39
N THR G 150 -8.18 10.44 23.85
CA THR G 150 -9.53 10.92 24.09
C THR G 150 -9.98 10.45 25.47
N LEU G 151 -10.14 11.39 26.41
CA LEU G 151 -10.39 11.00 27.79
C LEU G 151 -11.71 10.28 27.97
N LYS G 152 -12.76 10.71 27.26
CA LYS G 152 -14.09 10.13 27.48
C LYS G 152 -14.16 8.67 27.05
N ASP G 153 -13.22 8.20 26.24
CA ASP G 153 -13.17 6.77 25.92
C ASP G 153 -12.51 5.98 27.04
N ILE G 154 -11.35 6.45 27.50
CA ILE G 154 -10.62 5.73 28.54
C ILE G 154 -11.37 5.78 29.86
N PHE G 155 -11.94 6.93 30.20
CA PHE G 155 -12.60 7.08 31.49
C PHE G 155 -14.10 6.83 31.42
N GLY G 156 -14.70 6.89 30.24
CA GLY G 156 -16.05 6.37 30.10
C GLY G 156 -16.10 4.87 30.28
N ALA G 157 -15.04 4.18 29.82
CA ALA G 157 -14.95 2.75 30.05
C ALA G 157 -14.75 2.45 31.54
N TYR G 158 -13.84 3.17 32.18
CA TYR G 158 -13.62 2.98 33.62
C TYR G 158 -14.90 3.20 34.40
N SER G 159 -15.60 4.31 34.14
CA SER G 159 -16.80 4.64 34.89
C SER G 159 -17.85 3.54 34.77
N MET G 160 -17.96 2.93 33.59
CA MET G 160 -18.93 1.86 33.41
C MET G 160 -18.46 0.59 34.11
N ASP G 161 -17.15 0.32 34.09
CA ASP G 161 -16.63 -0.90 34.71
C ASP G 161 -16.85 -0.91 36.21
N VAL G 162 -16.61 0.22 36.88
CA VAL G 162 -16.76 0.27 38.32
C VAL G 162 -18.24 0.22 38.71
N ILE G 163 -19.08 0.99 38.03
CA ILE G 163 -20.50 1.05 38.37
C ILE G 163 -21.18 -0.28 38.07
N THR G 164 -20.61 -1.10 37.18
CA THR G 164 -21.15 -2.43 36.91
C THR G 164 -20.58 -3.47 37.87
N GLY G 165 -19.29 -3.38 38.18
CA GLY G 165 -18.68 -4.36 39.06
C GLY G 165 -19.18 -4.26 40.50
N THR G 166 -19.39 -3.04 40.99
CA THR G 166 -19.95 -2.85 42.31
C THR G 166 -21.46 -3.08 42.35
N SER G 167 -22.09 -3.28 41.20
CA SER G 167 -23.51 -3.58 41.13
C SER G 167 -23.79 -5.05 40.90
N PHE G 168 -23.04 -5.70 40.01
CA PHE G 168 -23.30 -7.07 39.61
C PHE G 168 -22.14 -8.03 39.84
N GLY G 169 -20.93 -7.53 40.10
CA GLY G 169 -19.78 -8.38 40.29
C GLY G 169 -19.11 -8.86 39.03
N VAL G 170 -19.58 -8.45 37.86
CA VAL G 170 -19.00 -8.87 36.59
C VAL G 170 -17.91 -7.88 36.21
N ASN G 171 -16.72 -8.40 35.89
CA ASN G 171 -15.56 -7.58 35.51
C ASN G 171 -15.48 -7.61 33.98
N ILE G 172 -16.11 -6.64 33.35
CA ILE G 172 -16.10 -6.51 31.90
C ILE G 172 -15.18 -5.35 31.52
N ASP G 173 -14.54 -5.48 30.35
CA ASP G 173 -13.70 -4.41 29.80
C ASP G 173 -14.51 -3.72 28.71
N SER G 174 -15.17 -2.62 29.08
CA SER G 174 -15.97 -1.87 28.13
C SER G 174 -15.12 -1.37 26.97
N LEU G 175 -13.90 -0.90 27.26
CA LEU G 175 -13.03 -0.42 26.21
C LEU G 175 -12.59 -1.56 25.29
N ASN G 176 -12.53 -2.78 25.80
CA ASN G 176 -12.06 -3.92 25.03
C ASN G 176 -13.17 -4.87 24.62
N ASN G 177 -14.43 -4.53 24.88
CA ASN G 177 -15.58 -5.32 24.43
C ASN G 177 -16.68 -4.37 23.95
N PRO G 178 -16.46 -3.68 22.83
CA PRO G 178 -17.48 -2.74 22.35
C PRO G 178 -18.78 -3.41 21.93
N GLN G 179 -18.73 -4.69 21.55
CA GLN G 179 -19.90 -5.41 21.07
C GLN G 179 -20.59 -6.21 22.17
N ASP G 180 -20.08 -6.16 23.40
CA ASP G 180 -20.76 -6.78 24.52
C ASP G 180 -22.17 -6.18 24.64
N PRO G 181 -23.22 -7.01 24.73
CA PRO G 181 -24.58 -6.46 24.78
C PRO G 181 -24.82 -5.58 26.00
N PHE G 182 -24.17 -5.86 27.13
CA PHE G 182 -24.29 -5.00 28.30
C PHE G 182 -23.68 -3.63 28.03
N VAL G 183 -22.49 -3.61 27.45
CA VAL G 183 -21.83 -2.34 27.11
C VAL G 183 -22.61 -1.63 26.00
N GLU G 184 -23.12 -2.40 25.03
CA GLU G 184 -23.86 -1.79 23.93
C GLU G 184 -25.18 -1.19 24.41
N SER G 185 -25.75 -1.71 25.50
CA SER G 185 -27.01 -1.18 26.01
C SER G 185 -26.80 -0.03 26.99
N THR G 186 -25.79 -0.13 27.86
CA THR G 186 -25.54 0.95 28.80
C THR G 186 -25.08 2.22 28.11
N LYS G 187 -24.32 2.09 27.03
CA LYS G 187 -23.82 3.25 26.29
C LYS G 187 -24.93 4.11 25.71
N LYS G 188 -26.18 3.63 25.75
CA LYS G 188 -27.31 4.45 25.33
C LYS G 188 -27.73 5.45 26.41
N PHE G 189 -27.30 5.25 27.66
CA PHE G 189 -27.52 6.24 28.70
C PHE G 189 -26.78 7.56 28.42
N LEU G 190 -25.86 7.57 27.45
CA LEU G 190 -25.10 8.78 27.18
C LEU G 190 -25.89 9.82 26.39
N LYS G 191 -26.98 9.41 25.72
CA LYS G 191 -27.84 10.38 25.04
C LYS G 191 -28.50 11.33 26.01
N PHE G 192 -28.52 11.01 27.31
CA PHE G 192 -29.06 11.91 28.32
C PHE G 192 -28.26 13.21 28.33
N GLY G 193 -28.98 14.34 28.35
CA GLY G 193 -28.38 15.66 28.36
C GLY G 193 -28.63 16.45 27.09
N PHE G 194 -28.69 15.78 25.94
CA PHE G 194 -28.98 16.46 24.68
C PHE G 194 -30.46 16.83 24.61
N LEU G 195 -30.82 17.57 23.55
CA LEU G 195 -32.21 17.93 23.34
C LEU G 195 -33.07 16.69 23.19
N ASP G 196 -34.14 16.63 23.98
CA ASP G 196 -35.04 15.49 24.02
C ASP G 196 -36.45 15.98 23.76
N PRO G 197 -36.95 15.86 22.52
CA PRO G 197 -38.31 16.37 22.24
C PRO G 197 -39.38 15.72 23.09
N LEU G 198 -39.31 14.41 23.30
CA LEU G 198 -40.29 13.73 24.14
C LEU G 198 -40.34 14.35 25.53
N PHE G 199 -39.19 14.45 26.19
CA PHE G 199 -39.13 15.06 27.52
C PHE G 199 -39.64 16.50 27.47
N LEU G 200 -39.28 17.24 26.43
CA LEU G 200 -39.69 18.63 26.33
C LEU G 200 -41.21 18.77 26.28
N SER G 201 -41.91 17.78 25.70
CA SER G 201 -43.37 17.90 25.57
C SER G 201 -44.06 17.73 26.92
N ILE G 202 -43.57 16.84 27.78
CA ILE G 202 -44.17 16.70 29.11
C ILE G 202 -43.78 17.86 30.01
N ILE G 203 -42.71 18.58 29.68
CA ILE G 203 -42.33 19.75 30.48
C ILE G 203 -43.24 20.93 30.15
N LEU G 204 -43.55 21.12 28.87
CA LEU G 204 -44.43 22.21 28.47
C LEU G 204 -45.89 21.87 28.70
N PHE G 205 -46.26 20.61 28.54
CA PHE G 205 -47.64 20.16 28.69
C PHE G 205 -47.63 18.92 29.58
N PRO G 206 -47.56 19.10 30.89
CA PRO G 206 -47.45 17.94 31.80
C PRO G 206 -48.64 17.00 31.75
N PHE G 207 -49.71 17.35 31.04
CA PHE G 207 -50.84 16.44 30.89
C PHE G 207 -50.59 15.38 29.82
N LEU G 208 -49.53 15.51 29.04
CA LEU G 208 -49.18 14.45 28.09
C LEU G 208 -48.54 13.24 28.77
N THR G 209 -48.15 13.37 30.04
CA THR G 209 -47.54 12.24 30.74
C THR G 209 -48.48 11.04 30.85
N PRO G 210 -49.75 11.17 31.24
CA PRO G 210 -50.65 10.01 31.18
C PRO G 210 -50.93 9.54 29.76
N VAL G 211 -50.83 10.44 28.76
CA VAL G 211 -51.09 10.04 27.39
C VAL G 211 -49.95 9.19 26.85
N PHE G 212 -48.71 9.54 27.21
CA PHE G 212 -47.58 8.73 26.78
C PHE G 212 -47.52 7.40 27.53
N GLU G 213 -47.99 7.38 28.78
CA GLU G 213 -48.06 6.11 29.51
C GLU G 213 -48.98 5.13 28.81
N ALA G 214 -50.10 5.61 28.27
CA ALA G 214 -51.02 4.73 27.56
C ALA G 214 -50.40 4.22 26.26
N LEU G 215 -49.63 5.07 25.58
CA LEU G 215 -49.00 4.68 24.32
C LEU G 215 -47.78 3.78 24.50
N ASN G 216 -47.46 3.40 25.74
CA ASN G 216 -46.31 2.52 26.03
C ASN G 216 -45.00 3.17 25.58
N VAL G 217 -44.83 4.44 25.95
CA VAL G 217 -43.65 5.22 25.60
C VAL G 217 -43.04 5.72 26.89
N SER G 218 -41.73 5.53 27.03
CA SER G 218 -41.00 5.85 28.26
C SER G 218 -39.95 6.92 27.98
N LEU G 219 -39.62 7.70 29.01
CA LEU G 219 -38.51 8.64 28.93
C LEU G 219 -37.16 7.94 28.91
N PHE G 220 -37.09 6.70 29.39
CA PHE G 220 -35.87 5.89 29.41
C PHE G 220 -35.79 5.05 28.14
N PRO G 221 -34.58 4.61 27.76
CA PRO G 221 -34.46 3.69 26.62
C PRO G 221 -35.05 2.33 26.94
N LYS G 222 -36.21 2.02 26.39
CA LYS G 222 -36.95 0.83 26.78
C LYS G 222 -36.11 -0.43 26.58
N ASP G 223 -35.44 -0.56 25.43
CA ASP G 223 -34.65 -1.74 25.17
C ASP G 223 -33.43 -1.83 26.10
N THR G 224 -32.93 -0.69 26.55
CA THR G 224 -31.91 -0.71 27.60
C THR G 224 -32.52 -1.05 28.95
N ILE G 225 -33.75 -0.59 29.20
CA ILE G 225 -34.42 -0.95 30.45
C ILE G 225 -34.83 -2.42 30.43
N ASN G 226 -35.31 -2.91 29.28
CA ASN G 226 -35.68 -4.32 29.18
C ASN G 226 -34.46 -5.21 29.39
N PHE G 227 -33.33 -4.87 28.77
CA PHE G 227 -32.12 -5.66 28.92
C PHE G 227 -31.66 -5.69 30.38
N LEU G 228 -31.56 -4.52 31.00
CA LEU G 228 -31.06 -4.46 32.37
C LEU G 228 -32.02 -5.14 33.35
N SER G 229 -33.33 -4.96 33.16
CA SER G 229 -34.28 -5.60 34.05
C SER G 229 -34.23 -7.12 33.92
N LYS G 230 -34.20 -7.62 32.68
CA LYS G 230 -34.11 -9.06 32.46
C LYS G 230 -32.74 -9.62 32.83
N SER G 231 -31.70 -8.78 32.84
CA SER G 231 -30.38 -9.25 33.23
C SER G 231 -30.22 -9.27 34.74
N VAL G 232 -30.89 -8.38 35.47
CA VAL G 232 -30.85 -8.40 36.92
C VAL G 232 -31.62 -9.60 37.46
N ASN G 233 -32.71 -9.97 36.80
CA ASN G 233 -33.55 -11.05 37.31
C ASN G 233 -32.90 -12.41 37.14
N ARG G 234 -32.15 -12.60 36.04
CA ARG G 234 -31.51 -13.89 35.83
C ARG G 234 -30.37 -14.13 36.81
N MET G 235 -29.78 -13.05 37.35
CA MET G 235 -28.70 -13.19 38.32
C MET G 235 -29.21 -13.38 39.73
N LYS G 236 -30.43 -12.93 40.04
CA LYS G 236 -31.01 -13.20 41.35
C LYS G 236 -31.18 -14.68 41.60
N LYS G 237 -31.35 -15.46 40.53
CA LYS G 237 -31.49 -16.91 40.66
C LYS G 237 -30.18 -17.53 41.15
N SER G 238 -29.06 -17.13 40.56
CA SER G 238 -27.76 -17.65 40.95
C SER G 238 -27.32 -17.09 42.30
N ASP G 249 -21.58 -6.47 46.61
CA ASP G 249 -22.29 -5.89 45.47
C ASP G 249 -23.50 -5.08 45.92
N PHE G 250 -23.93 -4.15 45.06
CA PHE G 250 -25.17 -3.42 45.35
C PHE G 250 -26.40 -4.31 45.21
N LEU G 251 -26.36 -5.25 44.25
CA LEU G 251 -27.50 -6.15 44.07
C LEU G 251 -27.69 -7.07 45.27
N GLN G 252 -26.61 -7.63 45.79
CA GLN G 252 -26.72 -8.55 46.91
C GLN G 252 -27.21 -7.84 48.16
N LEU G 253 -26.77 -6.60 48.39
CA LEU G 253 -27.25 -5.85 49.54
C LEU G 253 -28.75 -5.62 49.48
N MET G 254 -29.31 -5.47 48.27
CA MET G 254 -30.75 -5.28 48.14
C MET G 254 -31.50 -6.61 48.22
N ILE G 255 -30.91 -7.70 47.75
CA ILE G 255 -31.53 -9.01 47.88
C ILE G 255 -31.62 -9.41 49.35
N ASP G 256 -30.55 -9.18 50.11
CA ASP G 256 -30.55 -9.53 51.52
C ASP G 256 -31.58 -8.73 52.30
N SER G 257 -31.94 -7.53 51.83
CA SER G 257 -32.97 -6.75 52.49
C SER G 257 -34.35 -7.37 52.35
N GLN G 258 -34.54 -8.26 51.39
CA GLN G 258 -35.82 -8.93 51.19
C GLN G 258 -35.96 -10.13 52.13
N LYS G 267 -42.83 -1.92 53.66
CA LYS G 267 -41.49 -2.02 54.23
C LYS G 267 -40.62 -3.00 53.45
N ALA G 268 -41.16 -3.55 52.37
CA ALA G 268 -40.44 -4.48 51.53
C ALA G 268 -39.81 -3.76 50.34
N LEU G 269 -39.02 -4.50 49.57
CA LEU G 269 -38.40 -4.02 48.35
C LEU G 269 -38.81 -4.99 47.23
N SER G 270 -39.86 -4.63 46.50
CA SER G 270 -40.44 -5.55 45.53
C SER G 270 -39.46 -5.86 44.41
N ASP G 271 -39.79 -6.90 43.63
CA ASP G 271 -38.93 -7.31 42.53
C ASP G 271 -38.90 -6.29 41.40
N LEU G 272 -39.90 -5.41 41.32
CA LEU G 272 -39.85 -4.29 40.39
C LEU G 272 -39.15 -3.08 41.00
N GLU G 273 -39.42 -2.79 42.28
CA GLU G 273 -38.73 -1.69 42.95
C GLU G 273 -37.24 -1.96 43.08
N LEU G 274 -36.81 -3.22 43.07
CA LEU G 274 -35.40 -3.54 43.15
C LEU G 274 -34.71 -3.34 41.81
N ALA G 275 -35.31 -3.87 40.74
CA ALA G 275 -34.72 -3.73 39.40
C ALA G 275 -34.68 -2.27 38.95
N ALA G 276 -35.55 -1.42 39.52
CA ALA G 276 -35.50 0.00 39.18
C ALA G 276 -34.23 0.65 39.72
N GLN G 277 -33.94 0.43 41.01
CA GLN G 277 -32.76 1.06 41.60
C GLN G 277 -31.47 0.52 40.99
N SER G 278 -31.46 -0.75 40.59
CA SER G 278 -30.28 -1.30 39.91
C SER G 278 -29.99 -0.56 38.62
N ILE G 279 -31.05 -0.16 37.91
CA ILE G 279 -30.87 0.56 36.66
C ILE G 279 -30.51 2.02 36.91
N ILE G 280 -31.21 2.68 37.84
CA ILE G 280 -30.98 4.11 38.06
C ILE G 280 -29.60 4.34 38.67
N PHE G 281 -29.04 3.35 39.38
CA PHE G 281 -27.70 3.51 39.92
C PHE G 281 -26.67 3.55 38.81
N ILE G 282 -26.78 2.64 37.83
CA ILE G 282 -25.86 2.63 36.70
C ILE G 282 -26.02 3.90 35.87
N PHE G 283 -27.28 4.27 35.59
CA PHE G 283 -27.55 5.49 34.84
C PHE G 283 -26.92 6.71 35.52
N ALA G 284 -27.07 6.81 36.84
CA ALA G 284 -26.58 7.98 37.57
C ALA G 284 -25.06 8.06 37.54
N GLY G 285 -24.38 6.96 37.88
CA GLY G 285 -22.94 7.01 38.06
C GLY G 285 -22.13 6.96 36.79
N TYR G 286 -22.73 6.56 35.67
CA TYR G 286 -21.99 6.39 34.43
C TYR G 286 -21.40 7.71 33.92
N GLU G 287 -22.25 8.58 33.38
CA GLU G 287 -21.73 9.74 32.66
C GLU G 287 -21.16 10.80 33.59
N THR G 288 -21.78 11.00 34.77
CA THR G 288 -21.30 12.04 35.68
C THR G 288 -19.87 11.77 36.14
N THR G 289 -19.57 10.52 36.50
CA THR G 289 -18.23 10.21 37.00
C THR G 289 -17.18 10.38 35.93
N SER G 290 -17.52 10.05 34.68
CA SER G 290 -16.55 10.21 33.60
C SER G 290 -16.32 11.68 33.27
N SER G 291 -17.37 12.49 33.33
CA SER G 291 -17.22 13.92 33.03
C SER G 291 -16.32 14.60 34.06
N VAL G 292 -16.60 14.39 35.35
CA VAL G 292 -15.82 15.04 36.39
C VAL G 292 -14.37 14.60 36.34
N LEU G 293 -14.14 13.31 36.05
CA LEU G 293 -12.76 12.84 35.90
C LEU G 293 -12.08 13.49 34.70
N SER G 294 -12.82 13.67 33.61
CA SER G 294 -12.22 14.31 32.43
C SER G 294 -11.98 15.80 32.67
N PHE G 295 -12.89 16.47 33.37
CA PHE G 295 -12.66 17.86 33.75
C PHE G 295 -11.48 17.99 34.70
N THR G 296 -11.29 17.00 35.58
CA THR G 296 -10.19 17.07 36.54
C THR G 296 -8.85 16.95 35.83
N LEU G 297 -8.71 15.99 34.92
CA LEU G 297 -7.45 15.84 34.20
C LEU G 297 -7.17 17.04 33.31
N TYR G 298 -8.22 17.62 32.73
CA TYR G 298 -8.04 18.86 31.95
C TYR G 298 -7.44 19.95 32.82
N GLU G 299 -7.94 20.09 34.05
CA GLU G 299 -7.41 21.11 34.95
C GLU G 299 -5.99 20.78 35.40
N LEU G 300 -5.65 19.50 35.51
CA LEU G 300 -4.29 19.14 35.86
C LEU G 300 -3.33 19.35 34.68
N ALA G 301 -3.80 19.10 33.45
CA ALA G 301 -2.94 19.29 32.29
C ALA G 301 -2.63 20.76 32.07
N THR G 302 -3.59 21.64 32.31
CA THR G 302 -3.43 23.06 32.09
C THR G 302 -2.89 23.80 33.31
N HIS G 303 -2.63 23.08 34.40
CA HIS G 303 -2.01 23.65 35.61
C HIS G 303 -0.93 22.68 36.06
N PRO G 304 0.26 22.73 35.43
CA PRO G 304 1.30 21.75 35.77
C PRO G 304 1.75 21.82 37.21
N ASP G 305 1.74 23.00 37.83
CA ASP G 305 2.11 23.09 39.24
C ASP G 305 1.14 22.33 40.11
N VAL G 306 -0.14 22.32 39.76
CA VAL G 306 -1.13 21.59 40.52
C VAL G 306 -0.94 20.08 40.35
N GLN G 307 -0.67 19.64 39.12
CA GLN G 307 -0.46 18.22 38.87
C GLN G 307 0.80 17.73 39.57
N GLN G 308 1.89 18.51 39.52
CA GLN G 308 3.14 18.08 40.14
C GLN G 308 3.06 18.07 41.65
N LYS G 309 2.24 18.95 42.25
CA LYS G 309 2.08 18.93 43.70
C LYS G 309 1.28 17.72 44.15
N LEU G 310 0.18 17.42 43.45
CA LEU G 310 -0.60 16.24 43.78
C LEU G 310 0.19 14.96 43.57
N GLN G 311 1.05 14.92 42.55
CA GLN G 311 1.89 13.75 42.35
C GLN G 311 2.95 13.62 43.43
N LYS G 312 3.37 14.73 44.03
CA LYS G 312 4.29 14.67 45.17
C LYS G 312 3.59 14.30 46.47
N GLU G 313 2.26 14.24 46.48
CA GLU G 313 1.51 13.76 47.63
C GLU G 313 1.12 12.30 47.49
N ILE G 314 0.76 11.85 46.29
CA ILE G 314 0.44 10.44 46.07
C ILE G 314 1.69 9.59 46.25
N ASP G 315 2.85 10.10 45.82
CA ASP G 315 4.09 9.34 45.98
C ASP G 315 4.55 9.34 47.43
N ALA G 316 4.21 10.37 48.20
CA ALA G 316 4.61 10.40 49.60
C ALA G 316 3.83 9.38 50.42
N VAL G 317 2.51 9.31 50.21
CA VAL G 317 1.69 8.37 50.97
C VAL G 317 1.83 6.96 50.38
N LEU G 318 1.94 6.85 49.06
CA LEU G 318 2.07 5.57 48.36
C LEU G 318 3.34 5.59 47.52
N PRO G 319 4.50 5.34 48.14
CA PRO G 319 5.75 5.38 47.39
C PRO G 319 5.91 4.16 46.49
N ASN G 320 6.63 4.36 45.39
CA ASN G 320 6.98 3.29 44.45
C ASN G 320 5.73 2.58 43.93
N LYS G 321 4.72 3.37 43.56
CA LYS G 321 3.48 2.87 42.97
C LYS G 321 2.78 1.87 43.89
N ALA G 322 2.76 2.18 45.19
CA ALA G 322 2.12 1.30 46.15
C ALA G 322 0.61 1.26 45.90
N PRO G 323 -0.01 0.08 46.01
CA PRO G 323 -1.46 -0.01 45.80
C PRO G 323 -2.21 0.78 46.86
N PRO G 324 -3.30 1.44 46.47
CA PRO G 324 -4.00 2.32 47.43
C PRO G 324 -4.71 1.52 48.52
N THR G 325 -4.91 2.18 49.64
CA THR G 325 -5.70 1.66 50.75
C THR G 325 -6.73 2.70 51.15
N TYR G 326 -7.75 2.25 51.90
CA TYR G 326 -8.85 3.15 52.26
C TYR G 326 -8.35 4.31 53.10
N ASP G 327 -7.51 4.03 54.11
CA ASP G 327 -7.03 5.09 54.98
C ASP G 327 -6.09 6.04 54.24
N ALA G 328 -5.28 5.50 53.33
CA ALA G 328 -4.36 6.35 52.58
C ALA G 328 -5.10 7.29 51.63
N VAL G 329 -6.24 6.84 51.08
CA VAL G 329 -6.99 7.67 50.14
C VAL G 329 -7.75 8.76 50.88
N VAL G 330 -8.47 8.39 51.95
CA VAL G 330 -9.32 9.34 52.66
C VAL G 330 -8.48 10.48 53.27
N GLN G 331 -7.23 10.19 53.65
CA GLN G 331 -6.39 11.15 54.34
C GLN G 331 -5.56 12.02 53.40
N MET G 332 -5.77 11.92 52.09
CA MET G 332 -5.06 12.77 51.14
C MET G 332 -5.77 14.12 51.08
N GLU G 333 -5.11 15.16 51.59
CA GLU G 333 -5.75 16.46 51.69
C GLU G 333 -5.82 17.16 50.33
N TYR G 334 -4.71 17.18 49.60
CA TYR G 334 -4.69 17.90 48.33
C TYR G 334 -5.49 17.19 47.26
N LEU G 335 -5.57 15.86 47.31
CA LEU G 335 -6.44 15.14 46.39
C LEU G 335 -7.89 15.56 46.60
N ASP G 336 -8.31 15.73 47.85
CA ASP G 336 -9.68 16.15 48.14
C ASP G 336 -9.92 17.59 47.68
N MET G 337 -8.91 18.45 47.79
CA MET G 337 -9.07 19.83 47.35
C MET G 337 -9.23 19.92 45.83
N VAL G 338 -8.39 19.19 45.09
CA VAL G 338 -8.46 19.23 43.63
C VAL G 338 -9.80 18.70 43.14
N VAL G 339 -10.32 17.67 43.80
CA VAL G 339 -11.62 17.12 43.41
C VAL G 339 -12.74 18.10 43.76
N ASN G 340 -12.67 18.71 44.94
CA ASN G 340 -13.71 19.67 45.33
C ASN G 340 -13.69 20.89 44.42
N GLU G 341 -12.50 21.35 44.01
CA GLU G 341 -12.42 22.51 43.13
C GLU G 341 -12.96 22.19 41.74
N THR G 342 -12.71 20.97 41.25
CA THR G 342 -13.25 20.58 39.95
C THR G 342 -14.78 20.56 39.97
N LEU G 343 -15.36 20.08 41.07
CA LEU G 343 -16.81 20.10 41.20
C LEU G 343 -17.36 21.50 41.32
N ARG G 344 -16.57 22.43 41.87
CA ARG G 344 -17.02 23.82 41.91
C ARG G 344 -17.07 24.41 40.51
N LEU G 345 -16.02 24.22 39.72
CA LEU G 345 -16.00 24.76 38.36
C LEU G 345 -16.95 24.02 37.43
N PHE G 346 -17.23 22.75 37.72
CA PHE G 346 -18.04 21.91 36.83
C PHE G 346 -19.00 21.05 37.64
N PRO G 347 -20.09 21.63 38.16
CA PRO G 347 -21.14 20.80 38.73
C PRO G 347 -21.98 20.13 37.65
N VAL G 348 -21.79 18.83 37.43
CA VAL G 348 -22.43 18.18 36.29
C VAL G 348 -23.95 18.15 36.43
N ALA G 349 -24.45 18.13 37.66
CA ALA G 349 -25.87 18.37 37.93
C ALA G 349 -25.99 19.88 38.16
N ILE G 350 -26.21 20.60 37.07
CA ILE G 350 -26.00 22.05 36.99
C ILE G 350 -26.75 22.82 38.06
N ARG G 351 -27.84 22.28 38.60
CA ARG G 351 -28.69 23.01 39.51
C ARG G 351 -29.40 22.04 40.43
N LEU G 352 -30.08 22.58 41.44
CA LEU G 352 -30.95 21.81 42.31
C LEU G 352 -32.39 22.23 42.08
N GLU G 353 -33.30 21.27 42.15
CA GLU G 353 -34.71 21.50 41.83
C GLU G 353 -35.58 20.84 42.89
N ARG G 354 -36.57 21.58 43.38
CA ARG G 354 -37.57 21.07 44.31
C ARG G 354 -38.93 21.59 43.87
N THR G 355 -39.99 20.92 44.34
CA THR G 355 -41.36 21.30 44.01
C THR G 355 -42.16 21.49 45.28
N CYS G 356 -43.07 22.45 45.25
CA CYS G 356 -43.97 22.72 46.38
C CYS G 356 -45.22 21.87 46.22
N LYS G 357 -45.38 20.88 47.09
CA LYS G 357 -46.60 20.09 47.08
C LYS G 357 -47.79 20.84 47.66
N LYS G 358 -47.59 22.03 48.20
CA LYS G 358 -48.67 22.86 48.71
C LYS G 358 -48.22 24.31 48.72
N ASP G 359 -49.19 25.21 48.83
CA ASP G 359 -48.90 26.63 48.85
C ASP G 359 -47.99 26.97 50.02
N VAL G 360 -46.87 27.64 49.71
CA VAL G 360 -45.83 27.94 50.70
C VAL G 360 -45.34 29.37 50.49
N GLU G 361 -44.89 30.00 51.58
CA GLU G 361 -44.29 31.32 51.55
C GLU G 361 -42.78 31.16 51.69
N ILE G 362 -42.06 31.46 50.61
CA ILE G 362 -40.61 31.26 50.57
C ILE G 362 -40.00 32.66 50.62
N ASN G 363 -39.68 33.09 51.83
CA ASN G 363 -39.05 34.41 52.08
C ASN G 363 -39.91 35.53 51.48
N GLY G 364 -41.06 35.75 52.13
CA GLY G 364 -41.94 36.82 51.74
C GLY G 364 -42.47 36.71 50.33
N VAL G 365 -42.62 35.49 49.81
CA VAL G 365 -43.13 35.26 48.46
C VAL G 365 -44.11 34.09 48.53
N PHE G 366 -45.39 34.36 48.30
CA PHE G 366 -46.42 33.32 48.31
C PHE G 366 -46.33 32.52 47.01
N ILE G 367 -45.88 31.28 47.11
CA ILE G 367 -45.63 30.43 45.95
C ILE G 367 -46.78 29.45 45.81
N PRO G 368 -47.37 29.29 44.62
CA PRO G 368 -48.49 28.36 44.47
C PRO G 368 -48.03 26.91 44.54
N LYS G 369 -49.01 26.02 44.60
CA LYS G 369 -48.73 24.59 44.63
C LYS G 369 -48.15 24.12 43.30
N GLY G 370 -47.24 23.16 43.38
CA GLY G 370 -46.63 22.59 42.19
C GLY G 370 -45.53 23.42 41.57
N SER G 371 -45.29 24.64 42.07
CA SER G 371 -44.24 25.47 41.51
C SER G 371 -42.87 24.88 41.84
N MET G 372 -41.86 25.34 41.12
CA MET G 372 -40.51 24.79 41.22
C MET G 372 -39.57 25.82 41.84
N VAL G 373 -38.71 25.34 42.73
CA VAL G 373 -37.69 26.18 43.36
C VAL G 373 -36.33 25.71 42.84
N VAL G 374 -35.57 26.64 42.27
CA VAL G 374 -34.27 26.34 41.66
C VAL G 374 -33.18 26.91 42.55
N ILE G 375 -32.20 26.08 42.88
CA ILE G 375 -30.99 26.52 43.57
C ILE G 375 -29.87 26.46 42.55
N PRO G 376 -29.55 27.56 41.86
CA PRO G 376 -28.60 27.51 40.75
C PRO G 376 -27.18 27.18 41.20
N THR G 377 -26.85 25.89 41.23
CA THR G 377 -25.56 25.46 41.74
C THR G 377 -24.40 26.01 40.90
N TYR G 378 -24.52 25.93 39.58
CA TYR G 378 -23.45 26.42 38.72
C TYR G 378 -23.26 27.92 38.88
N ALA G 379 -24.36 28.67 39.05
CA ALA G 379 -24.25 30.12 39.13
C ALA G 379 -23.63 30.55 40.46
N LEU G 380 -24.00 29.88 41.55
CA LEU G 380 -23.44 30.22 42.86
C LEU G 380 -21.99 29.77 42.99
N HIS G 381 -21.56 28.80 42.18
CA HIS G 381 -20.17 28.34 42.23
C HIS G 381 -19.23 29.34 41.57
N HIS G 382 -19.70 30.07 40.58
CA HIS G 382 -18.91 31.06 39.88
C HIS G 382 -19.20 32.49 40.36
N ASP G 383 -19.71 32.63 41.57
CA ASP G 383 -20.12 33.93 42.08
C ASP G 383 -18.92 34.67 42.67
N PRO G 384 -18.55 35.84 42.13
CA PRO G 384 -17.47 36.61 42.75
C PRO G 384 -17.75 37.03 44.18
N LYS G 385 -19.01 37.00 44.62
CA LYS G 385 -19.35 37.38 45.98
C LYS G 385 -18.90 36.35 47.00
N TYR G 386 -18.68 35.09 46.58
CA TYR G 386 -18.21 34.05 47.47
C TYR G 386 -16.83 33.50 47.11
N TRP G 387 -16.41 33.62 45.85
CA TRP G 387 -15.18 33.01 45.38
C TRP G 387 -14.33 34.09 44.70
N THR G 388 -13.19 34.41 45.30
CA THR G 388 -12.23 35.28 44.65
C THR G 388 -11.74 34.63 43.36
N GLU G 389 -11.67 35.45 42.29
CA GLU G 389 -11.38 35.03 40.91
C GLU G 389 -12.07 33.68 40.63
N PRO G 390 -13.39 33.70 40.41
CA PRO G 390 -14.14 32.42 40.40
C PRO G 390 -13.85 31.54 39.20
N GLU G 391 -13.35 32.09 38.09
CA GLU G 391 -13.04 31.27 36.93
C GLU G 391 -11.67 30.59 37.03
N GLU G 392 -10.87 30.94 38.02
CA GLU G 392 -9.55 30.35 38.19
C GLU G 392 -9.66 28.99 38.88
N PHE G 393 -8.73 28.10 38.54
CA PHE G 393 -8.64 26.79 39.15
C PHE G 393 -7.65 26.89 40.31
N ARG G 394 -8.17 27.07 41.52
CA ARG G 394 -7.35 27.20 42.73
C ARG G 394 -7.86 26.20 43.75
N PRO G 395 -7.24 25.01 43.81
CA PRO G 395 -7.67 24.03 44.82
C PRO G 395 -7.46 24.50 46.25
N GLU G 396 -6.69 25.56 46.46
CA GLU G 396 -6.41 26.07 47.80
C GLU G 396 -7.63 26.70 48.46
N ARG G 397 -8.74 26.84 47.75
CA ARG G 397 -9.95 27.39 48.36
C ARG G 397 -10.45 26.50 49.49
N PHE G 398 -10.49 25.20 49.24
CA PHE G 398 -11.00 24.24 50.20
C PHE G 398 -9.95 23.82 51.22
N SER G 399 -8.85 24.57 51.32
CA SER G 399 -7.83 24.29 52.32
C SER G 399 -8.45 24.33 53.70
N LYS G 400 -8.27 23.25 54.46
CA LYS G 400 -8.87 23.15 55.79
C LYS G 400 -8.34 24.22 56.74
N LYS G 401 -7.22 24.86 56.39
CA LYS G 401 -6.72 25.96 57.20
C LYS G 401 -7.64 27.18 57.13
N LYS G 402 -8.39 27.31 56.03
CA LYS G 402 -9.28 28.45 55.84
C LYS G 402 -10.63 28.18 56.53
N ASP G 403 -11.55 29.14 56.38
CA ASP G 403 -12.88 28.99 56.95
C ASP G 403 -13.68 27.94 56.19
N SER G 404 -14.75 27.46 56.83
CA SER G 404 -15.58 26.43 56.23
C SER G 404 -16.37 26.98 55.05
N ILE G 405 -16.50 26.16 54.02
CA ILE G 405 -17.29 26.52 52.85
C ILE G 405 -18.77 26.36 53.17
N ASP G 406 -19.58 27.31 52.70
CA ASP G 406 -21.01 27.26 52.93
C ASP G 406 -21.61 26.05 52.22
N PRO G 407 -22.23 25.11 52.94
CA PRO G 407 -22.80 23.92 52.29
C PRO G 407 -24.05 24.20 51.48
N TYR G 408 -24.46 25.46 51.34
CA TYR G 408 -25.60 25.82 50.52
C TYR G 408 -25.22 26.63 49.28
N ILE G 409 -24.05 27.25 49.28
CA ILE G 409 -23.52 27.85 48.05
C ILE G 409 -22.78 26.80 47.23
N TYR G 410 -21.98 25.96 47.89
CA TYR G 410 -21.25 24.88 47.23
C TYR G 410 -22.08 23.60 47.37
N THR G 411 -22.82 23.26 46.31
CA THR G 411 -23.74 22.11 46.34
C THR G 411 -23.56 21.26 45.08
N PRO G 412 -22.37 20.67 44.88
CA PRO G 412 -22.20 19.80 43.72
C PRO G 412 -23.01 18.53 43.81
N PHE G 413 -23.19 17.98 45.02
CA PHE G 413 -24.03 16.82 45.25
C PHE G 413 -25.36 17.17 45.90
N GLY G 414 -25.63 18.46 46.13
CA GLY G 414 -26.81 18.86 46.85
C GLY G 414 -26.64 18.78 48.35
N THR G 415 -27.70 19.15 49.07
CA THR G 415 -27.66 19.14 50.53
C THR G 415 -29.06 18.85 51.03
N GLY G 416 -29.15 18.03 52.08
CA GLY G 416 -30.41 17.75 52.73
C GLY G 416 -30.77 16.28 52.68
N PRO G 417 -31.98 15.95 53.15
CA PRO G 417 -32.41 14.54 53.15
C PRO G 417 -32.49 13.93 51.75
N ARG G 418 -32.46 14.72 50.69
CA ARG G 418 -32.54 14.21 49.33
C ARG G 418 -31.32 14.64 48.51
N ASN G 419 -30.14 14.58 49.12
CA ASN G 419 -28.91 14.88 48.41
C ASN G 419 -28.49 13.64 47.63
N CYS G 420 -27.33 13.68 46.99
CA CYS G 420 -26.85 12.54 46.20
C CYS G 420 -26.55 11.37 47.13
N ILE G 421 -27.18 10.22 46.86
CA ILE G 421 -26.99 9.04 47.70
C ILE G 421 -25.68 8.33 47.39
N GLY G 422 -25.13 8.49 46.20
CA GLY G 422 -23.88 7.84 45.85
C GLY G 422 -22.70 8.78 45.89
N MET G 423 -22.83 9.89 46.62
CA MET G 423 -21.79 10.89 46.69
C MET G 423 -20.47 10.30 47.16
N ARG G 424 -20.46 9.68 48.35
CA ARG G 424 -19.25 9.08 48.87
C ARG G 424 -18.74 7.99 47.96
N PHE G 425 -19.66 7.19 47.38
CA PHE G 425 -19.25 6.18 46.42
C PHE G 425 -18.69 6.81 45.16
N ALA G 426 -19.33 7.88 44.67
CA ALA G 426 -18.82 8.57 43.48
C ALA G 426 -17.46 9.19 43.74
N LEU G 427 -17.31 9.86 44.88
CA LEU G 427 -16.03 10.47 45.22
C LEU G 427 -14.93 9.42 45.32
N MET G 428 -15.25 8.24 45.87
CA MET G 428 -14.25 7.19 45.99
C MET G 428 -13.87 6.64 44.63
N ASN G 429 -14.84 6.50 43.72
CA ASN G 429 -14.53 6.07 42.36
C ASN G 429 -13.53 7.02 41.71
N MET G 430 -13.75 8.33 41.85
CA MET G 430 -12.91 9.30 41.17
C MET G 430 -11.53 9.39 41.80
N LYS G 431 -11.46 9.41 43.13
CA LYS G 431 -10.16 9.50 43.80
C LYS G 431 -9.29 8.29 43.50
N LEU G 432 -9.89 7.10 43.47
CA LEU G 432 -9.12 5.91 43.15
C LEU G 432 -8.58 5.97 41.71
N ALA G 433 -9.43 6.39 40.76
CA ALA G 433 -8.99 6.47 39.38
C ALA G 433 -7.89 7.51 39.21
N LEU G 434 -8.04 8.67 39.88
CA LEU G 434 -7.02 9.71 39.78
C LEU G 434 -5.68 9.22 40.34
N ILE G 435 -5.72 8.53 41.49
CA ILE G 435 -4.48 8.07 42.12
C ILE G 435 -3.77 7.06 41.21
N ARG G 436 -4.52 6.14 40.62
CA ARG G 436 -3.88 5.08 39.83
C ARG G 436 -3.28 5.64 38.55
N VAL G 437 -3.91 6.65 37.94
CA VAL G 437 -3.35 7.18 36.70
C VAL G 437 -2.23 8.16 36.98
N LEU G 438 -2.25 8.84 38.13
CA LEU G 438 -1.19 9.80 38.46
C LEU G 438 0.06 9.12 38.99
N GLN G 439 -0.05 7.91 39.53
CA GLN G 439 1.14 7.16 39.92
C GLN G 439 1.98 6.78 38.70
N ASN G 440 1.34 6.53 37.56
CA ASN G 440 2.02 6.01 36.39
C ASN G 440 2.20 7.00 35.26
N PHE G 441 1.38 8.05 35.19
CA PHE G 441 1.39 8.94 34.04
C PHE G 441 1.36 10.39 34.49
N SER G 442 1.66 11.27 33.52
CA SER G 442 1.53 12.71 33.67
C SER G 442 0.82 13.25 32.43
N PHE G 443 -0.04 14.24 32.63
CA PHE G 443 -0.90 14.75 31.56
C PHE G 443 -0.50 16.16 31.17
N LYS G 444 -0.47 16.41 29.87
CA LYS G 444 -0.10 17.69 29.29
C LYS G 444 -0.97 17.97 28.08
N PRO G 445 -1.26 19.24 27.80
CA PRO G 445 -2.14 19.55 26.66
C PRO G 445 -1.39 19.53 25.34
N CYS G 446 -2.10 19.12 24.30
CA CYS G 446 -1.57 19.05 22.95
C CYS G 446 -2.41 19.92 22.02
N LYS G 447 -2.12 19.86 20.72
CA LYS G 447 -2.81 20.70 19.75
C LYS G 447 -4.28 20.32 19.61
N GLU G 448 -4.71 19.20 20.18
CA GLU G 448 -6.11 18.82 20.18
C GLU G 448 -6.86 19.31 21.41
N THR G 449 -6.16 19.77 22.44
CA THR G 449 -6.82 20.35 23.60
C THR G 449 -7.49 21.67 23.22
N GLN G 450 -8.60 21.96 23.89
CA GLN G 450 -9.36 23.19 23.66
C GLN G 450 -8.97 24.21 24.72
N ILE G 451 -8.30 25.27 24.29
CA ILE G 451 -7.92 26.37 25.17
C ILE G 451 -8.37 27.68 24.52
N PRO G 452 -9.33 28.43 25.11
CA PRO G 452 -9.97 28.12 26.39
C PRO G 452 -11.06 27.08 26.23
N LEU G 453 -11.37 26.36 27.31
CA LEU G 453 -12.36 25.29 27.22
C LEU G 453 -13.77 25.88 27.13
N LYS G 454 -14.55 25.39 26.18
CA LYS G 454 -15.94 25.78 26.03
C LYS G 454 -16.85 24.70 26.61
N LEU G 455 -17.90 25.12 27.31
CA LEU G 455 -18.91 24.21 27.81
C LEU G 455 -20.00 24.02 26.76
N ASP G 456 -20.46 22.78 26.62
CA ASP G 456 -21.51 22.49 25.64
C ASP G 456 -22.86 22.95 26.16
N THR G 457 -23.89 22.78 25.33
CA THR G 457 -25.26 23.12 25.69
C THR G 457 -26.04 21.87 26.11
N GLN G 458 -25.45 21.05 26.96
CA GLN G 458 -26.06 19.80 27.41
C GLN G 458 -26.58 19.94 28.83
N GLY G 459 -27.51 19.05 29.18
CA GLY G 459 -28.09 19.06 30.51
C GLY G 459 -27.24 18.39 31.57
N LEU G 460 -26.35 17.48 31.17
CA LEU G 460 -25.29 16.96 32.01
C LEU G 460 -23.99 17.59 31.53
N LEU G 461 -23.30 18.29 32.42
CA LEU G 461 -22.21 19.18 32.01
C LEU G 461 -21.14 18.43 31.22
N GLN G 462 -20.83 18.95 30.04
CA GLN G 462 -19.95 18.28 29.09
C GLN G 462 -19.22 19.37 28.29
N PRO G 463 -17.97 19.11 27.90
CA PRO G 463 -17.27 20.08 27.05
C PRO G 463 -17.84 20.11 25.64
N GLU G 464 -17.63 21.24 24.96
CA GLU G 464 -18.15 21.38 23.61
C GLU G 464 -17.43 20.42 22.66
N LYS G 465 -16.12 20.25 22.83
CA LYS G 465 -15.35 19.22 22.15
C LYS G 465 -14.87 18.21 23.18
N PRO G 466 -14.86 16.93 22.86
CA PRO G 466 -14.35 15.93 23.82
C PRO G 466 -12.89 16.22 24.16
N ILE G 467 -12.59 16.21 25.46
CA ILE G 467 -11.27 16.58 25.94
C ILE G 467 -10.24 15.57 25.46
N VAL G 468 -9.15 16.07 24.90
CA VAL G 468 -8.06 15.26 24.37
C VAL G 468 -6.76 15.77 25.00
N LEU G 469 -5.99 14.85 25.58
CA LEU G 469 -4.76 15.23 26.27
C LEU G 469 -3.64 14.27 25.88
N LYS G 470 -2.44 14.81 25.73
CA LYS G 470 -1.25 13.99 25.58
C LYS G 470 -0.96 13.29 26.89
N VAL G 471 -0.68 11.99 26.83
CA VAL G 471 -0.44 11.18 28.03
C VAL G 471 0.95 10.58 27.91
N ASP G 472 1.83 10.94 28.86
CA ASP G 472 3.17 10.39 28.94
C ASP G 472 3.34 9.65 30.26
N SER G 473 4.11 8.57 30.22
CA SER G 473 4.42 7.82 31.44
C SER G 473 5.62 8.44 32.13
N ARG G 474 5.70 8.19 33.44
CA ARG G 474 6.78 8.71 34.27
C ARG G 474 8.04 7.82 34.23
N ASP G 475 8.04 6.79 33.39
CA ASP G 475 9.19 5.92 33.22
C ASP G 475 9.79 6.09 31.83
N GLY H 5 21.49 -73.46 1.42
CA GLY H 5 20.79 -73.38 0.16
C GLY H 5 21.37 -72.36 -0.81
N THR H 6 22.32 -72.81 -1.64
CA THR H 6 23.03 -71.93 -2.56
C THR H 6 23.32 -72.62 -3.89
N ARG H 7 22.49 -73.59 -4.28
CA ARG H 7 22.82 -74.43 -5.44
C ARG H 7 22.77 -73.66 -6.76
N THR H 8 22.03 -72.55 -6.83
CA THR H 8 21.91 -71.78 -8.05
C THR H 8 22.62 -70.44 -7.98
N HIS H 9 23.30 -70.13 -6.88
CA HIS H 9 23.91 -68.83 -6.66
C HIS H 9 25.24 -68.65 -7.39
N GLY H 10 25.53 -69.47 -8.39
CA GLY H 10 26.72 -69.29 -9.19
C GLY H 10 26.39 -69.12 -10.66
N LEU H 11 25.09 -69.13 -10.97
CA LEU H 11 24.66 -69.04 -12.36
C LEU H 11 25.14 -67.75 -13.01
N PHE H 12 24.75 -66.60 -12.44
CA PHE H 12 25.08 -65.33 -13.06
C PHE H 12 26.59 -65.07 -13.08
N LYS H 13 27.36 -65.78 -12.26
CA LYS H 13 28.81 -65.66 -12.32
C LYS H 13 29.35 -66.34 -13.57
N ARG H 14 28.94 -67.58 -13.82
CA ARG H 14 29.40 -68.29 -15.01
C ARG H 14 28.90 -67.65 -16.30
N LEU H 15 27.79 -66.91 -16.24
CA LEU H 15 27.28 -66.19 -17.40
C LEU H 15 27.93 -64.82 -17.56
N GLY H 16 28.74 -64.39 -16.59
CA GLY H 16 29.31 -63.06 -16.61
C GLY H 16 28.34 -61.94 -16.35
N ILE H 17 27.09 -62.24 -16.01
CA ILE H 17 26.11 -61.19 -15.70
C ILE H 17 26.43 -60.58 -14.35
N PRO H 18 26.50 -59.26 -14.22
CA PRO H 18 26.72 -58.64 -12.91
C PRO H 18 25.47 -58.75 -12.05
N GLY H 19 25.63 -58.36 -10.79
CA GLY H 19 24.55 -58.42 -9.83
C GLY H 19 25.05 -58.45 -8.40
N PRO H 20 24.18 -58.13 -7.45
CA PRO H 20 24.60 -58.17 -6.04
C PRO H 20 24.81 -59.60 -5.57
N THR H 21 25.73 -59.76 -4.63
CA THR H 21 26.07 -61.09 -4.13
C THR H 21 24.92 -61.61 -3.27
N PRO H 22 24.42 -62.81 -3.54
CA PRO H 22 23.28 -63.33 -2.76
C PRO H 22 23.71 -63.92 -1.43
N LEU H 23 22.77 -63.96 -0.53
CA LEU H 23 22.92 -64.64 0.75
C LEU H 23 22.32 -66.04 0.68
N PRO H 24 22.78 -66.96 1.51
CA PRO H 24 22.18 -68.30 1.52
C PRO H 24 20.71 -68.23 1.91
N LEU H 25 19.92 -69.11 1.32
CA LEU H 25 18.48 -69.22 1.58
C LEU H 25 17.71 -67.98 1.13
N LEU H 26 18.08 -66.80 1.65
CA LEU H 26 17.32 -65.59 1.32
C LEU H 26 17.56 -65.09 -0.09
N GLY H 27 18.71 -65.41 -0.68
CA GLY H 27 19.05 -64.80 -1.97
C GLY H 27 19.35 -63.33 -1.78
N ASN H 28 18.69 -62.48 -2.58
CA ASN H 28 18.83 -61.03 -2.48
C ASN H 28 17.59 -60.35 -1.91
N VAL H 29 16.63 -61.12 -1.39
CA VAL H 29 15.36 -60.57 -0.93
C VAL H 29 15.53 -59.55 0.18
N LEU H 30 16.62 -59.62 0.95
CA LEU H 30 16.86 -58.61 1.99
C LEU H 30 16.94 -57.21 1.40
N SER H 31 17.46 -57.07 0.19
CA SER H 31 17.57 -55.76 -0.45
C SER H 31 16.21 -55.21 -0.86
N TYR H 32 15.17 -56.01 -0.82
CA TYR H 32 13.82 -55.55 -1.16
C TYR H 32 13.21 -54.67 -0.08
N ARG H 33 13.77 -54.67 1.14
CA ARG H 33 13.13 -53.95 2.25
C ARG H 33 12.97 -52.47 1.97
N GLN H 34 13.85 -51.90 1.16
CA GLN H 34 13.78 -50.48 0.81
C GLN H 34 12.75 -50.21 -0.29
N GLY H 35 12.06 -51.23 -0.78
CA GLY H 35 11.12 -51.07 -1.87
C GLY H 35 11.71 -51.57 -3.18
N LEU H 36 10.89 -52.23 -4.00
CA LEU H 36 11.39 -52.74 -5.27
C LEU H 36 11.78 -51.62 -6.22
N TRP H 37 11.09 -50.47 -6.15
CA TRP H 37 11.41 -49.36 -7.03
C TRP H 37 12.82 -48.84 -6.77
N LYS H 38 13.20 -48.74 -5.49
CA LYS H 38 14.54 -48.24 -5.15
C LYS H 38 15.61 -49.26 -5.52
N PHE H 39 15.35 -50.55 -5.26
CA PHE H 39 16.32 -51.58 -5.59
C PHE H 39 16.50 -51.73 -7.10
N ASP H 40 15.44 -51.51 -7.88
CA ASP H 40 15.55 -51.65 -9.32
C ASP H 40 16.36 -50.51 -9.94
N THR H 41 16.16 -49.29 -9.46
CA THR H 41 16.92 -48.16 -9.98
C THR H 41 18.39 -48.25 -9.56
N GLU H 42 18.64 -48.53 -8.28
CA GLU H 42 20.02 -48.63 -7.81
C GLU H 42 20.78 -49.77 -8.47
N CYS H 43 20.09 -50.79 -8.94
CA CYS H 43 20.75 -51.83 -9.73
C CYS H 43 20.98 -51.37 -11.17
N TYR H 44 20.02 -50.61 -11.72
CA TYR H 44 20.18 -50.09 -13.07
C TYR H 44 21.37 -49.13 -13.15
N LYS H 45 21.54 -48.29 -12.14
CA LYS H 45 22.66 -47.34 -12.14
C LYS H 45 23.99 -48.04 -11.93
N LYS H 46 23.99 -49.19 -11.26
CA LYS H 46 25.23 -49.84 -10.85
C LYS H 46 25.71 -50.90 -11.83
N TYR H 47 24.81 -51.62 -12.49
CA TYR H 47 25.21 -52.72 -13.34
C TYR H 47 24.89 -52.51 -14.81
N GLY H 48 24.06 -51.52 -15.15
CA GLY H 48 23.83 -51.17 -16.53
C GLY H 48 22.63 -51.81 -17.18
N LYS H 49 22.78 -52.19 -18.46
CA LYS H 49 21.64 -52.62 -19.26
C LYS H 49 21.03 -53.94 -18.76
N MET H 50 21.75 -54.67 -17.91
CA MET H 50 21.33 -56.03 -17.58
C MET H 50 22.05 -56.47 -16.32
N TRP H 51 21.29 -57.05 -15.38
CA TRP H 51 21.87 -57.56 -14.14
C TRP H 51 21.03 -58.73 -13.64
N GLY H 52 21.54 -59.40 -12.61
CA GLY H 52 20.89 -60.58 -12.08
C GLY H 52 20.84 -60.63 -10.56
N THR H 53 19.73 -61.10 -10.02
CA THR H 53 19.56 -61.29 -8.59
C THR H 53 18.95 -62.67 -8.34
N TYR H 54 18.82 -63.04 -7.06
CA TYR H 54 18.21 -64.30 -6.68
C TYR H 54 17.13 -64.05 -5.63
N GLU H 55 15.93 -64.54 -5.90
CA GLU H 55 14.88 -64.63 -4.89
C GLU H 55 14.93 -66.04 -4.33
N GLY H 56 15.52 -66.17 -3.15
CA GLY H 56 15.83 -67.49 -2.63
C GLY H 56 16.85 -68.16 -3.52
N GLN H 57 16.41 -69.16 -4.29
CA GLN H 57 17.26 -69.82 -5.27
C GLN H 57 16.74 -69.65 -6.69
N LEU H 58 15.84 -68.69 -6.90
CA LEU H 58 15.28 -68.44 -8.22
C LEU H 58 16.11 -67.40 -8.95
N PRO H 59 16.68 -67.72 -10.10
CA PRO H 59 17.42 -66.70 -10.86
C PRO H 59 16.48 -65.63 -11.40
N VAL H 60 16.89 -64.37 -11.25
CA VAL H 60 16.11 -63.23 -11.67
C VAL H 60 16.99 -62.35 -12.57
N LEU H 61 16.70 -62.36 -13.87
CA LEU H 61 17.45 -61.58 -14.85
C LEU H 61 16.64 -60.33 -15.20
N ALA H 62 17.24 -59.16 -14.96
CA ALA H 62 16.62 -57.90 -15.33
C ALA H 62 17.12 -57.46 -16.70
N ILE H 63 16.23 -56.90 -17.50
CA ILE H 63 16.56 -56.42 -18.84
C ILE H 63 16.02 -55.02 -19.02
N THR H 64 16.76 -54.20 -19.76
CA THR H 64 16.34 -52.83 -20.04
C THR H 64 16.43 -52.46 -21.51
N ASP H 65 17.05 -53.28 -22.35
CA ASP H 65 17.14 -52.98 -23.78
C ASP H 65 15.74 -53.01 -24.39
N PRO H 66 15.28 -51.93 -25.02
CA PRO H 66 13.90 -51.91 -25.54
C PRO H 66 13.60 -52.98 -26.58
N ASP H 67 14.63 -53.52 -27.24
CA ASP H 67 14.40 -54.62 -28.18
C ASP H 67 14.26 -55.95 -27.46
N VAL H 68 15.06 -56.18 -26.43
CA VAL H 68 14.93 -57.40 -25.65
C VAL H 68 13.61 -57.41 -24.89
N ILE H 69 13.15 -56.25 -24.45
CA ILE H 69 11.84 -56.15 -23.81
C ILE H 69 10.74 -56.57 -24.78
N ARG H 70 10.88 -56.20 -26.06
CA ARG H 70 9.90 -56.58 -27.06
C ARG H 70 9.92 -58.08 -27.33
N THR H 71 11.12 -58.69 -27.30
CA THR H 71 11.22 -60.12 -27.52
C THR H 71 10.54 -60.92 -26.41
N VAL H 72 10.58 -60.42 -25.18
CA VAL H 72 9.96 -61.11 -24.06
C VAL H 72 8.46 -60.87 -24.04
N LEU H 73 8.07 -59.59 -23.98
CA LEU H 73 6.67 -59.25 -23.74
C LEU H 73 5.77 -59.51 -24.94
N VAL H 74 6.31 -59.50 -26.15
CA VAL H 74 5.48 -59.55 -27.35
C VAL H 74 5.86 -60.71 -28.25
N LYS H 75 7.13 -60.77 -28.64
CA LYS H 75 7.58 -61.74 -29.65
C LYS H 75 7.41 -63.18 -29.18
N GLU H 76 8.17 -63.58 -28.17
CA GLU H 76 8.11 -64.94 -27.64
C GLU H 76 7.20 -65.03 -26.42
N CYS H 77 6.04 -64.39 -26.47
CA CYS H 77 5.10 -64.45 -25.35
C CYS H 77 4.35 -65.78 -25.33
N TYR H 78 3.77 -66.16 -26.46
CA TYR H 78 3.03 -67.42 -26.53
C TYR H 78 3.93 -68.65 -26.55
N SER H 79 5.24 -68.47 -26.69
CA SER H 79 6.16 -69.60 -26.84
C SER H 79 7.10 -69.80 -25.67
N VAL H 80 7.49 -68.75 -24.95
CA VAL H 80 8.46 -68.87 -23.88
C VAL H 80 7.99 -68.13 -22.63
N PHE H 81 7.60 -66.86 -22.80
CA PHE H 81 7.27 -65.99 -21.68
C PHE H 81 5.76 -65.80 -21.63
N THR H 82 5.06 -66.87 -21.28
CA THR H 82 3.61 -66.83 -21.16
C THR H 82 3.12 -66.66 -19.72
N ASN H 83 3.91 -67.11 -18.74
CA ASN H 83 3.50 -67.11 -17.35
C ASN H 83 4.25 -66.05 -16.56
N ARG H 84 3.66 -65.65 -15.44
CA ARG H 84 4.29 -64.74 -14.49
C ARG H 84 4.93 -65.56 -13.38
N ARG H 85 4.72 -65.27 -12.10
CA ARG H 85 5.35 -66.03 -11.03
C ARG H 85 4.72 -67.41 -10.90
N SER H 86 5.50 -68.35 -10.36
CA SER H 86 5.03 -69.71 -10.20
C SER H 86 3.87 -69.76 -9.20
N LEU H 87 3.01 -70.77 -9.37
CA LEU H 87 1.80 -70.88 -8.57
C LEU H 87 2.11 -70.96 -7.08
N GLY H 88 1.25 -70.33 -6.29
CA GLY H 88 1.32 -70.42 -4.85
C GLY H 88 0.03 -70.99 -4.30
N PRO H 89 -0.05 -71.14 -2.97
CA PRO H 89 -1.29 -71.66 -2.37
C PRO H 89 -2.44 -70.68 -2.52
N VAL H 90 -3.41 -70.99 -3.39
CA VAL H 90 -4.45 -70.04 -3.76
C VAL H 90 -5.83 -70.68 -3.71
N GLY H 91 -5.87 -72.01 -3.60
CA GLY H 91 -7.15 -72.68 -3.62
C GLY H 91 -7.78 -72.63 -5.00
N PHE H 92 -9.07 -72.33 -5.05
CA PHE H 92 -9.78 -72.26 -6.32
C PHE H 92 -9.49 -70.99 -7.10
N MET H 93 -8.78 -70.02 -6.51
CA MET H 93 -8.41 -68.82 -7.23
C MET H 93 -7.38 -69.07 -8.32
N LYS H 94 -6.95 -70.33 -8.51
CA LYS H 94 -6.02 -70.65 -9.59
C LYS H 94 -6.64 -70.43 -10.97
N SER H 95 -7.98 -70.40 -11.06
CA SER H 95 -8.64 -70.13 -12.33
C SER H 95 -8.53 -68.68 -12.74
N ALA H 96 -8.21 -67.78 -11.80
CA ALA H 96 -8.10 -66.36 -12.11
C ALA H 96 -7.07 -66.13 -13.22
N ILE H 97 -7.34 -65.11 -14.04
CA ILE H 97 -6.51 -64.87 -15.22
C ILE H 97 -5.10 -64.46 -14.80
N SER H 98 -4.95 -63.77 -13.66
CA SER H 98 -3.63 -63.35 -13.20
C SER H 98 -2.75 -64.53 -12.80
N LEU H 99 -3.34 -65.69 -12.53
CA LEU H 99 -2.59 -66.87 -12.10
C LEU H 99 -2.55 -67.99 -13.13
N ALA H 100 -3.40 -67.93 -14.15
CA ALA H 100 -3.46 -69.00 -15.13
C ALA H 100 -2.16 -69.10 -15.92
N GLU H 101 -1.93 -70.28 -16.49
CA GLU H 101 -0.67 -70.57 -17.18
C GLU H 101 -0.95 -71.25 -18.51
N ASP H 102 -0.09 -70.96 -19.49
CA ASP H 102 0.00 -71.68 -20.76
C ASP H 102 -1.35 -71.59 -21.48
N GLU H 103 -1.92 -72.71 -21.93
CA GLU H 103 -3.15 -72.66 -22.73
C GLU H 103 -4.35 -72.24 -21.89
N GLU H 104 -4.35 -72.54 -20.59
CA GLU H 104 -5.46 -72.16 -19.74
C GLU H 104 -5.59 -70.64 -19.65
N TRP H 105 -4.46 -69.94 -19.62
CA TRP H 105 -4.50 -68.48 -19.66
C TRP H 105 -5.04 -67.99 -21.00
N LYS H 106 -4.69 -68.66 -22.08
CA LYS H 106 -5.18 -68.26 -23.40
C LYS H 106 -6.70 -68.35 -23.46
N ARG H 107 -7.27 -69.39 -22.86
CA ARG H 107 -8.72 -69.54 -22.89
C ARG H 107 -9.40 -68.47 -22.04
N ILE H 108 -8.88 -68.23 -20.84
CA ILE H 108 -9.49 -67.22 -19.96
C ILE H 108 -9.27 -65.82 -20.52
N ARG H 109 -8.14 -65.58 -21.17
CA ARG H 109 -7.91 -64.28 -21.79
C ARG H 109 -8.84 -64.06 -22.99
N SER H 110 -9.07 -65.12 -23.77
CA SER H 110 -9.95 -65.00 -24.93
C SER H 110 -11.41 -64.87 -24.49
N LEU H 111 -11.80 -65.58 -23.42
CA LEU H 111 -13.18 -65.52 -22.96
C LEU H 111 -13.53 -64.15 -22.40
N LEU H 112 -12.59 -63.52 -21.71
CA LEU H 112 -12.82 -62.21 -21.10
C LEU H 112 -12.48 -61.05 -22.03
N SER H 113 -12.17 -61.34 -23.31
CA SER H 113 -11.83 -60.26 -24.23
C SER H 113 -13.03 -59.39 -24.57
N PRO H 114 -14.21 -59.91 -24.91
CA PRO H 114 -15.35 -59.02 -25.22
C PRO H 114 -15.83 -58.20 -24.02
N THR H 115 -15.42 -58.56 -22.80
CA THR H 115 -15.82 -57.76 -21.64
C THR H 115 -15.06 -56.44 -21.58
N PHE H 116 -13.83 -56.41 -22.09
CA PHE H 116 -13.00 -55.22 -22.00
C PHE H 116 -12.68 -54.65 -23.38
N THR H 117 -13.71 -54.40 -24.18
CA THR H 117 -13.55 -53.73 -25.47
C THR H 117 -13.97 -52.26 -25.33
N SER H 118 -13.41 -51.43 -26.20
CA SER H 118 -13.75 -50.01 -26.18
C SER H 118 -15.23 -49.77 -26.44
N GLY H 119 -15.92 -50.72 -27.07
CA GLY H 119 -17.36 -50.59 -27.23
C GLY H 119 -18.12 -50.82 -25.94
N LYS H 120 -17.71 -51.83 -25.16
CA LYS H 120 -18.38 -52.11 -23.90
C LYS H 120 -18.12 -51.02 -22.87
N LEU H 121 -16.96 -50.36 -22.94
CA LEU H 121 -16.67 -49.27 -22.03
C LEU H 121 -17.62 -48.09 -22.25
N LYS H 122 -17.87 -47.75 -23.52
CA LYS H 122 -18.82 -46.68 -23.81
C LYS H 122 -20.21 -47.02 -23.30
N GLU H 123 -20.59 -48.31 -23.38
CA GLU H 123 -21.89 -48.72 -22.88
C GLU H 123 -21.96 -48.63 -21.35
N MET H 124 -20.84 -48.84 -20.68
CA MET H 124 -20.78 -48.75 -19.22
C MET H 124 -20.48 -47.34 -18.73
N PHE H 125 -20.34 -46.38 -19.64
CA PHE H 125 -20.07 -45.00 -19.22
C PHE H 125 -21.11 -44.43 -18.27
N PRO H 126 -22.42 -44.60 -18.48
CA PRO H 126 -23.38 -44.08 -17.49
C PRO H 126 -23.23 -44.70 -16.12
N ILE H 127 -22.94 -46.01 -16.05
CA ILE H 127 -22.81 -46.67 -14.76
C ILE H 127 -21.54 -46.22 -14.04
N ILE H 128 -20.53 -45.77 -14.78
CA ILE H 128 -19.33 -45.24 -14.14
C ILE H 128 -19.53 -43.79 -13.73
N ALA H 129 -20.20 -43.00 -14.57
CA ALA H 129 -20.33 -41.58 -14.32
C ALA H 129 -21.28 -41.26 -13.16
N GLN H 130 -22.22 -42.16 -12.86
CA GLN H 130 -23.19 -41.89 -11.80
C GLN H 130 -22.53 -41.78 -10.43
N TYR H 131 -21.33 -42.33 -10.25
CA TYR H 131 -20.64 -42.25 -8.97
C TYR H 131 -19.89 -40.94 -8.79
N GLY H 132 -19.82 -40.10 -9.82
CA GLY H 132 -19.22 -38.80 -9.65
C GLY H 132 -20.00 -37.91 -8.71
N ASP H 133 -21.32 -38.10 -8.66
CA ASP H 133 -22.16 -37.29 -7.78
C ASP H 133 -21.85 -37.57 -6.31
N VAL H 134 -21.74 -38.85 -5.95
CA VAL H 134 -21.45 -39.21 -4.56
C VAL H 134 -20.02 -38.83 -4.19
N LEU H 135 -19.10 -38.83 -5.16
CA LEU H 135 -17.73 -38.44 -4.87
C LEU H 135 -17.64 -36.94 -4.57
N VAL H 136 -18.34 -36.11 -5.34
CA VAL H 136 -18.31 -34.68 -5.11
C VAL H 136 -19.00 -34.33 -3.80
N ARG H 137 -20.10 -35.02 -3.48
CA ARG H 137 -20.82 -34.75 -2.24
C ARG H 137 -20.01 -35.17 -1.02
N ASN H 138 -19.27 -36.26 -1.13
CA ASN H 138 -18.41 -36.68 -0.02
C ASN H 138 -17.26 -35.71 0.19
N LEU H 139 -16.58 -35.33 -0.90
CA LEU H 139 -15.51 -34.34 -0.81
C LEU H 139 -16.04 -32.96 -0.44
N ARG H 140 -17.33 -32.68 -0.70
CA ARG H 140 -17.92 -31.42 -0.28
C ARG H 140 -17.99 -31.34 1.25
N ARG H 141 -18.44 -32.42 1.89
CA ARG H 141 -18.54 -32.42 3.34
C ARG H 141 -17.17 -32.31 4.01
N GLU H 142 -16.12 -32.80 3.34
CA GLU H 142 -14.77 -32.70 3.89
C GLU H 142 -14.12 -31.37 3.59
N ALA H 143 -14.41 -30.78 2.42
CA ALA H 143 -13.82 -29.49 2.08
C ALA H 143 -14.44 -28.37 2.88
N GLU H 144 -15.76 -28.41 3.09
CA GLU H 144 -16.44 -27.36 3.83
C GLU H 144 -16.12 -27.38 5.32
N LYS H 145 -15.42 -28.41 5.80
CA LYS H 145 -14.97 -28.41 7.19
C LYS H 145 -13.85 -27.41 7.44
N GLY H 146 -13.17 -26.96 6.39
CA GLY H 146 -12.07 -26.03 6.54
C GLY H 146 -10.82 -26.63 7.16
N LYS H 147 -10.54 -27.90 6.85
CA LYS H 147 -9.41 -28.62 7.41
C LYS H 147 -8.79 -29.46 6.31
N PRO H 148 -7.52 -29.86 6.46
CA PRO H 148 -6.90 -30.73 5.46
C PRO H 148 -7.68 -32.03 5.29
N VAL H 149 -7.69 -32.54 4.06
CA VAL H 149 -8.47 -33.71 3.69
C VAL H 149 -7.52 -34.84 3.33
N THR H 150 -7.71 -35.99 3.98
CA THR H 150 -6.97 -37.20 3.62
C THR H 150 -7.53 -37.74 2.30
N LEU H 151 -6.72 -37.73 1.25
CA LEU H 151 -7.24 -38.06 -0.07
C LEU H 151 -7.57 -39.55 -0.20
N LYS H 152 -6.79 -40.42 0.45
CA LYS H 152 -7.03 -41.85 0.30
C LYS H 152 -8.36 -42.27 0.92
N ASP H 153 -8.84 -41.53 1.92
CA ASP H 153 -10.16 -41.83 2.48
C ASP H 153 -11.26 -41.53 1.48
N ILE H 154 -11.11 -40.46 0.70
CA ILE H 154 -12.14 -40.07 -0.24
C ILE H 154 -12.05 -40.88 -1.53
N PHE H 155 -10.85 -41.02 -2.08
CA PHE H 155 -10.68 -41.72 -3.34
C PHE H 155 -10.46 -43.22 -3.17
N GLY H 156 -10.22 -43.68 -1.94
CA GLY H 156 -10.36 -45.11 -1.67
C GLY H 156 -11.80 -45.53 -1.61
N ALA H 157 -12.69 -44.62 -1.21
CA ALA H 157 -14.12 -44.91 -1.23
C ALA H 157 -14.68 -44.83 -2.64
N TYR H 158 -14.18 -43.89 -3.45
CA TYR H 158 -14.64 -43.79 -4.84
C TYR H 158 -14.26 -45.03 -5.64
N SER H 159 -13.01 -45.48 -5.50
CA SER H 159 -12.55 -46.62 -6.28
C SER H 159 -13.33 -47.89 -5.95
N MET H 160 -13.66 -48.08 -4.67
CA MET H 160 -14.47 -49.23 -4.30
C MET H 160 -15.90 -49.08 -4.80
N ASP H 161 -16.44 -47.86 -4.79
CA ASP H 161 -17.82 -47.65 -5.24
C ASP H 161 -17.98 -47.90 -6.73
N VAL H 162 -16.93 -47.66 -7.52
CA VAL H 162 -17.02 -47.85 -8.96
C VAL H 162 -16.73 -49.29 -9.36
N ILE H 163 -15.64 -49.86 -8.84
CA ILE H 163 -15.26 -51.23 -9.21
C ILE H 163 -16.27 -52.24 -8.69
N THR H 164 -17.06 -51.88 -7.68
CA THR H 164 -18.11 -52.78 -7.19
C THR H 164 -19.39 -52.62 -8.02
N GLY H 165 -19.79 -51.38 -8.27
CA GLY H 165 -21.00 -51.16 -9.05
C GLY H 165 -20.88 -51.66 -10.48
N THR H 166 -19.71 -51.50 -11.08
CA THR H 166 -19.50 -52.01 -12.43
C THR H 166 -19.39 -53.53 -12.46
N SER H 167 -19.14 -54.16 -11.32
CA SER H 167 -19.02 -55.61 -11.23
C SER H 167 -20.34 -56.28 -10.87
N PHE H 168 -21.10 -55.69 -9.94
CA PHE H 168 -22.31 -56.32 -9.42
C PHE H 168 -23.57 -55.48 -9.60
N GLY H 169 -23.45 -54.18 -9.85
CA GLY H 169 -24.60 -53.31 -10.00
C GLY H 169 -25.09 -52.67 -8.73
N VAL H 170 -24.73 -53.23 -7.56
CA VAL H 170 -25.18 -52.67 -6.29
C VAL H 170 -24.46 -51.35 -6.03
N ASN H 171 -25.21 -50.37 -5.55
CA ASN H 171 -24.68 -49.02 -5.30
C ASN H 171 -24.48 -48.86 -3.79
N ILE H 172 -23.26 -49.14 -3.33
CA ILE H 172 -22.91 -49.06 -1.92
C ILE H 172 -22.16 -47.75 -1.68
N ASP H 173 -22.44 -47.12 -0.54
CA ASP H 173 -21.75 -45.90 -0.12
C ASP H 173 -20.68 -46.32 0.88
N SER H 174 -19.44 -46.46 0.39
CA SER H 174 -18.37 -47.00 1.23
C SER H 174 -17.97 -46.01 2.32
N LEU H 175 -18.02 -44.72 2.02
CA LEU H 175 -17.57 -43.73 2.99
C LEU H 175 -18.58 -43.53 4.11
N ASN H 176 -19.86 -43.78 3.83
CA ASN H 176 -20.91 -43.58 4.82
C ASN H 176 -21.45 -44.88 5.40
N ASN H 177 -21.04 -46.03 4.90
CA ASN H 177 -21.41 -47.34 5.44
C ASN H 177 -20.13 -48.13 5.69
N PRO H 178 -19.39 -47.78 6.74
CA PRO H 178 -18.14 -48.51 7.02
C PRO H 178 -18.35 -49.93 7.49
N GLN H 179 -19.57 -50.29 7.91
CA GLN H 179 -19.85 -51.64 8.41
C GLN H 179 -20.61 -52.48 7.39
N ASP H 180 -20.75 -52.00 6.16
CA ASP H 180 -21.33 -52.80 5.10
C ASP H 180 -20.50 -54.07 4.90
N PRO H 181 -21.14 -55.23 4.73
CA PRO H 181 -20.37 -56.46 4.51
C PRO H 181 -19.44 -56.39 3.29
N PHE H 182 -19.84 -55.71 2.22
CA PHE H 182 -18.93 -55.49 1.10
C PHE H 182 -17.75 -54.62 1.51
N VAL H 183 -18.01 -53.57 2.29
CA VAL H 183 -16.96 -52.64 2.68
C VAL H 183 -15.93 -53.33 3.56
N GLU H 184 -16.38 -54.04 4.60
CA GLU H 184 -15.46 -54.68 5.52
C GLU H 184 -14.65 -55.78 4.85
N SER H 185 -15.27 -56.50 3.90
CA SER H 185 -14.55 -57.59 3.23
C SER H 185 -13.52 -57.04 2.24
N THR H 186 -13.95 -56.15 1.34
CA THR H 186 -13.04 -55.63 0.32
C THR H 186 -11.94 -54.77 0.91
N LYS H 187 -12.16 -54.18 2.09
CA LYS H 187 -11.13 -53.35 2.71
C LYS H 187 -9.92 -54.16 3.15
N LYS H 188 -10.06 -55.47 3.28
CA LYS H 188 -8.92 -56.32 3.63
C LYS H 188 -7.88 -56.39 2.52
N PHE H 189 -8.26 -56.04 1.29
CA PHE H 189 -7.29 -56.06 0.20
C PHE H 189 -6.23 -54.99 0.34
N LEU H 190 -6.44 -53.98 1.19
CA LEU H 190 -5.46 -52.90 1.31
C LEU H 190 -4.15 -53.38 1.91
N LYS H 191 -4.17 -54.44 2.72
CA LYS H 191 -2.92 -54.94 3.27
C LYS H 191 -2.06 -55.63 2.21
N PHE H 192 -2.56 -55.83 1.01
CA PHE H 192 -1.72 -56.26 -0.10
C PHE H 192 -0.67 -55.18 -0.37
N GLY H 193 0.57 -55.61 -0.55
CA GLY H 193 1.67 -54.68 -0.65
C GLY H 193 2.32 -54.35 0.68
N PHE H 194 2.28 -55.28 1.63
CA PHE H 194 3.03 -55.17 2.87
C PHE H 194 3.85 -56.44 3.02
N LEU H 195 4.72 -56.44 4.03
CA LEU H 195 5.45 -57.66 4.35
C LEU H 195 4.47 -58.79 4.58
N ASP H 196 4.47 -59.77 3.66
CA ASP H 196 3.57 -60.92 3.70
C ASP H 196 4.37 -62.16 4.02
N PRO H 197 4.48 -62.56 5.29
CA PRO H 197 5.33 -63.71 5.63
C PRO H 197 4.89 -64.99 4.96
N LEU H 198 3.59 -65.19 4.74
CA LEU H 198 3.16 -66.37 3.99
C LEU H 198 3.63 -66.31 2.55
N PHE H 199 3.38 -65.19 1.88
CA PHE H 199 3.85 -65.04 0.50
C PHE H 199 5.36 -65.17 0.42
N LEU H 200 6.08 -64.57 1.36
CA LEU H 200 7.54 -64.62 1.31
C LEU H 200 8.06 -66.04 1.48
N SER H 201 7.34 -66.88 2.23
CA SER H 201 7.82 -68.24 2.46
C SER H 201 7.74 -69.08 1.19
N ILE H 202 6.74 -68.86 0.34
CA ILE H 202 6.67 -69.62 -0.90
C ILE H 202 7.57 -69.03 -1.97
N ILE H 203 7.97 -67.76 -1.83
CA ILE H 203 8.99 -67.19 -2.71
C ILE H 203 10.34 -67.81 -2.40
N LEU H 204 10.68 -67.90 -1.11
CA LEU H 204 11.97 -68.43 -0.70
C LEU H 204 11.99 -69.95 -0.67
N PHE H 205 10.86 -70.59 -0.39
CA PHE H 205 10.77 -72.03 -0.25
C PHE H 205 9.55 -72.54 -1.00
N PRO H 206 9.59 -72.51 -2.34
CA PRO H 206 8.40 -72.89 -3.12
C PRO H 206 7.93 -74.32 -2.90
N PHE H 207 8.72 -75.16 -2.23
CA PHE H 207 8.25 -76.51 -1.90
C PHE H 207 7.16 -76.50 -0.83
N LEU H 208 6.90 -75.36 -0.19
CA LEU H 208 5.84 -75.26 0.80
C LEU H 208 4.46 -75.10 0.19
N THR H 209 4.37 -74.67 -1.07
CA THR H 209 3.07 -74.44 -1.69
C THR H 209 2.18 -75.67 -1.69
N PRO H 210 2.65 -76.88 -2.04
CA PRO H 210 1.76 -78.05 -1.93
C PRO H 210 1.30 -78.30 -0.49
N VAL H 211 2.17 -78.05 0.48
CA VAL H 211 1.80 -78.25 1.89
C VAL H 211 0.73 -77.26 2.29
N PHE H 212 0.91 -75.97 1.96
CA PHE H 212 -0.07 -74.97 2.34
C PHE H 212 -1.41 -75.19 1.66
N GLU H 213 -1.40 -75.73 0.44
CA GLU H 213 -2.66 -76.14 -0.18
C GLU H 213 -3.33 -77.24 0.63
N ALA H 214 -2.54 -78.17 1.15
CA ALA H 214 -3.08 -79.28 1.93
C ALA H 214 -3.64 -78.80 3.26
N LEU H 215 -3.11 -77.72 3.81
CA LEU H 215 -3.59 -77.16 5.06
C LEU H 215 -4.74 -76.17 4.86
N ASN H 216 -5.28 -76.08 3.64
CA ASN H 216 -6.42 -75.21 3.33
C ASN H 216 -6.09 -73.75 3.63
N VAL H 217 -4.93 -73.31 3.15
CA VAL H 217 -4.40 -71.98 3.41
C VAL H 217 -4.12 -71.31 2.07
N SER H 218 -4.45 -70.02 1.97
CA SER H 218 -4.38 -69.31 0.70
C SER H 218 -3.65 -67.97 0.87
N LEU H 219 -3.04 -67.51 -0.22
CA LEU H 219 -2.43 -66.19 -0.22
C LEU H 219 -3.45 -65.08 -0.20
N PHE H 220 -4.70 -65.36 -0.63
CA PHE H 220 -5.80 -64.43 -0.65
C PHE H 220 -6.53 -64.41 0.69
N PRO H 221 -7.15 -63.28 1.06
CA PRO H 221 -7.96 -63.25 2.28
C PRO H 221 -9.11 -64.24 2.21
N LYS H 222 -8.96 -65.39 2.88
CA LYS H 222 -9.92 -66.48 2.72
C LYS H 222 -11.34 -66.06 3.07
N ASP H 223 -11.51 -65.32 4.17
CA ASP H 223 -12.84 -64.89 4.57
C ASP H 223 -13.45 -63.96 3.52
N THR H 224 -12.66 -63.02 2.99
CA THR H 224 -13.15 -62.12 1.95
C THR H 224 -13.47 -62.88 0.67
N ILE H 225 -12.60 -63.82 0.28
CA ILE H 225 -12.85 -64.61 -0.93
C ILE H 225 -14.15 -65.37 -0.81
N ASN H 226 -14.46 -65.90 0.38
CA ASN H 226 -15.71 -66.62 0.59
C ASN H 226 -16.90 -65.70 0.34
N PHE H 227 -16.88 -64.50 0.92
CA PHE H 227 -18.00 -63.59 0.78
C PHE H 227 -18.22 -63.19 -0.67
N LEU H 228 -17.16 -62.74 -1.35
CA LEU H 228 -17.30 -62.29 -2.73
C LEU H 228 -17.71 -63.44 -3.65
N SER H 229 -17.25 -64.66 -3.38
CA SER H 229 -17.68 -65.80 -4.17
C SER H 229 -19.09 -66.25 -3.81
N LYS H 230 -19.50 -66.08 -2.54
CA LYS H 230 -20.88 -66.37 -2.17
C LYS H 230 -21.82 -65.35 -2.78
N SER H 231 -21.40 -64.09 -2.87
CA SER H 231 -22.26 -63.05 -3.43
C SER H 231 -22.41 -63.20 -4.94
N VAL H 232 -21.38 -63.69 -5.62
CA VAL H 232 -21.48 -63.90 -7.06
C VAL H 232 -22.53 -64.96 -7.37
N ASN H 233 -22.52 -66.07 -6.63
CA ASN H 233 -23.51 -67.11 -6.81
C ASN H 233 -24.87 -66.71 -6.25
N ARG H 234 -24.89 -65.94 -5.16
CA ARG H 234 -26.14 -65.48 -4.59
C ARG H 234 -26.94 -64.64 -5.58
N MET H 235 -26.25 -63.88 -6.44
CA MET H 235 -26.91 -63.06 -7.43
C MET H 235 -26.97 -63.71 -8.81
N LYS H 236 -26.18 -64.76 -9.05
CA LYS H 236 -26.19 -65.41 -10.36
C LYS H 236 -27.54 -66.07 -10.65
N LYS H 237 -28.25 -66.51 -9.61
CA LYS H 237 -29.51 -67.20 -9.83
C LYS H 237 -30.56 -66.26 -10.42
N SER H 238 -30.79 -65.12 -9.77
CA SER H 238 -31.75 -64.15 -10.26
C SER H 238 -31.22 -63.39 -11.48
N ASP H 249 -22.91 -54.46 -16.21
CA ASP H 249 -22.44 -55.36 -15.17
C ASP H 249 -21.36 -56.32 -15.68
N PHE H 250 -20.20 -56.32 -15.01
CA PHE H 250 -19.16 -57.30 -15.33
C PHE H 250 -19.66 -58.71 -15.08
N LEU H 251 -20.43 -58.91 -14.01
CA LEU H 251 -20.96 -60.23 -13.69
C LEU H 251 -21.90 -60.73 -14.77
N GLN H 252 -22.78 -59.85 -15.27
CA GLN H 252 -23.74 -60.26 -16.29
C GLN H 252 -23.05 -60.53 -17.63
N LEU H 253 -21.98 -59.78 -17.94
CA LEU H 253 -21.25 -60.02 -19.19
C LEU H 253 -20.61 -61.41 -19.20
N MET H 254 -20.23 -61.92 -18.03
CA MET H 254 -19.66 -63.26 -17.96
C MET H 254 -20.75 -64.34 -17.92
N ILE H 255 -21.89 -64.04 -17.31
CA ILE H 255 -23.01 -64.98 -17.32
C ILE H 255 -23.47 -65.22 -18.74
N ASP H 256 -23.57 -64.14 -19.54
CA ASP H 256 -24.02 -64.29 -20.92
C ASP H 256 -23.07 -65.15 -21.74
N SER H 257 -21.78 -65.16 -21.39
CA SER H 257 -20.83 -66.03 -22.07
C SER H 257 -21.10 -67.50 -21.82
N GLN H 258 -21.88 -67.83 -20.79
CA GLN H 258 -22.25 -69.21 -20.50
C GLN H 258 -23.56 -69.60 -21.21
N LYS H 267 -14.02 -74.48 -23.09
CA LYS H 267 -14.61 -73.25 -23.61
C LYS H 267 -15.65 -72.69 -22.65
N ALA H 268 -16.25 -73.57 -21.85
CA ALA H 268 -17.28 -73.16 -20.90
C ALA H 268 -16.61 -72.52 -19.69
N LEU H 269 -16.96 -71.26 -19.43
CA LEU H 269 -16.49 -70.58 -18.23
C LEU H 269 -17.23 -71.16 -17.03
N SER H 270 -16.57 -72.03 -16.28
CA SER H 270 -17.21 -72.69 -15.16
C SER H 270 -17.56 -71.69 -14.06
N ASP H 271 -18.41 -72.11 -13.13
CA ASP H 271 -18.82 -71.23 -12.05
C ASP H 271 -17.63 -70.86 -11.17
N LEU H 272 -16.71 -71.80 -10.95
CA LEU H 272 -15.50 -71.49 -10.19
C LEU H 272 -14.62 -70.50 -10.94
N GLU H 273 -14.46 -70.69 -12.25
CA GLU H 273 -13.67 -69.75 -13.04
C GLU H 273 -14.35 -68.38 -13.09
N LEU H 274 -15.68 -68.35 -13.27
CA LEU H 274 -16.39 -67.08 -13.33
C LEU H 274 -16.24 -66.30 -12.04
N ALA H 275 -16.45 -66.96 -10.90
CA ALA H 275 -16.32 -66.28 -9.62
C ALA H 275 -14.90 -65.80 -9.38
N ALA H 276 -13.91 -66.53 -9.88
CA ALA H 276 -12.52 -66.10 -9.72
C ALA H 276 -12.27 -64.77 -10.43
N GLN H 277 -12.76 -64.65 -11.67
CA GLN H 277 -12.54 -63.42 -12.43
C GLN H 277 -13.27 -62.25 -11.79
N SER H 278 -14.46 -62.49 -11.23
CA SER H 278 -15.18 -61.43 -10.54
C SER H 278 -14.36 -60.91 -9.36
N ILE H 279 -13.78 -61.82 -8.57
CA ILE H 279 -13.00 -61.40 -7.41
C ILE H 279 -11.70 -60.74 -7.84
N ILE H 280 -11.08 -61.26 -8.91
CA ILE H 280 -9.77 -60.75 -9.32
C ILE H 280 -9.88 -59.38 -9.97
N PHE H 281 -11.07 -58.97 -10.41
CA PHE H 281 -11.24 -57.61 -10.92
C PHE H 281 -11.39 -56.61 -9.79
N ILE H 282 -12.05 -56.99 -8.70
CA ILE H 282 -12.20 -56.10 -7.56
C ILE H 282 -10.86 -55.90 -6.86
N PHE H 283 -10.15 -57.00 -6.60
CA PHE H 283 -8.83 -56.92 -5.99
C PHE H 283 -7.90 -56.01 -6.79
N ALA H 284 -7.93 -56.13 -8.13
CA ALA H 284 -7.05 -55.34 -8.96
C ALA H 284 -7.41 -53.86 -8.92
N GLY H 285 -8.70 -53.53 -9.01
CA GLY H 285 -9.10 -52.15 -9.22
C GLY H 285 -9.14 -51.29 -7.99
N TYR H 286 -9.31 -51.89 -6.81
CA TYR H 286 -9.49 -51.14 -5.58
C TYR H 286 -8.31 -50.20 -5.29
N GLU H 287 -7.16 -50.75 -4.90
CA GLU H 287 -6.07 -49.92 -4.41
C GLU H 287 -5.35 -49.19 -5.53
N THR H 288 -5.19 -49.83 -6.70
CA THR H 288 -4.42 -49.23 -7.78
C THR H 288 -5.05 -47.93 -8.27
N THR H 289 -6.38 -47.92 -8.45
CA THR H 289 -7.06 -46.71 -8.87
C THR H 289 -6.96 -45.63 -7.80
N SER H 290 -7.21 -45.99 -6.55
CA SER H 290 -7.16 -45.02 -5.45
C SER H 290 -5.76 -44.43 -5.30
N SER H 291 -4.72 -45.24 -5.51
CA SER H 291 -3.36 -44.76 -5.32
C SER H 291 -2.95 -43.79 -6.41
N VAL H 292 -3.33 -44.06 -7.66
CA VAL H 292 -2.95 -43.18 -8.77
C VAL H 292 -3.74 -41.88 -8.69
N LEU H 293 -5.02 -41.95 -8.31
CA LEU H 293 -5.82 -40.73 -8.18
C LEU H 293 -5.25 -39.78 -7.14
N SER H 294 -4.68 -40.33 -6.05
CA SER H 294 -4.05 -39.47 -5.05
C SER H 294 -2.71 -38.93 -5.53
N PHE H 295 -1.97 -39.71 -6.33
CA PHE H 295 -0.73 -39.20 -6.92
C PHE H 295 -1.00 -38.12 -7.95
N THR H 296 -2.13 -38.20 -8.66
CA THR H 296 -2.45 -37.18 -9.64
C THR H 296 -2.78 -35.85 -8.97
N LEU H 297 -3.58 -35.88 -7.90
CA LEU H 297 -3.96 -34.64 -7.23
C LEU H 297 -2.81 -34.02 -6.45
N TYR H 298 -1.81 -34.81 -6.06
CA TYR H 298 -0.63 -34.24 -5.43
C TYR H 298 0.20 -33.45 -6.44
N GLU H 299 0.28 -33.93 -7.69
CA GLU H 299 1.04 -33.23 -8.70
C GLU H 299 0.29 -32.03 -9.27
N LEU H 300 -1.02 -31.93 -9.04
CA LEU H 300 -1.78 -30.76 -9.44
C LEU H 300 -1.79 -29.69 -8.35
N ALA H 301 -1.81 -30.09 -7.08
CA ALA H 301 -1.79 -29.12 -5.99
C ALA H 301 -0.42 -28.47 -5.85
N THR H 302 0.66 -29.22 -6.13
CA THR H 302 2.00 -28.67 -6.09
C THR H 302 2.37 -27.94 -7.38
N HIS H 303 1.61 -28.15 -8.46
CA HIS H 303 1.80 -27.46 -9.73
C HIS H 303 0.52 -26.73 -10.08
N PRO H 304 0.29 -25.55 -9.48
CA PRO H 304 -0.96 -24.82 -9.78
C PRO H 304 -1.10 -24.43 -11.24
N ASP H 305 0.01 -24.20 -11.94
CA ASP H 305 -0.07 -23.87 -13.36
C ASP H 305 -0.59 -25.05 -14.19
N VAL H 306 -0.36 -26.28 -13.72
CA VAL H 306 -0.89 -27.45 -14.40
C VAL H 306 -2.35 -27.67 -14.02
N GLN H 307 -2.70 -27.43 -12.75
CA GLN H 307 -4.08 -27.63 -12.32
C GLN H 307 -5.01 -26.58 -12.92
N GLN H 308 -4.55 -25.33 -13.02
CA GLN H 308 -5.40 -24.29 -13.58
C GLN H 308 -5.60 -24.47 -15.08
N LYS H 309 -4.60 -24.98 -15.79
CA LYS H 309 -4.77 -25.22 -17.22
C LYS H 309 -5.70 -26.39 -17.47
N LEU H 310 -5.64 -27.42 -16.62
CA LEU H 310 -6.54 -28.56 -16.77
C LEU H 310 -7.99 -28.17 -16.50
N GLN H 311 -8.22 -27.29 -15.52
CA GLN H 311 -9.57 -26.83 -15.24
C GLN H 311 -10.09 -25.95 -16.38
N LYS H 312 -9.22 -25.15 -17.00
CA LYS H 312 -9.64 -24.34 -18.13
C LYS H 312 -10.06 -25.20 -19.31
N GLU H 313 -9.50 -26.40 -19.42
CA GLU H 313 -9.89 -27.31 -20.50
C GLU H 313 -11.22 -27.99 -20.19
N ILE H 314 -11.46 -28.35 -18.93
CA ILE H 314 -12.73 -28.96 -18.56
C ILE H 314 -13.86 -27.95 -18.67
N ASP H 315 -13.60 -26.69 -18.29
CA ASP H 315 -14.60 -25.63 -18.43
C ASP H 315 -14.83 -25.24 -19.88
N ALA H 316 -13.95 -25.64 -20.80
CA ALA H 316 -14.13 -25.36 -22.22
C ALA H 316 -14.91 -26.45 -22.94
N VAL H 317 -14.68 -27.71 -22.59
CA VAL H 317 -15.39 -28.81 -23.24
C VAL H 317 -16.74 -29.04 -22.56
N LEU H 318 -16.82 -28.82 -21.26
CA LEU H 318 -18.07 -28.98 -20.50
C LEU H 318 -18.31 -27.69 -19.71
N PRO H 319 -18.82 -26.65 -20.38
CA PRO H 319 -19.03 -25.38 -19.68
C PRO H 319 -20.15 -25.46 -18.65
N ASN H 320 -20.01 -24.64 -17.61
CA ASN H 320 -21.02 -24.53 -16.55
C ASN H 320 -21.27 -25.88 -15.86
N LYS H 321 -20.18 -26.61 -15.60
CA LYS H 321 -20.24 -27.88 -14.88
C LYS H 321 -21.19 -28.88 -15.55
N ALA H 322 -21.07 -28.98 -16.87
CA ALA H 322 -21.90 -29.92 -17.61
C ALA H 322 -21.54 -31.36 -17.24
N PRO H 323 -22.50 -32.26 -17.24
CA PRO H 323 -22.23 -33.67 -16.93
C PRO H 323 -21.26 -34.27 -17.95
N PRO H 324 -20.32 -35.10 -17.51
CA PRO H 324 -19.36 -35.67 -18.46
C PRO H 324 -20.01 -36.62 -19.43
N THR H 325 -19.63 -36.49 -20.71
CA THR H 325 -20.05 -37.40 -21.77
C THR H 325 -18.85 -38.17 -22.28
N TYR H 326 -19.14 -39.31 -22.94
CA TYR H 326 -18.07 -40.21 -23.36
C TYR H 326 -17.13 -39.53 -24.35
N ASP H 327 -17.68 -38.83 -25.34
CA ASP H 327 -16.85 -38.18 -26.34
C ASP H 327 -16.09 -36.99 -25.77
N ALA H 328 -16.57 -36.39 -24.68
CA ALA H 328 -15.86 -35.25 -24.10
C ALA H 328 -14.61 -35.71 -23.36
N VAL H 329 -14.67 -36.85 -22.69
CA VAL H 329 -13.53 -37.32 -21.91
C VAL H 329 -12.44 -37.87 -22.83
N VAL H 330 -12.84 -38.56 -23.91
CA VAL H 330 -11.87 -39.16 -24.82
C VAL H 330 -11.04 -38.10 -25.52
N GLN H 331 -11.64 -36.94 -25.80
CA GLN H 331 -10.98 -35.89 -26.56
C GLN H 331 -10.22 -34.90 -25.69
N MET H 332 -10.31 -35.01 -24.37
CA MET H 332 -9.53 -34.15 -23.47
C MET H 332 -8.10 -34.65 -23.46
N GLU H 333 -7.23 -33.99 -24.23
CA GLU H 333 -5.85 -34.47 -24.37
C GLU H 333 -4.98 -34.04 -23.19
N TYR H 334 -5.15 -32.81 -22.69
CA TYR H 334 -4.36 -32.40 -21.54
C TYR H 334 -4.71 -33.21 -20.30
N LEU H 335 -5.96 -33.65 -20.19
CA LEU H 335 -6.30 -34.63 -19.16
C LEU H 335 -5.62 -35.96 -19.44
N ASP H 336 -5.50 -36.33 -20.70
CA ASP H 336 -4.80 -37.56 -21.06
C ASP H 336 -3.30 -37.45 -20.78
N MET H 337 -2.74 -36.24 -20.87
CA MET H 337 -1.31 -36.05 -20.62
C MET H 337 -1.00 -36.05 -19.12
N VAL H 338 -1.89 -35.50 -18.31
CA VAL H 338 -1.65 -35.46 -16.86
C VAL H 338 -1.73 -36.86 -16.28
N VAL H 339 -2.69 -37.68 -16.73
CA VAL H 339 -2.82 -39.03 -16.21
C VAL H 339 -1.62 -39.88 -16.61
N ASN H 340 -1.16 -39.75 -17.86
CA ASN H 340 0.01 -40.50 -18.30
C ASN H 340 1.25 -40.07 -17.52
N GLU H 341 1.41 -38.77 -17.29
CA GLU H 341 2.58 -38.28 -16.58
C GLU H 341 2.57 -38.69 -15.11
N THR H 342 1.38 -38.82 -14.52
CA THR H 342 1.31 -39.33 -13.15
C THR H 342 1.72 -40.80 -13.10
N LEU H 343 1.33 -41.58 -14.12
CA LEU H 343 1.71 -42.99 -14.15
C LEU H 343 3.19 -43.17 -14.43
N ARG H 344 3.80 -42.27 -15.21
CA ARG H 344 5.24 -42.35 -15.43
C ARG H 344 6.01 -42.10 -14.13
N LEU H 345 5.56 -41.14 -13.32
CA LEU H 345 6.19 -40.89 -12.03
C LEU H 345 5.84 -41.98 -11.03
N PHE H 346 4.66 -42.58 -11.14
CA PHE H 346 4.17 -43.56 -10.15
C PHE H 346 3.54 -44.74 -10.87
N PRO H 347 4.34 -45.64 -11.43
CA PRO H 347 3.78 -46.91 -11.92
C PRO H 347 3.54 -47.88 -10.78
N VAL H 348 2.29 -47.95 -10.31
CA VAL H 348 1.99 -48.64 -9.05
C VAL H 348 2.41 -50.10 -9.10
N ALA H 349 2.40 -50.71 -10.28
CA ALA H 349 3.05 -52.00 -10.50
C ALA H 349 4.49 -51.69 -10.89
N ILE H 350 5.41 -51.85 -9.94
CA ILE H 350 6.76 -51.31 -10.08
C ILE H 350 7.45 -51.90 -11.32
N ARG H 351 7.17 -53.16 -11.62
CA ARG H 351 7.90 -53.87 -12.66
C ARG H 351 6.94 -54.77 -13.41
N LEU H 352 7.46 -55.43 -14.44
CA LEU H 352 6.80 -56.51 -15.13
C LEU H 352 7.64 -57.77 -14.98
N GLU H 353 6.96 -58.91 -14.89
CA GLU H 353 7.63 -60.17 -14.59
C GLU H 353 7.15 -61.26 -15.53
N ARG H 354 8.09 -62.05 -16.04
CA ARG H 354 7.80 -63.24 -16.83
C ARG H 354 8.69 -64.36 -16.35
N THR H 355 8.28 -65.60 -16.63
CA THR H 355 9.06 -66.77 -16.27
C THR H 355 9.29 -67.63 -17.50
N CYS H 356 10.40 -68.37 -17.50
CA CYS H 356 10.78 -69.21 -18.62
C CYS H 356 10.21 -70.61 -18.39
N LYS H 357 9.28 -71.03 -19.26
CA LYS H 357 8.77 -72.38 -19.20
C LYS H 357 9.69 -73.38 -19.89
N LYS H 358 10.88 -72.95 -20.30
CA LYS H 358 11.92 -73.80 -20.86
C LYS H 358 13.20 -72.98 -20.95
N ASP H 359 14.30 -73.67 -21.21
CA ASP H 359 15.58 -72.99 -21.40
C ASP H 359 15.50 -72.06 -22.61
N VAL H 360 15.78 -70.78 -22.40
CA VAL H 360 15.68 -69.79 -23.46
C VAL H 360 16.91 -68.89 -23.41
N GLU H 361 17.35 -68.45 -24.59
CA GLU H 361 18.45 -67.51 -24.73
C GLU H 361 17.84 -66.12 -24.91
N ILE H 362 18.08 -65.24 -23.94
CA ILE H 362 17.53 -63.90 -23.93
C ILE H 362 18.70 -62.94 -24.17
N ASN H 363 18.83 -62.47 -25.41
CA ASN H 363 19.90 -61.56 -25.81
C ASN H 363 21.27 -62.14 -25.48
N GLY H 364 21.54 -63.32 -26.06
CA GLY H 364 22.82 -63.96 -25.90
C GLY H 364 23.15 -64.42 -24.50
N VAL H 365 22.14 -64.77 -23.70
CA VAL H 365 22.33 -65.25 -22.33
C VAL H 365 21.48 -66.49 -22.15
N PHE H 366 22.14 -67.64 -21.94
CA PHE H 366 21.44 -68.90 -21.74
C PHE H 366 20.86 -68.95 -20.33
N ILE H 367 19.55 -68.79 -20.22
CA ILE H 367 18.85 -68.72 -18.94
C ILE H 367 18.19 -70.05 -18.66
N PRO H 368 18.31 -70.60 -17.46
CA PRO H 368 17.69 -71.90 -17.17
C PRO H 368 16.17 -71.81 -17.14
N LYS H 369 15.55 -72.99 -17.26
CA LYS H 369 14.09 -73.06 -17.18
C LYS H 369 13.63 -72.66 -15.78
N GLY H 370 12.57 -71.84 -15.75
CA GLY H 370 11.96 -71.42 -14.51
C GLY H 370 12.42 -70.08 -13.98
N SER H 371 13.50 -69.53 -14.53
CA SER H 371 13.99 -68.24 -14.06
C SER H 371 13.01 -67.13 -14.43
N MET H 372 13.12 -66.01 -13.73
CA MET H 372 12.23 -64.88 -13.91
C MET H 372 12.95 -63.74 -14.63
N VAL H 373 12.23 -63.06 -15.52
CA VAL H 373 12.72 -61.90 -16.25
C VAL H 373 11.97 -60.67 -15.75
N VAL H 374 12.70 -59.59 -15.53
CA VAL H 374 12.13 -58.38 -14.93
C VAL H 374 12.29 -57.21 -15.88
N ILE H 375 11.19 -56.53 -16.18
CA ILE H 375 11.23 -55.26 -16.91
C ILE H 375 11.06 -54.16 -15.88
N PRO H 376 12.13 -53.51 -15.43
CA PRO H 376 12.00 -52.51 -14.37
C PRO H 376 11.29 -51.25 -14.85
N THR H 377 9.96 -51.29 -14.86
CA THR H 377 9.17 -50.17 -15.37
C THR H 377 9.51 -48.88 -14.64
N TYR H 378 9.51 -48.91 -13.31
CA TYR H 378 9.83 -47.71 -12.54
C TYR H 378 11.24 -47.22 -12.84
N ALA H 379 12.20 -48.14 -12.96
CA ALA H 379 13.58 -47.72 -13.23
C ALA H 379 13.72 -47.09 -14.60
N LEU H 380 13.00 -47.62 -15.60
CA LEU H 380 13.05 -47.03 -16.93
C LEU H 380 12.19 -45.78 -17.04
N HIS H 381 11.17 -45.66 -16.19
CA HIS H 381 10.35 -44.45 -16.21
C HIS H 381 11.11 -43.24 -15.67
N HIS H 382 12.09 -43.47 -14.80
CA HIS H 382 12.88 -42.38 -14.22
C HIS H 382 14.28 -42.32 -14.81
N ASP H 383 14.49 -42.95 -15.97
CA ASP H 383 15.82 -42.99 -16.58
C ASP H 383 16.11 -41.68 -17.28
N PRO H 384 17.21 -40.98 -16.93
CA PRO H 384 17.56 -39.77 -17.67
C PRO H 384 17.92 -40.03 -19.13
N LYS H 385 18.22 -41.28 -19.49
CA LYS H 385 18.58 -41.59 -20.87
C LYS H 385 17.40 -41.41 -21.82
N TYR H 386 16.17 -41.61 -21.32
CA TYR H 386 14.98 -41.47 -22.14
C TYR H 386 14.07 -40.32 -21.73
N TRP H 387 14.23 -39.79 -20.52
CA TRP H 387 13.38 -38.72 -20.01
C TRP H 387 14.25 -37.57 -19.53
N THR H 388 14.11 -36.41 -20.17
CA THR H 388 14.75 -35.22 -19.66
C THR H 388 14.06 -34.76 -18.38
N GLU H 389 14.86 -34.30 -17.41
CA GLU H 389 14.45 -34.00 -16.04
C GLU H 389 13.36 -34.97 -15.56
N PRO H 390 13.70 -36.26 -15.44
CA PRO H 390 12.64 -37.27 -15.20
C PRO H 390 11.97 -37.15 -13.84
N GLU H 391 12.62 -36.52 -12.86
CA GLU H 391 12.03 -36.36 -11.54
C GLU H 391 11.08 -35.16 -11.46
N GLU H 392 10.56 -34.69 -12.58
CA GLU H 392 9.68 -33.54 -12.61
C GLU H 392 8.35 -33.90 -13.27
N PHE H 393 7.29 -33.23 -12.81
CA PHE H 393 5.94 -33.43 -13.35
C PHE H 393 5.75 -32.47 -14.52
N ARG H 394 6.19 -32.92 -15.71
CA ARG H 394 6.06 -32.15 -16.94
C ARG H 394 5.07 -32.86 -17.86
N PRO H 395 3.77 -32.55 -17.78
CA PRO H 395 2.79 -33.26 -18.61
C PRO H 395 3.00 -33.09 -20.11
N GLU H 396 3.82 -32.13 -20.53
CA GLU H 396 4.06 -31.90 -21.95
C GLU H 396 4.83 -33.03 -22.62
N ARG H 397 5.28 -34.03 -21.87
CA ARG H 397 6.00 -35.15 -22.46
C ARG H 397 5.07 -35.98 -23.35
N ILE H 405 6.19 -41.88 -27.79
CA ILE H 405 6.70 -42.51 -26.58
C ILE H 405 6.84 -44.02 -26.79
N ASP H 406 8.02 -44.55 -26.46
CA ASP H 406 8.30 -45.96 -26.68
C ASP H 406 7.44 -46.83 -25.76
N PRO H 407 6.64 -47.75 -26.29
CA PRO H 407 5.76 -48.57 -25.44
C PRO H 407 6.50 -49.62 -24.62
N TYR H 408 7.83 -49.70 -24.72
CA TYR H 408 8.62 -50.64 -23.93
C TYR H 408 9.37 -49.98 -22.79
N ILE H 409 9.73 -48.71 -22.94
CA ILE H 409 10.26 -47.94 -21.81
C ILE H 409 9.12 -47.47 -20.91
N TYR H 410 7.99 -47.11 -21.52
CA TYR H 410 6.82 -46.62 -20.79
C TYR H 410 5.81 -47.77 -20.73
N THR H 411 5.85 -48.52 -19.64
CA THR H 411 5.00 -49.71 -19.45
C THR H 411 4.23 -49.63 -18.15
N PRO H 412 3.36 -48.63 -17.98
CA PRO H 412 2.57 -48.56 -16.75
C PRO H 412 1.51 -49.64 -16.68
N PHE H 413 1.00 -50.09 -17.83
CA PHE H 413 0.06 -51.20 -17.91
C PHE H 413 0.67 -52.41 -18.63
N GLY H 414 2.00 -52.45 -18.72
CA GLY H 414 2.63 -53.51 -19.48
C GLY H 414 2.37 -53.34 -20.97
N THR H 415 2.83 -54.31 -21.74
CA THR H 415 2.65 -54.31 -23.18
C THR H 415 2.74 -55.75 -23.69
N GLY H 416 1.80 -56.12 -24.55
CA GLY H 416 1.80 -57.44 -25.13
C GLY H 416 0.51 -58.19 -24.88
N PRO H 417 0.50 -59.49 -25.19
CA PRO H 417 -0.72 -60.28 -24.98
C PRO H 417 -1.17 -60.33 -23.52
N ARG H 418 -0.24 -60.22 -22.58
CA ARG H 418 -0.56 -60.27 -21.15
C ARG H 418 -0.40 -58.90 -20.49
N ASN H 419 -0.87 -57.85 -21.16
CA ASN H 419 -0.89 -56.53 -20.56
C ASN H 419 -2.09 -56.42 -19.61
N CYS H 420 -2.19 -55.30 -18.92
CA CYS H 420 -3.33 -55.08 -18.04
C CYS H 420 -4.62 -55.07 -18.85
N ILE H 421 -5.57 -55.94 -18.47
CA ILE H 421 -6.83 -56.01 -19.20
C ILE H 421 -7.81 -54.93 -18.73
N GLY H 422 -7.58 -54.32 -17.57
CA GLY H 422 -8.44 -53.28 -17.09
C GLY H 422 -7.87 -51.89 -17.30
N MET H 423 -6.94 -51.78 -18.26
CA MET H 423 -6.30 -50.50 -18.52
C MET H 423 -7.30 -49.45 -18.98
N ARG H 424 -8.07 -49.76 -20.02
CA ARG H 424 -9.02 -48.79 -20.56
C ARG H 424 -10.06 -48.40 -19.52
N PHE H 425 -10.59 -49.37 -18.77
CA PHE H 425 -11.61 -49.07 -17.77
C PHE H 425 -11.06 -48.14 -16.68
N ALA H 426 -9.87 -48.44 -16.17
CA ALA H 426 -9.33 -47.65 -15.06
C ALA H 426 -9.06 -46.21 -15.47
N LEU H 427 -8.59 -46.01 -16.71
CA LEU H 427 -8.35 -44.65 -17.20
C LEU H 427 -9.65 -43.86 -17.25
N MET H 428 -10.72 -44.47 -17.80
CA MET H 428 -12.02 -43.82 -17.79
C MET H 428 -12.53 -43.65 -16.37
N ASN H 429 -12.31 -44.65 -15.51
CA ASN H 429 -12.70 -44.55 -14.12
C ASN H 429 -12.06 -43.34 -13.44
N MET H 430 -10.77 -43.11 -13.68
CA MET H 430 -10.06 -42.01 -13.05
C MET H 430 -10.36 -40.68 -13.72
N LYS H 431 -10.38 -40.66 -15.06
CA LYS H 431 -10.64 -39.42 -15.79
C LYS H 431 -12.02 -38.85 -15.42
N LEU H 432 -13.01 -39.73 -15.21
CA LEU H 432 -14.33 -39.26 -14.81
C LEU H 432 -14.32 -38.74 -13.37
N ALA H 433 -13.43 -39.24 -12.52
CA ALA H 433 -13.32 -38.73 -11.16
C ALA H 433 -12.61 -37.38 -11.13
N LEU H 434 -11.56 -37.21 -11.94
CA LEU H 434 -10.83 -35.94 -11.97
C LEU H 434 -11.68 -34.81 -12.54
N ILE H 435 -12.51 -35.12 -13.53
CA ILE H 435 -13.39 -34.10 -14.10
C ILE H 435 -14.39 -33.63 -13.06
N ARG H 436 -14.90 -34.55 -12.23
CA ARG H 436 -15.95 -34.18 -11.28
C ARG H 436 -15.41 -33.36 -10.12
N VAL H 437 -14.23 -33.71 -9.61
CA VAL H 437 -13.71 -32.99 -8.45
C VAL H 437 -13.10 -31.64 -8.85
N LEU H 438 -12.48 -31.56 -10.03
CA LEU H 438 -11.89 -30.31 -10.46
C LEU H 438 -12.93 -29.32 -10.98
N GLN H 439 -14.12 -29.80 -11.36
CA GLN H 439 -15.20 -28.89 -11.74
C GLN H 439 -15.77 -28.14 -10.54
N ASN H 440 -15.55 -28.64 -9.32
CA ASN H 440 -16.13 -28.05 -8.12
C ASN H 440 -15.10 -27.50 -7.14
N PHE H 441 -13.90 -28.08 -7.08
CA PHE H 441 -12.95 -27.74 -6.04
C PHE H 441 -11.60 -27.36 -6.64
N SER H 442 -10.74 -26.82 -5.78
CA SER H 442 -9.35 -26.54 -6.10
C SER H 442 -8.48 -27.12 -4.98
N PHE H 443 -7.31 -27.63 -5.35
CA PHE H 443 -6.45 -28.34 -4.42
C PHE H 443 -5.12 -27.61 -4.29
N LYS H 444 -4.72 -27.34 -3.05
CA LYS H 444 -3.49 -26.63 -2.73
C LYS H 444 -2.86 -27.25 -1.50
N PRO H 445 -1.54 -27.20 -1.38
CA PRO H 445 -0.87 -27.83 -0.23
C PRO H 445 -1.15 -27.10 1.09
N CYS H 446 -0.64 -27.65 2.18
CA CYS H 446 -0.72 -27.02 3.49
C CYS H 446 0.49 -27.45 4.31
N LYS H 447 0.48 -27.16 5.61
CA LYS H 447 1.63 -27.45 6.44
C LYS H 447 1.81 -28.96 6.63
N GLU H 448 0.72 -29.72 6.69
CA GLU H 448 0.82 -31.17 6.86
C GLU H 448 1.15 -31.89 5.56
N THR H 449 1.30 -31.19 4.44
CA THR H 449 1.63 -31.82 3.17
C THR H 449 3.13 -32.07 3.08
N GLN H 450 3.50 -33.31 2.78
CA GLN H 450 4.90 -33.67 2.62
C GLN H 450 5.35 -33.30 1.21
N ILE H 451 6.32 -32.38 1.12
CA ILE H 451 6.86 -31.93 -0.15
C ILE H 451 8.39 -31.89 -0.02
N PRO H 452 9.14 -32.62 -0.88
CA PRO H 452 8.61 -33.52 -1.90
C PRO H 452 8.09 -34.84 -1.33
N LEU H 453 7.23 -35.51 -2.09
CA LEU H 453 6.65 -36.78 -1.64
C LEU H 453 7.72 -37.88 -1.66
N LYS H 454 7.64 -38.77 -0.68
CA LYS H 454 8.56 -39.89 -0.57
C LYS H 454 7.76 -41.18 -0.69
N LEU H 455 8.13 -42.02 -1.65
CA LEU H 455 7.48 -43.32 -1.81
C LEU H 455 7.78 -44.22 -0.61
N ASP H 456 6.76 -44.91 -0.14
CA ASP H 456 6.96 -45.91 0.90
C ASP H 456 7.55 -47.17 0.29
N THR H 457 7.76 -48.19 1.12
CA THR H 457 8.39 -49.44 0.70
C THR H 457 7.37 -50.53 0.40
N GLN H 458 6.18 -50.17 -0.07
CA GLN H 458 5.06 -51.10 -0.01
C GLN H 458 5.04 -52.10 -1.16
N GLY H 459 5.32 -51.67 -2.39
CA GLY H 459 5.17 -52.53 -3.54
C GLY H 459 3.88 -52.33 -4.29
N LEU H 460 2.87 -51.79 -3.62
CA LEU H 460 1.82 -51.02 -4.27
C LEU H 460 2.18 -49.56 -4.02
N LEU H 461 2.64 -48.87 -5.06
CA LEU H 461 3.22 -47.55 -4.88
C LEU H 461 2.29 -46.62 -4.13
N GLN H 462 2.70 -46.21 -2.95
CA GLN H 462 1.96 -45.31 -2.07
C GLN H 462 2.95 -44.40 -1.38
N PRO H 463 2.48 -43.26 -0.86
CA PRO H 463 3.39 -42.33 -0.17
C PRO H 463 3.80 -42.86 1.20
N GLU H 464 4.87 -42.26 1.73
CA GLU H 464 5.31 -42.62 3.07
C GLU H 464 4.29 -42.21 4.13
N LYS H 465 3.75 -41.00 4.02
CA LYS H 465 2.70 -40.47 4.86
C LYS H 465 1.49 -40.13 4.01
N PRO H 466 0.28 -40.17 4.56
CA PRO H 466 -0.91 -39.92 3.75
C PRO H 466 -0.91 -38.53 3.14
N ILE H 467 -1.34 -38.46 1.87
CA ILE H 467 -1.43 -37.19 1.16
C ILE H 467 -2.63 -36.41 1.71
N VAL H 468 -2.36 -35.34 2.45
CA VAL H 468 -3.39 -34.43 2.93
C VAL H 468 -3.26 -33.13 2.15
N LEU H 469 -4.39 -32.60 1.68
CA LEU H 469 -4.41 -31.38 0.88
C LEU H 469 -5.52 -30.47 1.35
N LYS H 470 -5.31 -29.16 1.19
CA LYS H 470 -6.34 -28.17 1.46
C LYS H 470 -7.25 -28.07 0.25
N VAL H 471 -8.54 -28.31 0.45
CA VAL H 471 -9.51 -28.35 -0.63
C VAL H 471 -10.42 -27.13 -0.51
N ASP H 472 -10.44 -26.31 -1.56
CA ASP H 472 -11.26 -25.11 -1.61
C ASP H 472 -12.27 -25.23 -2.75
N SER H 473 -13.52 -24.86 -2.46
CA SER H 473 -14.56 -24.91 -3.47
C SER H 473 -14.47 -23.70 -4.41
N ARG H 474 -14.87 -23.91 -5.66
CA ARG H 474 -14.82 -22.87 -6.67
C ARG H 474 -16.01 -21.91 -6.61
N ASP H 475 -16.85 -22.03 -5.59
CA ASP H 475 -18.03 -21.18 -5.47
C ASP H 475 -18.07 -20.49 -4.10
#